data_2M2V
#
_entry.id   2M2V
#
_entity_poly.entity_id   1
_entity_poly.type   'polypeptide(L)'
_entity_poly.pdbx_seq_one_letter_code
;MLTLIQGKKIVNHLRSRLAFEYNGQLIKILSKNIVAVGSLRREEKMLNDVDLLIIVPEKKLLKHVLPNIRIKGLSFSVKV
CGERKCVLFIEWEKKTYQLDLFTALAEEKPYAIFHFTGPVSYLIRIRAALKKKNYKLNQYGLFKNQTLVPLKITTEKELI
KELGFTYRIPKKRL
;
_entity_poly.pdbx_strand_id   A
#
# COMPACT_ATOMS: atom_id res chain seq x y z
N MET A 1 -12.93 11.14 -10.93
CA MET A 1 -13.31 9.96 -11.74
C MET A 1 -14.28 9.09 -10.97
N LEU A 2 -13.81 8.53 -9.88
CA LEU A 2 -14.66 7.67 -9.06
C LEU A 2 -14.92 8.31 -7.71
N THR A 3 -16.13 8.13 -7.21
CA THR A 3 -16.51 8.68 -5.92
C THR A 3 -16.13 7.71 -4.79
N LEU A 4 -16.16 8.23 -3.57
CA LEU A 4 -15.84 7.43 -2.38
C LEU A 4 -16.70 6.17 -2.30
N ILE A 5 -17.97 6.30 -2.68
CA ILE A 5 -18.90 5.17 -2.66
C ILE A 5 -18.49 4.10 -3.68
N GLN A 6 -18.19 4.53 -4.90
CA GLN A 6 -17.79 3.63 -5.97
C GLN A 6 -16.59 2.80 -5.53
N GLY A 7 -15.49 3.49 -5.26
CA GLY A 7 -14.26 2.84 -4.82
C GLY A 7 -14.44 1.94 -3.61
N LYS A 8 -15.48 2.19 -2.82
CA LYS A 8 -15.74 1.37 -1.65
C LYS A 8 -16.50 0.12 -2.04
N LYS A 9 -17.48 0.29 -2.92
CA LYS A 9 -18.29 -0.82 -3.40
C LYS A 9 -17.44 -1.86 -4.11
N ILE A 10 -16.65 -1.41 -5.07
CA ILE A 10 -15.80 -2.32 -5.83
C ILE A 10 -14.82 -3.04 -4.92
N VAL A 11 -14.01 -2.29 -4.19
CA VAL A 11 -13.01 -2.84 -3.28
C VAL A 11 -13.61 -3.83 -2.28
N ASN A 12 -14.83 -3.56 -1.83
CA ASN A 12 -15.47 -4.45 -0.86
C ASN A 12 -15.65 -5.84 -1.49
N HIS A 13 -16.15 -5.85 -2.71
CA HIS A 13 -16.33 -7.11 -3.44
C HIS A 13 -14.98 -7.65 -3.90
N LEU A 14 -14.19 -6.75 -4.48
CA LEU A 14 -12.86 -7.07 -5.00
C LEU A 14 -11.91 -7.67 -3.96
N ARG A 15 -12.09 -7.33 -2.69
CA ARG A 15 -11.20 -7.85 -1.65
C ARG A 15 -11.66 -9.23 -1.21
N SER A 16 -12.80 -9.66 -1.74
CA SER A 16 -13.35 -10.98 -1.43
C SER A 16 -13.30 -11.85 -2.68
N ARG A 17 -12.87 -11.25 -3.78
CA ARG A 17 -12.76 -11.94 -5.06
C ARG A 17 -11.31 -12.01 -5.50
N LEU A 18 -10.44 -11.39 -4.71
CA LEU A 18 -9.03 -11.35 -5.00
C LEU A 18 -8.40 -12.72 -4.80
N ALA A 19 -7.29 -12.94 -5.47
CA ALA A 19 -6.57 -14.21 -5.42
C ALA A 19 -5.25 -14.09 -6.14
N PHE A 20 -4.47 -15.14 -6.10
CA PHE A 20 -3.19 -15.18 -6.78
C PHE A 20 -2.90 -16.60 -7.23
N GLU A 21 -2.09 -16.73 -8.27
CA GLU A 21 -1.76 -18.04 -8.83
C GLU A 21 -0.36 -18.46 -8.43
N TYR A 22 -0.29 -19.41 -7.50
CA TYR A 22 0.98 -19.90 -6.99
C TYR A 22 1.24 -21.32 -7.46
N ASN A 23 2.35 -21.52 -8.17
CA ASN A 23 2.72 -22.83 -8.68
C ASN A 23 1.67 -23.38 -9.62
N GLY A 24 0.88 -22.49 -10.19
CA GLY A 24 -0.18 -22.89 -11.10
C GLY A 24 -1.50 -23.06 -10.38
N GLN A 25 -1.47 -23.11 -9.05
CA GLN A 25 -2.67 -23.27 -8.28
C GLN A 25 -3.30 -21.92 -8.01
N LEU A 26 -4.53 -21.94 -7.53
CA LEU A 26 -5.22 -20.71 -7.24
C LEU A 26 -5.34 -20.57 -5.74
N ILE A 27 -4.96 -19.42 -5.25
CA ILE A 27 -5.00 -19.16 -3.82
C ILE A 27 -5.62 -17.81 -3.57
N LYS A 28 -6.75 -17.79 -2.90
CA LYS A 28 -7.42 -16.56 -2.61
C LYS A 28 -6.70 -15.83 -1.48
N ILE A 29 -6.92 -14.54 -1.42
CA ILE A 29 -6.31 -13.73 -0.38
C ILE A 29 -7.44 -13.22 0.52
N LEU A 30 -7.13 -12.90 1.77
CA LEU A 30 -8.14 -12.42 2.67
C LEU A 30 -8.02 -10.92 2.80
N SER A 31 -9.16 -10.28 3.01
CA SER A 31 -9.22 -8.83 3.16
C SER A 31 -8.26 -8.34 4.26
N LYS A 32 -7.93 -9.23 5.20
CA LYS A 32 -7.01 -8.91 6.28
C LYS A 32 -5.69 -8.35 5.79
N ASN A 33 -5.31 -8.73 4.58
CA ASN A 33 -4.06 -8.26 4.02
C ASN A 33 -4.32 -7.31 2.86
N ILE A 34 -5.50 -6.73 2.85
CA ILE A 34 -5.88 -5.79 1.79
C ILE A 34 -6.50 -4.52 2.39
N VAL A 35 -5.83 -3.39 2.19
CA VAL A 35 -6.29 -2.11 2.69
C VAL A 35 -6.49 -1.14 1.53
N ALA A 36 -7.63 -0.45 1.54
CA ALA A 36 -7.96 0.50 0.49
C ALA A 36 -7.30 1.86 0.75
N VAL A 37 -6.40 2.23 -0.15
CA VAL A 37 -5.69 3.50 -0.04
C VAL A 37 -6.32 4.53 -0.97
N GLY A 38 -6.11 5.79 -0.65
CA GLY A 38 -6.68 6.84 -1.47
C GLY A 38 -7.78 7.56 -0.72
N SER A 39 -8.87 7.86 -1.41
CA SER A 39 -10.02 8.56 -0.82
C SER A 39 -10.51 7.86 0.45
N LEU A 40 -10.34 6.54 0.54
CA LEU A 40 -10.77 5.78 1.69
C LEU A 40 -9.95 6.12 2.93
N ARG A 41 -8.64 6.24 2.77
CA ARG A 41 -7.76 6.55 3.89
C ARG A 41 -7.55 8.05 4.06
N ARG A 42 -7.75 8.82 2.98
CA ARG A 42 -7.58 10.25 3.02
C ARG A 42 -8.87 10.96 3.38
N GLU A 43 -9.96 10.19 3.51
CA GLU A 43 -11.27 10.72 3.86
C GLU A 43 -11.74 11.78 2.86
N GLU A 44 -11.39 11.56 1.59
CA GLU A 44 -11.77 12.46 0.50
C GLU A 44 -13.20 12.16 0.05
N LYS A 45 -13.64 12.78 -1.02
CA LYS A 45 -14.99 12.55 -1.52
C LYS A 45 -14.98 12.01 -2.95
N MET A 46 -13.97 12.38 -3.73
CA MET A 46 -13.86 11.91 -5.11
C MET A 46 -12.42 11.83 -5.52
N LEU A 47 -11.95 10.61 -5.73
CA LEU A 47 -10.58 10.39 -6.13
C LEU A 47 -10.43 10.35 -7.65
N ASN A 48 -9.20 10.22 -8.09
CA ASN A 48 -8.88 10.18 -9.51
C ASN A 48 -8.50 8.76 -9.91
N ASP A 49 -8.06 8.01 -8.91
CA ASP A 49 -7.65 6.64 -9.08
C ASP A 49 -7.72 5.96 -7.72
N VAL A 50 -7.71 4.65 -7.69
CA VAL A 50 -7.79 3.94 -6.42
C VAL A 50 -6.49 3.19 -6.15
N ASP A 51 -5.96 3.38 -4.96
CA ASP A 51 -4.74 2.73 -4.54
C ASP A 51 -5.10 1.60 -3.59
N LEU A 52 -4.24 0.60 -3.46
CA LEU A 52 -4.54 -0.52 -2.57
C LEU A 52 -3.26 -1.13 -1.99
N LEU A 53 -3.27 -1.41 -0.69
CA LEU A 53 -2.11 -1.96 -0.01
C LEU A 53 -2.39 -3.40 0.44
N ILE A 54 -1.50 -4.30 0.08
CA ILE A 54 -1.62 -5.72 0.43
C ILE A 54 -0.35 -6.14 1.17
N ILE A 55 -0.44 -6.56 2.43
CA ILE A 55 0.75 -6.98 3.14
C ILE A 55 0.85 -8.50 3.13
N VAL A 56 2.06 -9.03 3.07
CA VAL A 56 2.24 -10.47 3.07
C VAL A 56 3.05 -10.88 4.29
N PRO A 57 2.57 -11.86 5.07
CA PRO A 57 3.25 -12.32 6.28
C PRO A 57 4.38 -13.32 6.05
N GLU A 58 4.59 -13.81 4.83
CA GLU A 58 5.69 -14.75 4.60
C GLU A 58 6.80 -14.08 3.81
N LYS A 59 8.01 -14.61 3.95
CA LYS A 59 9.19 -14.09 3.27
C LYS A 59 9.31 -14.81 1.95
N LYS A 60 8.23 -15.47 1.62
CA LYS A 60 8.09 -16.25 0.42
C LYS A 60 6.89 -15.69 -0.31
N LEU A 61 5.70 -16.08 0.13
CA LEU A 61 4.45 -15.53 -0.41
C LEU A 61 4.52 -14.04 -0.71
N LEU A 62 5.44 -13.34 -0.08
CA LEU A 62 5.59 -11.92 -0.33
C LEU A 62 6.01 -11.68 -1.77
N LYS A 63 6.82 -12.59 -2.31
CA LYS A 63 7.31 -12.46 -3.65
C LYS A 63 6.63 -13.46 -4.59
N HIS A 64 5.85 -14.38 -4.04
CA HIS A 64 5.17 -15.37 -4.86
C HIS A 64 3.77 -14.92 -5.23
N VAL A 65 3.35 -13.81 -4.65
CA VAL A 65 2.05 -13.24 -5.01
C VAL A 65 2.26 -12.25 -6.14
N LEU A 66 3.51 -12.03 -6.44
CA LEU A 66 3.92 -11.10 -7.48
C LEU A 66 3.75 -11.67 -8.89
N PRO A 67 4.18 -12.93 -9.18
CA PRO A 67 4.03 -13.53 -10.51
C PRO A 67 2.60 -13.41 -11.02
N ASN A 68 1.66 -14.10 -10.38
CA ASN A 68 0.28 -14.04 -10.79
C ASN A 68 -0.61 -13.68 -9.65
N ILE A 69 -1.29 -12.56 -9.80
CA ILE A 69 -2.22 -12.07 -8.79
C ILE A 69 -3.30 -11.24 -9.49
N ARG A 70 -4.56 -11.55 -9.25
CA ARG A 70 -5.66 -10.84 -9.90
C ARG A 70 -7.02 -11.35 -9.43
N ILE A 71 -8.03 -10.88 -10.14
CA ILE A 71 -9.41 -11.26 -9.87
C ILE A 71 -9.77 -12.48 -10.70
N LYS A 72 -10.98 -12.97 -10.50
CA LYS A 72 -11.45 -14.15 -11.21
C LYS A 72 -12.23 -13.77 -12.47
N GLY A 73 -11.59 -13.93 -13.62
CA GLY A 73 -12.21 -13.67 -14.91
C GLY A 73 -12.74 -12.26 -15.07
N LEU A 74 -11.87 -11.27 -14.97
CA LEU A 74 -12.32 -9.89 -15.16
C LEU A 74 -11.53 -9.18 -16.25
N SER A 75 -11.88 -7.93 -16.46
CA SER A 75 -11.25 -7.11 -17.48
C SER A 75 -10.18 -6.25 -16.84
N PHE A 76 -8.93 -6.67 -16.97
CA PHE A 76 -7.83 -5.96 -16.37
C PHE A 76 -6.54 -6.13 -17.18
N SER A 77 -5.61 -5.21 -16.99
CA SER A 77 -4.32 -5.27 -17.66
C SER A 77 -3.21 -5.13 -16.62
N VAL A 78 -2.32 -6.11 -16.54
CA VAL A 78 -1.25 -6.10 -15.55
C VAL A 78 0.04 -5.47 -16.09
N LYS A 79 0.39 -4.30 -15.56
CA LYS A 79 1.61 -3.61 -15.99
C LYS A 79 2.46 -3.25 -14.78
N VAL A 80 3.75 -3.03 -15.00
CA VAL A 80 4.67 -2.68 -13.93
C VAL A 80 4.78 -1.17 -13.77
N CYS A 81 4.75 -0.71 -12.52
CA CYS A 81 4.85 0.71 -12.23
C CYS A 81 6.11 0.99 -11.43
N GLY A 82 7.00 1.80 -11.97
CA GLY A 82 8.21 2.12 -11.26
C GLY A 82 9.16 0.94 -11.19
N GLU A 83 9.65 0.68 -9.99
CA GLU A 83 10.57 -0.41 -9.76
C GLU A 83 9.88 -1.58 -9.06
N ARG A 84 9.17 -1.28 -7.98
CA ARG A 84 8.51 -2.32 -7.20
C ARG A 84 6.99 -2.15 -7.19
N LYS A 85 6.48 -1.06 -7.76
CA LYS A 85 5.04 -0.85 -7.76
C LYS A 85 4.37 -1.62 -8.90
N CYS A 86 3.07 -1.80 -8.80
CA CYS A 86 2.34 -2.53 -9.81
C CYS A 86 1.04 -1.82 -10.10
N VAL A 87 0.65 -1.76 -11.36
CA VAL A 87 -0.57 -1.08 -11.73
C VAL A 87 -1.39 -1.94 -12.68
N LEU A 88 -2.69 -1.94 -12.46
CA LEU A 88 -3.61 -2.71 -13.27
C LEU A 88 -4.69 -1.82 -13.83
N PHE A 89 -5.10 -2.09 -15.05
CA PHE A 89 -6.15 -1.33 -15.71
C PHE A 89 -7.42 -2.17 -15.74
N ILE A 90 -8.36 -1.89 -14.86
CA ILE A 90 -9.61 -2.67 -14.80
C ILE A 90 -10.74 -1.91 -15.47
N GLU A 91 -11.76 -2.64 -15.89
CA GLU A 91 -12.89 -2.05 -16.58
C GLU A 91 -14.20 -2.38 -15.87
N TRP A 92 -15.00 -1.33 -15.63
CA TRP A 92 -16.31 -1.49 -14.99
C TRP A 92 -17.32 -0.59 -15.68
N GLU A 93 -18.50 -1.13 -15.96
CA GLU A 93 -19.57 -0.39 -16.62
C GLU A 93 -19.09 0.17 -17.95
N LYS A 94 -18.36 -0.67 -18.69
CA LYS A 94 -17.81 -0.33 -19.99
C LYS A 94 -16.84 0.84 -19.91
N LYS A 95 -16.23 1.02 -18.75
CA LYS A 95 -15.25 2.08 -18.55
C LYS A 95 -13.97 1.45 -18.01
N THR A 96 -12.86 2.14 -18.16
CA THR A 96 -11.57 1.61 -17.72
C THR A 96 -10.87 2.58 -16.77
N TYR A 97 -10.43 2.07 -15.64
CA TYR A 97 -9.74 2.89 -14.67
C TYR A 97 -8.36 2.33 -14.36
N GLN A 98 -7.63 3.03 -13.52
CA GLN A 98 -6.29 2.62 -13.14
C GLN A 98 -6.24 2.23 -11.68
N LEU A 99 -5.81 1.01 -11.43
CA LEU A 99 -5.68 0.48 -10.08
C LEU A 99 -4.22 0.32 -9.72
N ASP A 100 -3.80 0.95 -8.64
CA ASP A 100 -2.40 0.86 -8.21
C ASP A 100 -2.31 0.07 -6.90
N LEU A 101 -1.79 -1.15 -6.97
CA LEU A 101 -1.69 -1.97 -5.77
C LEU A 101 -0.25 -2.05 -5.29
N PHE A 102 -0.07 -2.16 -3.98
CA PHE A 102 1.24 -2.23 -3.39
C PHE A 102 1.34 -3.38 -2.40
N THR A 103 2.22 -4.31 -2.70
CA THR A 103 2.46 -5.46 -1.83
C THR A 103 3.73 -5.26 -1.02
N ALA A 104 3.67 -5.41 0.31
CA ALA A 104 4.85 -5.23 1.16
C ALA A 104 4.89 -6.28 2.29
N LEU A 105 5.94 -6.25 3.09
CA LEU A 105 6.10 -7.21 4.18
C LEU A 105 5.34 -6.78 5.42
N ALA A 106 5.06 -7.75 6.26
CA ALA A 106 4.33 -7.52 7.50
C ALA A 106 5.14 -6.64 8.43
N GLU A 107 6.45 -6.74 8.33
CA GLU A 107 7.35 -5.93 9.14
C GLU A 107 7.32 -4.48 8.68
N GLU A 108 6.92 -4.28 7.42
CA GLU A 108 6.84 -2.94 6.85
C GLU A 108 5.42 -2.36 7.03
N LYS A 109 4.52 -3.18 7.57
CA LYS A 109 3.12 -2.78 7.80
C LYS A 109 2.95 -1.35 8.35
N PRO A 110 3.51 -1.03 9.53
CA PRO A 110 3.37 0.32 10.10
C PRO A 110 3.96 1.39 9.18
N TYR A 111 5.11 1.06 8.61
CA TYR A 111 5.85 1.95 7.71
C TYR A 111 5.04 2.28 6.46
N ALA A 112 4.45 1.25 5.89
CA ALA A 112 3.68 1.40 4.65
C ALA A 112 2.36 2.12 4.85
N ILE A 113 1.58 1.67 5.82
CA ILE A 113 0.30 2.29 6.09
C ILE A 113 0.49 3.78 6.38
N PHE A 114 1.44 4.11 7.24
CA PHE A 114 1.73 5.51 7.55
C PHE A 114 2.06 6.28 6.28
N HIS A 115 3.02 5.74 5.53
CA HIS A 115 3.48 6.32 4.28
C HIS A 115 2.32 6.62 3.32
N PHE A 116 1.41 5.66 3.16
CA PHE A 116 0.29 5.83 2.23
C PHE A 116 -0.88 6.61 2.82
N THR A 117 -0.90 6.82 4.13
CA THR A 117 -1.99 7.57 4.75
C THR A 117 -1.67 9.05 4.85
N GLY A 118 -0.38 9.37 4.92
CA GLY A 118 0.02 10.73 5.06
C GLY A 118 0.46 11.33 3.75
N PRO A 119 0.75 12.62 3.73
CA PRO A 119 1.17 13.30 2.52
C PRO A 119 2.64 13.08 2.22
N VAL A 120 2.92 12.78 0.96
CA VAL A 120 4.30 12.56 0.52
C VAL A 120 5.18 13.72 0.98
N SER A 121 4.69 14.93 0.75
CA SER A 121 5.37 16.16 1.16
C SER A 121 5.91 16.06 2.59
N TYR A 122 5.07 15.63 3.51
CA TYR A 122 5.45 15.49 4.90
C TYR A 122 6.51 14.40 5.06
N LEU A 123 6.36 13.33 4.27
CA LEU A 123 7.27 12.21 4.31
C LEU A 123 8.71 12.63 4.02
N ILE A 124 8.95 13.37 2.93
CA ILE A 124 10.31 13.83 2.63
C ILE A 124 10.80 14.76 3.73
N ARG A 125 9.94 15.71 4.06
CA ARG A 125 10.18 16.66 5.15
C ARG A 125 10.70 15.92 6.38
N ILE A 126 10.33 14.66 6.44
CA ILE A 126 10.73 13.77 7.50
C ILE A 126 12.01 13.02 7.11
N ARG A 127 12.12 12.68 5.83
CA ARG A 127 13.31 12.00 5.33
C ARG A 127 14.55 12.82 5.67
N ALA A 128 14.62 14.03 5.14
CA ALA A 128 15.73 14.93 5.43
C ALA A 128 15.89 15.10 6.94
N ALA A 129 14.73 15.34 7.57
CA ALA A 129 14.66 15.50 9.02
C ALA A 129 15.48 14.41 9.71
N LEU A 130 15.35 13.19 9.24
CA LEU A 130 16.09 12.05 9.79
C LEU A 130 17.55 12.08 9.37
N LYS A 131 17.83 12.46 8.12
CA LYS A 131 19.20 12.54 7.65
C LYS A 131 20.00 13.44 8.56
N LYS A 132 19.45 14.62 8.81
CA LYS A 132 20.05 15.55 9.78
C LYS A 132 20.54 14.83 11.06
N LYS A 133 19.91 13.68 11.38
CA LYS A 133 20.29 12.90 12.55
C LYS A 133 21.11 11.66 12.15
N ASN A 134 21.46 11.61 10.87
CA ASN A 134 22.22 10.50 10.28
C ASN A 134 21.36 9.26 10.23
N TYR A 135 20.19 9.41 9.63
CA TYR A 135 19.25 8.31 9.50
C TYR A 135 18.52 8.37 8.17
N LYS A 136 18.33 7.21 7.57
CA LYS A 136 17.61 7.12 6.31
C LYS A 136 16.40 6.23 6.51
N LEU A 137 15.21 6.79 6.31
CA LEU A 137 13.99 6.01 6.46
C LEU A 137 13.49 5.49 5.13
N ASN A 138 13.46 4.18 4.99
CA ASN A 138 12.99 3.58 3.77
C ASN A 138 11.89 2.59 4.10
N GLN A 139 11.20 2.11 3.08
CA GLN A 139 10.10 1.18 3.30
C GLN A 139 10.60 -0.13 3.91
N TYR A 140 11.87 -0.46 3.70
CA TYR A 140 12.44 -1.71 4.21
C TYR A 140 12.98 -1.56 5.62
N GLY A 141 13.03 -0.34 6.12
CA GLY A 141 13.56 -0.14 7.45
C GLY A 141 14.25 1.19 7.64
N LEU A 142 15.21 1.23 8.57
CA LEU A 142 15.94 2.44 8.86
C LEU A 142 17.43 2.22 8.59
N PHE A 143 18.01 3.01 7.70
CA PHE A 143 19.42 2.85 7.36
C PHE A 143 20.28 3.84 8.15
N LYS A 144 21.16 3.32 8.98
CA LYS A 144 22.07 4.13 9.76
C LYS A 144 23.49 3.91 9.26
N ASN A 145 24.00 4.85 8.46
CA ASN A 145 25.34 4.76 7.90
C ASN A 145 25.49 3.46 7.12
N GLN A 146 24.51 3.22 6.24
CA GLN A 146 24.44 2.04 5.38
C GLN A 146 24.13 0.76 6.17
N THR A 147 23.85 0.91 7.45
CA THR A 147 23.50 -0.23 8.28
C THR A 147 21.98 -0.29 8.43
N LEU A 148 21.36 -1.32 7.86
CA LEU A 148 19.92 -1.46 7.95
C LEU A 148 19.52 -1.83 9.36
N VAL A 149 18.54 -1.12 9.87
CA VAL A 149 18.01 -1.34 11.20
C VAL A 149 16.54 -1.68 11.11
N PRO A 150 16.14 -2.80 11.71
CA PRO A 150 14.74 -3.25 11.71
C PRO A 150 13.86 -2.45 12.69
N LEU A 151 12.56 -2.67 12.59
CA LEU A 151 11.61 -1.99 13.45
C LEU A 151 11.10 -2.92 14.53
N LYS A 152 10.56 -2.36 15.60
CA LYS A 152 10.03 -3.18 16.68
C LYS A 152 8.61 -2.78 17.01
N ILE A 153 7.88 -2.38 15.97
CA ILE A 153 6.50 -1.96 16.13
C ILE A 153 5.61 -2.63 15.10
N THR A 154 4.31 -2.48 15.30
CA THR A 154 3.32 -3.05 14.39
C THR A 154 2.03 -2.24 14.43
N THR A 155 2.05 -1.09 15.11
CA THR A 155 0.88 -0.25 15.22
C THR A 155 1.13 1.13 14.63
N GLU A 156 0.08 1.70 14.04
CA GLU A 156 0.14 3.02 13.44
C GLU A 156 0.56 4.07 14.45
N LYS A 157 0.09 3.94 15.69
CA LYS A 157 0.42 4.89 16.74
C LYS A 157 1.73 4.50 17.44
N GLU A 158 2.18 3.28 17.21
CA GLU A 158 3.44 2.83 17.81
C GLU A 158 4.59 3.34 16.97
N LEU A 159 4.41 3.29 15.67
CA LEU A 159 5.44 3.75 14.74
C LEU A 159 5.79 5.22 14.96
N ILE A 160 4.77 6.05 15.17
CA ILE A 160 4.99 7.47 15.35
C ILE A 160 5.80 7.74 16.63
N LYS A 161 5.49 7.03 17.72
CA LYS A 161 6.22 7.20 18.96
C LYS A 161 7.61 6.57 18.88
N GLU A 162 7.73 5.53 18.06
CA GLU A 162 9.01 4.88 17.87
C GLU A 162 9.93 5.79 17.06
N LEU A 163 9.33 6.55 16.15
CA LEU A 163 10.09 7.47 15.32
C LEU A 163 10.34 8.79 16.05
N GLY A 164 9.43 9.13 16.95
CA GLY A 164 9.56 10.36 17.71
C GLY A 164 8.81 11.50 17.06
N PHE A 165 7.71 11.15 16.37
CA PHE A 165 6.89 12.13 15.68
C PHE A 165 5.43 12.00 16.12
N THR A 166 4.64 12.98 15.74
CA THR A 166 3.22 13.00 16.04
C THR A 166 2.40 12.53 14.84
N TYR A 167 1.25 11.92 15.10
CA TYR A 167 0.39 11.43 14.03
C TYR A 167 -0.20 12.60 13.25
N ARG A 168 -0.12 12.54 11.94
CA ARG A 168 -0.62 13.61 11.10
C ARG A 168 -1.73 13.09 10.19
N ILE A 169 -2.51 14.02 9.66
CA ILE A 169 -3.61 13.70 8.78
C ILE A 169 -3.46 14.41 7.43
N PRO A 170 -3.78 13.72 6.34
CA PRO A 170 -3.69 14.28 4.99
C PRO A 170 -4.66 15.45 4.80
N LYS A 171 -5.78 15.36 5.50
CA LYS A 171 -6.83 16.38 5.47
C LYS A 171 -6.28 17.78 5.71
N LYS A 172 -5.29 17.89 6.57
CA LYS A 172 -4.70 19.19 6.89
C LYS A 172 -3.36 19.39 6.18
N ARG A 173 -2.74 18.29 5.77
CA ARG A 173 -1.44 18.31 5.10
C ARG A 173 -0.33 18.73 6.05
N LEU A 174 0.77 17.97 6.05
CA LEU A 174 1.90 18.26 6.91
C LEU A 174 1.48 18.46 8.36
N MET A 1 -13.59 11.18 -11.35
CA MET A 1 -13.67 9.83 -11.98
C MET A 1 -14.74 8.99 -11.32
N LEU A 2 -14.47 8.53 -10.12
CA LEU A 2 -15.41 7.72 -9.37
C LEU A 2 -15.66 8.30 -8.00
N THR A 3 -16.71 7.84 -7.34
CA THR A 3 -17.05 8.31 -6.01
C THR A 3 -16.45 7.41 -4.94
N LEU A 4 -16.47 7.89 -3.69
CA LEU A 4 -15.95 7.13 -2.57
C LEU A 4 -16.74 5.84 -2.39
N ILE A 5 -18.05 5.92 -2.60
CA ILE A 5 -18.92 4.78 -2.45
C ILE A 5 -18.56 3.68 -3.45
N GLN A 6 -18.25 4.07 -4.67
CA GLN A 6 -17.89 3.12 -5.72
C GLN A 6 -16.60 2.38 -5.35
N GLY A 7 -15.56 3.16 -5.10
CA GLY A 7 -14.27 2.59 -4.71
C GLY A 7 -14.38 1.62 -3.55
N LYS A 8 -15.37 1.83 -2.69
CA LYS A 8 -15.57 0.97 -1.53
C LYS A 8 -16.37 -0.26 -1.94
N LYS A 9 -17.35 -0.04 -2.81
CA LYS A 9 -18.21 -1.11 -3.30
C LYS A 9 -17.36 -2.15 -4.01
N ILE A 10 -16.48 -1.69 -4.86
CA ILE A 10 -15.60 -2.56 -5.58
C ILE A 10 -14.60 -3.23 -4.67
N VAL A 11 -13.84 -2.45 -3.90
CA VAL A 11 -12.87 -3.01 -2.96
C VAL A 11 -13.50 -4.11 -2.09
N ASN A 12 -14.78 -3.95 -1.76
CA ASN A 12 -15.45 -4.94 -0.93
C ASN A 12 -15.79 -6.18 -1.76
N HIS A 13 -16.20 -5.96 -3.00
CA HIS A 13 -16.56 -7.07 -3.92
C HIS A 13 -15.32 -7.60 -4.62
N LEU A 14 -14.20 -6.94 -4.35
CA LEU A 14 -12.91 -7.28 -4.94
C LEU A 14 -12.05 -8.04 -3.92
N ARG A 15 -12.22 -7.71 -2.65
CA ARG A 15 -11.45 -8.35 -1.57
C ARG A 15 -11.92 -9.78 -1.32
N SER A 16 -12.96 -10.17 -2.01
CA SER A 16 -13.51 -11.50 -1.89
C SER A 16 -13.38 -12.24 -3.22
N ARG A 17 -12.84 -11.51 -4.19
CA ARG A 17 -12.63 -12.01 -5.53
C ARG A 17 -11.15 -12.06 -5.89
N LEU A 18 -10.32 -11.47 -5.03
CA LEU A 18 -8.89 -11.42 -5.27
C LEU A 18 -8.25 -12.80 -5.13
N ALA A 19 -7.14 -12.95 -5.79
CA ALA A 19 -6.41 -14.19 -5.83
C ALA A 19 -5.12 -13.98 -6.57
N PHE A 20 -4.32 -15.00 -6.63
CA PHE A 20 -3.05 -14.94 -7.34
C PHE A 20 -2.69 -16.33 -7.81
N GLU A 21 -1.79 -16.41 -8.78
CA GLU A 21 -1.41 -17.69 -9.33
C GLU A 21 0.03 -18.01 -9.04
N TYR A 22 0.23 -19.13 -8.36
CA TYR A 22 1.55 -19.59 -8.00
C TYR A 22 1.79 -20.99 -8.59
N ASN A 23 2.75 -21.08 -9.52
CA ASN A 23 3.08 -22.35 -10.20
C ASN A 23 1.85 -23.00 -10.81
N GLY A 24 0.88 -22.18 -11.20
CA GLY A 24 -0.35 -22.68 -11.78
C GLY A 24 -1.43 -22.87 -10.75
N GLN A 25 -1.01 -23.02 -9.50
CA GLN A 25 -1.93 -23.19 -8.39
C GLN A 25 -2.56 -21.86 -8.08
N LEU A 26 -3.83 -21.85 -7.78
CA LEU A 26 -4.52 -20.63 -7.48
C LEU A 26 -4.53 -20.42 -6.00
N ILE A 27 -4.21 -19.23 -5.56
CA ILE A 27 -4.17 -18.94 -4.14
C ILE A 27 -4.94 -17.65 -3.89
N LYS A 28 -6.10 -17.80 -3.29
CA LYS A 28 -6.97 -16.67 -3.02
C LYS A 28 -6.51 -15.88 -1.81
N ILE A 29 -6.73 -14.58 -1.86
CA ILE A 29 -6.34 -13.68 -0.78
C ILE A 29 -7.58 -13.27 -0.01
N LEU A 30 -7.38 -12.73 1.18
CA LEU A 30 -8.48 -12.30 1.98
C LEU A 30 -8.31 -10.86 2.40
N SER A 31 -9.42 -10.27 2.83
CA SER A 31 -9.46 -8.90 3.28
C SER A 31 -8.33 -8.60 4.26
N LYS A 32 -8.05 -9.57 5.11
CA LYS A 32 -7.02 -9.44 6.15
C LYS A 32 -5.67 -8.97 5.61
N ASN A 33 -5.42 -9.15 4.32
CA ASN A 33 -4.13 -8.74 3.77
C ASN A 33 -4.28 -7.58 2.80
N ILE A 34 -5.48 -7.04 2.64
CA ILE A 34 -5.68 -5.94 1.70
C ILE A 34 -6.34 -4.73 2.35
N VAL A 35 -5.73 -3.56 2.18
CA VAL A 35 -6.25 -2.33 2.75
C VAL A 35 -6.35 -1.23 1.67
N ALA A 36 -7.50 -0.59 1.59
CA ALA A 36 -7.74 0.48 0.62
C ALA A 36 -7.05 1.76 1.08
N VAL A 37 -5.93 2.07 0.48
CA VAL A 37 -5.18 3.26 0.89
C VAL A 37 -5.47 4.47 0.01
N GLY A 38 -5.02 5.62 0.47
CA GLY A 38 -5.20 6.83 -0.28
C GLY A 38 -6.49 7.54 0.03
N SER A 39 -7.20 7.90 -1.03
CA SER A 39 -8.48 8.62 -0.97
C SER A 39 -9.46 7.98 0.02
N LEU A 40 -9.44 6.66 0.10
CA LEU A 40 -10.35 5.92 0.98
C LEU A 40 -10.18 6.33 2.45
N ARG A 41 -8.96 6.64 2.86
CA ARG A 41 -8.72 7.04 4.25
C ARG A 41 -8.75 8.56 4.39
N ARG A 42 -8.55 9.26 3.29
CA ARG A 42 -8.56 10.73 3.31
C ARG A 42 -9.98 11.26 3.26
N GLU A 43 -10.93 10.34 3.04
CA GLU A 43 -12.36 10.66 2.96
C GLU A 43 -12.65 11.57 1.76
N GLU A 44 -12.19 11.18 0.57
CA GLU A 44 -12.42 11.97 -0.64
C GLU A 44 -13.75 11.57 -1.25
N LYS A 45 -14.61 12.55 -1.49
CA LYS A 45 -15.95 12.32 -2.04
C LYS A 45 -15.93 11.87 -3.49
N MET A 46 -14.90 12.27 -4.23
CA MET A 46 -14.75 11.92 -5.64
C MET A 46 -13.29 11.85 -5.97
N LEU A 47 -12.83 10.66 -6.22
CA LEU A 47 -11.44 10.43 -6.52
C LEU A 47 -11.21 10.21 -8.02
N ASN A 48 -10.06 9.63 -8.34
CA ASN A 48 -9.66 9.38 -9.72
C ASN A 48 -9.21 7.92 -9.88
N ASP A 49 -8.33 7.50 -8.99
CA ASP A 49 -7.81 6.15 -8.99
C ASP A 49 -7.91 5.55 -7.60
N VAL A 50 -7.81 4.23 -7.49
CA VAL A 50 -7.92 3.59 -6.19
C VAL A 50 -6.60 2.93 -5.82
N ASP A 51 -6.10 3.24 -4.64
CA ASP A 51 -4.87 2.66 -4.16
C ASP A 51 -5.21 1.43 -3.34
N LEU A 52 -4.27 0.52 -3.23
CA LEU A 52 -4.54 -0.72 -2.49
C LEU A 52 -3.25 -1.33 -1.96
N LEU A 53 -3.17 -1.43 -0.65
CA LEU A 53 -2.00 -2.01 -0.03
C LEU A 53 -2.31 -3.47 0.33
N ILE A 54 -1.35 -4.32 0.07
CA ILE A 54 -1.48 -5.75 0.34
C ILE A 54 -0.28 -6.20 1.15
N ILE A 55 -0.52 -6.56 2.40
CA ILE A 55 0.56 -6.98 3.27
C ILE A 55 0.68 -8.49 3.28
N VAL A 56 1.90 -8.98 3.30
CA VAL A 56 2.12 -10.41 3.30
C VAL A 56 3.13 -10.80 4.37
N PRO A 57 2.82 -11.84 5.17
CA PRO A 57 3.71 -12.30 6.25
C PRO A 57 5.01 -12.96 5.77
N GLU A 58 4.97 -13.69 4.66
CA GLU A 58 6.16 -14.36 4.17
C GLU A 58 6.95 -13.51 3.21
N LYS A 59 8.26 -13.77 3.20
CA LYS A 59 9.22 -13.09 2.32
C LYS A 59 9.36 -13.96 1.10
N LYS A 60 8.25 -14.54 0.81
CA LYS A 60 8.05 -15.48 -0.26
C LYS A 60 6.69 -15.20 -0.81
N LEU A 61 5.66 -15.75 -0.14
CA LEU A 61 4.26 -15.47 -0.49
C LEU A 61 4.11 -14.04 -1.02
N LEU A 62 4.85 -13.11 -0.40
CA LEU A 62 4.85 -11.71 -0.84
C LEU A 62 5.25 -11.60 -2.31
N LYS A 63 6.39 -12.20 -2.65
CA LYS A 63 6.90 -12.17 -4.01
C LYS A 63 6.27 -13.28 -4.86
N HIS A 64 5.39 -14.06 -4.25
CA HIS A 64 4.71 -15.13 -4.97
C HIS A 64 3.46 -14.60 -5.67
N VAL A 65 2.97 -13.46 -5.19
CA VAL A 65 1.80 -12.84 -5.79
C VAL A 65 2.22 -11.96 -6.98
N LEU A 66 3.50 -11.64 -7.03
CA LEU A 66 4.07 -10.80 -8.10
C LEU A 66 3.95 -11.41 -9.50
N PRO A 67 4.39 -12.68 -9.71
CA PRO A 67 4.26 -13.34 -11.02
C PRO A 67 2.82 -13.20 -11.57
N ASN A 68 1.84 -13.66 -10.79
CA ASN A 68 0.46 -13.56 -11.20
C ASN A 68 -0.44 -13.24 -10.02
N ILE A 69 -1.12 -12.09 -10.11
CA ILE A 69 -2.06 -11.63 -9.09
C ILE A 69 -3.19 -10.91 -9.80
N ARG A 70 -4.45 -11.27 -9.50
CA ARG A 70 -5.59 -10.64 -10.15
C ARG A 70 -6.91 -11.26 -9.70
N ILE A 71 -7.99 -10.78 -10.31
CA ILE A 71 -9.32 -11.27 -10.06
C ILE A 71 -9.82 -11.95 -11.33
N LYS A 72 -10.26 -13.19 -11.19
CA LYS A 72 -10.71 -13.96 -12.33
C LYS A 72 -12.08 -13.48 -12.81
N GLY A 73 -12.16 -13.18 -14.10
CA GLY A 73 -13.40 -12.73 -14.70
C GLY A 73 -13.49 -11.23 -14.87
N LEU A 74 -12.37 -10.53 -14.71
CA LEU A 74 -12.38 -9.09 -14.87
C LEU A 74 -11.43 -8.63 -15.99
N SER A 75 -11.75 -7.44 -16.49
CA SER A 75 -11.00 -6.79 -17.55
C SER A 75 -9.89 -5.92 -16.97
N PHE A 76 -8.64 -6.26 -17.25
CA PHE A 76 -7.53 -5.49 -16.72
C PHE A 76 -6.21 -5.76 -17.45
N SER A 77 -5.22 -4.91 -17.19
CA SER A 77 -3.88 -5.06 -17.73
C SER A 77 -2.86 -5.06 -16.59
N VAL A 78 -2.03 -6.09 -16.55
CA VAL A 78 -1.06 -6.23 -15.48
C VAL A 78 0.33 -5.70 -15.84
N LYS A 79 0.73 -4.61 -15.21
CA LYS A 79 2.05 -4.04 -15.42
C LYS A 79 2.81 -4.03 -14.10
N VAL A 80 4.13 -4.08 -14.15
CA VAL A 80 4.93 -4.08 -12.93
C VAL A 80 5.59 -2.72 -12.69
N CYS A 81 5.60 -2.31 -11.42
CA CYS A 81 6.19 -1.03 -11.04
C CYS A 81 7.16 -1.25 -9.89
N GLY A 82 8.28 -1.84 -10.22
CA GLY A 82 9.30 -2.13 -9.23
C GLY A 82 9.01 -3.41 -8.48
N GLU A 83 9.68 -3.61 -7.36
CA GLU A 83 9.48 -4.81 -6.55
C GLU A 83 8.47 -4.59 -5.44
N ARG A 84 8.06 -3.34 -5.25
CA ARG A 84 7.09 -2.98 -4.23
C ARG A 84 5.76 -2.54 -4.80
N LYS A 85 5.67 -2.40 -6.12
CA LYS A 85 4.42 -1.90 -6.70
C LYS A 85 4.03 -2.62 -7.98
N CYS A 86 2.73 -2.59 -8.24
CA CYS A 86 2.13 -3.17 -9.42
C CYS A 86 1.03 -2.23 -9.93
N VAL A 87 0.94 -2.07 -11.23
CA VAL A 87 -0.05 -1.19 -11.81
C VAL A 87 -1.02 -1.96 -12.69
N LEU A 88 -2.31 -1.82 -12.42
CA LEU A 88 -3.32 -2.50 -13.19
C LEU A 88 -4.34 -1.54 -13.74
N PHE A 89 -4.79 -1.83 -14.96
CA PHE A 89 -5.80 -1.02 -15.61
C PHE A 89 -7.09 -1.81 -15.68
N ILE A 90 -8.00 -1.59 -14.74
CA ILE A 90 -9.28 -2.29 -14.75
C ILE A 90 -10.31 -1.54 -15.58
N GLU A 91 -11.21 -2.28 -16.22
CA GLU A 91 -12.24 -1.68 -17.05
C GLU A 91 -13.58 -2.38 -16.87
N TRP A 92 -14.64 -1.59 -16.69
CA TRP A 92 -15.98 -2.13 -16.54
C TRP A 92 -17.02 -1.02 -16.61
N GLU A 93 -18.27 -1.40 -16.88
CA GLU A 93 -19.38 -0.47 -17.00
C GLU A 93 -19.07 0.60 -18.06
N LYS A 94 -18.40 0.16 -19.13
CA LYS A 94 -18.02 1.02 -20.25
C LYS A 94 -17.04 2.10 -19.77
N LYS A 95 -16.24 1.76 -18.78
CA LYS A 95 -15.24 2.68 -18.25
C LYS A 95 -13.93 1.96 -17.96
N THR A 96 -12.85 2.73 -17.79
CA THR A 96 -11.51 2.19 -17.56
C THR A 96 -10.77 2.99 -16.49
N TYR A 97 -10.44 2.36 -15.36
CA TYR A 97 -9.74 3.05 -14.28
C TYR A 97 -8.36 2.44 -14.03
N GLN A 98 -7.55 3.17 -13.28
CA GLN A 98 -6.20 2.74 -12.94
C GLN A 98 -6.17 2.29 -11.49
N LEU A 99 -5.71 1.08 -11.26
CA LEU A 99 -5.61 0.54 -9.92
C LEU A 99 -4.15 0.39 -9.53
N ASP A 100 -3.75 1.01 -8.43
CA ASP A 100 -2.36 0.94 -7.98
C ASP A 100 -2.23 0.10 -6.71
N LEU A 101 -1.72 -1.12 -6.84
CA LEU A 101 -1.58 -2.00 -5.69
C LEU A 101 -0.12 -2.12 -5.27
N PHE A 102 0.09 -2.05 -3.96
CA PHE A 102 1.40 -2.13 -3.38
C PHE A 102 1.48 -3.32 -2.42
N THR A 103 2.46 -4.18 -2.64
CA THR A 103 2.66 -5.34 -1.79
C THR A 103 3.77 -5.04 -0.80
N ALA A 104 3.47 -5.21 0.49
CA ALA A 104 4.43 -4.95 1.55
C ALA A 104 4.43 -6.10 2.54
N LEU A 105 5.44 -6.14 3.40
CA LEU A 105 5.54 -7.16 4.41
C LEU A 105 4.97 -6.67 5.72
N ALA A 106 4.67 -7.60 6.60
CA ALA A 106 4.09 -7.29 7.90
C ALA A 106 5.04 -6.50 8.77
N GLU A 107 6.32 -6.51 8.41
CA GLU A 107 7.32 -5.77 9.15
C GLU A 107 7.37 -4.31 8.73
N GLU A 108 7.06 -4.05 7.48
CA GLU A 108 7.11 -2.69 6.98
C GLU A 108 5.72 -2.07 7.05
N LYS A 109 4.76 -2.89 7.45
CA LYS A 109 3.37 -2.45 7.57
C LYS A 109 3.24 -1.07 8.24
N PRO A 110 3.80 -0.86 9.45
CA PRO A 110 3.75 0.45 10.14
C PRO A 110 4.22 1.59 9.22
N TYR A 111 5.37 1.37 8.62
CA TYR A 111 6.00 2.34 7.72
C TYR A 111 5.10 2.68 6.54
N ALA A 112 4.43 1.66 6.02
CA ALA A 112 3.59 1.83 4.84
C ALA A 112 2.25 2.46 5.18
N ILE A 113 1.63 2.03 6.26
CA ILE A 113 0.34 2.57 6.62
C ILE A 113 0.47 4.05 6.88
N PHE A 114 1.38 4.43 7.76
CA PHE A 114 1.60 5.84 8.06
C PHE A 114 1.92 6.62 6.80
N HIS A 115 2.89 6.13 6.05
CA HIS A 115 3.31 6.77 4.82
C HIS A 115 2.15 7.06 3.87
N PHE A 116 1.24 6.10 3.72
CA PHE A 116 0.11 6.27 2.81
C PHE A 116 -1.08 7.02 3.42
N THR A 117 -1.21 7.00 4.75
CA THR A 117 -2.34 7.67 5.40
C THR A 117 -2.07 9.16 5.63
N GLY A 118 -0.81 9.55 5.63
CA GLY A 118 -0.48 10.93 5.84
C GLY A 118 -0.13 11.60 4.54
N PRO A 119 0.25 12.89 4.56
CA PRO A 119 0.62 13.59 3.35
C PRO A 119 2.08 13.35 2.98
N VAL A 120 2.31 12.98 1.72
CA VAL A 120 3.64 12.71 1.16
C VAL A 120 4.53 13.94 1.30
N SER A 121 3.89 15.08 1.54
CA SER A 121 4.59 16.35 1.70
C SER A 121 5.17 16.42 3.11
N TYR A 122 4.36 15.97 4.08
CA TYR A 122 4.75 15.93 5.48
C TYR A 122 5.74 14.80 5.71
N LEU A 123 5.74 13.86 4.78
CA LEU A 123 6.61 12.70 4.86
C LEU A 123 8.06 13.09 4.66
N ILE A 124 8.35 13.89 3.66
CA ILE A 124 9.71 14.31 3.41
C ILE A 124 10.20 15.16 4.58
N ARG A 125 9.41 16.18 4.90
CA ARG A 125 9.65 17.08 6.08
C ARG A 125 10.03 16.34 7.38
N ILE A 126 10.26 15.05 7.23
CA ILE A 126 10.64 14.16 8.29
C ILE A 126 11.84 13.31 7.82
N ARG A 127 11.77 12.87 6.57
CA ARG A 127 12.81 12.04 6.00
C ARG A 127 14.04 12.89 5.64
N ALA A 128 13.82 14.19 5.62
CA ALA A 128 14.86 15.15 5.30
C ALA A 128 15.67 15.49 6.52
N ALA A 129 15.03 15.55 7.69
CA ALA A 129 15.71 15.86 8.92
C ALA A 129 16.56 14.68 9.32
N LEU A 130 16.00 13.49 9.19
CA LEU A 130 16.71 12.27 9.52
C LEU A 130 17.83 12.01 8.50
N LYS A 131 17.58 12.44 7.28
CA LYS A 131 18.56 12.31 6.20
C LYS A 131 19.84 13.07 6.57
N LYS A 132 19.69 14.05 7.43
CA LYS A 132 20.80 14.86 7.91
C LYS A 132 21.66 14.09 8.92
N LYS A 133 21.09 13.06 9.52
CA LYS A 133 21.83 12.26 10.50
C LYS A 133 22.08 10.85 9.94
N ASN A 134 21.97 10.73 8.62
CA ASN A 134 22.18 9.47 7.90
C ASN A 134 21.16 8.41 8.31
N TYR A 135 19.89 8.75 8.18
CA TYR A 135 18.84 7.78 8.48
C TYR A 135 17.96 7.63 7.26
N LYS A 136 17.85 6.41 6.78
CA LYS A 136 17.03 6.13 5.62
C LYS A 136 15.87 5.22 6.01
N LEU A 137 14.67 5.73 5.88
CA LEU A 137 13.47 4.97 6.18
C LEU A 137 12.92 4.39 4.89
N ASN A 138 12.69 3.08 4.86
CA ASN A 138 12.20 2.44 3.66
C ASN A 138 11.43 1.18 4.02
N GLN A 139 10.88 0.51 3.01
CA GLN A 139 10.10 -0.70 3.21
C GLN A 139 10.98 -1.85 3.67
N TYR A 140 12.29 -1.68 3.54
CA TYR A 140 13.24 -2.70 3.95
C TYR A 140 13.61 -2.51 5.41
N GLY A 141 13.31 -1.34 5.93
CA GLY A 141 13.63 -1.06 7.31
C GLY A 141 14.28 0.29 7.51
N LEU A 142 15.17 0.37 8.49
CA LEU A 142 15.85 1.63 8.79
C LEU A 142 17.33 1.52 8.46
N PHE A 143 17.79 2.26 7.49
CA PHE A 143 19.18 2.22 7.11
C PHE A 143 19.97 3.33 7.81
N LYS A 144 20.88 2.91 8.67
CA LYS A 144 21.74 3.83 9.39
C LYS A 144 23.20 3.59 9.00
N ASN A 145 23.78 4.52 8.25
CA ASN A 145 25.17 4.41 7.80
C ASN A 145 25.43 3.07 7.12
N GLN A 146 24.64 2.79 6.09
CA GLN A 146 24.73 1.55 5.31
C GLN A 146 24.47 0.31 6.19
N THR A 147 23.82 0.51 7.33
CA THR A 147 23.49 -0.57 8.23
C THR A 147 21.98 -0.70 8.35
N LEU A 148 21.46 -1.88 8.07
CA LEU A 148 20.02 -2.09 8.16
C LEU A 148 19.61 -2.35 9.60
N VAL A 149 18.63 -1.60 10.04
CA VAL A 149 18.10 -1.70 11.39
C VAL A 149 16.60 -1.98 11.34
N PRO A 150 16.14 -2.95 12.15
CA PRO A 150 14.72 -3.31 12.21
C PRO A 150 13.90 -2.35 13.09
N LEU A 151 12.58 -2.56 13.09
CA LEU A 151 11.65 -1.73 13.86
C LEU A 151 11.22 -2.44 15.16
N LYS A 152 10.65 -1.69 16.10
CA LYS A 152 10.18 -2.27 17.35
C LYS A 152 8.73 -1.88 17.62
N ILE A 153 8.00 -1.62 16.54
CA ILE A 153 6.60 -1.21 16.63
C ILE A 153 5.73 -2.03 15.71
N THR A 154 4.44 -1.71 15.72
CA THR A 154 3.45 -2.41 14.90
C THR A 154 2.19 -1.57 14.69
N THR A 155 2.19 -0.33 15.21
CA THR A 155 1.04 0.56 15.09
C THR A 155 1.51 1.97 14.68
N GLU A 156 0.69 2.70 13.94
CA GLU A 156 1.04 4.04 13.47
C GLU A 156 1.34 4.99 14.63
N LYS A 157 0.57 4.92 15.70
CA LYS A 157 0.79 5.80 16.84
C LYS A 157 2.04 5.41 17.58
N GLU A 158 2.47 4.17 17.39
CA GLU A 158 3.67 3.66 18.03
C GLU A 158 4.89 4.07 17.23
N LEU A 159 4.73 4.05 15.91
CA LEU A 159 5.78 4.42 14.96
C LEU A 159 6.17 5.90 15.10
N ILE A 160 5.16 6.77 15.12
CA ILE A 160 5.42 8.21 15.24
C ILE A 160 6.22 8.53 16.51
N LYS A 161 5.95 7.77 17.56
CA LYS A 161 6.65 7.92 18.81
C LYS A 161 8.06 7.35 18.70
N GLU A 162 8.16 6.15 18.12
CA GLU A 162 9.45 5.48 17.93
C GLU A 162 10.39 6.38 17.13
N LEU A 163 9.83 7.11 16.20
CA LEU A 163 10.61 8.02 15.38
C LEU A 163 10.94 9.27 16.16
N GLY A 164 9.95 9.75 16.90
CA GLY A 164 10.14 10.94 17.70
C GLY A 164 9.45 12.14 17.09
N PHE A 165 8.24 11.92 16.59
CA PHE A 165 7.46 12.97 15.96
C PHE A 165 6.00 12.92 16.42
N THR A 166 5.17 13.69 15.77
CA THR A 166 3.75 13.76 16.11
C THR A 166 2.91 13.16 14.99
N TYR A 167 1.63 12.95 15.27
CA TYR A 167 0.74 12.37 14.30
C TYR A 167 -0.11 13.44 13.66
N ARG A 168 -0.19 13.42 12.34
CA ARG A 168 -0.94 14.42 11.61
C ARG A 168 -1.88 13.76 10.61
N ILE A 169 -2.74 14.57 9.99
CA ILE A 169 -3.71 14.07 9.02
C ILE A 169 -3.53 14.79 7.68
N PRO A 170 -3.84 14.11 6.56
CA PRO A 170 -3.70 14.69 5.23
C PRO A 170 -4.71 15.79 4.97
N LYS A 171 -5.90 15.63 5.55
CA LYS A 171 -6.98 16.59 5.40
C LYS A 171 -6.53 18.00 5.75
N LYS A 172 -5.64 18.12 6.71
CA LYS A 172 -5.16 19.43 7.12
C LYS A 172 -3.81 19.77 6.49
N ARG A 173 -3.16 18.76 5.90
CA ARG A 173 -1.87 18.94 5.22
C ARG A 173 -0.76 19.36 6.18
N LEU A 174 0.22 18.47 6.33
CA LEU A 174 1.37 18.69 7.19
C LEU A 174 0.93 19.07 8.60
N MET A 1 -13.07 11.25 -10.96
CA MET A 1 -13.35 10.09 -11.84
C MET A 1 -14.50 9.28 -11.26
N LEU A 2 -14.20 8.51 -10.23
CA LEU A 2 -15.20 7.69 -9.60
C LEU A 2 -15.47 8.20 -8.19
N THR A 3 -16.67 7.97 -7.72
CA THR A 3 -17.08 8.41 -6.41
C THR A 3 -16.55 7.49 -5.32
N LEU A 4 -16.58 7.99 -4.08
CA LEU A 4 -16.13 7.21 -2.94
C LEU A 4 -17.00 5.97 -2.80
N ILE A 5 -18.29 6.14 -3.09
CA ILE A 5 -19.24 5.04 -3.01
C ILE A 5 -18.87 3.92 -3.99
N GLN A 6 -18.58 4.28 -5.25
CA GLN A 6 -18.20 3.31 -6.25
C GLN A 6 -16.97 2.54 -5.80
N GLY A 7 -15.89 3.28 -5.57
CA GLY A 7 -14.63 2.70 -5.11
C GLY A 7 -14.78 1.83 -3.87
N LYS A 8 -15.77 2.11 -3.06
CA LYS A 8 -16.00 1.34 -1.85
C LYS A 8 -16.72 0.06 -2.21
N LYS A 9 -17.72 0.18 -3.08
CA LYS A 9 -18.51 -0.95 -3.52
C LYS A 9 -17.65 -1.98 -4.24
N ILE A 10 -16.92 -1.51 -5.24
CA ILE A 10 -16.06 -2.40 -6.02
C ILE A 10 -15.02 -3.09 -5.11
N VAL A 11 -14.21 -2.29 -4.42
CA VAL A 11 -13.17 -2.81 -3.52
C VAL A 11 -13.70 -3.81 -2.50
N ASN A 12 -14.91 -3.56 -1.98
CA ASN A 12 -15.49 -4.46 -0.98
C ASN A 12 -15.69 -5.84 -1.59
N HIS A 13 -16.22 -5.84 -2.80
CA HIS A 13 -16.43 -7.09 -3.51
C HIS A 13 -15.11 -7.64 -4.02
N LEU A 14 -14.30 -6.77 -4.58
CA LEU A 14 -13.02 -7.14 -5.15
C LEU A 14 -12.05 -7.75 -4.15
N ARG A 15 -12.14 -7.32 -2.90
CA ARG A 15 -11.22 -7.81 -1.87
C ARG A 15 -11.66 -9.21 -1.39
N SER A 16 -12.76 -9.68 -1.97
CA SER A 16 -13.27 -10.99 -1.67
C SER A 16 -13.25 -11.86 -2.94
N ARG A 17 -12.90 -11.24 -4.07
CA ARG A 17 -12.82 -11.92 -5.35
C ARG A 17 -11.36 -11.98 -5.79
N LEU A 18 -10.51 -11.38 -4.98
CA LEU A 18 -9.08 -11.35 -5.24
C LEU A 18 -8.46 -12.72 -5.01
N ALA A 19 -7.34 -12.94 -5.69
CA ALA A 19 -6.64 -14.22 -5.61
C ALA A 19 -5.30 -14.13 -6.34
N PHE A 20 -4.53 -15.20 -6.25
CA PHE A 20 -3.26 -15.27 -6.93
C PHE A 20 -3.01 -16.70 -7.40
N GLU A 21 -2.22 -16.88 -8.44
CA GLU A 21 -1.94 -18.21 -8.96
C GLU A 21 -0.53 -18.65 -8.64
N TYR A 22 -0.41 -19.59 -7.71
CA TYR A 22 0.89 -20.12 -7.32
C TYR A 22 1.16 -21.40 -8.10
N ASN A 23 2.12 -21.35 -9.02
CA ASN A 23 2.48 -22.50 -9.86
C ASN A 23 1.30 -22.95 -10.70
N GLY A 24 0.32 -22.07 -10.84
CA GLY A 24 -0.85 -22.39 -11.61
C GLY A 24 -2.03 -22.68 -10.72
N GLN A 25 -1.77 -22.99 -9.47
CA GLN A 25 -2.84 -23.30 -8.55
C GLN A 25 -3.39 -22.07 -7.89
N LEU A 26 -4.64 -21.79 -8.19
CA LEU A 26 -5.34 -20.65 -7.63
C LEU A 26 -5.37 -20.67 -6.11
N ILE A 27 -4.91 -19.58 -5.55
CA ILE A 27 -4.91 -19.38 -4.12
C ILE A 27 -5.51 -18.01 -3.86
N LYS A 28 -6.61 -17.94 -3.17
CA LYS A 28 -7.24 -16.66 -2.90
C LYS A 28 -6.59 -15.97 -1.72
N ILE A 29 -6.93 -14.72 -1.57
CA ILE A 29 -6.41 -13.90 -0.48
C ILE A 29 -7.59 -13.49 0.39
N LEU A 30 -7.33 -13.05 1.62
CA LEU A 30 -8.38 -12.64 2.51
C LEU A 30 -8.43 -11.11 2.57
N SER A 31 -9.60 -10.59 2.89
CA SER A 31 -9.80 -9.16 3.00
C SER A 31 -8.88 -8.59 4.07
N LYS A 32 -8.49 -9.42 5.04
CA LYS A 32 -7.59 -9.00 6.13
C LYS A 32 -6.24 -8.47 5.64
N ASN A 33 -5.82 -8.88 4.47
CA ASN A 33 -4.53 -8.43 3.94
C ASN A 33 -4.71 -7.41 2.83
N ILE A 34 -5.84 -6.71 2.89
CA ILE A 34 -6.17 -5.69 1.90
C ILE A 34 -6.69 -4.45 2.60
N VAL A 35 -5.87 -3.41 2.60
CA VAL A 35 -6.21 -2.16 3.23
C VAL A 35 -6.43 -1.08 2.16
N ALA A 36 -7.49 -0.30 2.31
CA ALA A 36 -7.80 0.77 1.37
C ALA A 36 -7.02 2.04 1.71
N VAL A 37 -5.98 2.33 0.94
CA VAL A 37 -5.16 3.53 1.18
C VAL A 37 -5.42 4.62 0.15
N GLY A 38 -4.61 5.66 0.21
CA GLY A 38 -4.73 6.78 -0.72
C GLY A 38 -5.98 7.59 -0.50
N SER A 39 -6.74 7.84 -1.57
CA SER A 39 -7.97 8.63 -1.46
C SER A 39 -8.97 7.93 -0.54
N LEU A 40 -8.90 6.62 -0.55
CA LEU A 40 -9.76 5.79 0.28
C LEU A 40 -9.53 6.06 1.76
N ARG A 41 -8.37 6.64 2.08
CA ARG A 41 -8.00 6.96 3.45
C ARG A 41 -8.12 8.47 3.69
N ARG A 42 -8.05 9.20 2.59
CA ARG A 42 -8.15 10.66 2.61
C ARG A 42 -9.58 11.08 2.93
N GLU A 43 -10.50 10.17 2.63
CA GLU A 43 -11.92 10.36 2.86
C GLU A 43 -12.43 11.52 2.03
N GLU A 44 -12.21 11.41 0.73
CA GLU A 44 -12.64 12.44 -0.19
C GLU A 44 -14.07 12.16 -0.64
N LYS A 45 -14.52 12.93 -1.61
CA LYS A 45 -15.86 12.78 -2.13
C LYS A 45 -15.83 12.18 -3.54
N MET A 46 -14.71 12.39 -4.23
CA MET A 46 -14.52 11.86 -5.57
C MET A 46 -13.04 11.64 -5.85
N LEU A 47 -12.68 10.39 -6.03
CA LEU A 47 -11.31 10.02 -6.29
C LEU A 47 -11.00 9.89 -7.78
N ASN A 48 -9.73 9.65 -8.08
CA ASN A 48 -9.26 9.51 -9.46
C ASN A 48 -8.91 8.04 -9.75
N ASP A 49 -8.03 7.49 -8.93
CA ASP A 49 -7.60 6.11 -9.06
C ASP A 49 -7.71 5.45 -7.69
N VAL A 50 -7.81 4.12 -7.63
CA VAL A 50 -7.94 3.45 -6.34
C VAL A 50 -6.60 2.92 -5.83
N ASP A 51 -6.30 3.24 -4.57
CA ASP A 51 -5.07 2.83 -3.90
C ASP A 51 -5.39 1.70 -2.93
N LEU A 52 -4.62 0.63 -2.98
CA LEU A 52 -4.87 -0.54 -2.14
C LEU A 52 -3.56 -1.12 -1.65
N LEU A 53 -3.50 -1.38 -0.36
CA LEU A 53 -2.32 -1.97 0.25
C LEU A 53 -2.60 -3.42 0.63
N ILE A 54 -1.75 -4.32 0.17
CA ILE A 54 -1.87 -5.74 0.49
C ILE A 54 -0.64 -6.18 1.23
N ILE A 55 -0.74 -6.57 2.48
CA ILE A 55 0.45 -6.98 3.23
C ILE A 55 0.50 -8.50 3.26
N VAL A 56 1.69 -9.07 3.16
CA VAL A 56 1.84 -10.51 3.16
C VAL A 56 2.62 -10.99 4.38
N PRO A 57 2.06 -11.97 5.12
CA PRO A 57 2.69 -12.51 6.32
C PRO A 57 3.87 -13.46 6.07
N GLU A 58 4.12 -13.88 4.83
CA GLU A 58 5.23 -14.79 4.61
C GLU A 58 6.36 -14.12 3.86
N LYS A 59 7.52 -14.73 4.00
CA LYS A 59 8.75 -14.26 3.38
C LYS A 59 8.86 -14.98 2.04
N LYS A 60 7.76 -15.59 1.70
CA LYS A 60 7.61 -16.34 0.47
C LYS A 60 6.40 -15.76 -0.20
N LEU A 61 5.21 -16.13 0.30
CA LEU A 61 3.94 -15.56 -0.16
C LEU A 61 4.04 -14.09 -0.53
N LEU A 62 5.00 -13.38 0.07
CA LEU A 62 5.16 -11.95 -0.24
C LEU A 62 5.54 -11.79 -1.70
N LYS A 63 6.37 -12.69 -2.21
CA LYS A 63 6.82 -12.61 -3.60
C LYS A 63 6.22 -13.76 -4.41
N HIS A 64 5.39 -14.57 -3.76
CA HIS A 64 4.76 -15.68 -4.45
C HIS A 64 3.43 -15.23 -5.02
N VAL A 65 2.96 -14.06 -4.59
CA VAL A 65 1.74 -13.50 -5.13
C VAL A 65 2.05 -12.69 -6.37
N LEU A 66 3.24 -12.09 -6.37
CA LEU A 66 3.72 -11.23 -7.45
C LEU A 66 3.49 -11.81 -8.86
N PRO A 67 3.87 -13.08 -9.13
CA PRO A 67 3.65 -13.70 -10.44
C PRO A 67 2.22 -13.50 -10.95
N ASN A 68 1.26 -14.12 -10.30
CA ASN A 68 -0.12 -14.00 -10.77
C ASN A 68 -1.12 -13.58 -9.72
N ILE A 69 -0.97 -12.38 -9.18
CA ILE A 69 -1.91 -11.85 -8.19
C ILE A 69 -2.88 -10.88 -8.89
N ARG A 70 -4.16 -11.22 -8.89
CA ARG A 70 -5.20 -10.40 -9.52
C ARG A 70 -6.57 -11.09 -9.44
N ILE A 71 -7.54 -10.50 -10.13
CA ILE A 71 -8.90 -11.02 -10.20
C ILE A 71 -8.97 -12.11 -11.27
N LYS A 72 -9.98 -12.96 -11.20
CA LYS A 72 -10.14 -14.05 -12.14
C LYS A 72 -11.41 -13.88 -12.98
N GLY A 73 -11.24 -13.44 -14.21
CA GLY A 73 -12.36 -13.24 -15.11
C GLY A 73 -12.77 -11.79 -15.22
N LEU A 74 -11.79 -10.91 -15.33
CA LEU A 74 -12.08 -9.51 -15.49
C LEU A 74 -11.24 -8.85 -16.60
N SER A 75 -11.26 -7.54 -16.60
CA SER A 75 -10.53 -6.76 -17.59
C SER A 75 -9.44 -5.93 -16.89
N PHE A 76 -8.20 -6.36 -17.07
CA PHE A 76 -7.06 -5.68 -16.45
C PHE A 76 -5.77 -5.89 -17.24
N SER A 77 -4.88 -4.90 -17.18
CA SER A 77 -3.59 -4.97 -17.88
C SER A 77 -2.43 -4.68 -16.92
N VAL A 78 -2.07 -5.71 -16.11
CA VAL A 78 -0.96 -5.65 -15.14
C VAL A 78 0.33 -5.03 -15.68
N LYS A 79 0.76 -3.93 -15.05
CA LYS A 79 2.00 -3.25 -15.40
C LYS A 79 2.86 -3.04 -14.17
N VAL A 80 4.16 -3.21 -14.31
CA VAL A 80 5.06 -3.04 -13.18
C VAL A 80 5.35 -1.56 -12.93
N CYS A 81 5.34 -1.16 -11.66
CA CYS A 81 5.58 0.22 -11.31
C CYS A 81 6.63 0.35 -10.21
N GLY A 82 7.88 0.52 -10.61
CA GLY A 82 8.94 0.67 -9.64
C GLY A 82 9.40 -0.66 -9.08
N GLU A 83 9.83 -0.65 -7.82
CA GLU A 83 10.34 -1.85 -7.17
C GLU A 83 9.34 -2.46 -6.20
N ARG A 84 8.44 -1.65 -5.66
CA ARG A 84 7.45 -2.15 -4.70
C ARG A 84 6.01 -1.92 -5.16
N LYS A 85 5.81 -1.22 -6.27
CA LYS A 85 4.45 -0.94 -6.70
C LYS A 85 4.05 -1.68 -7.97
N CYS A 86 2.76 -1.80 -8.17
CA CYS A 86 2.19 -2.45 -9.35
C CYS A 86 0.98 -1.64 -9.83
N VAL A 87 0.90 -1.45 -11.13
CA VAL A 87 -0.18 -0.68 -11.72
C VAL A 87 -1.03 -1.56 -12.61
N LEU A 88 -2.34 -1.47 -12.45
CA LEU A 88 -3.24 -2.27 -13.26
C LEU A 88 -4.28 -1.40 -13.92
N PHE A 89 -4.62 -1.72 -15.15
CA PHE A 89 -5.65 -0.96 -15.84
C PHE A 89 -6.92 -1.78 -15.85
N ILE A 90 -7.79 -1.49 -14.92
CA ILE A 90 -9.04 -2.24 -14.80
C ILE A 90 -10.19 -1.51 -15.49
N GLU A 91 -11.18 -2.28 -15.91
CA GLU A 91 -12.33 -1.74 -16.61
C GLU A 91 -13.65 -2.09 -15.92
N TRP A 92 -14.42 -1.08 -15.55
CA TRP A 92 -15.71 -1.30 -14.90
C TRP A 92 -16.80 -0.50 -15.60
N GLU A 93 -17.96 -1.12 -15.81
CA GLU A 93 -19.09 -0.48 -16.48
C GLU A 93 -18.64 0.14 -17.80
N LYS A 94 -17.86 -0.62 -18.55
CA LYS A 94 -17.33 -0.19 -19.85
C LYS A 94 -16.43 1.04 -19.73
N LYS A 95 -15.99 1.35 -18.52
CA LYS A 95 -15.08 2.47 -18.30
C LYS A 95 -13.72 1.91 -17.91
N THR A 96 -12.66 2.67 -18.08
CA THR A 96 -11.34 2.17 -17.77
C THR A 96 -10.58 3.09 -16.80
N TYR A 97 -10.25 2.55 -15.63
CA TYR A 97 -9.51 3.32 -14.62
C TYR A 97 -8.17 2.63 -14.34
N GLN A 98 -7.41 3.17 -13.41
CA GLN A 98 -6.10 2.59 -13.07
C GLN A 98 -6.06 2.19 -11.60
N LEU A 99 -5.51 1.00 -11.32
CA LEU A 99 -5.38 0.52 -9.95
C LEU A 99 -3.93 0.59 -9.49
N ASP A 100 -3.73 1.13 -8.28
CA ASP A 100 -2.40 1.22 -7.69
C ASP A 100 -2.32 0.34 -6.45
N LEU A 101 -1.96 -0.93 -6.61
CA LEU A 101 -1.87 -1.83 -5.48
C LEU A 101 -0.44 -1.93 -5.00
N PHE A 102 -0.26 -2.07 -3.69
CA PHE A 102 1.05 -2.15 -3.13
C PHE A 102 1.16 -3.34 -2.18
N THR A 103 1.85 -4.36 -2.63
CA THR A 103 2.08 -5.54 -1.80
C THR A 103 3.38 -5.36 -1.01
N ALA A 104 3.34 -5.48 0.31
CA ALA A 104 4.53 -5.28 1.13
C ALA A 104 4.57 -6.32 2.25
N LEU A 105 5.69 -6.35 2.99
CA LEU A 105 5.85 -7.31 4.06
C LEU A 105 5.11 -6.93 5.33
N ALA A 106 4.88 -7.94 6.17
CA ALA A 106 4.17 -7.78 7.43
C ALA A 106 4.89 -6.78 8.35
N GLU A 107 6.20 -6.74 8.22
CA GLU A 107 7.05 -5.86 9.03
C GLU A 107 6.93 -4.41 8.58
N GLU A 108 6.50 -4.20 7.36
CA GLU A 108 6.37 -2.85 6.80
C GLU A 108 5.03 -2.25 7.16
N LYS A 109 4.16 -3.05 7.78
CA LYS A 109 2.82 -2.61 8.16
C LYS A 109 2.81 -1.20 8.77
N PRO A 110 3.55 -0.93 9.86
CA PRO A 110 3.53 0.42 10.45
C PRO A 110 4.10 1.48 9.51
N TYR A 111 5.21 1.13 8.87
CA TYR A 111 5.92 2.02 7.94
C TYR A 111 5.06 2.39 6.75
N ALA A 112 4.36 1.40 6.21
CA ALA A 112 3.55 1.59 5.03
C ALA A 112 2.25 2.30 5.36
N ILE A 113 1.60 1.89 6.45
CA ILE A 113 0.35 2.52 6.85
C ILE A 113 0.53 4.02 7.05
N PHE A 114 1.51 4.41 7.86
CA PHE A 114 1.76 5.82 8.09
C PHE A 114 2.12 6.53 6.79
N HIS A 115 3.06 5.94 6.05
CA HIS A 115 3.49 6.50 4.78
C HIS A 115 2.32 6.72 3.83
N PHE A 116 1.43 5.75 3.73
CA PHE A 116 0.29 5.88 2.83
C PHE A 116 -0.86 6.69 3.43
N THR A 117 -0.84 6.92 4.74
CA THR A 117 -1.92 7.69 5.37
C THR A 117 -1.72 9.20 5.14
N GLY A 118 -0.47 9.62 5.04
CA GLY A 118 -0.17 11.02 4.83
C GLY A 118 0.31 11.28 3.43
N PRO A 119 0.38 12.56 3.04
CA PRO A 119 0.84 12.93 1.71
C PRO A 119 2.35 12.77 1.54
N VAL A 120 2.75 12.26 0.38
CA VAL A 120 4.15 12.04 0.06
C VAL A 120 5.00 13.24 0.44
N SER A 121 4.51 14.43 0.11
CA SER A 121 5.20 15.68 0.44
C SER A 121 5.67 15.69 1.89
N TYR A 122 4.79 15.31 2.79
CA TYR A 122 5.14 15.30 4.20
C TYR A 122 6.27 14.30 4.47
N LEU A 123 6.25 13.20 3.74
CA LEU A 123 7.26 12.16 3.88
C LEU A 123 8.66 12.70 3.67
N ILE A 124 8.87 13.47 2.61
CA ILE A 124 10.18 14.08 2.36
C ILE A 124 10.61 14.89 3.58
N ARG A 125 9.69 15.75 3.99
CA ARG A 125 9.84 16.60 5.20
C ARG A 125 10.35 15.81 6.39
N ILE A 126 10.21 14.52 6.30
CA ILE A 126 10.63 13.59 7.33
C ILE A 126 11.90 12.88 6.89
N ARG A 127 12.01 12.67 5.58
CA ARG A 127 13.17 12.03 5.01
C ARG A 127 14.42 12.79 5.37
N ALA A 128 14.51 14.02 4.90
CA ALA A 128 15.65 14.88 5.22
C ALA A 128 15.76 15.04 6.72
N ALA A 129 14.60 15.23 7.35
CA ALA A 129 14.51 15.37 8.81
C ALA A 129 15.36 14.29 9.48
N LEU A 130 15.20 13.05 9.03
CA LEU A 130 15.94 11.93 9.57
C LEU A 130 17.42 12.01 9.20
N LYS A 131 17.73 12.44 8.00
CA LYS A 131 19.11 12.58 7.58
C LYS A 131 19.84 13.45 8.58
N LYS A 132 19.26 14.62 8.83
CA LYS A 132 19.77 15.53 9.85
C LYS A 132 20.22 14.81 11.13
N LYS A 133 19.60 13.67 11.45
CA LYS A 133 19.98 12.91 12.64
C LYS A 133 20.74 11.65 12.25
N ASN A 134 21.22 11.63 11.01
CA ASN A 134 22.01 10.52 10.49
C ASN A 134 21.17 9.25 10.36
N TYR A 135 20.08 9.37 9.63
CA TYR A 135 19.18 8.25 9.41
C TYR A 135 18.45 8.45 8.09
N LYS A 136 17.93 7.38 7.53
CA LYS A 136 17.19 7.47 6.29
C LYS A 136 16.02 6.50 6.36
N LEU A 137 14.81 6.98 6.08
CA LEU A 137 13.62 6.16 6.21
C LEU A 137 13.11 5.65 4.86
N ASN A 138 13.00 4.32 4.75
CA ASN A 138 12.49 3.65 3.56
C ASN A 138 11.49 2.60 4.00
N GLN A 139 10.69 2.05 3.10
CA GLN A 139 9.72 1.02 3.47
C GLN A 139 10.42 -0.26 3.91
N TYR A 140 11.68 -0.38 3.50
CA TYR A 140 12.47 -1.57 3.84
C TYR A 140 13.07 -1.46 5.23
N GLY A 141 12.97 -0.27 5.82
CA GLY A 141 13.50 -0.08 7.16
C GLY A 141 14.19 1.25 7.34
N LEU A 142 15.13 1.29 8.27
CA LEU A 142 15.84 2.52 8.59
C LEU A 142 17.32 2.37 8.24
N PHE A 143 17.78 3.14 7.29
CA PHE A 143 19.16 3.09 6.88
C PHE A 143 20.02 3.99 7.74
N LYS A 144 21.18 3.48 8.12
CA LYS A 144 22.11 4.20 8.95
C LYS A 144 23.52 3.94 8.43
N ASN A 145 24.09 4.92 7.76
CA ASN A 145 25.44 4.79 7.21
C ASN A 145 25.53 3.57 6.28
N GLN A 146 24.69 3.55 5.24
CA GLN A 146 24.66 2.44 4.28
C GLN A 146 24.30 1.09 4.93
N THR A 147 23.85 1.12 6.18
CA THR A 147 23.49 -0.10 6.90
C THR A 147 21.98 -0.16 7.15
N LEU A 148 21.32 -1.20 6.66
CA LEU A 148 19.87 -1.34 6.86
C LEU A 148 19.59 -1.74 8.29
N VAL A 149 18.64 -1.07 8.90
CA VAL A 149 18.28 -1.33 10.29
C VAL A 149 16.78 -1.59 10.41
N PRO A 150 16.39 -2.74 10.99
CA PRO A 150 14.98 -3.09 11.17
C PRO A 150 14.30 -2.29 12.29
N LEU A 151 12.99 -2.25 12.22
CA LEU A 151 12.17 -1.54 13.17
C LEU A 151 12.08 -2.30 14.47
N LYS A 152 11.76 -1.59 15.53
CA LYS A 152 11.62 -2.18 16.83
C LYS A 152 10.22 -2.00 17.38
N ILE A 153 9.25 -1.97 16.47
CA ILE A 153 7.85 -1.80 16.85
C ILE A 153 6.93 -2.68 16.04
N THR A 154 5.65 -2.72 16.42
CA THR A 154 4.69 -3.52 15.71
C THR A 154 3.39 -2.75 15.46
N THR A 155 3.21 -1.61 16.13
CA THR A 155 1.99 -0.82 15.97
C THR A 155 2.26 0.58 15.39
N GLU A 156 1.26 1.13 14.71
CA GLU A 156 1.35 2.44 14.08
C GLU A 156 1.63 3.55 15.08
N LYS A 157 1.02 3.46 16.27
CA LYS A 157 1.23 4.49 17.27
C LYS A 157 2.54 4.25 18.00
N GLU A 158 3.06 3.05 17.83
CA GLU A 158 4.33 2.69 18.44
C GLU A 158 5.43 3.22 17.55
N LEU A 159 5.16 3.20 16.25
CA LEU A 159 6.12 3.69 15.25
C LEU A 159 6.38 5.18 15.46
N ILE A 160 5.32 5.94 15.75
CA ILE A 160 5.46 7.38 15.92
C ILE A 160 6.26 7.67 17.17
N LYS A 161 6.00 6.90 18.23
CA LYS A 161 6.75 7.03 19.48
C LYS A 161 8.20 6.58 19.26
N GLU A 162 8.39 5.61 18.36
CA GLU A 162 9.71 5.10 18.02
C GLU A 162 10.49 6.15 17.22
N LEU A 163 9.79 6.94 16.43
CA LEU A 163 10.44 7.97 15.61
C LEU A 163 10.62 9.27 16.41
N GLY A 164 9.68 9.56 17.29
CA GLY A 164 9.73 10.79 18.06
C GLY A 164 8.79 11.85 17.49
N PHE A 165 7.83 11.39 16.70
CA PHE A 165 6.86 12.29 16.07
C PHE A 165 5.44 12.00 16.55
N THR A 166 4.47 12.75 16.05
CA THR A 166 3.08 12.55 16.45
C THR A 166 2.26 12.14 15.23
N TYR A 167 1.06 11.63 15.47
CA TYR A 167 0.18 11.20 14.38
C TYR A 167 -0.40 12.42 13.68
N ARG A 168 -0.24 12.43 12.37
CA ARG A 168 -0.72 13.52 11.54
C ARG A 168 -1.77 13.02 10.56
N ILE A 169 -2.73 13.87 10.22
CA ILE A 169 -3.79 13.49 9.29
C ILE A 169 -3.57 14.14 7.92
N PRO A 170 -3.94 13.47 6.82
CA PRO A 170 -3.76 14.01 5.48
C PRO A 170 -4.54 15.31 5.25
N LYS A 171 -5.74 15.39 5.83
CA LYS A 171 -6.62 16.56 5.70
C LYS A 171 -5.94 17.84 6.18
N LYS A 172 -5.13 17.75 7.22
CA LYS A 172 -4.43 18.91 7.74
C LYS A 172 -2.94 18.85 7.40
N ARG A 173 -2.64 18.20 6.29
CA ARG A 173 -1.26 18.09 5.84
C ARG A 173 -1.14 18.55 4.38
N LEU A 174 -0.19 17.98 3.62
CA LEU A 174 0.05 18.36 2.23
C LEU A 174 0.34 19.86 2.15
N MET A 1 -13.78 11.16 -11.35
CA MET A 1 -13.93 9.87 -12.06
C MET A 1 -15.01 9.01 -11.41
N LEU A 2 -14.67 8.44 -10.26
CA LEU A 2 -15.58 7.57 -9.53
C LEU A 2 -15.87 8.17 -8.18
N THR A 3 -16.95 7.74 -7.56
CA THR A 3 -17.37 8.26 -6.27
C THR A 3 -16.81 7.45 -5.11
N LEU A 4 -17.05 7.96 -3.89
CA LEU A 4 -16.59 7.28 -2.69
C LEU A 4 -17.27 5.93 -2.55
N ILE A 5 -18.55 5.88 -2.88
CA ILE A 5 -19.31 4.65 -2.79
C ILE A 5 -18.80 3.59 -3.75
N GLN A 6 -18.54 3.98 -5.00
CA GLN A 6 -18.04 3.04 -6.01
C GLN A 6 -16.74 2.42 -5.55
N GLY A 7 -15.74 3.27 -5.33
CA GLY A 7 -14.45 2.82 -4.86
C GLY A 7 -14.51 1.94 -3.63
N LYS A 8 -15.55 2.10 -2.82
CA LYS A 8 -15.69 1.30 -1.62
C LYS A 8 -16.38 0.00 -1.95
N LYS A 9 -17.37 0.07 -2.84
CA LYS A 9 -18.11 -1.09 -3.27
C LYS A 9 -17.18 -2.11 -3.89
N ILE A 10 -16.38 -1.64 -4.82
CA ILE A 10 -15.46 -2.51 -5.50
C ILE A 10 -14.49 -3.13 -4.52
N VAL A 11 -13.75 -2.33 -3.77
CA VAL A 11 -12.81 -2.87 -2.78
C VAL A 11 -13.48 -3.91 -1.89
N ASN A 12 -14.75 -3.68 -1.58
CA ASN A 12 -15.51 -4.60 -0.73
C ASN A 12 -15.72 -5.94 -1.44
N HIS A 13 -16.09 -5.87 -2.70
CA HIS A 13 -16.33 -7.07 -3.52
C HIS A 13 -15.04 -7.53 -4.19
N LEU A 14 -13.99 -6.75 -4.03
CA LEU A 14 -12.70 -7.02 -4.67
C LEU A 14 -11.75 -7.68 -3.70
N ARG A 15 -11.89 -7.38 -2.42
CA ARG A 15 -10.98 -7.95 -1.43
C ARG A 15 -11.40 -9.37 -1.05
N SER A 16 -12.53 -9.82 -1.58
CA SER A 16 -13.03 -11.15 -1.28
C SER A 16 -13.05 -12.01 -2.54
N ARG A 17 -12.68 -11.40 -3.65
CA ARG A 17 -12.64 -12.10 -4.95
C ARG A 17 -11.25 -12.08 -5.54
N LEU A 18 -10.36 -11.38 -4.87
CA LEU A 18 -8.97 -11.27 -5.30
C LEU A 18 -8.24 -12.59 -5.10
N ALA A 19 -7.16 -12.71 -5.83
CA ALA A 19 -6.34 -13.90 -5.78
C ALA A 19 -5.02 -13.64 -6.45
N PHE A 20 -4.17 -14.61 -6.34
CA PHE A 20 -2.86 -14.55 -6.96
C PHE A 20 -2.43 -15.95 -7.33
N GLU A 21 -1.56 -16.03 -8.28
CA GLU A 21 -1.07 -17.32 -8.71
C GLU A 21 0.07 -17.79 -7.80
N TYR A 22 0.44 -19.01 -8.00
CA TYR A 22 1.50 -19.59 -7.23
C TYR A 22 2.04 -20.85 -7.91
N ASN A 23 3.13 -20.68 -8.65
CA ASN A 23 3.78 -21.78 -9.35
C ASN A 23 2.84 -22.48 -10.31
N GLY A 24 1.87 -21.73 -10.81
CA GLY A 24 0.92 -22.29 -11.72
C GLY A 24 -0.42 -22.50 -11.06
N GLN A 25 -0.42 -22.58 -9.74
CA GLN A 25 -1.66 -22.76 -9.00
C GLN A 25 -2.29 -21.40 -8.71
N LEU A 26 -3.40 -21.43 -8.01
CA LEU A 26 -4.10 -20.21 -7.67
C LEU A 26 -4.36 -20.13 -6.18
N ILE A 27 -3.91 -19.04 -5.60
CA ILE A 27 -4.07 -18.79 -4.18
C ILE A 27 -4.76 -17.45 -3.95
N LYS A 28 -5.90 -17.47 -3.30
CA LYS A 28 -6.66 -16.27 -3.04
C LYS A 28 -6.12 -15.50 -1.83
N ILE A 29 -6.60 -14.28 -1.68
CA ILE A 29 -6.22 -13.41 -0.57
C ILE A 29 -7.48 -12.88 0.11
N LEU A 30 -7.36 -12.40 1.34
CA LEU A 30 -8.51 -11.90 2.08
C LEU A 30 -8.32 -10.46 2.51
N SER A 31 -9.32 -9.95 3.22
CA SER A 31 -9.33 -8.60 3.75
C SER A 31 -8.10 -8.35 4.62
N LYS A 32 -7.70 -9.37 5.36
CA LYS A 32 -6.53 -9.31 6.23
C LYS A 32 -5.25 -9.37 5.41
N ASN A 33 -5.32 -8.74 4.27
CA ASN A 33 -4.20 -8.70 3.33
C ASN A 33 -4.31 -7.44 2.46
N ILE A 34 -5.40 -6.70 2.62
CA ILE A 34 -5.65 -5.51 1.81
C ILE A 34 -6.02 -4.32 2.68
N VAL A 35 -5.42 -3.20 2.36
CA VAL A 35 -5.67 -1.95 3.04
C VAL A 35 -5.97 -0.87 2.00
N ALA A 36 -7.13 -0.25 2.12
CA ALA A 36 -7.55 0.78 1.17
C ALA A 36 -6.99 2.15 1.53
N VAL A 37 -6.01 2.61 0.74
CA VAL A 37 -5.40 3.92 0.96
C VAL A 37 -5.70 4.85 -0.21
N GLY A 38 -5.35 6.12 -0.05
CA GLY A 38 -5.57 7.09 -1.10
C GLY A 38 -6.59 8.14 -0.71
N SER A 39 -7.29 8.66 -1.71
CA SER A 39 -8.30 9.69 -1.47
C SER A 39 -9.39 9.20 -0.53
N LEU A 40 -9.76 7.94 -0.71
CA LEU A 40 -10.80 7.32 0.11
C LEU A 40 -10.42 7.32 1.59
N ARG A 41 -9.13 7.32 1.91
CA ARG A 41 -8.68 7.31 3.30
C ARG A 41 -8.40 8.73 3.77
N ARG A 42 -8.63 9.66 2.86
CA ARG A 42 -8.44 11.07 3.11
C ARG A 42 -9.79 11.77 3.11
N GLU A 43 -10.84 10.95 3.12
CA GLU A 43 -12.23 11.40 3.13
C GLU A 43 -12.55 12.29 1.94
N GLU A 44 -12.46 11.73 0.74
CA GLU A 44 -12.74 12.44 -0.48
C GLU A 44 -14.18 12.15 -0.92
N LYS A 45 -14.73 13.03 -1.73
CA LYS A 45 -16.10 12.88 -2.20
C LYS A 45 -16.15 12.16 -3.54
N MET A 46 -15.20 12.48 -4.41
CA MET A 46 -15.13 11.88 -5.73
C MET A 46 -13.68 11.59 -6.09
N LEU A 47 -13.36 10.31 -6.21
CA LEU A 47 -12.01 9.88 -6.52
C LEU A 47 -11.74 9.89 -8.03
N ASN A 48 -10.50 9.61 -8.38
CA ASN A 48 -10.05 9.58 -9.77
C ASN A 48 -9.31 8.28 -10.05
N ASP A 49 -8.74 7.71 -8.99
CA ASP A 49 -7.97 6.48 -9.05
C ASP A 49 -7.96 5.88 -7.64
N VAL A 50 -7.83 4.57 -7.53
CA VAL A 50 -7.85 3.94 -6.23
C VAL A 50 -6.52 3.31 -5.86
N ASP A 51 -6.09 3.56 -4.62
CA ASP A 51 -4.85 3.01 -4.09
C ASP A 51 -5.18 1.87 -3.15
N LEU A 52 -4.33 0.86 -3.15
CA LEU A 52 -4.57 -0.32 -2.32
C LEU A 52 -3.26 -0.94 -1.86
N LEU A 53 -3.13 -1.19 -0.58
CA LEU A 53 -1.93 -1.79 -0.01
C LEU A 53 -2.19 -3.24 0.39
N ILE A 54 -1.33 -4.14 -0.06
CA ILE A 54 -1.44 -5.56 0.26
C ILE A 54 -0.20 -6.00 1.00
N ILE A 55 -0.29 -6.40 2.27
CA ILE A 55 0.88 -6.83 3.01
C ILE A 55 0.96 -8.35 3.07
N VAL A 56 2.16 -8.88 3.00
CA VAL A 56 2.37 -10.32 3.04
C VAL A 56 3.26 -10.68 4.23
N PRO A 57 2.88 -11.73 4.98
CA PRO A 57 3.62 -12.18 6.15
C PRO A 57 4.97 -12.84 5.83
N GLU A 58 5.07 -13.56 4.71
CA GLU A 58 6.30 -14.25 4.38
C GLU A 58 7.20 -13.45 3.46
N LYS A 59 8.45 -13.89 3.41
CA LYS A 59 9.48 -13.29 2.57
C LYS A 59 9.60 -14.13 1.33
N LYS A 60 8.56 -14.93 1.17
CA LYS A 60 8.42 -15.84 0.06
C LYS A 60 7.09 -15.47 -0.56
N LEU A 61 6.01 -15.92 0.08
CA LEU A 61 4.66 -15.51 -0.33
C LEU A 61 4.62 -14.04 -0.76
N LEU A 62 5.51 -13.22 -0.20
CA LEU A 62 5.58 -11.80 -0.57
C LEU A 62 5.96 -11.64 -2.02
N LYS A 63 6.91 -12.43 -2.49
CA LYS A 63 7.38 -12.35 -3.86
C LYS A 63 6.76 -13.40 -4.75
N HIS A 64 5.85 -14.20 -4.20
CA HIS A 64 5.17 -15.21 -5.01
C HIS A 64 3.87 -14.63 -5.49
N VAL A 65 3.51 -13.52 -4.86
CA VAL A 65 2.32 -12.78 -5.21
C VAL A 65 2.65 -11.88 -6.40
N LEU A 66 3.93 -11.53 -6.51
CA LEU A 66 4.41 -10.68 -7.58
C LEU A 66 4.21 -11.31 -8.97
N PRO A 67 4.59 -12.60 -9.16
CA PRO A 67 4.40 -13.29 -10.43
C PRO A 67 3.03 -13.00 -10.99
N ASN A 68 1.99 -13.51 -10.34
CA ASN A 68 0.65 -13.21 -10.81
C ASN A 68 -0.32 -12.96 -9.68
N ILE A 69 -0.96 -11.80 -9.73
CA ILE A 69 -1.96 -11.39 -8.75
C ILE A 69 -3.07 -10.61 -9.48
N ARG A 70 -4.31 -11.09 -9.35
CA ARG A 70 -5.44 -10.46 -10.02
C ARG A 70 -6.73 -11.23 -9.75
N ILE A 71 -7.81 -10.74 -10.32
CA ILE A 71 -9.11 -11.37 -10.18
C ILE A 71 -9.25 -12.47 -11.22
N LYS A 72 -10.17 -13.36 -10.98
CA LYS A 72 -10.39 -14.46 -11.91
C LYS A 72 -11.75 -14.33 -12.54
N GLY A 73 -11.77 -13.81 -13.75
CA GLY A 73 -13.00 -13.64 -14.48
C GLY A 73 -13.41 -12.19 -14.60
N LEU A 74 -12.44 -11.33 -14.87
CA LEU A 74 -12.70 -9.91 -15.03
C LEU A 74 -11.86 -9.29 -16.15
N SER A 75 -11.90 -7.94 -16.19
CA SER A 75 -11.18 -7.17 -17.16
C SER A 75 -10.12 -6.30 -16.50
N PHE A 76 -8.86 -6.56 -16.80
CA PHE A 76 -7.77 -5.79 -16.22
C PHE A 76 -6.48 -5.96 -17.01
N SER A 77 -5.58 -5.01 -16.85
CA SER A 77 -4.28 -5.04 -17.51
C SER A 77 -3.17 -4.91 -16.45
N VAL A 78 -2.35 -5.94 -16.33
CA VAL A 78 -1.28 -5.97 -15.33
C VAL A 78 0.00 -5.30 -15.81
N LYS A 79 0.34 -4.18 -15.20
CA LYS A 79 1.58 -3.47 -15.50
C LYS A 79 2.42 -3.40 -14.24
N VAL A 80 3.71 -3.49 -14.40
CA VAL A 80 4.61 -3.45 -13.25
C VAL A 80 5.13 -2.02 -13.01
N CYS A 81 5.18 -1.62 -11.74
CA CYS A 81 5.68 -0.31 -11.35
C CYS A 81 6.71 -0.48 -10.24
N GLY A 82 7.79 -1.14 -10.60
CA GLY A 82 8.83 -1.42 -9.64
C GLY A 82 8.52 -2.67 -8.85
N GLU A 83 9.42 -3.04 -7.94
CA GLU A 83 9.22 -4.24 -7.14
C GLU A 83 8.39 -3.92 -5.91
N ARG A 84 7.91 -2.69 -5.85
CA ARG A 84 7.11 -2.24 -4.73
C ARG A 84 5.70 -1.81 -5.17
N LYS A 85 5.49 -1.58 -6.46
CA LYS A 85 4.19 -1.13 -6.94
C LYS A 85 3.77 -1.86 -8.20
N CYS A 86 2.47 -1.90 -8.43
CA CYS A 86 1.91 -2.52 -9.63
C CYS A 86 0.69 -1.74 -10.11
N VAL A 87 0.58 -1.55 -11.42
CA VAL A 87 -0.53 -0.81 -11.97
C VAL A 87 -1.44 -1.72 -12.79
N LEU A 88 -2.73 -1.65 -12.50
CA LEU A 88 -3.70 -2.48 -13.20
C LEU A 88 -4.85 -1.62 -13.74
N PHE A 89 -5.34 -1.97 -14.90
CA PHE A 89 -6.43 -1.24 -15.52
C PHE A 89 -7.69 -2.07 -15.46
N ILE A 90 -8.56 -1.78 -14.49
CA ILE A 90 -9.80 -2.53 -14.34
C ILE A 90 -10.88 -1.94 -15.23
N GLU A 91 -11.65 -2.80 -15.88
CA GLU A 91 -12.69 -2.34 -16.79
C GLU A 91 -14.02 -3.01 -16.50
N TRP A 92 -15.04 -2.19 -16.35
CA TRP A 92 -16.39 -2.70 -16.12
C TRP A 92 -17.41 -1.63 -16.48
N GLU A 93 -18.64 -2.06 -16.81
CA GLU A 93 -19.72 -1.16 -17.21
C GLU A 93 -19.31 -0.32 -18.40
N LYS A 94 -18.55 -0.97 -19.31
CA LYS A 94 -18.04 -0.34 -20.52
C LYS A 94 -17.08 0.82 -20.21
N LYS A 95 -16.52 0.82 -19.00
CA LYS A 95 -15.57 1.84 -18.59
C LYS A 95 -14.25 1.19 -18.16
N THR A 96 -13.20 1.99 -18.11
CA THR A 96 -11.86 1.52 -17.74
C THR A 96 -11.21 2.45 -16.74
N TYR A 97 -10.81 1.93 -15.58
CA TYR A 97 -10.18 2.75 -14.53
C TYR A 97 -8.76 2.27 -14.24
N GLN A 98 -8.05 3.03 -13.41
CA GLN A 98 -6.68 2.69 -13.03
C GLN A 98 -6.59 2.28 -11.56
N LEU A 99 -6.02 1.12 -11.29
CA LEU A 99 -5.86 0.64 -9.92
C LEU A 99 -4.38 0.51 -9.59
N ASP A 100 -3.95 1.10 -8.46
CA ASP A 100 -2.55 1.00 -8.06
C ASP A 100 -2.43 0.20 -6.77
N LEU A 101 -1.93 -1.00 -6.87
CA LEU A 101 -1.78 -1.85 -5.67
C LEU A 101 -0.31 -1.98 -5.30
N PHE A 102 -0.04 -2.04 -3.99
CA PHE A 102 1.31 -2.12 -3.50
C PHE A 102 1.48 -3.29 -2.54
N THR A 103 2.28 -4.25 -2.94
CA THR A 103 2.56 -5.40 -2.09
C THR A 103 3.74 -5.07 -1.18
N ALA A 104 3.56 -5.21 0.13
CA ALA A 104 4.61 -4.87 1.08
C ALA A 104 4.75 -5.96 2.14
N LEU A 105 5.86 -5.91 2.88
CA LEU A 105 6.13 -6.88 3.93
C LEU A 105 5.44 -6.46 5.23
N ALA A 106 5.15 -7.46 6.06
CA ALA A 106 4.46 -7.22 7.34
C ALA A 106 5.30 -6.39 8.31
N GLU A 107 6.58 -6.26 8.00
CA GLU A 107 7.48 -5.50 8.85
C GLU A 107 7.52 -4.03 8.45
N GLU A 108 7.21 -3.75 7.18
CA GLU A 108 7.24 -2.38 6.69
C GLU A 108 5.87 -1.72 6.87
N LYS A 109 4.93 -2.52 7.37
CA LYS A 109 3.55 -2.12 7.63
C LYS A 109 3.42 -0.70 8.21
N PRO A 110 4.00 -0.40 9.40
CA PRO A 110 3.90 0.93 10.02
C PRO A 110 4.39 2.05 9.10
N TYR A 111 5.51 1.80 8.41
CA TYR A 111 6.11 2.76 7.50
C TYR A 111 5.22 3.05 6.31
N ALA A 112 4.62 2.00 5.77
CA ALA A 112 3.79 2.13 4.60
C ALA A 112 2.44 2.73 4.93
N ILE A 113 1.83 2.26 6.01
CA ILE A 113 0.53 2.77 6.40
C ILE A 113 0.60 4.27 6.60
N PHE A 114 1.51 4.72 7.46
CA PHE A 114 1.64 6.14 7.73
C PHE A 114 1.93 6.92 6.45
N HIS A 115 2.91 6.45 5.70
CA HIS A 115 3.29 7.10 4.44
C HIS A 115 2.11 7.28 3.49
N PHE A 116 1.25 6.28 3.39
CA PHE A 116 0.13 6.38 2.47
C PHE A 116 -1.09 7.11 3.04
N THR A 117 -1.20 7.20 4.37
CA THR A 117 -2.32 7.87 5.00
C THR A 117 -2.20 9.40 4.90
N GLY A 118 -1.01 9.91 5.16
CA GLY A 118 -0.81 11.34 5.14
C GLY A 118 -0.30 11.83 3.81
N PRO A 119 0.27 13.04 3.78
CA PRO A 119 0.80 13.63 2.58
C PRO A 119 2.27 13.31 2.37
N VAL A 120 2.58 12.81 1.18
CA VAL A 120 3.93 12.46 0.80
C VAL A 120 4.91 13.58 1.14
N SER A 121 4.53 14.80 0.80
CA SER A 121 5.32 16.00 1.10
C SER A 121 5.82 16.03 2.55
N TYR A 122 4.93 15.70 3.49
CA TYR A 122 5.29 15.67 4.90
C TYR A 122 6.30 14.58 5.17
N LEU A 123 6.13 13.46 4.49
CA LEU A 123 7.02 12.32 4.62
C LEU A 123 8.47 12.68 4.33
N ILE A 124 8.71 13.38 3.23
CA ILE A 124 10.08 13.80 2.90
C ILE A 124 10.67 14.61 4.08
N ARG A 125 9.89 15.58 4.51
CA ARG A 125 10.22 16.45 5.67
C ARG A 125 10.67 15.62 6.87
N ILE A 126 10.31 14.36 6.84
CA ILE A 126 10.67 13.43 7.88
C ILE A 126 11.87 12.60 7.43
N ARG A 127 11.93 12.32 6.12
CA ARG A 127 13.03 11.56 5.55
C ARG A 127 14.35 12.26 5.85
N ALA A 128 14.47 13.48 5.37
CA ALA A 128 15.67 14.28 5.64
C ALA A 128 15.91 14.40 7.14
N ALA A 129 14.82 14.69 7.84
CA ALA A 129 14.83 14.82 9.30
C ALA A 129 15.68 13.70 9.91
N LEU A 130 15.42 12.48 9.45
CA LEU A 130 16.16 11.31 9.89
C LEU A 130 17.56 11.26 9.26
N LYS A 131 17.66 11.62 7.99
CA LYS A 131 18.93 11.61 7.25
C LYS A 131 19.90 12.67 7.75
N LYS A 132 19.50 13.44 8.73
CA LYS A 132 20.38 14.45 9.30
C LYS A 132 21.14 13.77 10.40
N LYS A 133 20.58 12.66 10.83
CA LYS A 133 21.15 11.83 11.87
C LYS A 133 21.70 10.57 11.22
N ASN A 134 21.77 10.63 9.88
CA ASN A 134 22.25 9.52 9.07
C ASN A 134 21.34 8.31 9.24
N TYR A 135 20.09 8.52 8.89
CA TYR A 135 19.09 7.48 8.99
C TYR A 135 18.29 7.44 7.70
N LYS A 136 18.12 6.25 7.15
CA LYS A 136 17.35 6.10 5.93
C LYS A 136 16.15 5.21 6.18
N LEU A 137 14.96 5.78 6.01
CA LEU A 137 13.74 5.04 6.23
C LEU A 137 13.19 4.58 4.90
N ASN A 138 13.02 3.28 4.73
CA ASN A 138 12.53 2.76 3.47
C ASN A 138 11.58 1.59 3.66
N GLN A 139 11.08 1.10 2.54
CA GLN A 139 10.14 -0.01 2.48
C GLN A 139 10.79 -1.35 2.85
N TYR A 140 12.00 -1.30 3.40
CA TYR A 140 12.71 -2.52 3.79
C TYR A 140 13.25 -2.39 5.20
N GLY A 141 13.12 -1.20 5.76
CA GLY A 141 13.58 -0.99 7.12
C GLY A 141 14.27 0.34 7.29
N LEU A 142 15.20 0.39 8.23
CA LEU A 142 15.95 1.59 8.51
C LEU A 142 17.42 1.37 8.19
N PHE A 143 17.94 2.06 7.21
CA PHE A 143 19.33 1.88 6.84
C PHE A 143 20.19 2.92 7.54
N LYS A 144 21.03 2.45 8.44
CA LYS A 144 21.93 3.32 9.18
C LYS A 144 23.37 3.03 8.78
N ASN A 145 23.89 3.87 7.89
CA ASN A 145 25.26 3.72 7.40
C ASN A 145 25.46 2.33 6.80
N GLN A 146 24.57 1.99 5.86
CA GLN A 146 24.56 0.70 5.15
C GLN A 146 24.08 -0.45 6.03
N THR A 147 23.82 -0.18 7.30
CA THR A 147 23.37 -1.22 8.20
C THR A 147 21.85 -1.21 8.32
N LEU A 148 21.21 -2.26 7.79
CA LEU A 148 19.76 -2.36 7.88
C LEU A 148 19.36 -2.65 9.32
N VAL A 149 18.42 -1.88 9.79
CA VAL A 149 17.90 -1.98 11.15
C VAL A 149 16.39 -2.20 11.10
N PRO A 150 15.89 -3.16 11.88
CA PRO A 150 14.47 -3.47 11.95
C PRO A 150 13.69 -2.50 12.85
N LEU A 151 12.42 -2.78 13.02
CA LEU A 151 11.57 -1.94 13.84
C LEU A 151 11.14 -2.68 15.10
N LYS A 152 10.62 -1.94 16.06
CA LYS A 152 10.15 -2.52 17.30
C LYS A 152 8.72 -2.10 17.52
N ILE A 153 8.04 -1.86 16.43
CA ILE A 153 6.64 -1.43 16.47
C ILE A 153 5.84 -2.12 15.40
N THR A 154 4.53 -2.10 15.54
CA THR A 154 3.66 -2.72 14.55
C THR A 154 2.34 -1.95 14.46
N THR A 155 2.29 -0.83 15.17
CA THR A 155 1.09 -0.01 15.21
C THR A 155 1.39 1.44 14.84
N GLU A 156 0.38 2.07 14.26
CA GLU A 156 0.45 3.44 13.79
C GLU A 156 0.92 4.41 14.87
N LYS A 157 0.27 4.38 16.04
CA LYS A 157 0.64 5.29 17.12
C LYS A 157 1.91 4.86 17.82
N GLU A 158 2.31 3.62 17.61
CA GLU A 158 3.55 3.14 18.19
C GLU A 158 4.72 3.66 17.36
N LEU A 159 4.51 3.65 16.04
CA LEU A 159 5.51 4.14 15.11
C LEU A 159 5.88 5.60 15.39
N ILE A 160 4.86 6.42 15.66
CA ILE A 160 5.08 7.84 15.91
C ILE A 160 5.87 8.04 17.20
N LYS A 161 5.56 7.26 18.24
CA LYS A 161 6.29 7.36 19.50
C LYS A 161 7.71 6.81 19.35
N GLU A 162 7.85 5.82 18.47
CA GLU A 162 9.15 5.20 18.17
C GLU A 162 10.03 6.17 17.40
N LEU A 163 9.41 6.98 16.55
CA LEU A 163 10.13 7.96 15.75
C LEU A 163 10.39 9.25 16.54
N GLY A 164 9.46 9.58 17.43
CA GLY A 164 9.59 10.78 18.23
C GLY A 164 8.88 11.96 17.61
N PHE A 165 7.76 11.68 16.96
CA PHE A 165 6.96 12.71 16.31
C PHE A 165 5.49 12.56 16.69
N THR A 166 4.65 13.40 16.12
CA THR A 166 3.23 13.34 16.41
C THR A 166 2.45 12.88 15.18
N TYR A 167 1.20 12.53 15.40
CA TYR A 167 0.33 12.06 14.33
C TYR A 167 -0.23 13.23 13.51
N ARG A 168 -0.06 13.14 12.21
CA ARG A 168 -0.54 14.16 11.28
C ARG A 168 -1.63 13.61 10.37
N ILE A 169 -2.54 14.48 9.95
CA ILE A 169 -3.62 14.07 9.07
C ILE A 169 -3.48 14.70 7.69
N PRO A 170 -3.91 13.98 6.65
CA PRO A 170 -3.83 14.47 5.28
C PRO A 170 -4.75 15.68 5.03
N LYS A 171 -5.91 15.66 5.67
CA LYS A 171 -6.90 16.73 5.57
C LYS A 171 -6.32 18.13 5.82
N LYS A 172 -5.33 18.21 6.70
CA LYS A 172 -4.73 19.49 7.04
C LYS A 172 -3.39 19.70 6.35
N ARG A 173 -2.76 18.60 5.92
CA ARG A 173 -1.47 18.63 5.21
C ARG A 173 -0.32 19.04 6.13
N LEU A 174 0.81 18.34 6.00
CA LEU A 174 2.03 18.60 6.79
C LEU A 174 1.71 18.90 8.25
N MET A 1 -14.18 11.24 -11.63
CA MET A 1 -14.27 9.89 -12.24
C MET A 1 -15.28 9.03 -11.52
N LEU A 2 -14.98 8.67 -10.27
CA LEU A 2 -15.87 7.85 -9.48
C LEU A 2 -16.01 8.42 -8.08
N THR A 3 -17.03 7.97 -7.38
CA THR A 3 -17.29 8.44 -6.03
C THR A 3 -16.72 7.47 -5.00
N LEU A 4 -16.68 7.89 -3.75
CA LEU A 4 -16.17 7.08 -2.66
C LEU A 4 -17.05 5.84 -2.49
N ILE A 5 -18.34 5.98 -2.75
CA ILE A 5 -19.27 4.87 -2.61
C ILE A 5 -19.01 3.77 -3.65
N GLN A 6 -18.70 4.16 -4.88
CA GLN A 6 -18.44 3.20 -5.94
C GLN A 6 -17.19 2.41 -5.63
N GLY A 7 -16.09 3.14 -5.44
CA GLY A 7 -14.81 2.54 -5.10
C GLY A 7 -14.85 1.67 -3.86
N LYS A 8 -15.87 1.85 -3.02
CA LYS A 8 -16.00 1.05 -1.81
C LYS A 8 -16.80 -0.19 -2.13
N LYS A 9 -17.81 -0.01 -2.95
CA LYS A 9 -18.67 -1.12 -3.37
C LYS A 9 -17.86 -2.15 -4.14
N ILE A 10 -17.06 -1.68 -5.10
CA ILE A 10 -16.24 -2.58 -5.88
C ILE A 10 -15.22 -3.26 -4.99
N VAL A 11 -14.41 -2.48 -4.30
CA VAL A 11 -13.40 -3.03 -3.40
C VAL A 11 -13.99 -4.09 -2.47
N ASN A 12 -15.25 -3.90 -2.09
CA ASN A 12 -15.93 -4.83 -1.20
C ASN A 12 -16.13 -6.19 -1.89
N HIS A 13 -16.60 -6.14 -3.14
CA HIS A 13 -16.82 -7.35 -3.93
C HIS A 13 -15.58 -7.73 -4.75
N LEU A 14 -14.57 -6.88 -4.63
CA LEU A 14 -13.31 -7.08 -5.34
C LEU A 14 -12.29 -7.74 -4.45
N ARG A 15 -12.42 -7.54 -3.14
CA ARG A 15 -11.49 -8.11 -2.19
C ARG A 15 -11.86 -9.53 -1.78
N SER A 16 -13.01 -9.99 -2.22
CA SER A 16 -13.47 -11.34 -1.91
C SER A 16 -13.24 -12.24 -3.12
N ARG A 17 -13.12 -11.60 -4.27
CA ARG A 17 -12.88 -12.28 -5.54
C ARG A 17 -11.40 -12.27 -5.86
N LEU A 18 -10.62 -11.61 -5.01
CA LEU A 18 -9.17 -11.51 -5.18
C LEU A 18 -8.51 -12.86 -4.97
N ALA A 19 -7.34 -12.99 -5.56
CA ALA A 19 -6.55 -14.21 -5.49
C ALA A 19 -5.21 -14.02 -6.18
N PHE A 20 -4.39 -15.04 -6.11
CA PHE A 20 -3.09 -15.02 -6.78
C PHE A 20 -2.78 -16.41 -7.32
N GLU A 21 -2.00 -16.47 -8.39
CA GLU A 21 -1.67 -17.75 -9.02
C GLU A 21 -0.22 -18.11 -8.77
N TYR A 22 0.00 -19.18 -8.01
CA TYR A 22 1.33 -19.65 -7.67
C TYR A 22 1.61 -21.00 -8.33
N ASN A 23 2.61 -21.05 -9.21
CA ASN A 23 3.01 -22.27 -9.91
C ASN A 23 1.84 -22.86 -10.72
N GLY A 24 0.87 -22.01 -11.05
CA GLY A 24 -0.28 -22.45 -11.80
C GLY A 24 -1.46 -22.73 -10.90
N GLN A 25 -1.22 -22.85 -9.59
CA GLN A 25 -2.27 -23.09 -8.63
C GLN A 25 -2.90 -21.77 -8.27
N LEU A 26 -4.13 -21.82 -7.78
CA LEU A 26 -4.84 -20.61 -7.41
C LEU A 26 -4.94 -20.52 -5.91
N ILE A 27 -4.57 -19.39 -5.38
CA ILE A 27 -4.60 -19.16 -3.94
C ILE A 27 -5.27 -17.82 -3.68
N LYS A 28 -6.45 -17.82 -3.08
CA LYS A 28 -7.16 -16.59 -2.82
C LYS A 28 -6.59 -15.88 -1.61
N ILE A 29 -6.92 -14.61 -1.47
CA ILE A 29 -6.44 -13.83 -0.34
C ILE A 29 -7.62 -13.33 0.49
N LEU A 30 -7.33 -12.80 1.67
CA LEU A 30 -8.35 -12.30 2.54
C LEU A 30 -8.22 -10.79 2.66
N SER A 31 -9.37 -10.14 2.71
CA SER A 31 -9.45 -8.69 2.81
C SER A 31 -8.59 -8.12 3.93
N LYS A 32 -8.35 -8.91 4.98
CA LYS A 32 -7.57 -8.47 6.13
C LYS A 32 -6.17 -7.99 5.77
N ASN A 33 -5.62 -8.51 4.69
CA ASN A 33 -4.28 -8.13 4.29
C ASN A 33 -4.33 -7.00 3.27
N ILE A 34 -5.42 -6.27 3.29
CA ILE A 34 -5.64 -5.17 2.36
C ILE A 34 -6.03 -3.89 3.09
N VAL A 35 -5.40 -2.79 2.71
CA VAL A 35 -5.68 -1.49 3.31
C VAL A 35 -5.91 -0.47 2.20
N ALA A 36 -7.04 0.21 2.24
CA ALA A 36 -7.40 1.19 1.22
C ALA A 36 -6.74 2.55 1.48
N VAL A 37 -5.89 2.99 0.55
CA VAL A 37 -5.20 4.27 0.70
C VAL A 37 -5.52 5.20 -0.47
N GLY A 38 -5.41 6.48 -0.23
CA GLY A 38 -5.68 7.45 -1.27
C GLY A 38 -6.84 8.35 -0.90
N SER A 39 -7.46 8.95 -1.92
CA SER A 39 -8.57 9.87 -1.72
C SER A 39 -9.73 9.21 -0.96
N LEU A 40 -9.96 7.94 -1.22
CA LEU A 40 -11.03 7.21 -0.54
C LEU A 40 -10.80 7.13 0.97
N ARG A 41 -9.53 7.20 1.36
CA ARG A 41 -9.17 7.16 2.77
C ARG A 41 -9.08 8.59 3.32
N ARG A 42 -9.24 9.54 2.40
CA ARG A 42 -9.17 10.94 2.74
C ARG A 42 -10.56 11.56 2.70
N GLU A 43 -11.56 10.68 2.65
CA GLU A 43 -12.97 11.07 2.60
C GLU A 43 -13.26 12.02 1.46
N GLU A 44 -12.74 11.71 0.28
CA GLU A 44 -12.93 12.54 -0.87
C GLU A 44 -14.30 12.28 -1.48
N LYS A 45 -14.94 13.35 -1.95
CA LYS A 45 -16.26 13.26 -2.54
C LYS A 45 -16.21 12.59 -3.92
N MET A 46 -15.14 12.85 -4.66
CA MET A 46 -14.99 12.25 -5.99
C MET A 46 -13.53 12.07 -6.34
N LEU A 47 -13.15 10.84 -6.62
CA LEU A 47 -11.76 10.52 -6.97
C LEU A 47 -11.60 10.21 -8.45
N ASN A 48 -10.40 9.75 -8.79
CA ASN A 48 -10.05 9.40 -10.17
C ASN A 48 -9.65 7.95 -10.25
N ASP A 49 -8.84 7.53 -9.30
CA ASP A 49 -8.35 6.16 -9.24
C ASP A 49 -8.36 5.67 -7.80
N VAL A 50 -8.13 4.38 -7.60
CA VAL A 50 -8.11 3.80 -6.27
C VAL A 50 -6.76 3.15 -5.99
N ASP A 51 -6.25 3.36 -4.79
CA ASP A 51 -4.97 2.81 -4.38
C ASP A 51 -5.17 1.88 -3.18
N LEU A 52 -4.53 0.72 -3.19
CA LEU A 52 -4.67 -0.20 -2.07
C LEU A 52 -3.34 -0.84 -1.74
N LEU A 53 -3.19 -1.18 -0.48
CA LEU A 53 -1.99 -1.83 -0.02
C LEU A 53 -2.34 -3.24 0.45
N ILE A 54 -1.48 -4.18 0.11
CA ILE A 54 -1.66 -5.57 0.52
C ILE A 54 -0.41 -5.97 1.24
N ILE A 55 -0.50 -6.34 2.49
CA ILE A 55 0.69 -6.72 3.22
C ILE A 55 0.79 -8.23 3.25
N VAL A 56 1.99 -8.75 3.15
CA VAL A 56 2.19 -10.19 3.13
C VAL A 56 3.06 -10.63 4.30
N PRO A 57 2.62 -11.68 5.01
CA PRO A 57 3.34 -12.21 6.17
C PRO A 57 4.68 -12.89 5.83
N GLU A 58 4.74 -13.61 4.71
CA GLU A 58 5.97 -14.29 4.35
C GLU A 58 6.84 -13.43 3.45
N LYS A 59 8.12 -13.74 3.48
CA LYS A 59 9.12 -13.06 2.67
C LYS A 59 9.28 -13.85 1.39
N LYS A 60 8.26 -14.64 1.19
CA LYS A 60 8.15 -15.53 0.07
C LYS A 60 6.84 -15.17 -0.60
N LEU A 61 5.75 -15.67 -0.02
CA LEU A 61 4.40 -15.29 -0.45
C LEU A 61 4.32 -13.82 -0.90
N LEU A 62 5.21 -12.99 -0.36
CA LEU A 62 5.27 -11.58 -0.72
C LEU A 62 5.66 -11.36 -2.18
N LYS A 63 6.55 -12.21 -2.69
CA LYS A 63 7.00 -12.07 -4.07
C LYS A 63 6.38 -13.15 -4.95
N HIS A 64 5.68 -14.09 -4.34
CA HIS A 64 5.03 -15.16 -5.11
C HIS A 64 3.73 -14.65 -5.69
N VAL A 65 3.23 -13.59 -5.08
CA VAL A 65 2.00 -12.95 -5.54
C VAL A 65 2.32 -12.00 -6.68
N LEU A 66 3.60 -11.73 -6.85
CA LEU A 66 4.07 -10.83 -7.89
C LEU A 66 3.77 -11.36 -9.29
N PRO A 67 4.14 -12.62 -9.62
CA PRO A 67 3.84 -13.20 -10.93
C PRO A 67 2.37 -13.00 -11.32
N ASN A 68 1.47 -13.57 -10.52
CA ASN A 68 0.06 -13.45 -10.81
C ASN A 68 -0.77 -13.15 -9.57
N ILE A 69 -1.42 -11.99 -9.58
CA ILE A 69 -2.29 -11.57 -8.50
C ILE A 69 -3.41 -10.70 -9.10
N ARG A 70 -4.64 -11.19 -9.05
CA ARG A 70 -5.77 -10.46 -9.62
C ARG A 70 -7.08 -11.20 -9.40
N ILE A 71 -8.09 -10.74 -10.09
CA ILE A 71 -9.41 -11.33 -10.04
C ILE A 71 -9.55 -12.38 -11.13
N LYS A 72 -10.63 -13.12 -11.09
CA LYS A 72 -10.89 -14.16 -12.07
C LYS A 72 -12.14 -13.82 -12.90
N GLY A 73 -11.97 -13.80 -14.22
CA GLY A 73 -13.08 -13.52 -15.11
C GLY A 73 -13.44 -12.05 -15.24
N LEU A 74 -12.44 -11.18 -15.26
CA LEU A 74 -12.72 -9.75 -15.41
C LEU A 74 -11.94 -9.13 -16.58
N SER A 75 -11.85 -7.82 -16.53
CA SER A 75 -11.15 -7.05 -17.57
C SER A 75 -10.07 -6.20 -16.94
N PHE A 76 -8.81 -6.59 -17.14
CA PHE A 76 -7.69 -5.87 -16.58
C PHE A 76 -6.38 -6.21 -17.29
N SER A 77 -5.36 -5.42 -17.00
CA SER A 77 -4.04 -5.61 -17.56
C SER A 77 -3.01 -5.47 -16.42
N VAL A 78 -2.10 -6.41 -16.30
CA VAL A 78 -1.11 -6.39 -15.24
C VAL A 78 0.20 -5.71 -15.68
N LYS A 79 0.50 -4.59 -15.06
CA LYS A 79 1.74 -3.85 -15.34
C LYS A 79 2.61 -3.85 -14.09
N VAL A 80 3.92 -3.79 -14.25
CA VAL A 80 4.79 -3.80 -13.08
C VAL A 80 5.54 -2.49 -12.87
N CYS A 81 5.46 -1.98 -11.65
CA CYS A 81 6.15 -0.75 -11.28
C CYS A 81 7.16 -1.06 -10.19
N GLY A 82 8.22 -1.76 -10.55
CA GLY A 82 9.23 -2.13 -9.59
C GLY A 82 8.82 -3.39 -8.86
N GLU A 83 9.64 -3.83 -7.93
CA GLU A 83 9.34 -5.03 -7.16
C GLU A 83 8.55 -4.69 -5.90
N ARG A 84 8.23 -3.42 -5.74
CA ARG A 84 7.50 -2.94 -4.60
C ARG A 84 6.14 -2.35 -4.98
N LYS A 85 5.91 -2.15 -6.28
CA LYS A 85 4.65 -1.56 -6.73
C LYS A 85 4.12 -2.26 -7.97
N CYS A 86 2.79 -2.34 -8.08
CA CYS A 86 2.16 -2.98 -9.22
C CYS A 86 0.95 -2.15 -9.68
N VAL A 87 0.81 -1.98 -10.98
CA VAL A 87 -0.31 -1.20 -11.52
C VAL A 87 -1.20 -2.05 -12.42
N LEU A 88 -2.49 -2.01 -12.17
CA LEU A 88 -3.45 -2.77 -12.97
C LEU A 88 -4.52 -1.85 -13.52
N PHE A 89 -4.86 -2.05 -14.78
CA PHE A 89 -5.88 -1.24 -15.43
C PHE A 89 -7.15 -2.09 -15.54
N ILE A 90 -8.16 -1.72 -14.76
CA ILE A 90 -9.41 -2.46 -14.78
C ILE A 90 -10.50 -1.71 -15.53
N GLU A 91 -11.49 -2.46 -16.02
CA GLU A 91 -12.59 -1.89 -16.76
C GLU A 91 -13.94 -2.30 -16.17
N TRP A 92 -14.82 -1.32 -15.97
CA TRP A 92 -16.17 -1.61 -15.45
C TRP A 92 -17.22 -0.78 -16.18
N GLU A 93 -18.33 -1.43 -16.55
CA GLU A 93 -19.43 -0.77 -17.26
C GLU A 93 -18.92 -0.02 -18.48
N LYS A 94 -18.07 -0.71 -19.26
CA LYS A 94 -17.46 -0.19 -20.48
C LYS A 94 -16.51 0.97 -20.19
N LYS A 95 -16.25 1.21 -18.90
CA LYS A 95 -15.34 2.27 -18.51
C LYS A 95 -13.98 1.67 -18.23
N THR A 96 -12.98 2.53 -18.16
CA THR A 96 -11.62 2.08 -17.95
C THR A 96 -10.91 2.90 -16.86
N TYR A 97 -10.65 2.28 -15.72
CA TYR A 97 -9.97 2.98 -14.63
C TYR A 97 -8.61 2.34 -14.35
N GLN A 98 -7.86 2.94 -13.43
CA GLN A 98 -6.54 2.43 -13.07
C GLN A 98 -6.49 2.11 -11.58
N LEU A 99 -5.88 0.97 -11.26
CA LEU A 99 -5.73 0.53 -9.89
C LEU A 99 -4.27 0.44 -9.51
N ASP A 100 -3.92 1.05 -8.38
CA ASP A 100 -2.55 1.04 -7.90
C ASP A 100 -2.46 0.26 -6.59
N LEU A 101 -1.90 -0.93 -6.66
CA LEU A 101 -1.77 -1.76 -5.47
C LEU A 101 -0.31 -1.87 -5.06
N PHE A 102 -0.06 -1.91 -3.76
CA PHE A 102 1.30 -1.99 -3.25
C PHE A 102 1.43 -3.16 -2.28
N THR A 103 2.30 -4.09 -2.63
CA THR A 103 2.56 -5.27 -1.81
C THR A 103 3.76 -5.04 -0.92
N ALA A 104 3.60 -5.21 0.39
CA ALA A 104 4.71 -5.01 1.32
C ALA A 104 4.74 -6.09 2.37
N LEU A 105 5.76 -6.09 3.21
CA LEU A 105 5.90 -7.10 4.25
C LEU A 105 5.23 -6.68 5.54
N ALA A 106 4.91 -7.68 6.36
CA ALA A 106 4.26 -7.46 7.64
C ALA A 106 5.07 -6.56 8.55
N GLU A 107 6.38 -6.64 8.38
CA GLU A 107 7.31 -5.83 9.18
C GLU A 107 7.35 -4.40 8.67
N GLU A 108 6.98 -4.19 7.41
CA GLU A 108 6.98 -2.86 6.82
C GLU A 108 5.63 -2.17 7.05
N LYS A 109 4.66 -2.94 7.57
CA LYS A 109 3.29 -2.47 7.82
C LYS A 109 3.23 -1.06 8.45
N PRO A 110 3.83 -0.81 9.63
CA PRO A 110 3.78 0.51 10.26
C PRO A 110 4.36 1.60 9.36
N TYR A 111 5.50 1.31 8.74
CA TYR A 111 6.18 2.25 7.86
C TYR A 111 5.32 2.60 6.65
N ALA A 112 4.71 1.58 6.08
CA ALA A 112 3.90 1.75 4.88
C ALA A 112 2.61 2.44 5.18
N ILE A 113 1.95 2.03 6.25
CA ILE A 113 0.69 2.63 6.61
C ILE A 113 0.86 4.11 6.88
N PHE A 114 1.82 4.48 7.73
CA PHE A 114 2.04 5.88 8.02
C PHE A 114 2.37 6.67 6.75
N HIS A 115 3.34 6.17 5.98
CA HIS A 115 3.74 6.82 4.73
C HIS A 115 2.56 7.07 3.80
N PHE A 116 1.69 6.08 3.67
CA PHE A 116 0.54 6.19 2.77
C PHE A 116 -0.69 6.84 3.39
N THR A 117 -0.71 7.02 4.71
CA THR A 117 -1.86 7.64 5.37
C THR A 117 -2.24 9.00 4.80
N GLY A 118 -1.26 9.86 4.57
CA GLY A 118 -1.59 11.15 4.07
C GLY A 118 -0.64 11.71 3.05
N PRO A 119 -0.02 12.83 3.37
CA PRO A 119 0.89 13.53 2.47
C PRO A 119 2.18 12.81 2.19
N VAL A 120 2.80 13.26 1.13
CA VAL A 120 4.08 12.73 0.70
C VAL A 120 5.15 13.71 1.13
N SER A 121 4.88 14.99 0.88
CA SER A 121 5.77 16.07 1.27
C SER A 121 6.22 15.95 2.73
N TYR A 122 5.27 15.68 3.63
CA TYR A 122 5.58 15.53 5.04
C TYR A 122 6.58 14.40 5.25
N LEU A 123 6.34 13.30 4.55
CA LEU A 123 7.19 12.13 4.65
C LEU A 123 8.62 12.45 4.30
N ILE A 124 8.85 13.06 3.16
CA ILE A 124 10.20 13.42 2.76
C ILE A 124 10.82 14.40 3.75
N ARG A 125 10.13 15.53 3.96
CA ARG A 125 10.57 16.57 4.91
C ARG A 125 11.14 15.92 6.16
N ILE A 126 10.42 14.96 6.62
CA ILE A 126 10.79 14.20 7.80
C ILE A 126 11.99 13.29 7.49
N ARG A 127 11.95 12.66 6.33
CA ARG A 127 13.01 11.77 5.90
C ARG A 127 14.33 12.52 5.78
N ALA A 128 14.32 13.60 5.03
CA ALA A 128 15.48 14.43 4.82
C ALA A 128 16.08 14.96 6.10
N ALA A 129 15.32 15.08 7.18
CA ALA A 129 15.87 15.60 8.41
C ALA A 129 16.48 14.46 9.21
N LEU A 130 15.89 13.28 9.04
CA LEU A 130 16.38 12.07 9.68
C LEU A 130 17.80 11.82 9.25
N LYS A 131 18.10 12.09 7.97
CA LYS A 131 19.44 11.92 7.46
C LYS A 131 20.36 12.81 8.24
N LYS A 132 20.05 14.10 8.23
CA LYS A 132 20.78 15.07 9.05
C LYS A 132 21.00 14.57 10.49
N LYS A 133 20.11 13.69 10.96
CA LYS A 133 20.20 13.13 12.30
C LYS A 133 21.04 11.85 12.30
N ASN A 134 21.65 11.55 11.14
CA ASN A 134 22.52 10.39 10.95
C ASN A 134 21.69 9.11 10.77
N TYR A 135 20.55 9.22 10.09
CA TYR A 135 19.69 8.06 9.85
C TYR A 135 18.94 8.21 8.52
N LYS A 136 18.51 7.11 7.95
CA LYS A 136 17.76 7.15 6.72
C LYS A 136 16.56 6.25 6.84
N LEU A 137 15.39 6.80 6.58
CA LEU A 137 14.15 6.05 6.71
C LEU A 137 13.64 5.61 5.35
N ASN A 138 13.56 4.29 5.15
CA ASN A 138 13.08 3.73 3.91
C ASN A 138 12.05 2.66 4.20
N GLN A 139 11.40 2.17 3.16
CA GLN A 139 10.38 1.14 3.30
C GLN A 139 10.98 -0.16 3.83
N TYR A 140 12.28 -0.33 3.65
CA TYR A 140 12.95 -1.55 4.08
C TYR A 140 13.46 -1.44 5.52
N GLY A 141 13.38 -0.24 6.08
CA GLY A 141 13.82 -0.06 7.45
C GLY A 141 14.55 1.23 7.73
N LEU A 142 15.42 1.20 8.73
CA LEU A 142 16.19 2.36 9.14
C LEU A 142 17.66 2.19 8.78
N PHE A 143 18.13 2.93 7.80
CA PHE A 143 19.52 2.81 7.38
C PHE A 143 20.41 3.80 8.11
N LYS A 144 21.34 3.27 8.90
CA LYS A 144 22.30 4.08 9.62
C LYS A 144 23.64 4.04 8.89
N ASN A 145 23.77 4.93 7.91
CA ASN A 145 25.01 5.02 7.11
C ASN A 145 25.42 3.66 6.54
N GLN A 146 24.58 3.16 5.62
CA GLN A 146 24.81 1.88 4.95
C GLN A 146 24.48 0.70 5.87
N THR A 147 24.16 0.99 7.12
CA THR A 147 23.84 -0.07 8.07
C THR A 147 22.33 -0.18 8.25
N LEU A 148 21.75 -1.21 7.67
CA LEU A 148 20.31 -1.41 7.79
C LEU A 148 19.96 -1.82 9.21
N VAL A 149 18.92 -1.21 9.73
CA VAL A 149 18.45 -1.49 11.07
C VAL A 149 16.94 -1.75 11.04
N PRO A 150 16.51 -2.91 11.54
CA PRO A 150 15.09 -3.28 11.57
C PRO A 150 14.34 -2.52 12.67
N LEU A 151 13.03 -2.50 12.55
CA LEU A 151 12.18 -1.82 13.49
C LEU A 151 11.74 -2.76 14.60
N LYS A 152 11.63 -2.23 15.81
CA LYS A 152 11.19 -3.03 16.96
C LYS A 152 9.75 -2.71 17.30
N ILE A 153 8.98 -2.38 16.28
CA ILE A 153 7.58 -2.03 16.46
C ILE A 153 6.71 -2.76 15.45
N THR A 154 5.41 -2.72 15.65
CA THR A 154 4.48 -3.35 14.73
C THR A 154 3.14 -2.62 14.71
N THR A 155 3.05 -1.53 15.47
CA THR A 155 1.82 -0.75 15.52
C THR A 155 2.07 0.70 15.08
N GLU A 156 1.08 1.24 14.39
CA GLU A 156 1.13 2.60 13.86
C GLU A 156 1.50 3.63 14.93
N LYS A 157 0.84 3.55 16.09
CA LYS A 157 1.11 4.46 17.19
C LYS A 157 2.46 4.18 17.83
N GLU A 158 2.94 2.96 17.67
CA GLU A 158 4.21 2.57 18.24
C GLU A 158 5.34 3.18 17.41
N LEU A 159 5.15 3.15 16.11
CA LEU A 159 6.14 3.69 15.18
C LEU A 159 6.33 5.19 15.38
N ILE A 160 5.24 5.94 15.56
CA ILE A 160 5.32 7.39 15.71
C ILE A 160 6.09 7.78 16.97
N LYS A 161 5.87 7.05 18.06
CA LYS A 161 6.57 7.34 19.30
C LYS A 161 7.97 6.75 19.26
N GLU A 162 8.17 5.73 18.44
CA GLU A 162 9.47 5.12 18.28
C GLU A 162 10.37 6.06 17.47
N LEU A 163 9.74 6.77 16.53
CA LEU A 163 10.46 7.73 15.70
C LEU A 163 10.66 9.03 16.46
N GLY A 164 9.72 9.32 17.36
CA GLY A 164 9.79 10.54 18.14
C GLY A 164 9.02 11.66 17.46
N PHE A 165 8.01 11.27 16.73
CA PHE A 165 7.17 12.21 16.00
C PHE A 165 5.73 12.05 16.46
N THR A 166 4.80 12.58 15.69
CA THR A 166 3.39 12.49 16.03
C THR A 166 2.57 12.04 14.83
N TYR A 167 1.37 11.53 15.09
CA TYR A 167 0.49 11.06 14.03
C TYR A 167 -0.35 12.21 13.48
N ARG A 168 -0.13 12.56 12.22
CA ARG A 168 -0.87 13.62 11.58
C ARG A 168 -1.94 13.09 10.65
N ILE A 169 -2.91 13.93 10.34
CA ILE A 169 -3.99 13.55 9.46
C ILE A 169 -3.81 14.16 8.07
N PRO A 170 -4.28 13.46 7.02
CA PRO A 170 -4.16 13.92 5.63
C PRO A 170 -4.88 15.23 5.37
N LYS A 171 -6.12 15.29 5.86
CA LYS A 171 -7.01 16.44 5.69
C LYS A 171 -6.35 17.78 6.04
N LYS A 172 -5.43 17.77 6.99
CA LYS A 172 -4.77 18.99 7.41
C LYS A 172 -3.44 19.21 6.68
N ARG A 173 -2.92 18.12 6.09
CA ARG A 173 -1.66 18.14 5.33
C ARG A 173 -0.44 18.43 6.21
N LEU A 174 0.66 17.73 5.93
CA LEU A 174 1.91 17.85 6.67
C LEU A 174 1.67 17.86 8.17
N MET A 1 -12.76 10.69 -11.46
CA MET A 1 -13.45 9.64 -12.25
C MET A 1 -14.58 9.03 -11.46
N LEU A 2 -14.24 8.54 -10.27
CA LEU A 2 -15.20 7.85 -9.42
C LEU A 2 -15.33 8.48 -8.05
N THR A 3 -16.45 8.24 -7.38
CA THR A 3 -16.68 8.78 -6.05
C THR A 3 -16.14 7.81 -4.99
N LEU A 4 -16.23 8.21 -3.73
CA LEU A 4 -15.77 7.39 -2.62
C LEU A 4 -16.60 6.11 -2.52
N ILE A 5 -17.88 6.21 -2.85
CA ILE A 5 -18.77 5.06 -2.80
C ILE A 5 -18.37 3.99 -3.79
N GLN A 6 -18.18 4.38 -5.05
CA GLN A 6 -17.76 3.44 -6.08
C GLN A 6 -16.55 2.66 -5.62
N GLY A 7 -15.49 3.40 -5.26
CA GLY A 7 -14.28 2.79 -4.76
C GLY A 7 -14.53 1.86 -3.58
N LYS A 8 -15.57 2.11 -2.81
CA LYS A 8 -15.89 1.27 -1.67
C LYS A 8 -16.59 -0.01 -2.14
N LYS A 9 -17.52 0.15 -3.07
CA LYS A 9 -18.27 -0.99 -3.61
C LYS A 9 -17.35 -1.97 -4.28
N ILE A 10 -16.57 -1.46 -5.22
CA ILE A 10 -15.66 -2.30 -5.97
C ILE A 10 -14.67 -2.99 -5.05
N VAL A 11 -13.92 -2.24 -4.26
CA VAL A 11 -12.96 -2.82 -3.32
C VAL A 11 -13.60 -3.91 -2.45
N ASN A 12 -14.86 -3.68 -2.06
CA ASN A 12 -15.58 -4.62 -1.22
C ASN A 12 -15.83 -5.93 -1.96
N HIS A 13 -16.18 -5.81 -3.21
CA HIS A 13 -16.44 -6.98 -4.07
C HIS A 13 -15.15 -7.46 -4.74
N LEU A 14 -14.12 -6.63 -4.65
CA LEU A 14 -12.84 -6.91 -5.29
C LEU A 14 -11.90 -7.67 -4.36
N ARG A 15 -11.98 -7.43 -3.06
CA ARG A 15 -11.10 -8.13 -2.14
C ARG A 15 -11.67 -9.50 -1.80
N SER A 16 -12.86 -9.77 -2.31
CA SER A 16 -13.50 -11.04 -2.08
C SER A 16 -13.33 -11.92 -3.32
N ARG A 17 -12.82 -11.32 -4.39
CA ARG A 17 -12.61 -12.02 -5.65
C ARG A 17 -11.12 -12.03 -6.00
N LEU A 18 -10.32 -11.33 -5.20
CA LEU A 18 -8.88 -11.27 -5.45
C LEU A 18 -8.20 -12.58 -5.11
N ALA A 19 -7.02 -12.75 -5.67
CA ALA A 19 -6.23 -13.94 -5.48
C ALA A 19 -4.87 -13.76 -6.13
N PHE A 20 -4.07 -14.80 -6.01
CA PHE A 20 -2.75 -14.82 -6.63
C PHE A 20 -2.42 -16.27 -7.01
N GLU A 21 -1.61 -16.44 -8.05
CA GLU A 21 -1.26 -17.77 -8.54
C GLU A 21 0.14 -18.17 -8.13
N TYR A 22 0.23 -19.09 -7.17
CA TYR A 22 1.49 -19.58 -6.66
C TYR A 22 1.84 -20.92 -7.32
N ASN A 23 2.93 -20.94 -8.08
CA ASN A 23 3.37 -22.14 -8.77
C ASN A 23 2.27 -22.73 -9.65
N GLY A 24 1.41 -21.86 -10.16
CA GLY A 24 0.34 -22.32 -11.03
C GLY A 24 -0.96 -22.53 -10.29
N GLN A 25 -0.92 -22.59 -8.95
CA GLN A 25 -2.13 -22.79 -8.18
C GLN A 25 -2.81 -21.48 -7.87
N LEU A 26 -3.97 -21.55 -7.26
CA LEU A 26 -4.74 -20.36 -6.92
C LEU A 26 -4.83 -20.20 -5.41
N ILE A 27 -4.33 -19.08 -4.92
CA ILE A 27 -4.39 -18.78 -3.50
C ILE A 27 -5.07 -17.43 -3.36
N LYS A 28 -6.26 -17.42 -2.82
CA LYS A 28 -6.98 -16.18 -2.66
C LYS A 28 -6.43 -15.41 -1.49
N ILE A 29 -6.84 -14.16 -1.41
CA ILE A 29 -6.44 -13.30 -0.31
C ILE A 29 -7.71 -12.78 0.37
N LEU A 30 -7.61 -12.38 1.64
CA LEU A 30 -8.77 -11.90 2.38
C LEU A 30 -8.59 -10.45 2.77
N SER A 31 -9.67 -9.84 3.27
CA SER A 31 -9.66 -8.43 3.66
C SER A 31 -8.53 -8.09 4.62
N LYS A 32 -8.19 -9.03 5.50
CA LYS A 32 -7.13 -8.85 6.48
C LYS A 32 -5.83 -8.30 5.89
N ASN A 33 -5.58 -8.60 4.64
CA ASN A 33 -4.36 -8.12 3.99
C ASN A 33 -4.69 -7.15 2.86
N ILE A 34 -5.87 -6.54 2.91
CA ILE A 34 -6.27 -5.59 1.88
C ILE A 34 -6.76 -4.28 2.50
N VAL A 35 -5.94 -3.23 2.41
CA VAL A 35 -6.29 -1.92 2.95
C VAL A 35 -6.49 -0.90 1.82
N ALA A 36 -7.57 -0.14 1.88
CA ALA A 36 -7.84 0.87 0.88
C ALA A 36 -7.19 2.19 1.29
N VAL A 37 -6.03 2.47 0.72
CA VAL A 37 -5.29 3.66 1.06
C VAL A 37 -5.46 4.77 0.03
N GLY A 38 -4.76 5.86 0.24
CA GLY A 38 -4.84 6.99 -0.67
C GLY A 38 -6.03 7.86 -0.40
N SER A 39 -6.79 8.17 -1.44
CA SER A 39 -7.97 9.04 -1.32
C SER A 39 -9.01 8.41 -0.40
N LEU A 40 -9.08 7.08 -0.41
CA LEU A 40 -10.04 6.35 0.42
C LEU A 40 -9.68 6.46 1.90
N ARG A 41 -8.52 7.02 2.20
CA ARG A 41 -8.07 7.23 3.57
C ARG A 41 -8.10 8.72 3.89
N ARG A 42 -8.08 9.52 2.83
CA ARG A 42 -8.11 10.97 2.95
C ARG A 42 -9.54 11.48 2.99
N GLU A 43 -10.50 10.55 2.92
CA GLU A 43 -11.92 10.88 2.98
C GLU A 43 -12.33 11.78 1.80
N GLU A 44 -11.77 11.51 0.63
CA GLU A 44 -12.11 12.27 -0.56
C GLU A 44 -13.41 11.76 -1.13
N LYS A 45 -14.23 12.69 -1.59
CA LYS A 45 -15.54 12.35 -2.12
C LYS A 45 -15.48 11.97 -3.59
N MET A 46 -14.47 12.44 -4.30
CA MET A 46 -14.31 12.13 -5.71
C MET A 46 -12.85 11.99 -6.08
N LEU A 47 -12.45 10.75 -6.24
CA LEU A 47 -11.07 10.42 -6.58
C LEU A 47 -10.89 10.16 -8.07
N ASN A 48 -9.64 9.89 -8.46
CA ASN A 48 -9.29 9.62 -9.85
C ASN A 48 -8.92 8.16 -10.02
N ASP A 49 -8.05 7.69 -9.15
CA ASP A 49 -7.60 6.31 -9.15
C ASP A 49 -7.65 5.78 -7.73
N VAL A 50 -7.66 4.47 -7.59
CA VAL A 50 -7.76 3.85 -6.28
C VAL A 50 -6.45 3.23 -5.83
N ASP A 51 -6.03 3.59 -4.62
CA ASP A 51 -4.80 3.08 -4.03
C ASP A 51 -5.18 1.91 -3.11
N LEU A 52 -4.40 0.85 -3.12
CA LEU A 52 -4.73 -0.31 -2.30
C LEU A 52 -3.46 -0.94 -1.71
N LEU A 53 -3.50 -1.28 -0.43
CA LEU A 53 -2.34 -1.87 0.26
C LEU A 53 -2.63 -3.32 0.64
N ILE A 54 -1.78 -4.22 0.17
CA ILE A 54 -1.90 -5.64 0.46
C ILE A 54 -0.63 -6.08 1.17
N ILE A 55 -0.69 -6.47 2.43
CA ILE A 55 0.50 -6.88 3.13
C ILE A 55 0.59 -8.40 3.23
N VAL A 56 1.79 -8.94 3.07
CA VAL A 56 1.99 -10.38 3.11
C VAL A 56 2.76 -10.76 4.37
N PRO A 57 2.26 -11.75 5.12
CA PRO A 57 2.92 -12.21 6.35
C PRO A 57 4.19 -13.03 6.14
N GLU A 58 4.39 -13.63 4.95
CA GLU A 58 5.56 -14.42 4.72
C GLU A 58 6.64 -13.61 4.01
N LYS A 59 7.88 -14.03 4.22
CA LYS A 59 9.04 -13.39 3.63
C LYS A 59 9.32 -14.09 2.32
N LYS A 60 8.37 -14.91 1.96
CA LYS A 60 8.40 -15.70 0.77
C LYS A 60 7.18 -15.31 -0.03
N LEU A 61 5.99 -15.80 0.39
CA LEU A 61 4.73 -15.39 -0.23
C LEU A 61 4.67 -13.91 -0.59
N LEU A 62 5.50 -13.08 0.05
CA LEU A 62 5.51 -11.67 -0.25
C LEU A 62 5.96 -11.44 -1.69
N LYS A 63 6.90 -12.25 -2.14
CA LYS A 63 7.43 -12.13 -3.49
C LYS A 63 6.80 -13.18 -4.39
N HIS A 64 6.10 -14.12 -3.79
CA HIS A 64 5.46 -15.20 -4.55
C HIS A 64 4.04 -14.79 -4.94
N VAL A 65 3.66 -13.59 -4.50
CA VAL A 65 2.37 -13.01 -4.84
C VAL A 65 2.52 -12.10 -6.07
N LEU A 66 3.73 -11.56 -6.20
CA LEU A 66 4.05 -10.64 -7.29
C LEU A 66 3.94 -11.26 -8.70
N PRO A 67 4.47 -12.49 -8.94
CA PRO A 67 4.39 -13.09 -10.27
C PRO A 67 2.97 -13.11 -10.81
N ASN A 68 2.08 -13.83 -10.14
CA ASN A 68 0.72 -13.90 -10.60
C ASN A 68 -0.27 -13.45 -9.52
N ILE A 69 -0.80 -12.26 -9.68
CA ILE A 69 -1.79 -11.72 -8.77
C ILE A 69 -2.90 -11.09 -9.62
N ARG A 70 -4.14 -11.54 -9.42
CA ARG A 70 -5.25 -11.04 -10.22
C ARG A 70 -6.59 -11.55 -9.73
N ILE A 71 -7.61 -11.19 -10.52
CA ILE A 71 -8.98 -11.61 -10.27
C ILE A 71 -9.36 -12.63 -11.33
N LYS A 72 -10.33 -13.47 -11.04
CA LYS A 72 -10.74 -14.50 -11.98
C LYS A 72 -12.03 -14.11 -12.68
N GLY A 73 -11.91 -13.75 -13.95
CA GLY A 73 -13.07 -13.38 -14.73
C GLY A 73 -13.33 -11.89 -14.78
N LEU A 74 -12.27 -11.09 -14.85
CA LEU A 74 -12.44 -9.64 -14.91
C LEU A 74 -11.63 -9.02 -16.06
N SER A 75 -11.75 -7.70 -16.18
CA SER A 75 -11.06 -6.95 -17.23
C SER A 75 -9.98 -6.06 -16.62
N PHE A 76 -8.72 -6.39 -16.87
CA PHE A 76 -7.61 -5.63 -16.33
C PHE A 76 -6.31 -5.96 -17.04
N SER A 77 -5.33 -5.08 -16.85
CA SER A 77 -3.99 -5.26 -17.41
C SER A 77 -2.95 -5.12 -16.30
N VAL A 78 -2.07 -6.11 -16.17
CA VAL A 78 -1.05 -6.11 -15.10
C VAL A 78 0.28 -5.53 -15.57
N LYS A 79 0.68 -4.41 -14.98
CA LYS A 79 1.96 -3.75 -15.28
C LYS A 79 2.68 -3.44 -13.97
N VAL A 80 4.00 -3.40 -14.01
CA VAL A 80 4.77 -3.10 -12.81
C VAL A 80 5.15 -1.62 -12.76
N CYS A 81 5.19 -1.07 -11.55
CA CYS A 81 5.51 0.32 -11.34
C CYS A 81 6.48 0.48 -10.17
N GLY A 82 7.75 0.69 -10.48
CA GLY A 82 8.72 0.87 -9.43
C GLY A 82 9.27 -0.42 -8.86
N GLU A 83 9.36 -0.46 -7.55
CA GLU A 83 9.88 -1.61 -6.82
C GLU A 83 8.77 -2.40 -6.12
N ARG A 84 7.82 -1.68 -5.53
CA ARG A 84 6.72 -2.33 -4.80
C ARG A 84 5.34 -1.94 -5.33
N LYS A 85 5.29 -1.09 -6.34
CA LYS A 85 4.00 -0.67 -6.87
C LYS A 85 3.63 -1.47 -8.12
N CYS A 86 2.34 -1.67 -8.31
CA CYS A 86 1.83 -2.38 -9.46
C CYS A 86 0.64 -1.63 -10.03
N VAL A 87 0.63 -1.47 -11.34
CA VAL A 87 -0.45 -0.73 -12.00
C VAL A 87 -1.34 -1.67 -12.79
N LEU A 88 -2.63 -1.61 -12.51
CA LEU A 88 -3.59 -2.44 -13.21
C LEU A 88 -4.66 -1.58 -13.83
N PHE A 89 -4.99 -1.86 -15.06
CA PHE A 89 -6.00 -1.11 -15.76
C PHE A 89 -7.28 -1.89 -15.75
N ILE A 90 -8.15 -1.56 -14.81
CA ILE A 90 -9.40 -2.25 -14.64
C ILE A 90 -10.50 -1.62 -15.49
N GLU A 91 -11.29 -2.45 -16.12
CA GLU A 91 -12.35 -1.98 -16.98
C GLU A 91 -13.68 -2.66 -16.67
N TRP A 92 -14.73 -1.85 -16.59
CA TRP A 92 -16.07 -2.36 -16.34
C TRP A 92 -17.09 -1.26 -16.59
N GLU A 93 -18.34 -1.66 -16.80
CA GLU A 93 -19.42 -0.73 -17.11
C GLU A 93 -19.07 0.12 -18.32
N LYS A 94 -18.39 -0.52 -19.27
CA LYS A 94 -17.94 0.12 -20.49
C LYS A 94 -16.90 1.21 -20.24
N LYS A 95 -16.27 1.17 -19.07
CA LYS A 95 -15.27 2.17 -18.73
C LYS A 95 -13.95 1.51 -18.36
N THR A 96 -12.89 2.30 -18.31
CA THR A 96 -11.55 1.80 -17.97
C THR A 96 -10.85 2.73 -16.99
N TYR A 97 -10.52 2.22 -15.81
CA TYR A 97 -9.85 3.01 -14.79
C TYR A 97 -8.50 2.39 -14.45
N GLN A 98 -7.75 3.07 -13.60
CA GLN A 98 -6.44 2.59 -13.18
C GLN A 98 -6.44 2.24 -11.70
N LEU A 99 -5.95 1.06 -11.40
CA LEU A 99 -5.86 0.60 -10.01
C LEU A 99 -4.39 0.49 -9.59
N ASP A 100 -4.04 1.06 -8.44
CA ASP A 100 -2.66 1.00 -7.95
C ASP A 100 -2.61 0.20 -6.66
N LEU A 101 -2.19 -1.06 -6.76
CA LEU A 101 -2.09 -1.89 -5.57
C LEU A 101 -0.64 -1.99 -5.11
N PHE A 102 -0.44 -2.12 -3.81
CA PHE A 102 0.89 -2.21 -3.24
C PHE A 102 1.01 -3.40 -2.32
N THR A 103 1.85 -4.33 -2.69
CA THR A 103 2.11 -5.51 -1.88
C THR A 103 3.38 -5.33 -1.09
N ALA A 104 3.32 -5.44 0.23
CA ALA A 104 4.51 -5.27 1.05
C ALA A 104 4.54 -6.28 2.19
N LEU A 105 5.63 -6.28 2.96
CA LEU A 105 5.82 -7.20 4.07
C LEU A 105 5.08 -6.79 5.33
N ALA A 106 4.97 -7.76 6.22
CA ALA A 106 4.31 -7.57 7.50
C ALA A 106 5.09 -6.60 8.39
N GLU A 107 6.39 -6.52 8.17
CA GLU A 107 7.23 -5.61 8.93
C GLU A 107 7.11 -4.19 8.37
N GLU A 108 6.57 -4.11 7.17
CA GLU A 108 6.35 -2.83 6.51
C GLU A 108 5.01 -2.24 6.93
N LYS A 109 4.21 -3.09 7.59
CA LYS A 109 2.86 -2.74 8.06
C LYS A 109 2.75 -1.29 8.57
N PRO A 110 3.38 -0.93 9.72
CA PRO A 110 3.28 0.43 10.25
C PRO A 110 3.90 1.46 9.31
N TYR A 111 5.06 1.11 8.76
CA TYR A 111 5.78 1.99 7.84
C TYR A 111 4.94 2.36 6.62
N ALA A 112 4.19 1.41 6.12
CA ALA A 112 3.38 1.61 4.94
C ALA A 112 2.05 2.28 5.28
N ILE A 113 1.41 1.85 6.34
CA ILE A 113 0.14 2.43 6.73
C ILE A 113 0.33 3.92 6.96
N PHE A 114 1.30 4.27 7.79
CA PHE A 114 1.58 5.66 8.07
C PHE A 114 1.91 6.41 6.77
N HIS A 115 2.79 5.82 5.96
CA HIS A 115 3.20 6.40 4.69
C HIS A 115 2.00 6.68 3.77
N PHE A 116 1.07 5.73 3.67
CA PHE A 116 -0.07 5.91 2.78
C PHE A 116 -1.27 6.61 3.42
N THR A 117 -1.31 6.71 4.74
CA THR A 117 -2.40 7.41 5.41
C THR A 117 -2.13 8.92 5.41
N GLY A 118 -0.88 9.28 5.19
CA GLY A 118 -0.49 10.67 5.18
C GLY A 118 -0.04 11.13 3.81
N PRO A 119 0.25 12.43 3.67
CA PRO A 119 0.72 12.98 2.41
C PRO A 119 2.18 12.68 2.17
N VAL A 120 2.48 12.23 0.95
CA VAL A 120 3.82 11.88 0.55
C VAL A 120 4.79 13.02 0.81
N SER A 121 4.41 14.25 0.48
CA SER A 121 5.26 15.40 0.74
C SER A 121 5.67 15.49 2.20
N TYR A 122 4.70 15.36 3.10
CA TYR A 122 4.98 15.37 4.54
C TYR A 122 6.04 14.31 4.87
N LEU A 123 5.96 13.19 4.17
CA LEU A 123 6.88 12.09 4.35
C LEU A 123 8.33 12.47 4.05
N ILE A 124 8.58 13.13 2.94
CA ILE A 124 9.96 13.55 2.59
C ILE A 124 10.55 14.40 3.71
N ARG A 125 9.75 15.38 4.12
CA ARG A 125 10.07 16.28 5.22
C ARG A 125 10.61 15.49 6.42
N ILE A 126 10.19 14.26 6.49
CA ILE A 126 10.59 13.35 7.54
C ILE A 126 11.83 12.58 7.13
N ARG A 127 11.90 12.29 5.84
CA ARG A 127 13.03 11.58 5.28
C ARG A 127 14.32 12.33 5.58
N ALA A 128 14.43 13.55 5.06
CA ALA A 128 15.61 14.37 5.32
C ALA A 128 15.81 14.53 6.81
N ALA A 129 14.69 14.78 7.49
CA ALA A 129 14.67 14.92 8.95
C ALA A 129 15.51 13.81 9.58
N LEU A 130 15.34 12.58 9.09
CA LEU A 130 16.10 11.46 9.57
C LEU A 130 17.55 11.52 9.14
N LYS A 131 17.83 11.98 7.93
CA LYS A 131 19.22 12.13 7.48
C LYS A 131 19.95 13.03 8.46
N LYS A 132 19.33 14.18 8.72
CA LYS A 132 19.83 15.14 9.73
C LYS A 132 20.33 14.42 11.00
N LYS A 133 19.77 13.26 11.30
CA LYS A 133 20.18 12.49 12.48
C LYS A 133 20.85 11.18 12.06
N ASN A 134 21.35 11.17 10.83
CA ASN A 134 22.07 10.03 10.24
C ASN A 134 21.17 8.82 10.04
N TYR A 135 20.09 8.99 9.28
CA TYR A 135 19.17 7.90 9.02
C TYR A 135 18.42 8.09 7.70
N LYS A 136 18.01 6.98 7.11
CA LYS A 136 17.23 6.98 5.89
C LYS A 136 16.03 6.08 6.10
N LEU A 137 14.83 6.61 5.90
CA LEU A 137 13.63 5.82 6.10
C LEU A 137 13.04 5.37 4.78
N ASN A 138 12.84 4.07 4.64
CA ASN A 138 12.24 3.50 3.45
C ASN A 138 11.32 2.39 3.90
N GLN A 139 10.49 1.89 2.99
CA GLN A 139 9.57 0.81 3.34
C GLN A 139 10.33 -0.45 3.78
N TYR A 140 11.57 -0.56 3.34
CA TYR A 140 12.41 -1.72 3.66
C TYR A 140 12.96 -1.63 5.08
N GLY A 141 12.92 -0.42 5.65
CA GLY A 141 13.41 -0.26 6.99
C GLY A 141 14.16 1.03 7.21
N LEU A 142 15.07 1.03 8.18
CA LEU A 142 15.86 2.19 8.52
C LEU A 142 17.30 1.98 8.11
N PHE A 143 17.77 2.74 7.14
CA PHE A 143 19.14 2.60 6.69
C PHE A 143 20.08 3.54 7.43
N LYS A 144 21.04 2.94 8.14
CA LYS A 144 22.05 3.69 8.89
C LYS A 144 23.41 3.51 8.23
N ASN A 145 23.82 4.51 7.48
CA ASN A 145 25.11 4.49 6.79
C ASN A 145 25.34 3.19 6.01
N GLN A 146 24.51 2.97 4.99
CA GLN A 146 24.58 1.78 4.13
C GLN A 146 24.19 0.50 4.84
N THR A 147 23.80 0.60 6.10
CA THR A 147 23.41 -0.57 6.87
C THR A 147 21.89 -0.59 7.08
N LEU A 148 21.24 -1.65 6.62
CA LEU A 148 19.81 -1.78 6.82
C LEU A 148 19.53 -2.21 8.24
N VAL A 149 18.56 -1.56 8.85
CA VAL A 149 18.18 -1.84 10.21
C VAL A 149 16.67 -2.04 10.29
N PRO A 150 16.24 -3.15 10.89
CA PRO A 150 14.81 -3.45 11.03
C PRO A 150 14.15 -2.61 12.10
N LEU A 151 12.82 -2.64 12.12
CA LEU A 151 12.05 -1.88 13.09
C LEU A 151 11.76 -2.74 14.31
N LYS A 152 11.30 -2.11 15.37
CA LYS A 152 10.96 -2.82 16.60
C LYS A 152 9.54 -2.51 17.01
N ILE A 153 8.71 -2.23 16.03
CA ILE A 153 7.31 -1.91 16.28
C ILE A 153 6.41 -2.59 15.28
N THR A 154 5.11 -2.49 15.51
CA THR A 154 4.14 -3.09 14.62
C THR A 154 2.80 -2.35 14.71
N THR A 155 2.79 -1.22 15.40
CA THR A 155 1.57 -0.43 15.55
C THR A 155 1.77 0.96 14.95
N GLU A 156 0.71 1.52 14.41
CA GLU A 156 0.77 2.85 13.80
C GLU A 156 1.19 3.90 14.82
N LYS A 157 0.76 3.74 16.07
CA LYS A 157 1.10 4.68 17.13
C LYS A 157 2.47 4.32 17.72
N GLU A 158 2.83 3.04 17.64
CA GLU A 158 4.11 2.60 18.16
C GLU A 158 5.22 3.14 17.27
N LEU A 159 4.92 3.20 15.98
CA LEU A 159 5.86 3.68 14.98
C LEU A 159 6.19 5.15 15.21
N ILE A 160 5.18 5.95 15.55
CA ILE A 160 5.42 7.37 15.76
C ILE A 160 6.26 7.59 17.01
N LYS A 161 5.99 6.79 18.03
CA LYS A 161 6.74 6.84 19.28
C LYS A 161 8.15 6.26 19.08
N GLU A 162 8.28 5.39 18.08
CA GLU A 162 9.59 4.81 17.76
C GLU A 162 10.40 5.80 16.93
N LEU A 163 9.69 6.57 16.12
CA LEU A 163 10.33 7.56 15.26
C LEU A 163 10.60 8.84 16.04
N GLY A 164 9.68 9.21 16.91
CA GLY A 164 9.82 10.42 17.70
C GLY A 164 9.10 11.58 17.07
N PHE A 165 7.94 11.30 16.48
CA PHE A 165 7.14 12.33 15.82
C PHE A 165 5.70 12.30 16.31
N THR A 166 4.94 13.32 15.94
CA THR A 166 3.54 13.40 16.34
C THR A 166 2.62 12.84 15.25
N TYR A 167 1.54 12.21 15.67
CA TYR A 167 0.56 11.64 14.74
C TYR A 167 -0.38 12.73 14.26
N ARG A 168 -0.40 12.98 12.95
CA ARG A 168 -1.24 14.01 12.37
C ARG A 168 -2.25 13.41 11.40
N ILE A 169 -3.18 14.25 10.90
CA ILE A 169 -4.19 13.78 9.96
C ILE A 169 -3.92 14.35 8.57
N PRO A 170 -4.17 13.55 7.52
CA PRO A 170 -3.97 13.95 6.12
C PRO A 170 -4.68 15.25 5.75
N LYS A 171 -5.92 15.39 6.23
CA LYS A 171 -6.74 16.57 5.98
C LYS A 171 -6.08 17.88 6.43
N LYS A 172 -5.23 17.80 7.46
CA LYS A 172 -4.55 18.98 7.97
C LYS A 172 -3.06 18.93 7.66
N ARG A 173 -2.73 18.21 6.61
CA ARG A 173 -1.35 18.08 6.18
C ARG A 173 -1.25 18.16 4.67
N LEU A 174 -0.03 17.97 4.15
CA LEU A 174 0.27 18.04 2.73
C LEU A 174 1.75 17.75 2.56
N MET A 1 -14.86 10.14 -13.75
CA MET A 1 -14.28 9.68 -12.45
C MET A 1 -15.28 8.77 -11.75
N LEU A 2 -14.98 8.44 -10.51
CA LEU A 2 -15.85 7.60 -9.70
C LEU A 2 -16.03 8.21 -8.31
N THR A 3 -17.05 7.76 -7.60
CA THR A 3 -17.33 8.25 -6.27
C THR A 3 -16.82 7.28 -5.21
N LEU A 4 -16.74 7.78 -3.98
CA LEU A 4 -16.27 6.97 -2.85
C LEU A 4 -17.12 5.71 -2.67
N ILE A 5 -18.42 5.82 -2.97
CA ILE A 5 -19.32 4.68 -2.83
C ILE A 5 -18.91 3.52 -3.74
N GLN A 6 -18.70 3.80 -5.03
CA GLN A 6 -18.30 2.78 -5.99
C GLN A 6 -16.97 2.15 -5.61
N GLY A 7 -15.97 3.01 -5.48
CA GLY A 7 -14.64 2.56 -5.09
C GLY A 7 -14.65 1.71 -3.82
N LYS A 8 -15.64 1.95 -2.97
CA LYS A 8 -15.77 1.19 -1.72
C LYS A 8 -16.52 -0.09 -1.98
N LYS A 9 -17.55 -0.02 -2.82
CA LYS A 9 -18.33 -1.18 -3.15
C LYS A 9 -17.45 -2.24 -3.80
N ILE A 10 -16.67 -1.82 -4.80
CA ILE A 10 -15.78 -2.73 -5.47
C ILE A 10 -14.77 -3.32 -4.51
N VAL A 11 -13.96 -2.48 -3.87
CA VAL A 11 -12.95 -2.96 -2.92
C VAL A 11 -13.55 -3.98 -1.94
N ASN A 12 -14.79 -3.77 -1.55
CA ASN A 12 -15.49 -4.67 -0.62
C ASN A 12 -15.68 -6.03 -1.27
N HIS A 13 -16.18 -6.05 -2.50
CA HIS A 13 -16.44 -7.27 -3.22
C HIS A 13 -15.19 -7.75 -3.93
N LEU A 14 -14.17 -6.91 -3.89
CA LEU A 14 -12.90 -7.18 -4.56
C LEU A 14 -11.88 -7.83 -3.64
N ARG A 15 -11.89 -7.48 -2.36
CA ARG A 15 -10.90 -8.01 -1.40
C ARG A 15 -11.25 -9.44 -0.99
N SER A 16 -12.38 -9.93 -1.49
CA SER A 16 -12.82 -11.28 -1.20
C SER A 16 -12.86 -12.11 -2.48
N ARG A 17 -12.64 -11.45 -3.59
CA ARG A 17 -12.64 -12.08 -4.90
C ARG A 17 -11.23 -12.10 -5.45
N LEU A 18 -10.36 -11.40 -4.76
CA LEU A 18 -8.97 -11.30 -5.15
C LEU A 18 -8.26 -12.64 -5.00
N ALA A 19 -7.29 -12.84 -5.85
CA ALA A 19 -6.54 -14.07 -5.85
C ALA A 19 -5.21 -13.85 -6.53
N PHE A 20 -4.32 -14.79 -6.32
CA PHE A 20 -3.00 -14.76 -6.92
C PHE A 20 -2.66 -16.18 -7.28
N GLU A 21 -1.77 -16.39 -8.21
CA GLU A 21 -1.41 -17.74 -8.54
C GLU A 21 -0.22 -18.21 -7.72
N TYR A 22 0.05 -19.45 -7.90
CA TYR A 22 1.14 -20.10 -7.22
C TYR A 22 1.57 -21.34 -8.01
N ASN A 23 2.56 -21.17 -8.87
CA ASN A 23 3.05 -22.27 -9.72
C ASN A 23 1.96 -22.79 -10.64
N GLY A 24 0.93 -21.98 -10.80
CA GLY A 24 -0.17 -22.37 -11.63
C GLY A 24 -1.42 -22.64 -10.82
N GLN A 25 -1.23 -22.86 -9.52
CA GLN A 25 -2.37 -23.11 -8.63
C GLN A 25 -2.92 -21.80 -8.09
N LEU A 26 -4.18 -21.57 -8.30
CA LEU A 26 -4.82 -20.36 -7.82
C LEU A 26 -4.98 -20.34 -6.30
N ILE A 27 -4.42 -19.29 -5.72
CA ILE A 27 -4.46 -19.05 -4.29
C ILE A 27 -5.11 -17.69 -4.01
N LYS A 28 -6.20 -17.68 -3.29
CA LYS A 28 -6.87 -16.42 -3.00
C LYS A 28 -6.21 -15.72 -1.82
N ILE A 29 -6.59 -14.47 -1.60
CA ILE A 29 -6.07 -13.69 -0.47
C ILE A 29 -7.26 -13.18 0.34
N LEU A 30 -7.01 -12.51 1.46
CA LEU A 30 -8.08 -12.03 2.30
C LEU A 30 -7.96 -10.53 2.58
N SER A 31 -9.04 -9.92 3.05
CA SER A 31 -9.05 -8.49 3.36
C SER A 31 -7.95 -8.13 4.36
N LYS A 32 -7.61 -9.08 5.24
CA LYS A 32 -6.56 -8.87 6.23
C LYS A 32 -5.28 -8.36 5.61
N ASN A 33 -5.00 -8.76 4.39
CA ASN A 33 -3.82 -8.30 3.69
C ASN A 33 -4.19 -7.33 2.57
N ILE A 34 -5.30 -6.62 2.74
CA ILE A 34 -5.74 -5.66 1.74
C ILE A 34 -6.24 -4.40 2.43
N VAL A 35 -5.57 -3.29 2.17
CA VAL A 35 -5.95 -2.02 2.75
C VAL A 35 -6.23 -1.00 1.66
N ALA A 36 -7.33 -0.27 1.81
CA ALA A 36 -7.72 0.73 0.84
C ALA A 36 -7.11 2.07 1.19
N VAL A 37 -6.01 2.40 0.51
CA VAL A 37 -5.31 3.66 0.75
C VAL A 37 -5.67 4.71 -0.27
N GLY A 38 -5.04 5.87 -0.15
CA GLY A 38 -5.27 6.97 -1.07
C GLY A 38 -6.48 7.77 -0.67
N SER A 39 -7.38 8.01 -1.62
CA SER A 39 -8.58 8.78 -1.34
C SER A 39 -9.42 8.13 -0.26
N LEU A 40 -9.35 6.80 -0.17
CA LEU A 40 -10.09 6.06 0.82
C LEU A 40 -9.62 6.41 2.23
N ARG A 41 -8.39 6.87 2.36
CA ARG A 41 -7.85 7.24 3.67
C ARG A 41 -7.97 8.74 3.91
N ARG A 42 -8.30 9.45 2.84
CA ARG A 42 -8.48 10.90 2.91
C ARG A 42 -9.97 11.24 3.01
N GLU A 43 -10.81 10.22 2.90
CA GLU A 43 -12.27 10.36 2.94
C GLU A 43 -12.78 11.31 1.84
N GLU A 44 -12.27 11.14 0.62
CA GLU A 44 -12.69 11.98 -0.50
C GLU A 44 -14.04 11.51 -1.04
N LYS A 45 -14.89 12.47 -1.39
CA LYS A 45 -16.21 12.18 -1.94
C LYS A 45 -16.11 11.71 -3.39
N MET A 46 -15.16 12.28 -4.11
CA MET A 46 -14.93 11.93 -5.51
C MET A 46 -13.45 11.63 -5.70
N LEU A 47 -13.14 10.67 -6.56
CA LEU A 47 -11.76 10.30 -6.81
C LEU A 47 -11.56 9.92 -8.28
N ASN A 48 -10.32 9.74 -8.67
CA ASN A 48 -9.97 9.42 -10.05
C ASN A 48 -9.62 7.95 -10.19
N ASP A 49 -8.73 7.50 -9.34
CA ASP A 49 -8.28 6.12 -9.32
C ASP A 49 -8.22 5.64 -7.88
N VAL A 50 -8.27 4.33 -7.70
CA VAL A 50 -8.26 3.75 -6.36
C VAL A 50 -6.90 3.15 -6.02
N ASP A 51 -6.44 3.40 -4.80
CA ASP A 51 -5.17 2.87 -4.32
C ASP A 51 -5.44 1.71 -3.38
N LEU A 52 -4.65 0.66 -3.47
CA LEU A 52 -4.85 -0.50 -2.61
C LEU A 52 -3.50 -1.09 -2.19
N LEU A 53 -3.37 -1.39 -0.93
CA LEU A 53 -2.13 -1.92 -0.38
C LEU A 53 -2.34 -3.34 0.13
N ILE A 54 -1.52 -4.24 -0.36
CA ILE A 54 -1.57 -5.64 0.02
C ILE A 54 -0.25 -6.04 0.66
N ILE A 55 -0.23 -6.38 1.93
CA ILE A 55 1.02 -6.76 2.56
C ILE A 55 1.09 -8.28 2.67
N VAL A 56 2.28 -8.84 2.52
CA VAL A 56 2.45 -10.28 2.62
C VAL A 56 3.29 -10.66 3.84
N PRO A 57 2.85 -11.68 4.62
CA PRO A 57 3.55 -12.12 5.82
C PRO A 57 4.80 -12.96 5.58
N GLU A 58 4.93 -13.60 4.42
CA GLU A 58 6.11 -14.40 4.16
C GLU A 58 7.11 -13.67 3.28
N LYS A 59 8.35 -14.12 3.35
CA LYS A 59 9.44 -13.54 2.58
C LYS A 59 9.55 -14.32 1.30
N LYS A 60 8.53 -15.09 1.09
CA LYS A 60 8.41 -15.95 -0.06
C LYS A 60 7.10 -15.59 -0.71
N LEU A 61 5.99 -16.01 -0.08
CA LEU A 61 4.65 -15.59 -0.53
C LEU A 61 4.60 -14.13 -0.98
N LEU A 62 5.55 -13.33 -0.51
CA LEU A 62 5.63 -11.93 -0.89
C LEU A 62 5.98 -11.78 -2.36
N LYS A 63 6.92 -12.61 -2.81
CA LYS A 63 7.39 -12.56 -4.18
C LYS A 63 6.68 -13.61 -5.03
N HIS A 64 5.74 -14.33 -4.42
CA HIS A 64 4.97 -15.35 -5.12
C HIS A 64 3.66 -14.77 -5.62
N VAL A 65 3.22 -13.69 -4.98
CA VAL A 65 2.00 -12.99 -5.37
C VAL A 65 2.29 -12.16 -6.62
N LEU A 66 3.55 -11.79 -6.75
CA LEU A 66 4.01 -10.98 -7.89
C LEU A 66 3.79 -11.70 -9.23
N PRO A 67 4.22 -12.98 -9.39
CA PRO A 67 3.99 -13.74 -10.62
C PRO A 67 2.59 -13.52 -11.15
N ASN A 68 1.59 -14.01 -10.43
CA ASN A 68 0.25 -13.76 -10.88
C ASN A 68 -0.65 -13.27 -9.76
N ILE A 69 -1.23 -12.13 -9.99
CA ILE A 69 -2.17 -11.51 -9.09
C ILE A 69 -3.30 -10.97 -9.95
N ARG A 70 -4.52 -11.37 -9.65
CA ARG A 70 -5.65 -10.96 -10.47
C ARG A 70 -6.99 -11.36 -9.89
N ILE A 71 -8.03 -10.98 -10.60
CA ILE A 71 -9.41 -11.31 -10.23
C ILE A 71 -10.02 -12.12 -11.37
N LYS A 72 -10.90 -13.06 -11.03
CA LYS A 72 -11.53 -13.92 -12.03
C LYS A 72 -12.93 -13.42 -12.38
N GLY A 73 -13.17 -13.12 -13.65
CA GLY A 73 -14.47 -12.64 -14.09
C GLY A 73 -14.53 -11.14 -14.33
N LEU A 74 -13.37 -10.53 -14.54
CA LEU A 74 -13.31 -9.09 -14.80
C LEU A 74 -12.58 -8.76 -16.11
N SER A 75 -12.04 -7.57 -16.11
CA SER A 75 -11.29 -7.01 -17.23
C SER A 75 -10.17 -6.17 -16.64
N PHE A 76 -8.93 -6.54 -16.89
CA PHE A 76 -7.80 -5.83 -16.32
C PHE A 76 -6.52 -6.08 -17.11
N SER A 77 -5.67 -5.08 -17.08
CA SER A 77 -4.37 -5.15 -17.74
C SER A 77 -3.27 -4.88 -16.72
N VAL A 78 -2.36 -5.84 -16.55
CA VAL A 78 -1.27 -5.73 -15.56
C VAL A 78 -0.01 -5.07 -16.13
N LYS A 79 0.28 -3.90 -15.62
CA LYS A 79 1.45 -3.14 -16.01
C LYS A 79 2.32 -2.89 -14.78
N VAL A 80 3.19 -3.85 -14.51
CA VAL A 80 4.08 -3.78 -13.36
C VAL A 80 4.92 -2.50 -13.33
N CYS A 81 4.96 -1.86 -12.16
CA CYS A 81 5.74 -0.65 -11.97
C CYS A 81 6.76 -0.85 -10.85
N GLY A 82 7.79 -1.60 -11.18
CA GLY A 82 8.85 -1.89 -10.24
C GLY A 82 8.49 -3.02 -9.29
N GLU A 83 9.29 -3.17 -8.23
CA GLU A 83 9.04 -4.20 -7.23
C GLU A 83 8.19 -3.65 -6.09
N ARG A 84 7.67 -2.46 -6.30
CA ARG A 84 6.87 -1.78 -5.28
C ARG A 84 5.47 -1.45 -5.76
N LYS A 85 5.34 -0.99 -6.99
CA LYS A 85 4.06 -0.59 -7.54
C LYS A 85 3.56 -1.53 -8.62
N CYS A 86 2.28 -1.80 -8.60
CA CYS A 86 1.68 -2.64 -9.59
C CYS A 86 0.45 -1.93 -10.17
N VAL A 87 0.62 -1.38 -11.36
CA VAL A 87 -0.46 -0.65 -12.03
C VAL A 87 -1.33 -1.58 -12.87
N LEU A 88 -2.64 -1.53 -12.64
CA LEU A 88 -3.59 -2.33 -13.40
C LEU A 88 -4.68 -1.45 -13.98
N PHE A 89 -5.23 -1.87 -15.10
CA PHE A 89 -6.30 -1.13 -15.76
C PHE A 89 -7.58 -1.97 -15.75
N ILE A 90 -8.51 -1.61 -14.90
CA ILE A 90 -9.75 -2.38 -14.77
C ILE A 90 -10.86 -1.75 -15.61
N GLU A 91 -11.82 -2.57 -16.04
CA GLU A 91 -12.92 -2.09 -16.83
C GLU A 91 -14.22 -2.77 -16.47
N TRP A 92 -15.29 -1.98 -16.41
CA TRP A 92 -16.63 -2.50 -16.14
C TRP A 92 -17.65 -1.44 -16.51
N GLU A 93 -18.85 -1.89 -16.88
CA GLU A 93 -19.93 -1.00 -17.30
C GLU A 93 -19.48 -0.16 -18.49
N LYS A 94 -18.72 -0.79 -19.38
CA LYS A 94 -18.19 -0.14 -20.57
C LYS A 94 -17.29 1.04 -20.22
N LYS A 95 -16.70 1.00 -19.04
CA LYS A 95 -15.79 2.04 -18.60
C LYS A 95 -14.47 1.43 -18.17
N THR A 96 -13.41 2.19 -18.27
CA THR A 96 -12.05 1.69 -17.94
C THR A 96 -11.32 2.61 -16.95
N TYR A 97 -11.12 2.14 -15.73
CA TYR A 97 -10.42 2.94 -14.72
C TYR A 97 -9.05 2.34 -14.44
N GLN A 98 -8.26 3.02 -13.64
CA GLN A 98 -6.93 2.53 -13.30
C GLN A 98 -6.85 2.19 -11.83
N LEU A 99 -6.29 1.04 -11.54
CA LEU A 99 -6.13 0.62 -10.16
C LEU A 99 -4.63 0.51 -9.81
N ASP A 100 -4.25 1.16 -8.71
CA ASP A 100 -2.86 1.15 -8.24
C ASP A 100 -2.71 0.31 -6.97
N LEU A 101 -2.40 -0.96 -7.11
CA LEU A 101 -2.22 -1.81 -5.92
C LEU A 101 -0.74 -1.92 -5.58
N PHE A 102 -0.40 -2.03 -4.30
CA PHE A 102 0.99 -2.14 -3.91
C PHE A 102 1.18 -3.33 -2.97
N THR A 103 2.04 -4.25 -3.37
CA THR A 103 2.34 -5.41 -2.55
C THR A 103 3.64 -5.17 -1.78
N ALA A 104 3.62 -5.28 -0.45
CA ALA A 104 4.83 -5.05 0.32
C ALA A 104 4.93 -6.05 1.47
N LEU A 105 6.04 -5.98 2.22
CA LEU A 105 6.28 -6.89 3.34
C LEU A 105 5.66 -6.44 4.64
N ALA A 106 5.51 -7.40 5.55
CA ALA A 106 4.94 -7.15 6.86
C ALA A 106 5.84 -6.25 7.71
N GLU A 107 7.12 -6.26 7.38
CA GLU A 107 8.09 -5.43 8.10
C GLU A 107 7.93 -3.97 7.66
N GLU A 108 7.28 -3.79 6.53
CA GLU A 108 7.06 -2.45 5.97
C GLU A 108 5.70 -1.93 6.41
N LYS A 109 4.94 -2.77 7.10
CA LYS A 109 3.61 -2.43 7.57
C LYS A 109 3.56 -1.02 8.22
N PRO A 110 4.39 -0.72 9.26
CA PRO A 110 4.39 0.61 9.90
C PRO A 110 4.65 1.75 8.90
N TYR A 111 5.81 1.68 8.27
CA TYR A 111 6.27 2.67 7.30
C TYR A 111 5.30 2.84 6.13
N ALA A 112 4.67 1.75 5.72
CA ALA A 112 3.78 1.81 4.57
C ALA A 112 2.46 2.47 4.91
N ILE A 113 1.82 2.02 5.98
CA ILE A 113 0.55 2.59 6.36
C ILE A 113 0.70 4.08 6.62
N PHE A 114 1.70 4.46 7.39
CA PHE A 114 1.95 5.87 7.67
C PHE A 114 2.04 6.66 6.38
N HIS A 115 2.99 6.28 5.55
CA HIS A 115 3.23 6.93 4.26
C HIS A 115 1.97 7.05 3.41
N PHE A 116 1.15 6.00 3.36
CA PHE A 116 -0.05 6.03 2.53
C PHE A 116 -1.25 6.67 3.20
N THR A 117 -1.18 6.94 4.50
CA THR A 117 -2.30 7.57 5.19
C THR A 117 -1.99 9.05 5.46
N GLY A 118 -1.26 9.65 4.55
CA GLY A 118 -0.90 11.04 4.71
C GLY A 118 -0.19 11.60 3.52
N PRO A 119 0.37 12.81 3.67
CA PRO A 119 1.11 13.47 2.61
C PRO A 119 2.41 12.76 2.25
N VAL A 120 2.92 13.16 1.11
CA VAL A 120 4.16 12.63 0.59
C VAL A 120 5.28 13.59 0.98
N SER A 121 5.01 14.87 0.76
CA SER A 121 5.93 15.94 1.08
C SER A 121 6.44 15.83 2.51
N TYR A 122 5.51 15.68 3.45
CA TYR A 122 5.87 15.54 4.85
C TYR A 122 6.86 14.40 5.06
N LEU A 123 6.54 13.23 4.48
CA LEU A 123 7.39 12.03 4.56
C LEU A 123 8.82 12.35 4.22
N ILE A 124 9.04 13.01 3.11
CA ILE A 124 10.39 13.39 2.70
C ILE A 124 11.01 14.36 3.70
N ARG A 125 10.28 15.41 4.03
CA ARG A 125 10.71 16.41 5.01
C ARG A 125 11.26 15.72 6.26
N ILE A 126 10.67 14.60 6.56
CA ILE A 126 11.06 13.81 7.72
C ILE A 126 12.28 12.96 7.38
N ARG A 127 12.29 12.47 6.17
CA ARG A 127 13.37 11.65 5.66
C ARG A 127 14.71 12.36 5.82
N ALA A 128 14.84 13.52 5.17
CA ALA A 128 16.05 14.34 5.28
C ALA A 128 16.29 14.71 6.73
N ALA A 129 15.20 15.05 7.42
CA ALA A 129 15.26 15.38 8.85
C ALA A 129 16.10 14.34 9.59
N LEU A 130 15.80 13.08 9.37
CA LEU A 130 16.53 11.99 10.00
C LEU A 130 17.95 11.89 9.48
N LYS A 131 18.15 12.16 8.20
CA LYS A 131 19.48 12.10 7.62
C LYS A 131 20.39 13.07 8.38
N LYS A 132 19.89 14.29 8.54
CA LYS A 132 20.59 15.31 9.33
C LYS A 132 21.19 14.74 10.62
N LYS A 133 20.54 13.72 11.19
CA LYS A 133 21.02 13.11 12.43
C LYS A 133 21.67 11.75 12.14
N ASN A 134 21.99 11.55 10.88
CA ASN A 134 22.64 10.33 10.40
C ASN A 134 21.74 9.11 10.58
N TYR A 135 20.56 9.23 10.02
CA TYR A 135 19.55 8.17 10.04
C TYR A 135 18.82 8.20 8.71
N LYS A 136 18.28 7.09 8.25
CA LYS A 136 17.55 7.14 6.99
C LYS A 136 16.40 6.13 6.93
N LEU A 137 15.37 6.38 7.76
CA LEU A 137 14.18 5.53 7.78
C LEU A 137 13.70 5.19 6.36
N ASN A 138 13.44 3.92 6.13
CA ASN A 138 12.98 3.42 4.86
C ASN A 138 11.90 2.39 5.11
N GLN A 139 11.27 1.91 4.05
CA GLN A 139 10.21 0.90 4.19
C GLN A 139 10.78 -0.41 4.73
N TYR A 140 12.09 -0.58 4.58
CA TYR A 140 12.78 -1.79 5.04
C TYR A 140 13.27 -1.64 6.48
N GLY A 141 13.22 -0.43 7.01
CA GLY A 141 13.65 -0.24 8.37
C GLY A 141 14.42 1.05 8.62
N LEU A 142 15.25 1.04 9.66
CA LEU A 142 16.03 2.23 10.05
C LEU A 142 17.47 2.06 9.58
N PHE A 143 17.90 2.85 8.60
CA PHE A 143 19.26 2.73 8.11
C PHE A 143 20.19 3.67 8.85
N LYS A 144 21.06 3.11 9.66
CA LYS A 144 22.00 3.91 10.43
C LYS A 144 23.41 3.77 9.87
N ASN A 145 23.76 4.65 8.95
CA ASN A 145 25.09 4.67 8.34
C ASN A 145 25.46 3.30 7.78
N GLN A 146 24.64 2.83 6.83
CA GLN A 146 24.82 1.55 6.15
C GLN A 146 24.44 0.36 7.02
N THR A 147 23.94 0.61 8.22
CA THR A 147 23.54 -0.47 9.11
C THR A 147 22.02 -0.47 9.29
N LEU A 148 21.36 -1.46 8.69
CA LEU A 148 19.90 -1.58 8.82
C LEU A 148 19.53 -1.96 10.24
N VAL A 149 18.46 -1.35 10.75
CA VAL A 149 18.00 -1.59 12.10
C VAL A 149 16.48 -1.85 12.13
N PRO A 150 16.05 -3.03 12.63
CA PRO A 150 14.64 -3.39 12.76
C PRO A 150 14.02 -2.78 14.02
N LEU A 151 12.77 -2.38 13.94
CA LEU A 151 12.09 -1.78 15.07
C LEU A 151 11.28 -2.82 15.82
N LYS A 152 10.71 -2.44 16.95
CA LYS A 152 9.92 -3.34 17.76
C LYS A 152 8.49 -2.86 17.88
N ILE A 153 7.96 -2.36 16.78
CA ILE A 153 6.60 -1.86 16.76
C ILE A 153 5.76 -2.54 15.68
N THR A 154 4.51 -2.16 15.62
CA THR A 154 3.58 -2.69 14.62
C THR A 154 2.40 -1.75 14.38
N THR A 155 2.28 -0.70 15.17
CA THR A 155 1.17 0.21 15.01
C THR A 155 1.60 1.53 14.38
N GLU A 156 0.66 2.11 13.66
CA GLU A 156 0.84 3.36 12.95
C GLU A 156 1.36 4.44 13.89
N LYS A 157 0.80 4.50 15.11
CA LYS A 157 1.21 5.49 16.10
C LYS A 157 2.46 5.02 16.81
N GLU A 158 2.61 3.72 16.94
CA GLU A 158 3.77 3.15 17.58
C GLU A 158 5.02 3.58 16.84
N LEU A 159 4.95 3.58 15.50
CA LEU A 159 6.09 3.98 14.68
C LEU A 159 6.51 5.42 14.99
N ILE A 160 5.65 6.38 14.66
CA ILE A 160 5.91 7.80 14.93
C ILE A 160 6.41 8.00 16.37
N LYS A 161 5.74 7.36 17.34
CA LYS A 161 6.15 7.47 18.74
C LYS A 161 7.55 6.89 18.91
N GLU A 162 7.83 5.77 18.26
CA GLU A 162 9.14 5.15 18.36
C GLU A 162 10.22 5.99 17.68
N LEU A 163 9.86 6.73 16.64
CA LEU A 163 10.82 7.58 15.94
C LEU A 163 10.99 8.93 16.65
N GLY A 164 10.02 9.26 17.49
CA GLY A 164 10.08 10.50 18.23
C GLY A 164 9.35 11.63 17.54
N PHE A 165 8.29 11.30 16.82
CA PHE A 165 7.52 12.29 16.09
C PHE A 165 6.04 12.23 16.48
N THR A 166 5.28 13.23 16.03
CA THR A 166 3.85 13.30 16.31
C THR A 166 3.04 12.91 15.07
N TYR A 167 1.85 12.35 15.28
CA TYR A 167 1.01 11.96 14.16
C TYR A 167 0.32 13.17 13.56
N ARG A 168 0.18 13.17 12.24
CA ARG A 168 -0.47 14.26 11.51
C ARG A 168 -1.61 13.73 10.64
N ILE A 169 -2.58 14.57 10.33
CA ILE A 169 -3.72 14.15 9.51
C ILE A 169 -3.56 14.62 8.07
N PRO A 170 -4.11 13.86 7.10
CA PRO A 170 -4.03 14.22 5.69
C PRO A 170 -4.84 15.46 5.33
N LYS A 171 -5.99 15.60 5.99
CA LYS A 171 -6.92 16.71 5.79
C LYS A 171 -6.26 18.08 5.98
N LYS A 172 -5.26 18.15 6.84
CA LYS A 172 -4.58 19.40 7.09
C LYS A 172 -3.22 19.49 6.37
N ARG A 173 -2.77 18.37 5.79
CA ARG A 173 -1.49 18.33 5.06
C ARG A 173 -0.28 18.57 5.98
N LEU A 174 0.86 17.97 5.61
CA LEU A 174 2.09 18.08 6.39
C LEU A 174 1.81 17.73 7.86
N MET A 1 -13.52 11.04 -11.37
CA MET A 1 -14.04 9.87 -12.15
C MET A 1 -15.06 9.10 -11.33
N LEU A 2 -14.59 8.41 -10.32
CA LEU A 2 -15.47 7.60 -9.48
C LEU A 2 -15.63 8.25 -8.10
N THR A 3 -16.55 7.72 -7.31
CA THR A 3 -16.82 8.23 -5.97
C THR A 3 -16.25 7.30 -4.91
N LEU A 4 -16.22 7.77 -3.68
CA LEU A 4 -15.72 7.00 -2.54
C LEU A 4 -16.57 5.74 -2.34
N ILE A 5 -17.86 5.85 -2.64
CA ILE A 5 -18.76 4.74 -2.48
C ILE A 5 -18.44 3.58 -3.44
N GLN A 6 -18.11 3.92 -4.69
CA GLN A 6 -17.78 2.92 -5.70
C GLN A 6 -16.52 2.15 -5.31
N GLY A 7 -15.44 2.90 -5.11
CA GLY A 7 -14.16 2.33 -4.71
C GLY A 7 -14.25 1.46 -3.48
N LYS A 8 -15.29 1.67 -2.70
CA LYS A 8 -15.52 0.91 -1.48
C LYS A 8 -16.32 -0.33 -1.81
N LYS A 9 -17.35 -0.14 -2.64
CA LYS A 9 -18.23 -1.22 -3.06
C LYS A 9 -17.45 -2.26 -3.82
N ILE A 10 -16.65 -1.81 -4.77
CA ILE A 10 -15.84 -2.71 -5.54
C ILE A 10 -14.86 -3.44 -4.65
N VAL A 11 -13.97 -2.72 -3.98
CA VAL A 11 -12.98 -3.33 -3.11
C VAL A 11 -13.63 -4.33 -2.14
N ASN A 12 -14.85 -4.03 -1.74
CA ASN A 12 -15.60 -4.88 -0.81
C ASN A 12 -15.88 -6.25 -1.43
N HIS A 13 -16.36 -6.23 -2.66
CA HIS A 13 -16.69 -7.46 -3.40
C HIS A 13 -15.53 -7.92 -4.29
N LEU A 14 -14.50 -7.11 -4.31
CA LEU A 14 -13.31 -7.36 -5.12
C LEU A 14 -12.21 -8.01 -4.29
N ARG A 15 -12.25 -7.82 -2.98
CA ARG A 15 -11.24 -8.41 -2.11
C ARG A 15 -11.63 -9.81 -1.66
N SER A 16 -12.74 -10.33 -2.19
CA SER A 16 -13.19 -11.67 -1.86
C SER A 16 -13.03 -12.57 -3.08
N ARG A 17 -13.01 -11.94 -4.25
CA ARG A 17 -12.86 -12.65 -5.52
C ARG A 17 -11.40 -12.59 -5.96
N LEU A 18 -10.60 -11.90 -5.18
CA LEU A 18 -9.19 -11.74 -5.46
C LEU A 18 -8.45 -13.06 -5.21
N ALA A 19 -7.32 -13.21 -5.85
CA ALA A 19 -6.52 -14.42 -5.74
C ALA A 19 -5.21 -14.24 -6.47
N PHE A 20 -4.40 -15.28 -6.45
CA PHE A 20 -3.13 -15.28 -7.14
C PHE A 20 -2.81 -16.70 -7.59
N GLU A 21 -2.05 -16.81 -8.66
CA GLU A 21 -1.69 -18.12 -9.21
C GLU A 21 -0.22 -18.43 -8.95
N TYR A 22 0.03 -19.43 -8.13
CA TYR A 22 1.38 -19.81 -7.78
C TYR A 22 1.70 -21.20 -8.32
N ASN A 23 2.75 -21.28 -9.11
CA ASN A 23 3.19 -22.54 -9.70
C ASN A 23 2.07 -23.20 -10.49
N GLY A 24 1.13 -22.39 -10.94
CA GLY A 24 0.02 -22.89 -11.71
C GLY A 24 -1.20 -23.18 -10.85
N GLN A 25 -1.01 -23.23 -9.54
CA GLN A 25 -2.12 -23.50 -8.63
C GLN A 25 -2.84 -22.20 -8.30
N LEU A 26 -4.01 -22.31 -7.71
CA LEU A 26 -4.79 -21.15 -7.35
C LEU A 26 -4.82 -20.98 -5.85
N ILE A 27 -4.55 -19.77 -5.40
CA ILE A 27 -4.55 -19.46 -3.99
C ILE A 27 -5.18 -18.10 -3.83
N LYS A 28 -6.36 -18.04 -3.25
CA LYS A 28 -7.03 -16.77 -3.07
C LYS A 28 -6.51 -16.08 -1.83
N ILE A 29 -6.82 -14.81 -1.70
CA ILE A 29 -6.33 -14.02 -0.57
C ILE A 29 -7.51 -13.47 0.22
N LEU A 30 -7.27 -12.97 1.42
CA LEU A 30 -8.33 -12.43 2.23
C LEU A 30 -8.15 -10.92 2.34
N SER A 31 -9.27 -10.22 2.45
CA SER A 31 -9.26 -8.77 2.56
C SER A 31 -8.42 -8.31 3.75
N LYS A 32 -8.23 -9.19 4.73
CA LYS A 32 -7.42 -8.86 5.90
C LYS A 32 -6.03 -8.36 5.52
N ASN A 33 -5.48 -8.84 4.41
CA ASN A 33 -4.14 -8.43 3.99
C ASN A 33 -4.24 -7.33 2.93
N ILE A 34 -5.32 -6.57 2.96
CA ILE A 34 -5.52 -5.51 1.99
C ILE A 34 -5.98 -4.25 2.71
N VAL A 35 -5.30 -3.13 2.44
CA VAL A 35 -5.62 -1.86 3.04
C VAL A 35 -5.96 -0.84 1.97
N ALA A 36 -7.12 -0.22 2.10
CA ALA A 36 -7.57 0.79 1.15
C ALA A 36 -6.95 2.13 1.48
N VAL A 37 -5.88 2.48 0.79
CA VAL A 37 -5.19 3.74 1.05
C VAL A 37 -5.49 4.76 -0.03
N GLY A 38 -4.92 5.94 0.13
CA GLY A 38 -5.14 6.99 -0.82
C GLY A 38 -6.38 7.79 -0.50
N SER A 39 -7.16 8.12 -1.51
CA SER A 39 -8.40 8.89 -1.34
C SER A 39 -9.36 8.19 -0.37
N LEU A 40 -9.34 6.86 -0.42
CA LEU A 40 -10.20 6.02 0.42
C LEU A 40 -9.95 6.28 1.89
N ARG A 41 -8.72 6.67 2.22
CA ARG A 41 -8.34 6.92 3.60
C ARG A 41 -8.15 8.41 3.86
N ARG A 42 -8.26 9.22 2.81
CA ARG A 42 -8.13 10.66 2.97
C ARG A 42 -9.52 11.28 3.05
N GLU A 43 -10.52 10.42 3.10
CA GLU A 43 -11.91 10.83 3.19
C GLU A 43 -12.30 11.73 2.02
N GLU A 44 -12.05 11.25 0.83
CA GLU A 44 -12.40 12.00 -0.36
C GLU A 44 -13.87 11.78 -0.69
N LYS A 45 -14.34 12.43 -1.75
CA LYS A 45 -15.72 12.30 -2.17
C LYS A 45 -15.75 11.84 -3.63
N MET A 46 -14.81 12.34 -4.42
CA MET A 46 -14.70 11.98 -5.82
C MET A 46 -13.24 11.77 -6.19
N LEU A 47 -12.88 10.54 -6.40
CA LEU A 47 -11.52 10.21 -6.75
C LEU A 47 -11.38 9.96 -8.24
N ASN A 48 -10.18 9.60 -8.63
CA ASN A 48 -9.88 9.34 -10.04
C ASN A 48 -9.28 7.96 -10.17
N ASP A 49 -8.48 7.58 -9.17
CA ASP A 49 -7.85 6.27 -9.17
C ASP A 49 -7.86 5.69 -7.75
N VAL A 50 -7.78 4.37 -7.62
CA VAL A 50 -7.83 3.71 -6.33
C VAL A 50 -6.46 3.18 -5.90
N ASP A 51 -6.08 3.48 -4.65
CA ASP A 51 -4.83 3.03 -4.09
C ASP A 51 -5.12 1.90 -3.11
N LEU A 52 -4.25 0.91 -3.06
CA LEU A 52 -4.47 -0.23 -2.20
C LEU A 52 -3.15 -0.84 -1.76
N LEU A 53 -3.05 -1.16 -0.49
CA LEU A 53 -1.86 -1.76 0.06
C LEU A 53 -2.14 -3.20 0.47
N ILE A 54 -1.30 -4.11 0.02
CA ILE A 54 -1.44 -5.52 0.34
C ILE A 54 -0.20 -5.97 1.10
N ILE A 55 -0.31 -6.32 2.38
CA ILE A 55 0.85 -6.76 3.11
C ILE A 55 0.87 -8.28 3.14
N VAL A 56 2.06 -8.86 3.13
CA VAL A 56 2.17 -10.31 3.11
C VAL A 56 2.93 -10.83 4.33
N PRO A 57 2.40 -11.89 4.97
CA PRO A 57 2.99 -12.50 6.17
C PRO A 57 4.37 -13.16 5.94
N GLU A 58 4.66 -13.58 4.70
CA GLU A 58 5.94 -14.23 4.40
C GLU A 58 6.82 -13.38 3.51
N LYS A 59 8.12 -13.69 3.56
CA LYS A 59 9.14 -13.02 2.78
C LYS A 59 9.31 -13.80 1.51
N LYS A 60 8.29 -14.59 1.31
CA LYS A 60 8.18 -15.48 0.17
C LYS A 60 6.89 -15.12 -0.49
N LEU A 61 5.78 -15.61 0.07
CA LEU A 61 4.45 -15.24 -0.37
C LEU A 61 4.38 -13.80 -0.86
N LEU A 62 5.22 -12.92 -0.32
CA LEU A 62 5.23 -11.52 -0.73
C LEU A 62 5.60 -11.38 -2.20
N LYS A 63 6.56 -12.18 -2.66
CA LYS A 63 6.98 -12.11 -4.03
C LYS A 63 6.41 -13.28 -4.83
N HIS A 64 5.59 -14.08 -4.18
CA HIS A 64 4.97 -15.24 -4.85
C HIS A 64 3.58 -14.90 -5.37
N VAL A 65 3.06 -13.76 -4.93
CA VAL A 65 1.75 -13.30 -5.39
C VAL A 65 1.90 -12.44 -6.65
N LEU A 66 3.00 -11.68 -6.69
CA LEU A 66 3.32 -10.77 -7.79
C LEU A 66 3.23 -11.40 -9.18
N PRO A 67 3.78 -12.60 -9.42
CA PRO A 67 3.70 -13.21 -10.75
C PRO A 67 2.28 -13.23 -11.32
N ASN A 68 1.37 -13.98 -10.70
CA ASN A 68 0.01 -14.03 -11.21
C ASN A 68 -1.07 -13.63 -10.19
N ILE A 69 -1.01 -12.40 -9.73
CA ILE A 69 -2.01 -11.89 -8.79
C ILE A 69 -3.10 -11.19 -9.59
N ARG A 70 -4.35 -11.58 -9.38
CA ARG A 70 -5.47 -10.99 -10.11
C ARG A 70 -6.81 -11.58 -9.71
N ILE A 71 -7.86 -10.98 -10.21
CA ILE A 71 -9.21 -11.43 -9.93
C ILE A 71 -9.65 -12.33 -11.08
N LYS A 72 -10.53 -13.28 -10.81
CA LYS A 72 -10.96 -14.19 -11.86
C LYS A 72 -12.31 -13.79 -12.44
N GLY A 73 -12.41 -13.88 -13.76
CA GLY A 73 -13.65 -13.56 -14.43
C GLY A 73 -13.90 -12.07 -14.62
N LEU A 74 -12.84 -11.26 -14.68
CA LEU A 74 -13.03 -9.82 -14.86
C LEU A 74 -12.19 -9.26 -16.03
N SER A 75 -11.94 -7.96 -15.96
CA SER A 75 -11.18 -7.27 -16.98
C SER A 75 -10.06 -6.44 -16.35
N PHE A 76 -8.80 -6.83 -16.62
CA PHE A 76 -7.64 -6.14 -16.06
C PHE A 76 -6.41 -6.36 -16.94
N SER A 77 -5.41 -5.49 -16.81
CA SER A 77 -4.17 -5.60 -17.57
C SER A 77 -2.97 -5.24 -16.68
N VAL A 78 -2.43 -6.26 -16.01
CA VAL A 78 -1.28 -6.10 -15.13
C VAL A 78 -0.10 -5.38 -15.79
N LYS A 79 0.27 -4.20 -15.29
CA LYS A 79 1.42 -3.48 -15.82
C LYS A 79 2.40 -3.18 -14.68
N VAL A 80 3.48 -2.45 -14.95
CA VAL A 80 4.43 -2.11 -13.91
C VAL A 80 4.41 -0.61 -13.70
N CYS A 81 4.43 -0.21 -12.45
CA CYS A 81 4.40 1.20 -12.12
C CYS A 81 5.70 1.60 -11.43
N GLY A 82 6.37 2.57 -12.00
CA GLY A 82 7.61 3.01 -11.44
C GLY A 82 8.65 1.92 -11.47
N GLU A 83 9.30 1.73 -10.35
CA GLU A 83 10.33 0.72 -10.25
C GLU A 83 9.93 -0.38 -9.28
N ARG A 84 9.16 -0.03 -8.26
CA ARG A 84 8.74 -1.00 -7.27
C ARG A 84 7.22 -1.08 -7.16
N LYS A 85 6.51 -0.17 -7.78
CA LYS A 85 5.05 -0.16 -7.69
C LYS A 85 4.44 -1.07 -8.75
N CYS A 86 3.15 -1.37 -8.56
CA CYS A 86 2.41 -2.21 -9.47
C CYS A 86 1.06 -1.54 -9.77
N VAL A 87 0.68 -1.54 -11.04
CA VAL A 87 -0.56 -0.92 -11.45
C VAL A 87 -1.32 -1.84 -12.38
N LEU A 88 -2.63 -1.87 -12.24
CA LEU A 88 -3.47 -2.70 -13.06
C LEU A 88 -4.53 -1.84 -13.74
N PHE A 89 -4.81 -2.13 -14.99
CA PHE A 89 -5.83 -1.39 -15.70
C PHE A 89 -7.11 -2.22 -15.74
N ILE A 90 -7.99 -1.94 -14.79
CA ILE A 90 -9.23 -2.68 -14.66
C ILE A 90 -10.38 -1.97 -15.37
N GLU A 91 -11.41 -2.73 -15.70
CA GLU A 91 -12.57 -2.17 -16.37
C GLU A 91 -13.83 -2.50 -15.58
N TRP A 92 -14.77 -1.56 -15.56
CA TRP A 92 -16.02 -1.73 -14.84
C TRP A 92 -17.10 -0.84 -15.44
N GLU A 93 -18.31 -1.40 -15.60
CA GLU A 93 -19.45 -0.66 -16.16
C GLU A 93 -19.10 0.06 -17.46
N LYS A 94 -18.45 -0.67 -18.36
CA LYS A 94 -18.02 -0.13 -19.65
C LYS A 94 -17.04 1.01 -19.47
N LYS A 95 -16.43 1.07 -18.31
CA LYS A 95 -15.47 2.11 -18.02
C LYS A 95 -14.12 1.48 -17.74
N THR A 96 -13.07 2.26 -17.82
CA THR A 96 -11.74 1.76 -17.59
C THR A 96 -10.96 2.69 -16.66
N TYR A 97 -10.54 2.18 -15.50
CA TYR A 97 -9.76 2.98 -14.57
C TYR A 97 -8.44 2.27 -14.23
N GLN A 98 -7.64 2.92 -13.40
CA GLN A 98 -6.34 2.38 -13.06
C GLN A 98 -6.25 2.08 -11.57
N LEU A 99 -5.69 0.92 -11.27
CA LEU A 99 -5.51 0.49 -9.89
C LEU A 99 -4.01 0.45 -9.51
N ASP A 100 -3.66 1.10 -8.40
CA ASP A 100 -2.27 1.13 -7.93
C ASP A 100 -2.16 0.31 -6.64
N LEU A 101 -1.67 -0.91 -6.73
CA LEU A 101 -1.55 -1.77 -5.56
C LEU A 101 -0.10 -1.82 -5.08
N PHE A 102 0.11 -1.90 -3.77
CA PHE A 102 1.43 -1.94 -3.22
C PHE A 102 1.59 -3.13 -2.26
N THR A 103 2.35 -4.10 -2.69
CA THR A 103 2.62 -5.30 -1.88
C THR A 103 3.79 -5.03 -0.94
N ALA A 104 3.60 -5.21 0.37
CA ALA A 104 4.66 -4.95 1.35
C ALA A 104 4.73 -6.08 2.38
N LEU A 105 5.79 -6.07 3.18
CA LEU A 105 5.98 -7.07 4.22
C LEU A 105 5.23 -6.69 5.49
N ALA A 106 4.88 -7.71 6.26
CA ALA A 106 4.14 -7.51 7.50
C ALA A 106 4.91 -6.67 8.51
N GLU A 107 6.23 -6.70 8.42
CA GLU A 107 7.08 -5.93 9.32
C GLU A 107 7.11 -4.45 8.93
N GLU A 108 6.88 -4.16 7.67
CA GLU A 108 6.90 -2.78 7.20
C GLU A 108 5.50 -2.19 7.22
N LYS A 109 4.54 -2.99 7.67
CA LYS A 109 3.15 -2.58 7.75
C LYS A 109 3.00 -1.20 8.42
N PRO A 110 3.50 -0.99 9.65
CA PRO A 110 3.38 0.31 10.33
C PRO A 110 3.98 1.45 9.50
N TYR A 111 5.17 1.21 8.95
CA TYR A 111 5.90 2.20 8.14
C TYR A 111 5.15 2.56 6.86
N ALA A 112 4.54 1.57 6.24
CA ALA A 112 3.84 1.77 4.99
C ALA A 112 2.52 2.50 5.16
N ILE A 113 1.76 2.06 6.15
CA ILE A 113 0.47 2.67 6.44
C ILE A 113 0.64 4.14 6.72
N PHE A 114 1.52 4.48 7.66
CA PHE A 114 1.78 5.88 7.99
C PHE A 114 2.14 6.68 6.75
N HIS A 115 3.10 6.17 6.00
CA HIS A 115 3.55 6.80 4.76
C HIS A 115 2.39 7.07 3.80
N PHE A 116 1.49 6.10 3.64
CA PHE A 116 0.36 6.23 2.72
C PHE A 116 -0.85 6.96 3.30
N THR A 117 -0.94 7.10 4.62
CA THR A 117 -2.09 7.77 5.20
C THR A 117 -1.90 9.28 5.19
N GLY A 118 -0.72 9.73 4.80
CA GLY A 118 -0.46 11.16 4.76
C GLY A 118 0.17 11.61 3.47
N PRO A 119 0.51 12.90 3.37
CA PRO A 119 1.14 13.45 2.16
C PRO A 119 2.60 13.05 2.04
N VAL A 120 2.98 12.50 0.88
CA VAL A 120 4.37 12.12 0.63
C VAL A 120 5.32 13.28 0.91
N SER A 121 4.91 14.49 0.52
CA SER A 121 5.67 15.69 0.77
C SER A 121 6.20 15.75 2.20
N TYR A 122 5.34 15.41 3.15
CA TYR A 122 5.73 15.40 4.55
C TYR A 122 6.73 14.26 4.80
N LEU A 123 6.46 13.13 4.19
CA LEU A 123 7.27 11.93 4.34
C LEU A 123 8.73 12.15 4.01
N ILE A 124 9.02 12.67 2.83
CA ILE A 124 10.39 12.91 2.43
C ILE A 124 11.04 13.96 3.32
N ARG A 125 10.38 15.09 3.47
CA ARG A 125 10.86 16.17 4.33
C ARG A 125 11.42 15.61 5.62
N ILE A 126 10.65 14.71 6.18
CA ILE A 126 11.00 14.04 7.40
C ILE A 126 12.21 13.11 7.19
N ARG A 127 12.17 12.40 6.08
CA ARG A 127 13.22 11.45 5.75
C ARG A 127 14.55 12.18 5.59
N ALA A 128 14.55 13.19 4.72
CA ALA A 128 15.73 13.98 4.43
C ALA A 128 16.29 14.72 5.63
N ALA A 129 15.54 14.87 6.72
CA ALA A 129 16.07 15.58 7.84
C ALA A 129 16.67 14.56 8.76
N LEU A 130 16.13 13.36 8.70
CA LEU A 130 16.61 12.23 9.46
C LEU A 130 17.99 11.81 9.01
N LYS A 131 18.30 11.98 7.73
CA LYS A 131 19.62 11.62 7.23
C LYS A 131 20.65 12.47 7.93
N LYS A 132 20.38 13.76 7.91
CA LYS A 132 21.22 14.74 8.64
C LYS A 132 21.57 14.23 10.05
N LYS A 133 20.76 13.32 10.60
CA LYS A 133 21.03 12.75 11.92
C LYS A 133 21.40 11.26 11.82
N ASN A 134 21.80 10.85 10.62
CA ASN A 134 22.25 9.47 10.35
C ASN A 134 21.10 8.45 10.27
N TYR A 135 20.01 8.83 9.64
CA TYR A 135 18.87 7.94 9.50
C TYR A 135 18.34 8.03 8.07
N LYS A 136 18.28 6.91 7.38
CA LYS A 136 17.78 6.93 6.02
C LYS A 136 16.53 6.08 5.93
N LEU A 137 15.67 6.30 6.91
CA LEU A 137 14.37 5.63 7.04
C LEU A 137 13.70 5.35 5.70
N ASN A 138 13.32 4.11 5.51
CA ASN A 138 12.64 3.68 4.31
C ASN A 138 11.65 2.59 4.68
N GLN A 139 10.99 2.01 3.69
CA GLN A 139 10.00 0.97 3.94
C GLN A 139 10.61 -0.28 4.52
N TYR A 140 11.88 -0.52 4.20
CA TYR A 140 12.61 -1.69 4.67
C TYR A 140 13.02 -1.52 6.13
N GLY A 141 12.87 -0.30 6.66
CA GLY A 141 13.23 -0.08 8.04
C GLY A 141 14.02 1.21 8.25
N LEU A 142 14.96 1.17 9.19
CA LEU A 142 15.79 2.33 9.51
C LEU A 142 17.23 2.07 9.09
N PHE A 143 17.65 2.73 8.03
CA PHE A 143 19.02 2.57 7.55
C PHE A 143 19.96 3.49 8.32
N LYS A 144 20.66 2.93 9.30
CA LYS A 144 21.60 3.69 10.10
C LYS A 144 23.02 3.33 9.66
N ASN A 145 23.70 4.31 9.05
CA ASN A 145 25.06 4.14 8.55
C ASN A 145 25.22 2.87 7.70
N GLN A 146 24.35 2.74 6.69
CA GLN A 146 24.36 1.60 5.77
C GLN A 146 23.91 0.30 6.43
N THR A 147 23.44 0.40 7.67
CA THR A 147 22.98 -0.76 8.42
C THR A 147 21.47 -0.70 8.66
N LEU A 148 20.77 -1.67 8.09
CA LEU A 148 19.33 -1.77 8.26
C LEU A 148 18.97 -2.11 9.70
N VAL A 149 18.04 -1.35 10.25
CA VAL A 149 17.59 -1.53 11.60
C VAL A 149 16.10 -1.83 11.60
N PRO A 150 15.69 -2.94 12.22
CA PRO A 150 14.28 -3.35 12.27
C PRO A 150 13.44 -2.51 13.24
N LEU A 151 12.15 -2.76 13.25
CA LEU A 151 11.22 -2.02 14.08
C LEU A 151 10.64 -2.91 15.18
N LYS A 152 10.41 -2.31 16.35
CA LYS A 152 9.84 -3.01 17.48
C LYS A 152 8.42 -2.51 17.73
N ILE A 153 7.71 -2.23 16.64
CA ILE A 153 6.34 -1.74 16.73
C ILE A 153 5.45 -2.44 15.72
N THR A 154 4.15 -2.22 15.84
CA THR A 154 3.20 -2.83 14.92
C THR A 154 1.97 -1.94 14.74
N THR A 155 1.89 -0.85 15.50
CA THR A 155 0.76 0.07 15.43
C THR A 155 1.20 1.43 14.92
N GLU A 156 0.33 2.09 14.13
CA GLU A 156 0.60 3.40 13.58
C GLU A 156 0.94 4.42 14.66
N LYS A 157 0.24 4.36 15.78
CA LYS A 157 0.47 5.31 16.87
C LYS A 157 1.71 4.94 17.65
N GLU A 158 2.14 3.70 17.56
CA GLU A 158 3.33 3.27 18.26
C GLU A 158 4.54 3.72 17.45
N LEU A 159 4.38 3.61 16.13
CA LEU A 159 5.43 4.00 15.19
C LEU A 159 5.81 5.48 15.35
N ILE A 160 4.80 6.33 15.45
CA ILE A 160 5.03 7.77 15.57
C ILE A 160 5.82 8.08 16.83
N LYS A 161 5.56 7.30 17.89
CA LYS A 161 6.23 7.46 19.17
C LYS A 161 7.64 6.88 19.10
N GLU A 162 7.80 5.81 18.32
CA GLU A 162 9.08 5.14 18.14
C GLU A 162 10.01 6.03 17.31
N LEU A 163 9.43 6.74 16.37
CA LEU A 163 10.18 7.63 15.50
C LEU A 163 10.49 8.93 16.20
N GLY A 164 9.49 9.47 16.87
CA GLY A 164 9.67 10.73 17.54
C GLY A 164 8.86 11.84 16.91
N PHE A 165 7.99 11.48 15.96
CA PHE A 165 7.16 12.47 15.28
C PHE A 165 5.80 12.54 15.95
N THR A 166 4.85 13.17 15.26
CA THR A 166 3.50 13.32 15.76
C THR A 166 2.52 12.75 14.75
N TYR A 167 1.34 12.34 15.22
CA TYR A 167 0.33 11.80 14.33
C TYR A 167 -0.40 12.92 13.60
N ARG A 168 -0.29 12.93 12.29
CA ARG A 168 -0.90 13.98 11.47
C ARG A 168 -1.90 13.42 10.48
N ILE A 169 -2.78 14.28 9.98
CA ILE A 169 -3.79 13.85 9.02
C ILE A 169 -3.52 14.45 7.63
N PRO A 170 -3.91 13.75 6.55
CA PRO A 170 -3.69 14.22 5.17
C PRO A 170 -4.47 15.50 4.85
N LYS A 171 -5.67 15.59 5.40
CA LYS A 171 -6.55 16.75 5.23
C LYS A 171 -5.86 18.06 5.59
N LYS A 172 -5.00 18.00 6.60
CA LYS A 172 -4.28 19.19 7.08
C LYS A 172 -2.91 19.32 6.41
N ARG A 173 -2.34 18.18 5.99
CA ARG A 173 -1.04 18.13 5.30
C ARG A 173 0.13 18.46 6.24
N LEU A 174 1.27 17.74 6.04
CA LEU A 174 2.47 17.92 6.86
C LEU A 174 2.14 17.98 8.35
N MET A 1 -13.20 11.17 -11.29
CA MET A 1 -13.63 9.99 -12.07
C MET A 1 -14.67 9.19 -11.30
N LEU A 2 -14.26 8.55 -10.21
CA LEU A 2 -15.17 7.77 -9.40
C LEU A 2 -15.31 8.41 -8.03
N THR A 3 -16.48 8.27 -7.44
CA THR A 3 -16.75 8.85 -6.14
C THR A 3 -16.29 7.95 -5.01
N LEU A 4 -16.33 8.51 -3.80
CA LEU A 4 -15.95 7.79 -2.59
C LEU A 4 -16.71 6.46 -2.49
N ILE A 5 -18.01 6.53 -2.73
CA ILE A 5 -18.88 5.35 -2.65
C ILE A 5 -18.45 4.24 -3.60
N GLN A 6 -18.04 4.61 -4.80
CA GLN A 6 -17.65 3.63 -5.81
C GLN A 6 -16.38 2.89 -5.38
N GLY A 7 -15.35 3.68 -5.08
CA GLY A 7 -14.09 3.12 -4.64
C GLY A 7 -14.22 2.18 -3.46
N LYS A 8 -15.23 2.41 -2.63
CA LYS A 8 -15.45 1.58 -1.46
C LYS A 8 -16.24 0.34 -1.87
N LYS A 9 -17.18 0.55 -2.78
CA LYS A 9 -18.01 -0.52 -3.29
C LYS A 9 -17.17 -1.58 -4.00
N ILE A 10 -16.27 -1.13 -4.87
CA ILE A 10 -15.43 -2.06 -5.59
C ILE A 10 -14.48 -2.79 -4.65
N VAL A 11 -13.72 -2.03 -3.88
CA VAL A 11 -12.76 -2.62 -2.93
C VAL A 11 -13.43 -3.63 -1.98
N ASN A 12 -14.65 -3.32 -1.55
CA ASN A 12 -15.38 -4.18 -0.63
C ASN A 12 -15.62 -5.55 -1.27
N HIS A 13 -16.03 -5.52 -2.53
CA HIS A 13 -16.27 -6.72 -3.29
C HIS A 13 -14.95 -7.38 -3.67
N LEU A 14 -14.06 -6.56 -4.21
CA LEU A 14 -12.73 -6.95 -4.68
C LEU A 14 -11.83 -7.56 -3.61
N ARG A 15 -12.00 -7.19 -2.36
CA ARG A 15 -11.14 -7.72 -1.29
C ARG A 15 -11.47 -9.17 -0.97
N SER A 16 -12.53 -9.68 -1.57
CA SER A 16 -12.93 -11.06 -1.34
C SER A 16 -12.76 -11.85 -2.63
N ARG A 17 -12.91 -11.14 -3.74
CA ARG A 17 -12.82 -11.73 -5.07
C ARG A 17 -11.38 -11.73 -5.57
N LEU A 18 -10.50 -11.14 -4.78
CA LEU A 18 -9.09 -11.07 -5.12
C LEU A 18 -8.44 -12.44 -4.96
N ALA A 19 -7.26 -12.58 -5.57
CA ALA A 19 -6.51 -13.83 -5.53
C ALA A 19 -5.20 -13.68 -6.26
N PHE A 20 -4.43 -14.75 -6.28
CA PHE A 20 -3.16 -14.77 -6.99
C PHE A 20 -2.84 -16.19 -7.43
N GLU A 21 -2.04 -16.30 -8.45
CA GLU A 21 -1.69 -17.59 -9.03
C GLU A 21 -0.22 -17.89 -8.82
N TYR A 22 0.04 -18.97 -8.09
CA TYR A 22 1.38 -19.39 -7.81
C TYR A 22 1.65 -20.75 -8.44
N ASN A 23 2.60 -20.78 -9.37
CA ASN A 23 2.99 -22.01 -10.05
C ASN A 23 1.82 -22.68 -10.76
N GLY A 24 0.82 -21.90 -11.14
CA GLY A 24 -0.34 -22.44 -11.83
C GLY A 24 -1.52 -22.63 -10.90
N GLN A 25 -1.25 -22.72 -9.59
CA GLN A 25 -2.29 -22.90 -8.60
C GLN A 25 -2.86 -21.56 -8.19
N LEU A 26 -4.09 -21.56 -7.71
CA LEU A 26 -4.74 -20.34 -7.28
C LEU A 26 -4.74 -20.25 -5.77
N ILE A 27 -4.40 -19.09 -5.26
CA ILE A 27 -4.38 -18.82 -3.84
C ILE A 27 -5.02 -17.46 -3.63
N LYS A 28 -6.22 -17.43 -3.08
CA LYS A 28 -6.89 -16.17 -2.86
C LYS A 28 -6.35 -15.46 -1.64
N ILE A 29 -6.63 -14.17 -1.57
CA ILE A 29 -6.17 -13.35 -0.44
C ILE A 29 -7.38 -12.88 0.37
N LEU A 30 -7.14 -12.36 1.57
CA LEU A 30 -8.22 -11.90 2.43
C LEU A 30 -7.99 -10.46 2.86
N SER A 31 -9.06 -9.80 3.29
CA SER A 31 -9.03 -8.41 3.75
C SER A 31 -7.88 -8.16 4.73
N LYS A 32 -7.53 -9.16 5.53
CA LYS A 32 -6.45 -9.06 6.51
C LYS A 32 -5.12 -8.62 5.89
N ASN A 33 -4.93 -8.88 4.61
CA ASN A 33 -3.68 -8.52 3.94
C ASN A 33 -3.88 -7.35 2.99
N ILE A 34 -5.04 -6.74 3.00
CA ILE A 34 -5.32 -5.62 2.11
C ILE A 34 -5.78 -4.39 2.89
N VAL A 35 -5.16 -3.26 2.57
CA VAL A 35 -5.48 -1.98 3.18
C VAL A 35 -5.67 -0.96 2.05
N ALA A 36 -6.82 -0.31 2.00
CA ALA A 36 -7.08 0.66 0.93
C ALA A 36 -6.36 1.97 1.19
N VAL A 37 -5.74 2.51 0.15
CA VAL A 37 -5.03 3.77 0.26
C VAL A 37 -5.36 4.71 -0.89
N GLY A 38 -5.17 6.00 -0.67
CA GLY A 38 -5.41 6.96 -1.71
C GLY A 38 -6.43 8.00 -1.33
N SER A 39 -6.98 8.66 -2.34
CA SER A 39 -7.97 9.70 -2.14
C SER A 39 -9.19 9.21 -1.34
N LEU A 40 -9.63 7.98 -1.63
CA LEU A 40 -10.77 7.40 -0.96
C LEU A 40 -10.52 7.23 0.53
N ARG A 41 -9.26 7.06 0.90
CA ARG A 41 -8.90 6.89 2.30
C ARG A 41 -8.51 8.23 2.91
N ARG A 42 -8.63 9.27 2.11
CA ARG A 42 -8.32 10.62 2.55
C ARG A 42 -9.61 11.42 2.65
N GLU A 43 -10.72 10.70 2.49
CA GLU A 43 -12.05 11.29 2.58
C GLU A 43 -12.32 12.26 1.44
N GLU A 44 -11.60 12.06 0.34
CA GLU A 44 -11.77 12.89 -0.85
C GLU A 44 -13.08 12.53 -1.51
N LYS A 45 -13.88 13.55 -1.81
CA LYS A 45 -15.21 13.36 -2.39
C LYS A 45 -15.16 12.62 -3.72
N MET A 46 -14.22 12.98 -4.56
CA MET A 46 -14.09 12.33 -5.86
C MET A 46 -12.64 12.08 -6.20
N LEU A 47 -12.34 10.83 -6.48
CA LEU A 47 -10.99 10.42 -6.80
C LEU A 47 -10.83 10.19 -8.29
N ASN A 48 -9.64 9.73 -8.65
CA ASN A 48 -9.30 9.46 -10.03
C ASN A 48 -8.98 7.99 -10.18
N ASP A 49 -8.13 7.49 -9.30
CA ASP A 49 -7.73 6.10 -9.29
C ASP A 49 -7.69 5.60 -7.86
N VAL A 50 -7.42 4.32 -7.69
CA VAL A 50 -7.39 3.74 -6.35
C VAL A 50 -6.06 3.05 -6.07
N ASP A 51 -5.52 3.33 -4.89
CA ASP A 51 -4.27 2.74 -4.43
C ASP A 51 -4.62 1.61 -3.48
N LEU A 52 -3.76 0.64 -3.33
CA LEU A 52 -4.09 -0.49 -2.46
C LEU A 52 -2.82 -1.11 -1.88
N LEU A 53 -2.84 -1.39 -0.58
CA LEU A 53 -1.69 -1.99 0.08
C LEU A 53 -1.98 -3.44 0.44
N ILE A 54 -1.03 -4.31 0.17
CA ILE A 54 -1.14 -5.73 0.48
C ILE A 54 0.10 -6.15 1.25
N ILE A 55 -0.06 -6.56 2.51
CA ILE A 55 1.08 -6.96 3.31
C ILE A 55 1.19 -8.48 3.32
N VAL A 56 2.40 -9.00 3.23
CA VAL A 56 2.60 -10.44 3.20
C VAL A 56 3.56 -10.88 4.31
N PRO A 57 3.15 -11.86 5.14
CA PRO A 57 3.99 -12.36 6.24
C PRO A 57 5.27 -13.08 5.80
N GLU A 58 5.30 -13.61 4.58
CA GLU A 58 6.50 -14.32 4.12
C GLU A 58 7.34 -13.47 3.18
N LYS A 59 8.64 -13.75 3.19
CA LYS A 59 9.60 -13.06 2.34
C LYS A 59 9.76 -13.86 1.07
N LYS A 60 8.69 -14.54 0.79
CA LYS A 60 8.56 -15.42 -0.33
C LYS A 60 7.19 -15.14 -0.91
N LEU A 61 6.13 -15.68 -0.28
CA LEU A 61 4.75 -15.37 -0.67
C LEU A 61 4.62 -13.92 -1.15
N LEU A 62 5.39 -13.03 -0.55
CA LEU A 62 5.40 -11.60 -0.93
C LEU A 62 5.71 -11.43 -2.41
N LYS A 63 6.73 -12.15 -2.87
CA LYS A 63 7.15 -12.06 -4.27
C LYS A 63 6.50 -13.17 -5.10
N HIS A 64 5.72 -14.03 -4.47
CA HIS A 64 5.05 -15.10 -5.19
C HIS A 64 3.73 -14.57 -5.77
N VAL A 65 3.24 -13.45 -5.23
CA VAL A 65 2.00 -12.85 -5.70
C VAL A 65 2.25 -11.93 -6.89
N LEU A 66 3.48 -11.42 -7.00
CA LEU A 66 3.84 -10.48 -8.07
C LEU A 66 3.56 -11.02 -9.47
N PRO A 67 3.98 -12.26 -9.81
CA PRO A 67 3.74 -12.81 -11.14
C PRO A 67 2.27 -12.83 -11.53
N ASN A 68 1.45 -13.53 -10.75
CA ASN A 68 0.03 -13.62 -11.07
C ASN A 68 -0.82 -13.22 -9.88
N ILE A 69 -1.31 -11.98 -9.88
CA ILE A 69 -2.19 -11.49 -8.82
C ILE A 69 -3.31 -10.67 -9.46
N ARG A 70 -4.55 -11.11 -9.27
CA ARG A 70 -5.69 -10.43 -9.86
C ARG A 70 -7.00 -11.11 -9.49
N ILE A 71 -8.06 -10.62 -10.09
CA ILE A 71 -9.40 -11.17 -9.90
C ILE A 71 -9.56 -12.30 -10.92
N LYS A 72 -10.63 -13.06 -10.81
CA LYS A 72 -10.85 -14.16 -11.74
C LYS A 72 -12.05 -13.87 -12.65
N GLY A 73 -11.77 -13.71 -13.93
CA GLY A 73 -12.84 -13.44 -14.88
C GLY A 73 -13.21 -11.98 -14.98
N LEU A 74 -12.20 -11.10 -14.99
CA LEU A 74 -12.48 -9.68 -15.12
C LEU A 74 -11.64 -9.06 -16.24
N SER A 75 -11.82 -7.74 -16.40
CA SER A 75 -11.11 -7.00 -17.42
C SER A 75 -9.97 -6.22 -16.79
N PHE A 76 -8.74 -6.64 -17.07
CA PHE A 76 -7.57 -5.97 -16.52
C PHE A 76 -6.30 -6.30 -17.31
N SER A 77 -5.28 -5.48 -17.11
CA SER A 77 -3.96 -5.66 -17.74
C SER A 77 -2.90 -5.58 -16.63
N VAL A 78 -2.04 -6.58 -16.55
CA VAL A 78 -1.01 -6.61 -15.51
C VAL A 78 0.29 -5.94 -15.97
N LYS A 79 0.58 -4.79 -15.42
CA LYS A 79 1.80 -4.05 -15.75
C LYS A 79 2.74 -4.03 -14.55
N VAL A 80 3.98 -3.67 -14.77
CA VAL A 80 4.96 -3.62 -13.69
C VAL A 80 5.38 -2.18 -13.42
N CYS A 81 5.59 -1.86 -12.14
CA CYS A 81 6.00 -0.53 -11.73
C CYS A 81 7.13 -0.60 -10.72
N GLY A 82 8.23 0.04 -11.02
CA GLY A 82 9.36 0.05 -10.11
C GLY A 82 9.98 -1.31 -9.95
N GLU A 83 10.28 -1.63 -8.71
CA GLU A 83 10.89 -2.89 -8.35
C GLU A 83 9.94 -3.79 -7.56
N ARG A 84 9.16 -3.18 -6.67
CA ARG A 84 8.23 -3.91 -5.83
C ARG A 84 6.78 -3.53 -6.12
N LYS A 85 6.57 -2.49 -6.90
CA LYS A 85 5.23 -2.02 -7.20
C LYS A 85 4.63 -2.70 -8.43
N CYS A 86 3.31 -2.66 -8.52
CA CYS A 86 2.60 -3.25 -9.64
C CYS A 86 1.39 -2.39 -10.01
N VAL A 87 1.11 -2.29 -11.31
CA VAL A 87 -0.02 -1.47 -11.77
C VAL A 87 -0.94 -2.28 -12.67
N LEU A 88 -2.23 -2.19 -12.41
CA LEU A 88 -3.23 -2.91 -13.19
C LEU A 88 -4.31 -1.96 -13.68
N PHE A 89 -4.79 -2.18 -14.89
CA PHE A 89 -5.82 -1.36 -15.46
C PHE A 89 -7.10 -2.16 -15.56
N ILE A 90 -8.10 -1.78 -14.79
CA ILE A 90 -9.37 -2.48 -14.79
C ILE A 90 -10.40 -1.74 -15.62
N GLU A 91 -11.27 -2.50 -16.28
CA GLU A 91 -12.30 -1.91 -17.12
C GLU A 91 -13.65 -2.54 -16.81
N TRP A 92 -14.65 -1.70 -16.50
CA TRP A 92 -15.99 -2.20 -16.22
C TRP A 92 -17.02 -1.08 -16.35
N GLU A 93 -18.28 -1.48 -16.57
CA GLU A 93 -19.38 -0.55 -16.75
C GLU A 93 -19.04 0.46 -17.85
N LYS A 94 -18.44 -0.07 -18.93
CA LYS A 94 -18.03 0.73 -20.08
C LYS A 94 -17.07 1.83 -19.67
N LYS A 95 -16.23 1.53 -18.68
CA LYS A 95 -15.24 2.48 -18.22
C LYS A 95 -13.89 1.79 -18.00
N THR A 96 -12.86 2.60 -17.80
CA THR A 96 -11.50 2.10 -17.61
C THR A 96 -10.78 2.86 -16.48
N TYR A 97 -10.40 2.16 -15.42
CA TYR A 97 -9.72 2.79 -14.30
C TYR A 97 -8.34 2.19 -14.11
N GLN A 98 -7.53 2.85 -13.29
CA GLN A 98 -6.19 2.39 -13.00
C GLN A 98 -6.05 2.01 -11.52
N LEU A 99 -5.55 0.81 -11.27
CA LEU A 99 -5.36 0.32 -9.91
C LEU A 99 -3.87 0.19 -9.61
N ASP A 100 -3.42 0.84 -8.54
CA ASP A 100 -2.00 0.80 -8.14
C ASP A 100 -1.87 0.03 -6.82
N LEU A 101 -1.29 -1.16 -6.88
CA LEU A 101 -1.16 -1.98 -5.69
C LEU A 101 0.28 -1.99 -5.17
N PHE A 102 0.41 -1.99 -3.85
CA PHE A 102 1.71 -1.99 -3.20
C PHE A 102 1.81 -3.17 -2.21
N THR A 103 2.68 -4.10 -2.53
CA THR A 103 2.90 -5.28 -1.69
C THR A 103 4.10 -5.08 -0.76
N ALA A 104 3.95 -5.32 0.53
CA ALA A 104 5.04 -5.16 1.48
C ALA A 104 5.06 -6.27 2.53
N LEU A 105 6.09 -6.27 3.36
CA LEU A 105 6.26 -7.27 4.40
C LEU A 105 5.43 -6.96 5.63
N ALA A 106 5.23 -7.98 6.44
CA ALA A 106 4.41 -7.87 7.64
C ALA A 106 5.06 -7.00 8.70
N GLU A 107 6.35 -6.80 8.58
CA GLU A 107 7.07 -5.98 9.53
C GLU A 107 6.87 -4.50 9.22
N GLU A 108 6.48 -4.21 7.98
CA GLU A 108 6.27 -2.83 7.58
C GLU A 108 4.88 -2.33 7.97
N LYS A 109 4.08 -3.20 8.60
CA LYS A 109 2.71 -2.85 9.02
C LYS A 109 2.62 -1.43 9.60
N PRO A 110 3.35 -1.09 10.69
CA PRO A 110 3.30 0.26 11.28
C PRO A 110 3.72 1.34 10.28
N TYR A 111 4.76 1.04 9.51
CA TYR A 111 5.30 1.95 8.49
C TYR A 111 4.27 2.21 7.41
N ALA A 112 3.57 1.15 7.05
CA ALA A 112 2.56 1.21 6.02
C ALA A 112 1.37 2.01 6.50
N ILE A 113 1.00 1.86 7.76
CA ILE A 113 -0.14 2.59 8.28
C ILE A 113 0.16 4.08 8.27
N PHE A 114 1.31 4.46 8.80
CA PHE A 114 1.69 5.86 8.81
C PHE A 114 1.66 6.44 7.40
N HIS A 115 2.33 5.76 6.48
CA HIS A 115 2.35 6.21 5.09
C HIS A 115 0.93 6.30 4.53
N PHE A 116 0.13 5.28 4.78
CA PHE A 116 -1.23 5.22 4.30
C PHE A 116 -2.09 6.37 4.82
N THR A 117 -2.05 6.60 6.12
CA THR A 117 -2.87 7.67 6.72
C THR A 117 -2.06 8.95 6.91
N GLY A 118 -1.00 9.10 6.15
CA GLY A 118 -0.20 10.29 6.28
C GLY A 118 -0.07 11.03 4.97
N PRO A 119 0.20 12.35 5.03
CA PRO A 119 0.37 13.13 3.82
C PRO A 119 1.70 12.80 3.14
N VAL A 120 1.66 12.54 1.84
CA VAL A 120 2.87 12.17 1.08
C VAL A 120 3.91 13.28 1.11
N SER A 121 3.46 14.48 1.44
CA SER A 121 4.33 15.65 1.49
C SER A 121 5.07 15.69 2.83
N TYR A 122 4.40 15.27 3.89
CA TYR A 122 5.00 15.26 5.21
C TYR A 122 5.86 14.02 5.39
N LEU A 123 5.52 12.97 4.64
CA LEU A 123 6.24 11.70 4.71
C LEU A 123 7.67 11.90 4.25
N ILE A 124 7.84 12.56 3.12
CA ILE A 124 9.16 12.82 2.60
C ILE A 124 9.91 13.75 3.55
N ARG A 125 9.37 14.94 3.79
CA ARG A 125 9.96 15.92 4.71
C ARG A 125 10.56 15.23 5.91
N ILE A 126 9.80 14.33 6.45
CA ILE A 126 10.23 13.53 7.58
C ILE A 126 11.48 12.70 7.25
N ARG A 127 11.52 12.17 6.04
CA ARG A 127 12.64 11.36 5.58
C ARG A 127 13.77 12.28 5.07
N ALA A 128 13.39 13.52 4.89
CA ALA A 128 14.28 14.56 4.38
C ALA A 128 15.04 15.19 5.51
N ALA A 129 14.54 15.05 6.73
CA ALA A 129 15.24 15.57 7.88
C ALA A 129 15.94 14.41 8.56
N LEU A 130 15.36 13.22 8.38
CA LEU A 130 15.89 12.01 8.92
C LEU A 130 17.23 11.71 8.30
N LYS A 131 17.35 11.94 6.99
CA LYS A 131 18.60 11.70 6.29
C LYS A 131 19.67 12.52 6.96
N LYS A 132 19.44 13.82 7.02
CA LYS A 132 20.31 14.75 7.77
C LYS A 132 20.75 14.17 9.12
N LYS A 133 19.89 13.37 9.73
CA LYS A 133 20.18 12.73 11.03
C LYS A 133 20.93 11.43 10.81
N ASN A 134 21.35 11.23 9.57
CA ASN A 134 22.08 10.03 9.17
C ASN A 134 21.16 8.82 9.23
N TYR A 135 19.92 9.00 8.77
CA TYR A 135 18.95 7.93 8.78
C TYR A 135 18.06 8.00 7.54
N LYS A 136 17.67 6.85 7.04
CA LYS A 136 16.80 6.81 5.88
C LYS A 136 15.59 5.92 6.17
N LEU A 137 14.42 6.52 6.11
CA LEU A 137 13.17 5.81 6.40
C LEU A 137 12.46 5.48 5.10
N ASN A 138 12.06 4.23 4.97
CA ASN A 138 11.36 3.79 3.78
C ASN A 138 10.45 2.60 4.13
N GLN A 139 9.72 2.11 3.15
CA GLN A 139 8.79 0.99 3.34
C GLN A 139 9.52 -0.35 3.45
N TYR A 140 10.79 -0.28 3.84
CA TYR A 140 11.61 -1.48 4.02
C TYR A 140 12.29 -1.42 5.38
N GLY A 141 12.27 -0.23 5.97
CA GLY A 141 12.85 -0.06 7.27
C GLY A 141 13.62 1.24 7.42
N LEU A 142 14.62 1.22 8.30
CA LEU A 142 15.43 2.38 8.57
C LEU A 142 16.89 2.12 8.21
N PHE A 143 17.39 2.83 7.22
CA PHE A 143 18.77 2.64 6.79
C PHE A 143 19.73 3.56 7.55
N LYS A 144 20.64 2.96 8.28
CA LYS A 144 21.65 3.71 9.02
C LYS A 144 23.02 3.35 8.49
N ASN A 145 23.61 4.28 7.74
CA ASN A 145 24.94 4.10 7.15
C ASN A 145 25.04 2.77 6.41
N GLN A 146 24.32 2.67 5.29
CA GLN A 146 24.29 1.48 4.43
C GLN A 146 23.83 0.21 5.18
N THR A 147 23.33 0.36 6.39
CA THR A 147 22.90 -0.79 7.17
C THR A 147 21.38 -0.75 7.44
N LEU A 148 20.66 -1.72 6.92
CA LEU A 148 19.22 -1.77 7.13
C LEU A 148 18.93 -2.10 8.57
N VAL A 149 18.05 -1.31 9.14
CA VAL A 149 17.65 -1.45 10.52
C VAL A 149 16.15 -1.68 10.60
N PRO A 150 15.73 -2.80 11.21
CA PRO A 150 14.31 -3.14 11.33
C PRO A 150 13.61 -2.30 12.40
N LEU A 151 12.35 -2.62 12.65
CA LEU A 151 11.56 -1.91 13.64
C LEU A 151 11.40 -2.73 14.89
N LYS A 152 11.12 -2.05 15.99
CA LYS A 152 10.90 -2.71 17.26
C LYS A 152 9.52 -2.36 17.77
N ILE A 153 8.64 -2.03 16.85
CA ILE A 153 7.28 -1.65 17.17
C ILE A 153 6.28 -2.51 16.43
N THR A 154 5.02 -2.38 16.82
CA THR A 154 3.97 -3.14 16.18
C THR A 154 2.68 -2.33 16.13
N THR A 155 2.71 -1.13 16.70
CA THR A 155 1.55 -0.24 16.72
C THR A 155 1.85 1.09 16.02
N GLU A 156 0.82 1.74 15.49
CA GLU A 156 0.98 3.02 14.81
C GLU A 156 1.35 4.12 15.79
N LYS A 157 0.81 4.01 17.00
CA LYS A 157 1.10 4.99 18.07
C LYS A 157 2.45 4.67 18.70
N GLU A 158 2.94 3.47 18.41
CA GLU A 158 4.22 3.02 18.90
C GLU A 158 5.30 3.56 17.96
N LEU A 159 5.01 3.42 16.67
CA LEU A 159 5.93 3.87 15.62
C LEU A 159 6.23 5.37 15.76
N ILE A 160 5.18 6.18 15.93
CA ILE A 160 5.35 7.62 16.05
C ILE A 160 6.17 7.98 17.27
N LYS A 161 6.02 7.19 18.32
CA LYS A 161 6.76 7.41 19.56
C LYS A 161 8.15 6.80 19.45
N GLU A 162 8.32 5.90 18.49
CA GLU A 162 9.60 5.27 18.22
C GLU A 162 10.45 6.23 17.40
N LEU A 163 9.82 6.90 16.47
CA LEU A 163 10.50 7.87 15.62
C LEU A 163 10.69 9.16 16.39
N GLY A 164 9.72 9.47 17.26
CA GLY A 164 9.77 10.68 18.03
C GLY A 164 8.99 11.79 17.35
N PHE A 165 7.96 11.39 16.62
CA PHE A 165 7.14 12.33 15.89
C PHE A 165 5.69 12.29 16.38
N THR A 166 4.82 12.98 15.65
CA THR A 166 3.40 13.05 15.98
C THR A 166 2.58 12.47 14.83
N TYR A 167 1.31 12.16 15.10
CA TYR A 167 0.44 11.61 14.07
C TYR A 167 -0.25 12.74 13.33
N ARG A 168 -0.13 12.73 12.01
CA ARG A 168 -0.75 13.76 11.18
C ARG A 168 -1.71 13.16 10.18
N ILE A 169 -2.76 13.91 9.86
CA ILE A 169 -3.78 13.45 8.94
C ILE A 169 -3.64 14.16 7.59
N PRO A 170 -3.91 13.42 6.50
CA PRO A 170 -3.83 13.95 5.14
C PRO A 170 -4.85 15.05 4.90
N LYS A 171 -6.02 14.88 5.49
CA LYS A 171 -7.12 15.83 5.38
C LYS A 171 -6.67 17.28 5.63
N LYS A 172 -5.73 17.46 6.54
CA LYS A 172 -5.24 18.78 6.89
C LYS A 172 -3.94 19.12 6.15
N ARG A 173 -3.34 18.10 5.53
CA ARG A 173 -2.09 18.21 4.78
C ARG A 173 -0.92 18.71 5.63
N LEU A 174 0.11 17.88 5.72
CA LEU A 174 1.31 18.19 6.48
C LEU A 174 1.01 18.38 7.96
N MET A 1 -13.70 10.91 -11.67
CA MET A 1 -13.97 9.69 -12.47
C MET A 1 -15.13 8.90 -11.85
N LEU A 2 -15.02 8.62 -10.56
CA LEU A 2 -16.02 7.86 -9.83
C LEU A 2 -16.30 8.50 -8.48
N THR A 3 -17.08 7.81 -7.67
CA THR A 3 -17.41 8.30 -6.34
C THR A 3 -16.89 7.33 -5.27
N LEU A 4 -16.94 7.77 -4.02
CA LEU A 4 -16.47 6.97 -2.89
C LEU A 4 -17.24 5.66 -2.78
N ILE A 5 -18.52 5.70 -3.12
CA ILE A 5 -19.38 4.52 -3.05
C ILE A 5 -18.91 3.44 -4.02
N GLN A 6 -18.53 3.84 -5.23
CA GLN A 6 -18.06 2.92 -6.25
C GLN A 6 -16.82 2.17 -5.77
N GLY A 7 -15.78 2.93 -5.45
CA GLY A 7 -14.55 2.35 -4.93
C GLY A 7 -14.78 1.47 -3.72
N LYS A 8 -15.83 1.75 -2.96
CA LYS A 8 -16.14 0.96 -1.77
C LYS A 8 -16.79 -0.34 -2.21
N LYS A 9 -17.63 -0.25 -3.23
CA LYS A 9 -18.33 -1.39 -3.78
C LYS A 9 -17.35 -2.41 -4.34
N ILE A 10 -16.46 -1.96 -5.21
CA ILE A 10 -15.47 -2.84 -5.81
C ILE A 10 -14.57 -3.44 -4.75
N VAL A 11 -13.97 -2.57 -3.96
CA VAL A 11 -13.07 -3.01 -2.89
C VAL A 11 -13.73 -4.05 -1.97
N ASN A 12 -15.01 -3.88 -1.68
CA ASN A 12 -15.72 -4.82 -0.81
C ASN A 12 -15.81 -6.19 -1.48
N HIS A 13 -16.06 -6.16 -2.76
CA HIS A 13 -16.12 -7.40 -3.55
C HIS A 13 -14.71 -7.96 -3.72
N LEU A 14 -13.81 -7.10 -4.13
CA LEU A 14 -12.40 -7.42 -4.38
C LEU A 14 -11.65 -7.91 -3.14
N ARG A 15 -12.08 -7.48 -1.97
CA ARG A 15 -11.40 -7.84 -0.72
C ARG A 15 -11.43 -9.35 -0.47
N SER A 16 -12.32 -10.05 -1.15
CA SER A 16 -12.44 -11.48 -0.97
C SER A 16 -12.48 -12.21 -2.32
N ARG A 17 -12.50 -11.43 -3.40
CA ARG A 17 -12.53 -12.00 -4.75
C ARG A 17 -11.13 -11.96 -5.36
N LEU A 18 -10.23 -11.26 -4.68
CA LEU A 18 -8.86 -11.14 -5.15
C LEU A 18 -8.13 -12.47 -5.02
N ALA A 19 -7.07 -12.61 -5.80
CA ALA A 19 -6.28 -13.83 -5.80
C ALA A 19 -4.95 -13.59 -6.48
N PHE A 20 -4.11 -14.56 -6.39
CA PHE A 20 -2.80 -14.50 -7.02
C PHE A 20 -2.35 -15.89 -7.37
N GLU A 21 -1.35 -16.01 -8.22
CA GLU A 21 -0.84 -17.30 -8.59
C GLU A 21 0.24 -17.75 -7.63
N TYR A 22 0.63 -18.97 -7.81
CA TYR A 22 1.64 -19.59 -6.98
C TYR A 22 2.13 -20.88 -7.59
N ASN A 23 3.26 -20.80 -8.27
CA ASN A 23 3.86 -21.97 -8.91
C ASN A 23 2.88 -22.66 -9.85
N GLY A 24 2.06 -21.86 -10.51
CA GLY A 24 1.07 -22.37 -11.45
C GLY A 24 -0.28 -22.53 -10.80
N GLN A 25 -0.28 -22.61 -9.47
CA GLN A 25 -1.52 -22.76 -8.74
C GLN A 25 -2.17 -21.40 -8.53
N LEU A 26 -3.32 -21.42 -7.89
CA LEU A 26 -4.05 -20.21 -7.60
C LEU A 26 -4.33 -20.11 -6.13
N ILE A 27 -3.85 -19.05 -5.55
CA ILE A 27 -4.04 -18.80 -4.14
C ILE A 27 -4.75 -17.47 -3.97
N LYS A 28 -5.90 -17.47 -3.31
CA LYS A 28 -6.67 -16.27 -3.12
C LYS A 28 -6.17 -15.48 -1.90
N ILE A 29 -6.64 -14.25 -1.79
CA ILE A 29 -6.26 -13.41 -0.66
C ILE A 29 -7.51 -12.84 -0.01
N LEU A 30 -7.39 -12.35 1.21
CA LEU A 30 -8.53 -11.80 1.92
C LEU A 30 -8.28 -10.37 2.41
N SER A 31 -9.28 -9.82 3.08
CA SER A 31 -9.22 -8.47 3.63
C SER A 31 -8.04 -8.31 4.57
N LYS A 32 -7.71 -9.38 5.28
CA LYS A 32 -6.55 -9.41 6.18
C LYS A 32 -5.26 -9.37 5.38
N ASN A 33 -5.34 -8.70 4.26
CA ASN A 33 -4.21 -8.58 3.32
C ASN A 33 -4.41 -7.35 2.43
N ILE A 34 -5.51 -6.65 2.62
CA ILE A 34 -5.83 -5.49 1.77
C ILE A 34 -6.31 -4.30 2.60
N VAL A 35 -5.81 -3.11 2.26
CA VAL A 35 -6.19 -1.87 2.93
C VAL A 35 -6.50 -0.80 1.88
N ALA A 36 -7.62 -0.11 2.04
CA ALA A 36 -8.00 0.93 1.08
C ALA A 36 -7.33 2.25 1.43
N VAL A 37 -6.28 2.60 0.70
CA VAL A 37 -5.56 3.84 0.94
C VAL A 37 -5.86 4.89 -0.13
N GLY A 38 -5.26 6.06 0.01
CA GLY A 38 -5.46 7.13 -0.95
C GLY A 38 -6.57 8.07 -0.50
N SER A 39 -7.38 8.53 -1.45
CA SER A 39 -8.48 9.43 -1.13
C SER A 39 -9.54 8.70 -0.30
N LEU A 40 -9.48 7.38 -0.32
CA LEU A 40 -10.40 6.54 0.44
C LEU A 40 -10.22 6.78 1.95
N ARG A 41 -8.99 7.00 2.37
CA ARG A 41 -8.68 7.26 3.77
C ARG A 41 -8.69 8.77 4.02
N ARG A 42 -8.70 9.52 2.93
CA ARG A 42 -8.73 10.98 2.98
C ARG A 42 -10.16 11.47 3.19
N GLU A 43 -11.10 10.53 3.08
CA GLU A 43 -12.52 10.81 3.24
C GLU A 43 -13.03 11.75 2.16
N GLU A 44 -12.78 11.42 0.91
CA GLU A 44 -13.24 12.25 -0.20
C GLU A 44 -14.62 11.82 -0.67
N LYS A 45 -15.29 12.71 -1.37
CA LYS A 45 -16.63 12.47 -1.89
C LYS A 45 -16.54 11.96 -3.33
N MET A 46 -15.55 12.45 -4.05
CA MET A 46 -15.34 12.11 -5.43
C MET A 46 -14.00 11.38 -5.57
N LEU A 47 -13.99 10.29 -6.33
CA LEU A 47 -12.77 9.53 -6.54
C LEU A 47 -12.36 9.54 -8.02
N ASN A 48 -11.07 9.32 -8.27
CA ASN A 48 -10.56 9.27 -9.64
C ASN A 48 -10.01 7.89 -9.91
N ASP A 49 -9.13 7.47 -9.02
CA ASP A 49 -8.53 6.16 -9.09
C ASP A 49 -8.50 5.60 -7.68
N VAL A 50 -8.31 4.31 -7.54
CA VAL A 50 -8.29 3.68 -6.22
C VAL A 50 -6.92 3.10 -5.91
N ASP A 51 -6.48 3.34 -4.70
CA ASP A 51 -5.21 2.84 -4.19
C ASP A 51 -5.49 1.77 -3.15
N LEU A 52 -4.72 0.68 -3.13
CA LEU A 52 -4.95 -0.40 -2.19
C LEU A 52 -3.62 -0.98 -1.73
N LEU A 53 -3.47 -1.24 -0.43
CA LEU A 53 -2.23 -1.78 0.11
C LEU A 53 -2.42 -3.24 0.51
N ILE A 54 -1.56 -4.10 -0.03
CA ILE A 54 -1.60 -5.53 0.26
C ILE A 54 -0.33 -5.91 1.00
N ILE A 55 -0.39 -6.24 2.29
CA ILE A 55 0.80 -6.60 3.01
C ILE A 55 0.90 -8.12 3.13
N VAL A 56 2.10 -8.65 3.03
CA VAL A 56 2.29 -10.08 3.11
C VAL A 56 3.12 -10.45 4.36
N PRO A 57 2.67 -11.48 5.10
CA PRO A 57 3.35 -11.90 6.33
C PRO A 57 4.65 -12.68 6.13
N GLU A 58 4.87 -13.26 4.95
CA GLU A 58 6.08 -14.05 4.74
C GLU A 58 7.10 -13.32 3.88
N LYS A 59 8.32 -13.82 3.96
CA LYS A 59 9.46 -13.29 3.22
C LYS A 59 9.59 -14.08 1.95
N LYS A 60 8.55 -14.85 1.73
CA LYS A 60 8.44 -15.72 0.59
C LYS A 60 7.15 -15.34 -0.10
N LEU A 61 6.01 -15.79 0.48
CA LEU A 61 4.69 -15.38 -0.01
C LEU A 61 4.64 -13.91 -0.42
N LEU A 62 5.53 -13.08 0.13
CA LEU A 62 5.54 -11.67 -0.24
C LEU A 62 5.95 -11.49 -1.69
N LYS A 63 6.93 -12.28 -2.11
CA LYS A 63 7.45 -12.18 -3.46
C LYS A 63 6.82 -13.22 -4.36
N HIS A 64 6.03 -14.10 -3.77
CA HIS A 64 5.35 -15.14 -4.53
C HIS A 64 3.99 -14.64 -5.00
N VAL A 65 3.61 -13.49 -4.49
CA VAL A 65 2.37 -12.83 -4.89
C VAL A 65 2.69 -11.99 -6.12
N LEU A 66 3.96 -11.63 -6.19
CA LEU A 66 4.52 -10.82 -7.25
C LEU A 66 4.41 -11.47 -8.64
N PRO A 67 4.66 -12.81 -8.79
CA PRO A 67 4.52 -13.47 -10.09
C PRO A 67 3.21 -13.08 -10.77
N ASN A 68 2.09 -13.56 -10.23
CA ASN A 68 0.80 -13.18 -10.77
C ASN A 68 -0.20 -12.88 -9.68
N ILE A 69 -0.81 -11.71 -9.77
CA ILE A 69 -1.82 -11.27 -8.83
C ILE A 69 -2.92 -10.61 -9.62
N ARG A 70 -4.13 -11.13 -9.49
CA ARG A 70 -5.25 -10.60 -10.25
C ARG A 70 -6.57 -11.21 -9.79
N ILE A 71 -7.64 -10.71 -10.37
CA ILE A 71 -8.98 -11.18 -10.06
C ILE A 71 -9.46 -12.07 -11.21
N LYS A 72 -10.50 -12.84 -10.97
CA LYS A 72 -11.04 -13.74 -11.97
C LYS A 72 -12.41 -13.27 -12.41
N GLY A 73 -12.70 -13.45 -13.69
CA GLY A 73 -13.99 -13.06 -14.23
C GLY A 73 -14.11 -11.56 -14.38
N LEU A 74 -13.01 -10.91 -14.74
CA LEU A 74 -13.02 -9.47 -14.91
C LEU A 74 -12.30 -9.01 -16.17
N SER A 75 -11.97 -7.73 -16.17
CA SER A 75 -11.27 -7.06 -17.26
C SER A 75 -10.18 -6.17 -16.68
N PHE A 76 -8.93 -6.52 -16.94
CA PHE A 76 -7.81 -5.74 -16.41
C PHE A 76 -6.53 -5.96 -17.21
N SER A 77 -5.60 -5.04 -17.03
CA SER A 77 -4.29 -5.13 -17.64
C SER A 77 -3.23 -4.91 -16.55
N VAL A 78 -2.31 -5.85 -16.42
CA VAL A 78 -1.29 -5.78 -15.38
C VAL A 78 -0.01 -5.11 -15.86
N LYS A 79 0.31 -3.94 -15.30
CA LYS A 79 1.51 -3.21 -15.67
C LYS A 79 2.34 -2.85 -14.44
N VAL A 80 3.61 -2.58 -14.65
CA VAL A 80 4.52 -2.21 -13.57
C VAL A 80 4.52 -0.69 -13.39
N CYS A 81 4.47 -0.24 -12.15
CA CYS A 81 4.45 1.18 -11.86
C CYS A 81 5.70 1.58 -11.09
N GLY A 82 6.57 2.32 -11.73
CA GLY A 82 7.77 2.74 -11.06
C GLY A 82 8.77 1.62 -10.91
N GLU A 83 9.52 1.67 -9.83
CA GLU A 83 10.53 0.69 -9.53
C GLU A 83 9.95 -0.57 -8.89
N ARG A 84 9.16 -0.41 -7.83
CA ARG A 84 8.61 -1.56 -7.11
C ARG A 84 7.07 -1.56 -7.01
N LYS A 85 6.41 -0.57 -7.58
CA LYS A 85 4.95 -0.48 -7.49
C LYS A 85 4.27 -1.27 -8.61
N CYS A 86 2.97 -1.47 -8.48
CA CYS A 86 2.19 -2.21 -9.46
C CYS A 86 0.87 -1.50 -9.74
N VAL A 87 0.46 -1.49 -10.99
CA VAL A 87 -0.78 -0.85 -11.39
C VAL A 87 -1.55 -1.75 -12.35
N LEU A 88 -2.86 -1.79 -12.20
CA LEU A 88 -3.71 -2.60 -13.04
C LEU A 88 -4.80 -1.75 -13.66
N PHE A 89 -5.11 -2.03 -14.91
CA PHE A 89 -6.14 -1.27 -15.60
C PHE A 89 -7.43 -2.08 -15.63
N ILE A 90 -8.35 -1.76 -14.73
CA ILE A 90 -9.62 -2.49 -14.64
C ILE A 90 -10.69 -1.84 -15.50
N GLU A 91 -11.59 -2.66 -16.05
CA GLU A 91 -12.64 -2.15 -16.90
C GLU A 91 -13.97 -2.85 -16.63
N TRP A 92 -15.02 -2.06 -16.46
CA TRP A 92 -16.35 -2.60 -16.23
C TRP A 92 -17.39 -1.52 -16.40
N GLU A 93 -18.62 -1.93 -16.71
CA GLU A 93 -19.71 -1.01 -16.95
C GLU A 93 -19.37 -0.14 -18.16
N LYS A 94 -18.64 -0.78 -19.08
CA LYS A 94 -18.19 -0.14 -20.32
C LYS A 94 -17.20 0.99 -20.04
N LYS A 95 -16.58 0.97 -18.86
CA LYS A 95 -15.62 1.99 -18.49
C LYS A 95 -14.28 1.35 -18.11
N THR A 96 -13.24 2.14 -18.13
CA THR A 96 -11.89 1.68 -17.80
C THR A 96 -11.24 2.58 -16.75
N TYR A 97 -10.99 2.05 -15.56
CA TYR A 97 -10.35 2.83 -14.51
C TYR A 97 -8.97 2.28 -14.24
N GLN A 98 -8.20 3.00 -13.44
CA GLN A 98 -6.84 2.59 -13.11
C GLN A 98 -6.75 2.24 -11.64
N LEU A 99 -6.23 1.07 -11.33
CA LEU A 99 -6.07 0.64 -9.96
C LEU A 99 -4.60 0.53 -9.62
N ASP A 100 -4.21 1.19 -8.55
CA ASP A 100 -2.82 1.19 -8.11
C ASP A 100 -2.69 0.38 -6.82
N LEU A 101 -2.31 -0.89 -6.94
CA LEU A 101 -2.15 -1.77 -5.80
C LEU A 101 -0.69 -1.83 -5.36
N PHE A 102 -0.44 -1.88 -4.07
CA PHE A 102 0.92 -1.93 -3.58
C PHE A 102 1.13 -3.09 -2.60
N THR A 103 2.01 -4.01 -2.96
CA THR A 103 2.33 -5.14 -2.09
C THR A 103 3.52 -4.78 -1.20
N ALA A 104 3.36 -4.88 0.11
CA ALA A 104 4.42 -4.53 1.04
C ALA A 104 4.59 -5.61 2.10
N LEU A 105 5.68 -5.55 2.84
CA LEU A 105 5.97 -6.53 3.88
C LEU A 105 5.28 -6.22 5.18
N ALA A 106 5.14 -7.27 5.99
CA ALA A 106 4.49 -7.16 7.28
C ALA A 106 5.30 -6.27 8.21
N GLU A 107 6.61 -6.30 8.03
CA GLU A 107 7.51 -5.50 8.85
C GLU A 107 7.50 -4.04 8.44
N GLU A 108 7.07 -3.73 7.23
CA GLU A 108 7.04 -2.35 6.76
C GLU A 108 5.66 -1.75 6.94
N LYS A 109 4.76 -2.55 7.50
CA LYS A 109 3.37 -2.16 7.74
C LYS A 109 3.25 -0.75 8.33
N PRO A 110 3.81 -0.47 9.54
CA PRO A 110 3.72 0.86 10.14
C PRO A 110 4.24 1.97 9.21
N TYR A 111 5.37 1.69 8.56
CA TYR A 111 6.00 2.63 7.63
C TYR A 111 5.13 2.90 6.40
N ALA A 112 4.56 1.84 5.87
CA ALA A 112 3.74 1.94 4.66
C ALA A 112 2.40 2.59 4.94
N ILE A 113 1.74 2.16 6.00
CA ILE A 113 0.44 2.71 6.36
C ILE A 113 0.54 4.22 6.57
N PHE A 114 1.48 4.65 7.39
CA PHE A 114 1.67 6.07 7.65
C PHE A 114 1.99 6.82 6.36
N HIS A 115 2.94 6.28 5.62
CA HIS A 115 3.36 6.85 4.33
C HIS A 115 2.17 7.08 3.41
N PHE A 116 1.23 6.13 3.37
CA PHE A 116 0.06 6.25 2.49
C PHE A 116 -1.13 6.98 3.13
N THR A 117 -1.16 7.11 4.46
CA THR A 117 -2.26 7.81 5.11
C THR A 117 -2.01 9.31 5.08
N GLY A 118 -0.74 9.67 4.93
CA GLY A 118 -0.34 11.06 4.92
C GLY A 118 0.09 11.51 3.54
N PRO A 119 0.71 12.70 3.46
CA PRO A 119 1.19 13.26 2.21
C PRO A 119 2.59 12.82 1.87
N VAL A 120 2.73 12.28 0.67
CA VAL A 120 4.03 11.81 0.16
C VAL A 120 5.10 12.87 0.39
N SER A 121 4.80 14.11 0.02
CA SER A 121 5.72 15.23 0.22
C SER A 121 6.23 15.32 1.65
N TYR A 122 5.33 15.28 2.62
CA TYR A 122 5.73 15.34 4.01
C TYR A 122 6.63 14.17 4.37
N LEU A 123 6.30 12.99 3.84
CA LEU A 123 7.09 11.79 4.09
C LEU A 123 8.55 11.97 3.75
N ILE A 124 8.84 12.51 2.57
CA ILE A 124 10.24 12.74 2.18
C ILE A 124 10.91 13.67 3.17
N ARG A 125 10.23 14.78 3.45
CA ARG A 125 10.70 15.76 4.43
C ARG A 125 11.13 15.06 5.71
N ILE A 126 10.47 13.95 5.98
CA ILE A 126 10.76 13.13 7.13
C ILE A 126 11.96 12.21 6.84
N ARG A 127 12.02 11.71 5.61
CA ARG A 127 13.13 10.85 5.19
C ARG A 127 14.45 11.58 5.44
N ALA A 128 14.62 12.72 4.79
CA ALA A 128 15.83 13.52 4.96
C ALA A 128 16.08 13.82 6.44
N ALA A 129 15.00 14.23 7.10
CA ALA A 129 15.03 14.53 8.53
C ALA A 129 15.76 13.42 9.29
N LEU A 130 15.42 12.19 8.98
CA LEU A 130 16.04 11.02 9.60
C LEU A 130 17.49 10.88 9.16
N LYS A 131 17.77 11.11 7.87
CA LYS A 131 19.13 11.01 7.36
C LYS A 131 20.04 11.88 8.19
N LYS A 132 19.66 13.15 8.31
CA LYS A 132 20.38 14.10 9.15
C LYS A 132 20.75 13.52 10.53
N LYS A 133 19.93 12.59 11.03
CA LYS A 133 20.18 11.95 12.32
C LYS A 133 20.95 10.65 12.13
N ASN A 134 21.38 10.43 10.89
CA ASN A 134 22.14 9.25 10.48
C ASN A 134 21.25 8.01 10.44
N TYR A 135 20.09 8.17 9.84
CA TYR A 135 19.14 7.08 9.72
C TYR A 135 18.47 7.12 8.36
N LYS A 136 18.23 5.98 7.78
CA LYS A 136 17.56 5.92 6.51
C LYS A 136 16.33 5.04 6.66
N LEU A 137 15.17 5.63 6.43
CA LEU A 137 13.92 4.90 6.58
C LEU A 137 13.43 4.45 5.23
N ASN A 138 13.19 3.17 5.07
CA ASN A 138 12.71 2.64 3.81
C ASN A 138 11.81 1.44 4.05
N GLN A 139 11.24 0.92 2.97
CA GLN A 139 10.33 -0.23 3.05
C GLN A 139 11.05 -1.50 3.51
N TYR A 140 12.38 -1.47 3.52
CA TYR A 140 13.16 -2.64 3.94
C TYR A 140 13.48 -2.56 5.42
N GLY A 141 13.34 -1.37 6.00
CA GLY A 141 13.61 -1.22 7.42
C GLY A 141 14.32 0.08 7.75
N LEU A 142 15.17 0.04 8.75
CA LEU A 142 15.92 1.23 9.17
C LEU A 142 17.39 1.04 8.87
N PHE A 143 17.93 1.80 7.96
CA PHE A 143 19.34 1.67 7.63
C PHE A 143 20.20 2.63 8.43
N LYS A 144 21.01 2.09 9.30
CA LYS A 144 21.91 2.88 10.12
C LYS A 144 23.36 2.57 9.77
N ASN A 145 24.04 3.50 9.11
CA ASN A 145 25.44 3.34 8.74
C ASN A 145 25.67 2.06 7.95
N GLN A 146 24.90 1.89 6.88
CA GLN A 146 25.00 0.73 6.00
C GLN A 146 24.53 -0.57 6.66
N THR A 147 24.08 -0.50 7.91
CA THR A 147 23.62 -1.68 8.62
C THR A 147 22.11 -1.63 8.83
N LEU A 148 21.41 -2.62 8.29
CA LEU A 148 19.97 -2.67 8.45
C LEU A 148 19.61 -2.93 9.90
N VAL A 149 18.70 -2.13 10.40
CA VAL A 149 18.23 -2.22 11.76
C VAL A 149 16.72 -2.40 11.77
N PRO A 150 16.23 -3.36 12.56
CA PRO A 150 14.80 -3.66 12.66
C PRO A 150 14.03 -2.68 13.54
N LEU A 151 12.71 -2.63 13.33
CA LEU A 151 11.84 -1.75 14.09
C LEU A 151 11.44 -2.41 15.40
N LYS A 152 11.00 -1.59 16.33
CA LYS A 152 10.58 -2.08 17.63
C LYS A 152 9.13 -1.71 17.89
N ILE A 153 8.35 -1.65 16.82
CA ILE A 153 6.95 -1.28 16.91
C ILE A 153 6.05 -2.22 16.12
N THR A 154 4.75 -1.99 16.24
CA THR A 154 3.76 -2.83 15.57
C THR A 154 2.53 -2.00 15.19
N THR A 155 2.40 -0.82 15.80
CA THR A 155 1.27 0.03 15.53
C THR A 155 1.68 1.36 14.91
N GLU A 156 0.78 1.93 14.10
CA GLU A 156 1.03 3.20 13.44
C GLU A 156 1.25 4.33 14.44
N LYS A 157 0.64 4.25 15.63
CA LYS A 157 0.81 5.28 16.65
C LYS A 157 2.07 5.00 17.47
N GLU A 158 2.47 3.74 17.51
CA GLU A 158 3.67 3.39 18.23
C GLU A 158 4.85 3.88 17.40
N LEU A 159 4.66 3.80 16.09
CA LEU A 159 5.67 4.25 15.15
C LEU A 159 6.00 5.73 15.31
N ILE A 160 4.99 6.58 15.49
CA ILE A 160 5.23 8.02 15.60
C ILE A 160 5.95 8.37 16.90
N LYS A 161 5.58 7.70 17.98
CA LYS A 161 6.23 7.96 19.26
C LYS A 161 7.60 7.30 19.28
N GLU A 162 7.75 6.28 18.44
CA GLU A 162 9.02 5.59 18.29
C GLU A 162 10.00 6.47 17.51
N LEU A 163 9.51 7.12 16.46
CA LEU A 163 10.35 7.98 15.63
C LEU A 163 10.62 9.29 16.33
N GLY A 164 9.73 9.65 17.24
CA GLY A 164 9.88 10.90 17.95
C GLY A 164 9.15 12.02 17.23
N PHE A 165 7.95 11.71 16.77
CA PHE A 165 7.11 12.66 16.05
C PHE A 165 5.66 12.50 16.46
N THR A 166 4.77 13.21 15.78
CA THR A 166 3.33 13.14 16.06
C THR A 166 2.59 12.59 14.84
N TYR A 167 1.38 12.10 15.04
CA TYR A 167 0.58 11.55 13.95
C TYR A 167 -0.28 12.64 13.33
N ARG A 168 0.03 12.96 12.08
CA ARG A 168 -0.70 13.99 11.34
C ARG A 168 -1.78 13.38 10.47
N ILE A 169 -2.74 14.20 10.10
CA ILE A 169 -3.87 13.79 9.25
C ILE A 169 -3.73 14.37 7.83
N PRO A 170 -4.21 13.65 6.81
CA PRO A 170 -4.14 14.11 5.41
C PRO A 170 -4.82 15.47 5.22
N LYS A 171 -5.92 15.68 5.94
CA LYS A 171 -6.64 16.95 5.87
C LYS A 171 -5.72 18.13 6.14
N LYS A 172 -4.75 17.93 7.02
CA LYS A 172 -3.80 18.97 7.38
C LYS A 172 -2.44 18.70 6.76
N ARG A 173 -2.46 18.02 5.61
CA ARG A 173 -1.26 17.66 4.84
C ARG A 173 -0.24 18.80 4.72
N LEU A 174 1.00 18.40 4.46
CA LEU A 174 2.13 19.32 4.29
C LEU A 174 2.21 20.34 5.43
N MET A 1 -13.53 11.21 -11.10
CA MET A 1 -13.95 10.17 -12.07
C MET A 1 -15.07 9.34 -11.49
N LEU A 2 -14.81 8.74 -10.34
CA LEU A 2 -15.79 7.91 -9.68
C LEU A 2 -16.03 8.41 -8.26
N THR A 3 -17.11 7.96 -7.65
CA THR A 3 -17.44 8.37 -6.30
C THR A 3 -16.90 7.39 -5.28
N LEU A 4 -16.85 7.81 -4.02
CA LEU A 4 -16.34 6.98 -2.94
C LEU A 4 -17.12 5.68 -2.81
N ILE A 5 -18.42 5.74 -3.07
CA ILE A 5 -19.27 4.56 -2.97
C ILE A 5 -18.87 3.48 -3.95
N GLN A 6 -18.64 3.85 -5.21
CA GLN A 6 -18.24 2.90 -6.22
C GLN A 6 -16.93 2.23 -5.83
N GLY A 7 -15.91 3.05 -5.63
CA GLY A 7 -14.60 2.56 -5.22
C GLY A 7 -14.65 1.70 -3.97
N LYS A 8 -15.67 1.89 -3.14
CA LYS A 8 -15.81 1.10 -1.92
C LYS A 8 -16.57 -0.20 -2.23
N LYS A 9 -17.60 -0.08 -3.05
CA LYS A 9 -18.42 -1.22 -3.43
C LYS A 9 -17.61 -2.26 -4.17
N ILE A 10 -16.85 -1.80 -5.17
CA ILE A 10 -16.02 -2.69 -5.96
C ILE A 10 -14.96 -3.36 -5.09
N VAL A 11 -14.14 -2.56 -4.41
CA VAL A 11 -13.09 -3.07 -3.54
C VAL A 11 -13.62 -4.05 -2.50
N ASN A 12 -14.83 -3.81 -2.00
CA ASN A 12 -15.42 -4.70 -0.99
C ASN A 12 -15.59 -6.10 -1.59
N HIS A 13 -16.15 -6.14 -2.79
CA HIS A 13 -16.36 -7.39 -3.51
C HIS A 13 -15.02 -7.97 -3.93
N LEU A 14 -14.21 -7.12 -4.53
CA LEU A 14 -12.89 -7.47 -5.02
C LEU A 14 -11.97 -7.96 -3.92
N ARG A 15 -12.24 -7.53 -2.71
CA ARG A 15 -11.42 -7.88 -1.56
C ARG A 15 -11.59 -9.35 -1.17
N SER A 16 -12.70 -9.95 -1.60
CA SER A 16 -12.97 -11.35 -1.29
C SER A 16 -12.84 -12.20 -2.55
N ARG A 17 -12.85 -11.55 -3.71
CA ARG A 17 -12.74 -12.22 -5.00
C ARG A 17 -11.30 -12.18 -5.51
N LEU A 18 -10.44 -11.49 -4.77
CA LEU A 18 -9.04 -11.37 -5.14
C LEU A 18 -8.31 -12.68 -4.95
N ALA A 19 -7.21 -12.80 -5.67
CA ALA A 19 -6.41 -14.00 -5.63
C ALA A 19 -5.08 -13.75 -6.33
N PHE A 20 -4.23 -14.73 -6.25
CA PHE A 20 -2.94 -14.66 -6.89
C PHE A 20 -2.55 -16.06 -7.30
N GLU A 21 -1.65 -16.16 -8.24
CA GLU A 21 -1.21 -17.46 -8.67
C GLU A 21 0.01 -17.91 -7.88
N TYR A 22 0.37 -19.12 -8.14
CA TYR A 22 1.49 -19.74 -7.45
C TYR A 22 2.07 -20.87 -8.29
N ASN A 23 3.03 -20.51 -9.13
CA ASN A 23 3.71 -21.48 -9.99
C ASN A 23 2.72 -22.29 -10.82
N GLY A 24 1.61 -21.65 -11.19
CA GLY A 24 0.60 -22.32 -11.98
C GLY A 24 -0.65 -22.60 -11.17
N GLN A 25 -0.51 -22.68 -9.86
CA GLN A 25 -1.64 -22.93 -8.99
C GLN A 25 -2.32 -21.61 -8.66
N LEU A 26 -3.44 -21.68 -7.97
CA LEU A 26 -4.18 -20.49 -7.60
C LEU A 26 -4.34 -20.38 -6.09
N ILE A 27 -3.89 -19.27 -5.56
CA ILE A 27 -3.98 -19.01 -4.14
C ILE A 27 -4.66 -17.66 -3.92
N LYS A 28 -5.80 -17.67 -3.24
CA LYS A 28 -6.56 -16.45 -3.02
C LYS A 28 -6.06 -15.68 -1.80
N ILE A 29 -6.60 -14.48 -1.63
CA ILE A 29 -6.24 -13.60 -0.52
C ILE A 29 -7.52 -13.07 0.14
N LEU A 30 -7.42 -12.54 1.35
CA LEU A 30 -8.59 -12.02 2.05
C LEU A 30 -8.38 -10.57 2.47
N SER A 31 -9.38 -10.02 3.17
CA SER A 31 -9.35 -8.65 3.66
C SER A 31 -8.16 -8.42 4.57
N LYS A 32 -7.80 -9.45 5.33
CA LYS A 32 -6.63 -9.39 6.22
C LYS A 32 -5.35 -9.37 5.40
N ASN A 33 -5.44 -8.69 4.28
CA ASN A 33 -4.34 -8.55 3.31
C ASN A 33 -4.56 -7.31 2.44
N ILE A 34 -5.61 -6.54 2.69
CA ILE A 34 -5.91 -5.38 1.85
C ILE A 34 -6.33 -4.17 2.69
N VAL A 35 -5.76 -3.02 2.36
CA VAL A 35 -6.08 -1.76 3.04
C VAL A 35 -6.37 -0.68 2.00
N ALA A 36 -7.41 0.11 2.23
CA ALA A 36 -7.79 1.16 1.30
C ALA A 36 -7.08 2.45 1.61
N VAL A 37 -6.11 2.79 0.79
CA VAL A 37 -5.35 4.01 1.01
C VAL A 37 -5.69 5.11 0.02
N GLY A 38 -5.01 6.24 0.18
CA GLY A 38 -5.21 7.38 -0.70
C GLY A 38 -6.49 8.13 -0.40
N SER A 39 -7.30 8.33 -1.43
CA SER A 39 -8.57 9.04 -1.30
C SER A 39 -9.46 8.33 -0.26
N LEU A 40 -9.42 7.01 -0.30
CA LEU A 40 -10.21 6.17 0.60
C LEU A 40 -9.87 6.39 2.07
N ARG A 41 -8.76 7.06 2.33
CA ARG A 41 -8.34 7.35 3.70
C ARG A 41 -8.40 8.84 3.97
N ARG A 42 -8.43 9.60 2.89
CA ARG A 42 -8.47 11.06 2.96
C ARG A 42 -9.87 11.54 3.26
N GLU A 43 -10.83 10.68 3.02
CA GLU A 43 -12.23 10.98 3.27
C GLU A 43 -12.72 12.13 2.39
N GLU A 44 -12.67 11.93 1.08
CA GLU A 44 -13.12 12.93 0.14
C GLU A 44 -14.50 12.57 -0.40
N LYS A 45 -14.84 13.03 -1.59
CA LYS A 45 -16.14 12.77 -2.15
C LYS A 45 -16.09 12.29 -3.60
N MET A 46 -14.94 12.38 -4.23
CA MET A 46 -14.82 11.94 -5.62
C MET A 46 -13.37 11.76 -6.01
N LEU A 47 -12.97 10.52 -6.17
CA LEU A 47 -11.62 10.18 -6.53
C LEU A 47 -11.48 10.00 -8.03
N ASN A 48 -10.27 9.74 -8.47
CA ASN A 48 -9.99 9.54 -9.88
C ASN A 48 -9.55 8.10 -10.10
N ASP A 49 -8.73 7.62 -9.19
CA ASP A 49 -8.22 6.26 -9.22
C ASP A 49 -8.25 5.71 -7.81
N VAL A 50 -8.20 4.39 -7.69
CA VAL A 50 -8.25 3.76 -6.39
C VAL A 50 -6.87 3.27 -5.95
N ASP A 51 -6.54 3.55 -4.68
CA ASP A 51 -5.27 3.15 -4.10
C ASP A 51 -5.51 2.00 -3.12
N LEU A 52 -4.69 0.95 -3.20
CA LEU A 52 -4.86 -0.21 -2.34
C LEU A 52 -3.52 -0.75 -1.85
N LEU A 53 -3.43 -1.05 -0.55
CA LEU A 53 -2.19 -1.57 0.04
C LEU A 53 -2.40 -3.02 0.47
N ILE A 54 -1.57 -3.92 -0.03
CA ILE A 54 -1.66 -5.34 0.30
C ILE A 54 -0.36 -5.76 0.97
N ILE A 55 -0.39 -6.20 2.22
CA ILE A 55 0.83 -6.62 2.87
C ILE A 55 0.87 -8.13 2.96
N VAL A 56 2.05 -8.72 2.82
CA VAL A 56 2.19 -10.17 2.86
C VAL A 56 2.91 -10.63 4.13
N PRO A 57 2.44 -11.72 4.76
CA PRO A 57 3.03 -12.25 6.00
C PRO A 57 4.32 -13.06 5.81
N GLU A 58 4.57 -13.61 4.62
CA GLU A 58 5.79 -14.40 4.42
C GLU A 58 6.86 -13.60 3.69
N LYS A 59 8.08 -14.09 3.79
CA LYS A 59 9.24 -13.49 3.14
C LYS A 59 9.40 -14.22 1.82
N LYS A 60 8.42 -15.08 1.59
CA LYS A 60 8.37 -15.91 0.42
C LYS A 60 7.09 -15.53 -0.30
N LEU A 61 5.93 -15.96 0.24
CA LEU A 61 4.64 -15.52 -0.32
C LEU A 61 4.62 -14.05 -0.70
N LEU A 62 5.52 -13.26 -0.13
CA LEU A 62 5.59 -11.85 -0.46
C LEU A 62 6.02 -11.67 -1.91
N LYS A 63 6.91 -12.55 -2.37
CA LYS A 63 7.43 -12.46 -3.72
C LYS A 63 6.72 -13.44 -4.65
N HIS A 64 5.84 -14.27 -4.10
CA HIS A 64 5.09 -15.22 -4.91
C HIS A 64 3.79 -14.60 -5.36
N VAL A 65 3.36 -13.60 -4.61
CA VAL A 65 2.15 -12.84 -4.96
C VAL A 65 2.47 -11.93 -6.15
N LEU A 66 3.74 -11.52 -6.21
CA LEU A 66 4.23 -10.62 -7.26
C LEU A 66 4.13 -11.21 -8.67
N PRO A 67 4.57 -12.46 -8.91
CA PRO A 67 4.45 -13.08 -10.24
C PRO A 67 3.06 -12.88 -10.82
N ASN A 68 2.05 -13.53 -10.23
CA ASN A 68 0.70 -13.37 -10.73
C ASN A 68 -0.30 -13.09 -9.62
N ILE A 69 -1.00 -11.98 -9.78
CA ILE A 69 -2.03 -11.56 -8.85
C ILE A 69 -3.16 -10.93 -9.66
N ARG A 70 -4.39 -11.39 -9.45
CA ARG A 70 -5.52 -10.88 -10.23
C ARG A 70 -6.85 -11.42 -9.73
N ILE A 71 -7.91 -10.95 -10.37
CA ILE A 71 -9.26 -11.38 -10.06
C ILE A 71 -9.63 -12.52 -11.01
N LYS A 72 -10.70 -13.21 -10.73
CA LYS A 72 -11.11 -14.31 -11.57
C LYS A 72 -12.39 -14.00 -12.35
N GLY A 73 -12.23 -13.72 -13.63
CA GLY A 73 -13.37 -13.44 -14.48
C GLY A 73 -13.69 -11.97 -14.62
N LEU A 74 -12.67 -11.14 -14.71
CA LEU A 74 -12.86 -9.72 -14.88
C LEU A 74 -12.07 -9.20 -16.07
N SER A 75 -11.78 -7.92 -16.02
CA SER A 75 -11.06 -7.26 -17.08
C SER A 75 -10.00 -6.35 -16.46
N PHE A 76 -8.74 -6.68 -16.74
CA PHE A 76 -7.63 -5.94 -16.20
C PHE A 76 -6.40 -6.10 -17.09
N SER A 77 -5.45 -5.19 -16.95
CA SER A 77 -4.20 -5.25 -17.70
C SER A 77 -3.01 -5.12 -16.74
N VAL A 78 -2.71 -6.21 -16.04
CA VAL A 78 -1.61 -6.26 -15.08
C VAL A 78 -0.28 -5.69 -15.63
N LYS A 79 0.17 -4.61 -15.00
CA LYS A 79 1.42 -3.93 -15.34
C LYS A 79 2.23 -3.74 -14.07
N VAL A 80 3.55 -3.83 -14.18
CA VAL A 80 4.42 -3.71 -13.02
C VAL A 80 5.00 -2.29 -12.89
N CYS A 81 5.10 -1.84 -11.66
CA CYS A 81 5.66 -0.54 -11.36
C CYS A 81 6.51 -0.63 -10.10
N GLY A 82 7.75 -1.04 -10.29
CA GLY A 82 8.65 -1.21 -9.17
C GLY A 82 8.51 -2.61 -8.61
N GLU A 83 9.15 -2.88 -7.48
CA GLU A 83 9.06 -4.19 -6.87
C GLU A 83 7.98 -4.19 -5.80
N ARG A 84 7.33 -3.05 -5.62
CA ARG A 84 6.29 -2.93 -4.60
C ARG A 84 4.95 -2.43 -5.15
N LYS A 85 4.92 -1.92 -6.38
CA LYS A 85 3.68 -1.39 -6.91
C LYS A 85 3.28 -2.06 -8.22
N CYS A 86 1.99 -2.18 -8.45
CA CYS A 86 1.48 -2.77 -9.65
C CYS A 86 0.29 -1.96 -10.16
N VAL A 87 0.33 -1.63 -11.43
CA VAL A 87 -0.72 -0.85 -12.07
C VAL A 87 -1.62 -1.76 -12.87
N LEU A 88 -2.90 -1.73 -12.54
CA LEU A 88 -3.85 -2.57 -13.24
C LEU A 88 -4.94 -1.73 -13.87
N PHE A 89 -5.23 -1.97 -15.13
CA PHE A 89 -6.27 -1.23 -15.82
C PHE A 89 -7.53 -2.07 -15.82
N ILE A 90 -8.44 -1.76 -14.91
CA ILE A 90 -9.68 -2.50 -14.78
C ILE A 90 -10.77 -1.91 -15.67
N GLU A 91 -11.61 -2.76 -16.23
CA GLU A 91 -12.68 -2.31 -17.09
C GLU A 91 -13.99 -2.98 -16.75
N TRP A 92 -15.02 -2.17 -16.56
CA TRP A 92 -16.35 -2.67 -16.26
C TRP A 92 -17.36 -1.55 -16.42
N GLU A 93 -18.62 -1.93 -16.61
CA GLU A 93 -19.69 -0.97 -16.79
C GLU A 93 -19.41 -0.10 -18.01
N LYS A 94 -18.78 -0.72 -19.00
CA LYS A 94 -18.42 -0.09 -20.26
C LYS A 94 -17.46 1.07 -20.03
N LYS A 95 -16.63 0.93 -19.01
CA LYS A 95 -15.63 1.93 -18.70
C LYS A 95 -14.31 1.26 -18.31
N THR A 96 -13.24 2.01 -18.36
CA THR A 96 -11.90 1.51 -18.04
C THR A 96 -11.22 2.44 -17.04
N TYR A 97 -10.97 1.93 -15.84
CA TYR A 97 -10.35 2.71 -14.78
C TYR A 97 -8.93 2.24 -14.52
N GLN A 98 -8.23 2.98 -13.67
CA GLN A 98 -6.87 2.65 -13.29
C GLN A 98 -6.83 2.22 -11.83
N LEU A 99 -6.26 1.06 -11.56
CA LEU A 99 -6.17 0.55 -10.20
C LEU A 99 -4.71 0.54 -9.76
N ASP A 100 -4.41 1.13 -8.60
CA ASP A 100 -3.04 1.15 -8.10
C ASP A 100 -2.94 0.35 -6.80
N LEU A 101 -2.44 -0.88 -6.90
CA LEU A 101 -2.27 -1.73 -5.72
C LEU A 101 -0.78 -1.80 -5.36
N PHE A 102 -0.49 -1.84 -4.07
CA PHE A 102 0.89 -1.89 -3.59
C PHE A 102 1.09 -3.06 -2.64
N THR A 103 1.88 -4.01 -3.05
CA THR A 103 2.16 -5.18 -2.24
C THR A 103 3.50 -5.06 -1.52
N ALA A 104 3.51 -5.24 -0.19
CA ALA A 104 4.75 -5.12 0.58
C ALA A 104 4.78 -6.10 1.77
N LEU A 105 5.84 -6.01 2.57
CA LEU A 105 6.02 -6.89 3.73
C LEU A 105 5.33 -6.36 4.99
N ALA A 106 5.21 -7.24 5.98
CA ALA A 106 4.58 -6.92 7.25
C ALA A 106 5.43 -5.92 8.02
N GLU A 107 6.72 -5.98 7.80
CA GLU A 107 7.67 -5.09 8.44
C GLU A 107 7.57 -3.68 7.86
N GLU A 108 6.95 -3.56 6.69
CA GLU A 108 6.80 -2.27 6.02
C GLU A 108 5.46 -1.66 6.41
N LYS A 109 4.63 -2.47 7.05
CA LYS A 109 3.27 -2.08 7.46
C LYS A 109 3.19 -0.65 8.04
N PRO A 110 3.80 -0.35 9.21
CA PRO A 110 3.73 1.00 9.81
C PRO A 110 4.27 2.09 8.87
N TYR A 111 5.44 1.84 8.27
CA TYR A 111 6.09 2.80 7.38
C TYR A 111 5.20 3.17 6.21
N ALA A 112 4.55 2.16 5.66
CA ALA A 112 3.72 2.36 4.49
C ALA A 112 2.40 3.00 4.83
N ILE A 113 1.75 2.51 5.87
CA ILE A 113 0.46 3.04 6.26
C ILE A 113 0.57 4.54 6.52
N PHE A 114 1.53 4.96 7.34
CA PHE A 114 1.71 6.38 7.63
C PHE A 114 1.92 7.15 6.33
N HIS A 115 2.88 6.67 5.55
CA HIS A 115 3.23 7.27 4.26
C HIS A 115 2.00 7.51 3.40
N PHE A 116 1.12 6.53 3.31
CA PHE A 116 -0.08 6.63 2.49
C PHE A 116 -1.23 7.35 3.18
N THR A 117 -1.18 7.52 4.50
CA THR A 117 -2.24 8.21 5.21
C THR A 117 -2.02 9.72 5.16
N GLY A 118 -0.77 10.12 5.15
CA GLY A 118 -0.45 11.52 5.10
C GLY A 118 0.04 11.93 3.74
N PRO A 119 0.73 13.06 3.66
CA PRO A 119 1.26 13.57 2.41
C PRO A 119 2.71 13.16 2.17
N VAL A 120 2.95 12.63 0.98
CA VAL A 120 4.31 12.23 0.60
C VAL A 120 5.30 13.37 0.85
N SER A 121 4.91 14.59 0.52
CA SER A 121 5.76 15.76 0.75
C SER A 121 6.29 15.80 2.18
N TYR A 122 5.40 15.61 3.16
CA TYR A 122 5.82 15.66 4.55
C TYR A 122 6.81 14.53 4.85
N LEU A 123 6.59 13.35 4.26
CA LEU A 123 7.47 12.21 4.45
C LEU A 123 8.91 12.54 4.09
N ILE A 124 9.11 13.17 2.95
CA ILE A 124 10.46 13.57 2.50
C ILE A 124 11.10 14.50 3.54
N ARG A 125 10.36 15.53 3.92
CA ARG A 125 10.79 16.49 4.94
C ARG A 125 11.31 15.77 6.18
N ILE A 126 10.76 14.60 6.39
CA ILE A 126 11.14 13.74 7.50
C ILE A 126 12.39 12.93 7.13
N ARG A 127 12.46 12.55 5.85
CA ARG A 127 13.60 11.80 5.33
C ARG A 127 14.89 12.54 5.61
N ALA A 128 14.99 13.75 5.09
CA ALA A 128 16.18 14.58 5.31
C ALA A 128 16.40 14.78 6.81
N ALA A 129 15.31 15.09 7.48
CA ALA A 129 15.30 15.31 8.93
C ALA A 129 16.10 14.22 9.64
N LEU A 130 15.80 12.98 9.32
CA LEU A 130 16.48 11.83 9.91
C LEU A 130 17.91 11.69 9.41
N LYS A 131 18.14 11.95 8.12
CA LYS A 131 19.48 11.85 7.56
C LYS A 131 20.45 12.68 8.40
N LYS A 132 20.06 13.93 8.62
CA LYS A 132 20.81 14.85 9.50
C LYS A 132 21.25 14.18 10.82
N LYS A 133 20.54 13.13 11.21
CA LYS A 133 20.85 12.40 12.44
C LYS A 133 21.48 11.06 12.10
N ASN A 134 21.83 10.92 10.82
CA ASN A 134 22.45 9.72 10.27
C ASN A 134 21.51 8.53 10.34
N TYR A 135 20.29 8.76 9.88
CA TYR A 135 19.27 7.74 9.88
C TYR A 135 18.46 7.81 8.60
N LYS A 136 18.09 6.67 8.08
CA LYS A 136 17.29 6.62 6.87
C LYS A 136 16.13 5.67 7.05
N LEU A 137 14.93 6.14 6.76
CA LEU A 137 13.74 5.33 6.94
C LEU A 137 13.15 4.99 5.57
N ASN A 138 13.01 3.70 5.29
CA ASN A 138 12.46 3.26 4.02
C ASN A 138 11.68 1.97 4.17
N GLN A 139 11.13 1.49 3.05
CA GLN A 139 10.35 0.26 3.04
C GLN A 139 11.24 -0.95 3.34
N TYR A 140 12.54 -0.78 3.15
CA TYR A 140 13.51 -1.85 3.40
C TYR A 140 13.88 -1.90 4.88
N GLY A 141 13.57 -0.82 5.57
CA GLY A 141 13.86 -0.73 6.99
C GLY A 141 14.49 0.58 7.39
N LEU A 142 15.24 0.55 8.49
CA LEU A 142 15.90 1.74 8.99
C LEU A 142 17.41 1.62 8.80
N PHE A 143 17.96 2.47 7.96
CA PHE A 143 19.39 2.43 7.69
C PHE A 143 20.16 3.34 8.66
N LYS A 144 20.94 2.72 9.54
CA LYS A 144 21.75 3.45 10.50
C LYS A 144 23.22 3.27 10.18
N ASN A 145 23.84 4.35 9.71
CA ASN A 145 25.25 4.34 9.34
C ASN A 145 25.52 3.29 8.26
N GLN A 146 24.69 3.32 7.22
CA GLN A 146 24.79 2.40 6.09
C GLN A 146 24.44 0.95 6.47
N THR A 147 24.06 0.74 7.72
CA THR A 147 23.72 -0.58 8.21
C THR A 147 22.21 -0.71 8.33
N LEU A 148 21.64 -1.73 7.72
CA LEU A 148 20.20 -1.94 7.78
C LEU A 148 19.79 -2.41 9.16
N VAL A 149 18.74 -1.81 9.68
CA VAL A 149 18.24 -2.13 11.00
C VAL A 149 16.72 -2.34 10.96
N PRO A 150 16.25 -3.47 11.48
CA PRO A 150 14.82 -3.80 11.55
C PRO A 150 14.14 -3.03 12.67
N LEU A 151 12.86 -2.74 12.48
CA LEU A 151 12.08 -2.00 13.45
C LEU A 151 11.52 -2.90 14.55
N LYS A 152 11.25 -2.29 15.69
CA LYS A 152 10.69 -3.00 16.84
C LYS A 152 9.23 -2.61 17.05
N ILE A 153 8.50 -2.43 15.95
CA ILE A 153 7.09 -2.04 16.02
C ILE A 153 6.31 -2.62 14.85
N THR A 154 5.00 -2.40 14.91
CA THR A 154 4.10 -2.85 13.86
C THR A 154 2.78 -2.08 13.94
N THR A 155 2.70 -1.14 14.86
CA THR A 155 1.49 -0.35 15.04
C THR A 155 1.69 1.09 14.60
N GLU A 156 0.60 1.67 14.08
CA GLU A 156 0.57 3.04 13.60
C GLU A 156 1.07 4.02 14.66
N LYS A 157 0.51 3.92 15.87
CA LYS A 157 0.89 4.82 16.95
C LYS A 157 2.22 4.42 17.57
N GLU A 158 2.60 3.16 17.43
CA GLU A 158 3.88 2.73 17.96
C GLU A 158 4.99 3.38 17.16
N LEU A 159 4.80 3.39 15.83
CA LEU A 159 5.78 3.98 14.93
C LEU A 159 6.03 5.45 15.23
N ILE A 160 4.98 6.21 15.52
CA ILE A 160 5.15 7.64 15.75
C ILE A 160 5.92 7.91 17.05
N LYS A 161 5.61 7.18 18.13
CA LYS A 161 6.33 7.38 19.37
C LYS A 161 7.74 6.77 19.26
N GLU A 162 7.88 5.73 18.44
CA GLU A 162 9.16 5.09 18.20
C GLU A 162 10.09 6.06 17.46
N LEU A 163 9.51 6.81 16.52
CA LEU A 163 10.27 7.78 15.75
C LEU A 163 10.48 9.05 16.58
N GLY A 164 9.45 9.44 17.32
CA GLY A 164 9.55 10.63 18.14
C GLY A 164 8.81 11.81 17.55
N PHE A 165 7.71 11.54 16.85
CA PHE A 165 6.93 12.60 16.23
C PHE A 165 5.46 12.48 16.62
N THR A 166 4.65 13.40 16.12
CA THR A 166 3.21 13.41 16.39
C THR A 166 2.45 12.94 15.16
N TYR A 167 1.27 12.35 15.38
CA TYR A 167 0.45 11.84 14.28
C TYR A 167 -0.13 12.99 13.46
N ARG A 168 0.08 12.93 12.15
CA ARG A 168 -0.42 13.96 11.26
C ARG A 168 -1.49 13.39 10.34
N ILE A 169 -2.42 14.25 9.93
CA ILE A 169 -3.52 13.83 9.07
C ILE A 169 -3.45 14.46 7.68
N PRO A 170 -4.01 13.78 6.66
CA PRO A 170 -4.02 14.28 5.28
C PRO A 170 -4.85 15.54 5.14
N LYS A 171 -5.94 15.60 5.89
CA LYS A 171 -6.84 16.74 5.88
C LYS A 171 -6.10 18.04 6.17
N LYS A 172 -5.11 17.98 7.05
CA LYS A 172 -4.35 19.16 7.41
C LYS A 172 -3.08 19.29 6.55
N ARG A 173 -2.53 18.14 6.13
CA ARG A 173 -1.32 18.06 5.28
C ARG A 173 -0.07 18.62 5.99
N LEU A 174 1.08 17.96 5.80
CA LEU A 174 2.34 18.39 6.41
C LEU A 174 2.19 18.57 7.91
N MET A 1 -13.13 11.19 -11.66
CA MET A 1 -13.25 9.92 -12.44
C MET A 1 -14.28 9.00 -11.79
N LEU A 2 -14.05 8.68 -10.55
CA LEU A 2 -14.94 7.81 -9.80
C LEU A 2 -15.25 8.45 -8.47
N THR A 3 -16.20 7.90 -7.74
CA THR A 3 -16.57 8.45 -6.45
C THR A 3 -15.98 7.65 -5.31
N LEU A 4 -15.97 8.28 -4.14
CA LEU A 4 -15.47 7.67 -2.91
C LEU A 4 -16.17 6.35 -2.68
N ILE A 5 -17.49 6.37 -2.86
CA ILE A 5 -18.31 5.18 -2.67
C ILE A 5 -17.97 4.09 -3.68
N GLN A 6 -17.73 4.48 -4.93
CA GLN A 6 -17.41 3.54 -6.00
C GLN A 6 -16.16 2.76 -5.65
N GLY A 7 -15.08 3.49 -5.38
CA GLY A 7 -13.83 2.87 -4.99
C GLY A 7 -13.98 1.97 -3.77
N LYS A 8 -15.00 2.20 -2.97
CA LYS A 8 -15.23 1.40 -1.77
C LYS A 8 -16.03 0.17 -2.15
N LYS A 9 -16.99 0.37 -3.04
CA LYS A 9 -17.85 -0.71 -3.49
C LYS A 9 -17.04 -1.77 -4.23
N ILE A 10 -16.14 -1.33 -5.11
CA ILE A 10 -15.34 -2.28 -5.86
C ILE A 10 -14.39 -3.01 -4.92
N VAL A 11 -13.68 -2.26 -4.09
CA VAL A 11 -12.73 -2.86 -3.13
C VAL A 11 -13.43 -3.84 -2.20
N ASN A 12 -14.67 -3.55 -1.81
CA ASN A 12 -15.42 -4.42 -0.92
C ASN A 12 -15.52 -5.81 -1.56
N HIS A 13 -15.91 -5.81 -2.81
CA HIS A 13 -16.01 -7.05 -3.58
C HIS A 13 -14.62 -7.58 -3.94
N LEU A 14 -13.78 -6.69 -4.43
CA LEU A 14 -12.43 -7.01 -4.88
C LEU A 14 -11.51 -7.53 -3.77
N ARG A 15 -11.81 -7.22 -2.52
CA ARG A 15 -10.98 -7.66 -1.41
C ARG A 15 -11.27 -9.11 -1.03
N SER A 16 -12.34 -9.65 -1.61
CA SER A 16 -12.72 -11.03 -1.35
C SER A 16 -12.72 -11.83 -2.65
N ARG A 17 -12.61 -11.11 -3.75
CA ARG A 17 -12.60 -11.71 -5.07
C ARG A 17 -11.17 -11.85 -5.60
N LEU A 18 -10.21 -11.37 -4.82
CA LEU A 18 -8.81 -11.43 -5.21
C LEU A 18 -8.26 -12.84 -5.10
N ALA A 19 -7.12 -13.05 -5.71
CA ALA A 19 -6.46 -14.34 -5.72
C ALA A 19 -5.08 -14.18 -6.36
N PHE A 20 -4.26 -15.22 -6.26
CA PHE A 20 -2.92 -15.20 -6.85
C PHE A 20 -2.56 -16.60 -7.35
N GLU A 21 -1.68 -16.68 -8.34
CA GLU A 21 -1.30 -17.96 -8.92
C GLU A 21 0.13 -18.32 -8.52
N TYR A 22 0.25 -19.31 -7.65
CA TYR A 22 1.52 -19.78 -7.16
C TYR A 22 1.87 -21.08 -7.88
N ASN A 23 2.90 -21.03 -8.74
CA ASN A 23 3.35 -22.19 -9.51
C ASN A 23 2.20 -22.84 -10.29
N GLY A 24 1.26 -22.02 -10.76
CA GLY A 24 0.15 -22.57 -11.52
C GLY A 24 -1.10 -22.80 -10.68
N GLN A 25 -0.92 -22.93 -9.37
CA GLN A 25 -2.04 -23.16 -8.49
C GLN A 25 -2.71 -21.83 -8.18
N LEU A 26 -3.98 -21.85 -7.82
CA LEU A 26 -4.70 -20.64 -7.50
C LEU A 26 -4.97 -20.57 -6.01
N ILE A 27 -4.59 -19.48 -5.39
CA ILE A 27 -4.80 -19.30 -3.97
C ILE A 27 -5.48 -17.94 -3.75
N LYS A 28 -6.66 -17.95 -3.18
CA LYS A 28 -7.37 -16.70 -2.93
C LYS A 28 -6.69 -15.93 -1.81
N ILE A 29 -6.90 -14.64 -1.81
CA ILE A 29 -6.33 -13.78 -0.77
C ILE A 29 -7.47 -13.34 0.14
N LEU A 30 -7.19 -12.98 1.38
CA LEU A 30 -8.22 -12.59 2.31
C LEU A 30 -8.20 -11.10 2.53
N SER A 31 -9.38 -10.56 2.77
CA SER A 31 -9.55 -9.13 2.99
C SER A 31 -8.61 -8.60 4.09
N LYS A 32 -8.24 -9.43 5.04
CA LYS A 32 -7.34 -9.00 6.13
C LYS A 32 -5.98 -8.58 5.63
N ASN A 33 -5.62 -9.04 4.45
CA ASN A 33 -4.34 -8.71 3.87
C ASN A 33 -4.49 -7.55 2.90
N ILE A 34 -5.66 -6.92 2.91
CA ILE A 34 -5.95 -5.81 2.00
C ILE A 34 -6.40 -4.57 2.75
N VAL A 35 -5.76 -3.46 2.42
CA VAL A 35 -6.07 -2.19 3.03
C VAL A 35 -6.25 -1.13 1.96
N ALA A 36 -7.43 -0.55 1.90
CA ALA A 36 -7.72 0.49 0.93
C ALA A 36 -7.13 1.81 1.37
N VAL A 37 -6.08 2.24 0.71
CA VAL A 37 -5.47 3.50 1.05
C VAL A 37 -5.74 4.57 -0.01
N GLY A 38 -5.23 5.76 0.23
CA GLY A 38 -5.38 6.84 -0.72
C GLY A 38 -6.30 7.93 -0.20
N SER A 39 -6.89 8.67 -1.13
CA SER A 39 -7.77 9.78 -0.77
C SER A 39 -8.99 9.28 -0.01
N LEU A 40 -9.43 8.07 -0.33
CA LEU A 40 -10.57 7.47 0.36
C LEU A 40 -10.30 7.38 1.86
N ARG A 41 -9.05 7.18 2.24
CA ARG A 41 -8.67 7.10 3.65
C ARG A 41 -8.41 8.51 4.20
N ARG A 42 -8.40 9.47 3.28
CA ARG A 42 -8.17 10.88 3.62
C ARG A 42 -9.47 11.65 3.73
N GLU A 43 -10.57 10.94 3.69
CA GLU A 43 -11.91 11.52 3.82
C GLU A 43 -12.22 12.53 2.71
N GLU A 44 -12.34 12.05 1.50
CA GLU A 44 -12.65 12.91 0.36
C GLU A 44 -14.09 12.65 -0.12
N LYS A 45 -14.34 12.84 -1.42
CA LYS A 45 -15.67 12.65 -1.95
C LYS A 45 -15.65 12.21 -3.42
N MET A 46 -14.57 12.53 -4.13
CA MET A 46 -14.46 12.18 -5.55
C MET A 46 -13.05 11.73 -5.89
N LEU A 47 -12.90 10.47 -6.22
CA LEU A 47 -11.60 9.90 -6.53
C LEU A 47 -11.18 10.09 -7.98
N ASN A 48 -9.88 9.95 -8.18
CA ASN A 48 -9.26 10.06 -9.50
C ASN A 48 -8.42 8.81 -9.77
N ASP A 49 -8.20 8.04 -8.71
CA ASP A 49 -7.42 6.82 -8.78
C ASP A 49 -7.63 6.07 -7.47
N VAL A 50 -7.47 4.75 -7.46
CA VAL A 50 -7.69 3.97 -6.23
C VAL A 50 -6.40 3.32 -5.79
N ASP A 51 -6.06 3.51 -4.52
CA ASP A 51 -4.86 2.93 -3.95
C ASP A 51 -5.29 1.74 -3.11
N LEU A 52 -4.48 0.70 -3.11
CA LEU A 52 -4.80 -0.49 -2.37
C LEU A 52 -3.51 -1.15 -1.89
N LEU A 53 -3.45 -1.51 -0.62
CA LEU A 53 -2.26 -2.14 -0.05
C LEU A 53 -2.56 -3.55 0.40
N ILE A 54 -1.71 -4.47 0.01
CA ILE A 54 -1.85 -5.87 0.36
C ILE A 54 -0.62 -6.29 1.12
N ILE A 55 -0.75 -6.71 2.38
CA ILE A 55 0.42 -7.08 3.14
C ILE A 55 0.57 -8.58 3.19
N VAL A 56 1.80 -9.04 3.21
CA VAL A 56 2.08 -10.48 3.25
C VAL A 56 3.01 -10.79 4.43
N PRO A 57 2.66 -11.80 5.25
CA PRO A 57 3.43 -12.20 6.44
C PRO A 57 4.86 -12.68 6.17
N GLU A 58 5.04 -13.55 5.17
CA GLU A 58 6.36 -14.09 4.87
C GLU A 58 7.07 -13.28 3.81
N LYS A 59 8.40 -13.42 3.76
CA LYS A 59 9.24 -12.71 2.81
C LYS A 59 9.50 -13.67 1.66
N LYS A 60 8.56 -14.56 1.57
CA LYS A 60 8.53 -15.60 0.57
C LYS A 60 7.16 -15.48 -0.01
N LEU A 61 6.16 -16.06 0.67
CA LEU A 61 4.75 -15.86 0.29
C LEU A 61 4.52 -14.47 -0.31
N LEU A 62 5.29 -13.50 0.17
CA LEU A 62 5.20 -12.13 -0.35
C LEU A 62 5.53 -12.08 -1.83
N LYS A 63 6.67 -12.66 -2.19
CA LYS A 63 7.12 -12.64 -3.57
C LYS A 63 6.42 -13.68 -4.42
N HIS A 64 5.60 -14.53 -3.79
CA HIS A 64 4.88 -15.55 -4.54
C HIS A 64 3.56 -15.00 -5.05
N VAL A 65 3.10 -13.93 -4.42
CA VAL A 65 1.87 -13.27 -4.84
C VAL A 65 2.17 -12.31 -6.00
N LEU A 66 3.43 -11.90 -6.07
CA LEU A 66 3.89 -10.93 -7.09
C LEU A 66 3.82 -11.43 -8.54
N PRO A 67 4.29 -12.67 -8.85
CA PRO A 67 4.27 -13.16 -10.23
C PRO A 67 2.85 -13.13 -10.78
N ASN A 68 1.95 -13.87 -10.15
CA ASN A 68 0.60 -13.88 -10.65
C ASN A 68 -0.40 -13.53 -9.58
N ILE A 69 -1.05 -12.41 -9.77
CA ILE A 69 -2.07 -11.93 -8.88
C ILE A 69 -3.18 -11.35 -9.75
N ARG A 70 -4.40 -11.76 -9.52
CA ARG A 70 -5.50 -11.28 -10.35
C ARG A 70 -6.85 -11.77 -9.86
N ILE A 71 -7.88 -11.36 -10.57
CA ILE A 71 -9.24 -11.74 -10.25
C ILE A 71 -9.74 -12.75 -11.27
N LYS A 72 -10.82 -13.42 -10.95
CA LYS A 72 -11.38 -14.42 -11.84
C LYS A 72 -12.55 -13.85 -12.64
N GLY A 73 -12.38 -13.81 -13.95
CA GLY A 73 -13.44 -13.32 -14.82
C GLY A 73 -13.55 -11.80 -14.90
N LEU A 74 -12.42 -11.10 -14.86
CA LEU A 74 -12.46 -9.65 -14.93
C LEU A 74 -11.62 -9.09 -16.07
N SER A 75 -11.71 -7.78 -16.22
CA SER A 75 -10.97 -7.04 -17.25
C SER A 75 -9.89 -6.18 -16.61
N PHE A 76 -8.63 -6.48 -16.94
CA PHE A 76 -7.51 -5.76 -16.38
C PHE A 76 -6.23 -5.99 -17.18
N SER A 77 -5.25 -5.15 -16.94
CA SER A 77 -3.95 -5.26 -17.58
C SER A 77 -2.90 -5.16 -16.48
N VAL A 78 -2.03 -6.14 -16.42
CA VAL A 78 -1.00 -6.15 -15.39
C VAL A 78 0.27 -5.47 -15.85
N LYS A 79 0.55 -4.32 -15.27
CA LYS A 79 1.74 -3.57 -15.60
C LYS A 79 2.57 -3.38 -14.34
N VAL A 80 3.88 -3.36 -14.48
CA VAL A 80 4.73 -3.16 -13.33
C VAL A 80 5.19 -1.70 -13.23
N CYS A 81 5.30 -1.22 -11.99
CA CYS A 81 5.72 0.16 -11.75
C CYS A 81 6.74 0.23 -10.63
N GLY A 82 7.85 0.90 -10.87
CA GLY A 82 8.89 1.02 -9.86
C GLY A 82 9.59 -0.30 -9.65
N GLU A 83 9.75 -0.67 -8.39
CA GLU A 83 10.40 -1.93 -8.04
C GLU A 83 9.40 -2.97 -7.56
N ARG A 84 8.56 -2.58 -6.61
CA ARG A 84 7.57 -3.49 -6.03
C ARG A 84 6.14 -3.00 -6.22
N LYS A 85 5.97 -1.88 -6.90
CA LYS A 85 4.64 -1.35 -7.12
C LYS A 85 4.03 -2.00 -8.37
N CYS A 86 2.72 -2.05 -8.44
CA CYS A 86 2.07 -2.62 -9.60
C CYS A 86 0.82 -1.83 -9.96
N VAL A 87 0.66 -1.61 -11.26
CA VAL A 87 -0.47 -0.87 -11.77
C VAL A 87 -1.30 -1.76 -12.67
N LEU A 88 -2.58 -1.81 -12.38
CA LEU A 88 -3.49 -2.62 -13.17
C LEU A 88 -4.57 -1.74 -13.75
N PHE A 89 -4.91 -1.99 -15.00
CA PHE A 89 -5.91 -1.21 -15.66
C PHE A 89 -7.21 -2.00 -15.71
N ILE A 90 -8.09 -1.72 -14.76
CA ILE A 90 -9.38 -2.41 -14.65
C ILE A 90 -10.41 -1.79 -15.57
N GLU A 91 -11.20 -2.63 -16.21
CA GLU A 91 -12.21 -2.18 -17.13
C GLU A 91 -13.55 -2.79 -16.79
N TRP A 92 -14.58 -1.98 -16.62
CA TRP A 92 -15.90 -2.50 -16.31
C TRP A 92 -16.97 -1.44 -16.50
N GLU A 93 -18.19 -1.92 -16.78
CA GLU A 93 -19.34 -1.05 -17.00
C GLU A 93 -19.05 -0.12 -18.18
N LYS A 94 -18.31 -0.68 -19.16
CA LYS A 94 -17.90 0.01 -20.37
C LYS A 94 -16.91 1.14 -20.10
N LYS A 95 -16.16 1.02 -19.02
CA LYS A 95 -15.18 2.02 -18.67
C LYS A 95 -13.85 1.37 -18.34
N THR A 96 -12.80 2.18 -18.29
CA THR A 96 -11.45 1.71 -17.99
C THR A 96 -10.78 2.64 -16.97
N TYR A 97 -10.47 2.11 -15.79
CA TYR A 97 -9.84 2.88 -14.72
C TYR A 97 -8.44 2.36 -14.42
N GLN A 98 -7.78 3.00 -13.47
CA GLN A 98 -6.45 2.61 -13.07
C GLN A 98 -6.42 2.21 -11.60
N LEU A 99 -5.83 1.06 -11.32
CA LEU A 99 -5.72 0.57 -9.96
C LEU A 99 -4.25 0.52 -9.52
N ASP A 100 -3.97 1.16 -8.39
CA ASP A 100 -2.62 1.20 -7.84
C ASP A 100 -2.55 0.34 -6.58
N LEU A 101 -2.11 -0.90 -6.73
CA LEU A 101 -2.03 -1.82 -5.60
C LEU A 101 -0.59 -2.07 -5.21
N PHE A 102 -0.32 -2.12 -3.90
CA PHE A 102 1.02 -2.33 -3.44
C PHE A 102 1.10 -3.52 -2.51
N THR A 103 2.12 -4.32 -2.71
CA THR A 103 2.38 -5.46 -1.88
C THR A 103 3.57 -5.15 -0.99
N ALA A 104 3.41 -5.26 0.32
CA ALA A 104 4.50 -4.98 1.22
C ALA A 104 4.56 -6.06 2.27
N LEU A 105 5.58 -6.01 3.10
CA LEU A 105 5.74 -7.00 4.15
C LEU A 105 4.99 -6.58 5.39
N ALA A 106 4.70 -7.57 6.21
CA ALA A 106 3.97 -7.35 7.46
C ALA A 106 4.76 -6.49 8.43
N GLU A 107 6.07 -6.53 8.32
CA GLU A 107 6.92 -5.71 9.18
C GLU A 107 6.85 -4.25 8.75
N GLU A 108 6.55 -4.07 7.47
CA GLU A 108 6.45 -2.74 6.90
C GLU A 108 5.06 -2.16 7.11
N LYS A 109 4.16 -3.01 7.61
CA LYS A 109 2.76 -2.62 7.88
C LYS A 109 2.64 -1.22 8.48
N PRO A 110 3.21 -0.93 9.67
CA PRO A 110 3.12 0.40 10.28
C PRO A 110 3.68 1.51 9.37
N TYR A 111 4.84 1.21 8.79
CA TYR A 111 5.56 2.13 7.90
C TYR A 111 4.72 2.51 6.69
N ALA A 112 4.09 1.51 6.11
CA ALA A 112 3.29 1.70 4.92
C ALA A 112 1.97 2.39 5.22
N ILE A 113 1.27 1.93 6.25
CA ILE A 113 0.00 2.52 6.60
C ILE A 113 0.16 4.02 6.83
N PHE A 114 1.13 4.40 7.66
CA PHE A 114 1.38 5.82 7.93
C PHE A 114 1.64 6.60 6.64
N HIS A 115 2.58 6.10 5.85
CA HIS A 115 2.95 6.72 4.57
C HIS A 115 1.74 6.94 3.67
N PHE A 116 0.90 5.93 3.54
CA PHE A 116 -0.26 6.03 2.67
C PHE A 116 -1.41 6.85 3.25
N THR A 117 -1.54 6.91 4.56
CA THR A 117 -2.64 7.67 5.15
C THR A 117 -2.32 9.18 5.24
N GLY A 118 -1.04 9.54 5.05
CA GLY A 118 -0.66 10.95 5.14
C GLY A 118 -0.20 11.49 3.80
N PRO A 119 0.37 12.70 3.78
CA PRO A 119 0.87 13.33 2.57
C PRO A 119 2.29 12.93 2.26
N VAL A 120 2.52 12.53 1.01
CA VAL A 120 3.85 12.13 0.58
C VAL A 120 4.86 13.23 0.91
N SER A 121 4.51 14.46 0.53
CA SER A 121 5.33 15.63 0.78
C SER A 121 5.83 15.71 2.22
N TYR A 122 4.92 15.58 3.16
CA TYR A 122 5.27 15.63 4.58
C TYR A 122 6.18 14.46 4.95
N LEU A 123 5.95 13.33 4.30
CA LEU A 123 6.72 12.11 4.53
C LEU A 123 8.20 12.30 4.20
N ILE A 124 8.49 12.79 2.99
CA ILE A 124 9.87 13.01 2.55
C ILE A 124 10.57 14.07 3.39
N ARG A 125 9.94 15.23 3.56
CA ARG A 125 10.49 16.29 4.41
C ARG A 125 11.09 15.69 5.65
N ILE A 126 10.29 14.85 6.25
CA ILE A 126 10.66 14.13 7.46
C ILE A 126 11.85 13.21 7.19
N ARG A 127 11.82 12.56 6.03
CA ARG A 127 12.87 11.66 5.65
C ARG A 127 14.19 12.40 5.49
N ALA A 128 14.17 13.48 4.72
CA ALA A 128 15.35 14.29 4.47
C ALA A 128 15.93 14.93 5.71
N ALA A 129 15.17 15.06 6.79
CA ALA A 129 15.72 15.67 7.99
C ALA A 129 16.37 14.59 8.82
N LEU A 130 15.80 13.39 8.70
CA LEU A 130 16.32 12.22 9.38
C LEU A 130 17.70 11.89 8.85
N LYS A 131 17.92 12.10 7.55
CA LYS A 131 19.22 11.86 6.97
C LYS A 131 20.24 12.69 7.72
N LYS A 132 19.97 13.99 7.77
CA LYS A 132 20.80 14.90 8.56
C LYS A 132 21.14 14.31 9.95
N LYS A 133 20.23 13.51 10.49
CA LYS A 133 20.40 12.86 11.79
C LYS A 133 21.12 11.52 11.63
N ASN A 134 21.51 11.25 10.39
CA ASN A 134 22.20 10.03 9.99
C ASN A 134 21.25 8.84 9.99
N TYR A 135 20.05 9.06 9.48
CA TYR A 135 19.05 8.01 9.42
C TYR A 135 18.23 8.13 8.14
N LYS A 136 17.81 7.02 7.59
CA LYS A 136 17.00 7.06 6.38
C LYS A 136 15.79 6.16 6.54
N LEU A 137 14.61 6.73 6.38
CA LEU A 137 13.38 5.98 6.54
C LEU A 137 12.81 5.61 5.18
N ASN A 138 12.62 4.32 4.97
CA ASN A 138 12.06 3.83 3.72
C ASN A 138 11.07 2.71 4.01
N GLN A 139 10.32 2.30 2.99
CA GLN A 139 9.32 1.25 3.17
C GLN A 139 9.95 -0.15 3.21
N TYR A 140 11.19 -0.23 3.69
CA TYR A 140 11.89 -1.51 3.85
C TYR A 140 12.50 -1.53 5.23
N GLY A 141 12.51 -0.36 5.86
CA GLY A 141 13.04 -0.24 7.20
C GLY A 141 13.74 1.09 7.40
N LEU A 142 14.70 1.11 8.29
CA LEU A 142 15.45 2.32 8.58
C LEU A 142 16.93 2.12 8.23
N PHE A 143 17.46 2.90 7.31
CA PHE A 143 18.86 2.77 6.92
C PHE A 143 19.73 3.69 7.76
N LYS A 144 20.59 3.09 8.56
CA LYS A 144 21.51 3.82 9.41
C LYS A 144 22.94 3.57 8.95
N ASN A 145 23.57 4.62 8.42
CA ASN A 145 24.95 4.53 7.93
C ASN A 145 25.09 3.45 6.86
N GLN A 146 24.11 3.43 5.94
CA GLN A 146 24.05 2.49 4.82
C GLN A 146 23.73 1.06 5.30
N THR A 147 23.43 0.92 6.58
CA THR A 147 23.09 -0.38 7.14
C THR A 147 21.58 -0.43 7.48
N LEU A 148 20.90 -1.46 6.98
CA LEU A 148 19.47 -1.61 7.22
C LEU A 148 19.21 -1.96 8.68
N VAL A 149 18.17 -1.34 9.23
CA VAL A 149 17.77 -1.57 10.61
C VAL A 149 16.26 -1.88 10.65
N PRO A 150 15.88 -2.99 11.30
CA PRO A 150 14.47 -3.41 11.38
C PRO A 150 13.68 -2.55 12.37
N LEU A 151 12.36 -2.76 12.40
CA LEU A 151 11.47 -2.00 13.28
C LEU A 151 11.15 -2.80 14.54
N LYS A 152 10.87 -2.10 15.63
CA LYS A 152 10.53 -2.73 16.90
C LYS A 152 9.05 -2.48 17.21
N ILE A 153 8.28 -2.29 16.16
CA ILE A 153 6.85 -1.98 16.31
C ILE A 153 6.02 -2.59 15.18
N THR A 154 4.71 -2.55 15.37
CA THR A 154 3.77 -3.07 14.39
C THR A 154 2.51 -2.19 14.33
N THR A 155 2.42 -1.22 15.24
CA THR A 155 1.28 -0.33 15.29
C THR A 155 1.63 1.07 14.78
N GLU A 156 0.65 1.72 14.17
CA GLU A 156 0.85 3.06 13.65
C GLU A 156 1.11 4.07 14.76
N LYS A 157 0.56 3.84 15.95
CA LYS A 157 0.77 4.75 17.07
C LYS A 157 2.05 4.38 17.81
N GLU A 158 2.60 3.23 17.46
CA GLU A 158 3.84 2.77 18.06
C GLU A 158 4.99 3.31 17.25
N LEU A 159 4.81 3.27 15.94
CA LEU A 159 5.81 3.74 14.98
C LEU A 159 6.16 5.20 15.22
N ILE A 160 5.14 6.03 15.44
CA ILE A 160 5.36 7.45 15.66
C ILE A 160 6.25 7.73 16.86
N LYS A 161 5.99 7.05 17.97
CA LYS A 161 6.79 7.25 19.18
C LYS A 161 8.16 6.59 19.04
N GLU A 162 8.20 5.49 18.25
CA GLU A 162 9.44 4.79 18.00
C GLU A 162 10.35 5.69 17.16
N LEU A 163 9.72 6.47 16.29
CA LEU A 163 10.45 7.41 15.43
C LEU A 163 10.84 8.66 16.17
N GLY A 164 9.89 9.20 16.92
CA GLY A 164 10.12 10.41 17.67
C GLY A 164 9.27 11.57 17.16
N PHE A 165 8.27 11.24 16.34
CA PHE A 165 7.38 12.26 15.78
C PHE A 165 5.97 12.09 16.34
N THR A 166 5.10 13.05 16.05
CA THR A 166 3.71 13.00 16.49
C THR A 166 2.85 12.47 15.34
N TYR A 167 1.66 11.98 15.66
CA TYR A 167 0.78 11.44 14.64
C TYR A 167 0.06 12.57 13.91
N ARG A 168 0.16 12.54 12.60
CA ARG A 168 -0.47 13.55 11.78
C ARG A 168 -1.66 12.96 11.05
N ILE A 169 -2.51 13.84 10.58
CA ILE A 169 -3.70 13.44 9.86
C ILE A 169 -3.73 14.09 8.48
N PRO A 170 -4.35 13.42 7.51
CA PRO A 170 -4.45 13.93 6.13
C PRO A 170 -5.13 15.29 6.09
N LYS A 171 -6.20 15.43 6.86
CA LYS A 171 -6.95 16.68 6.95
C LYS A 171 -6.05 17.89 7.21
N LYS A 172 -5.02 17.68 8.02
CA LYS A 172 -4.07 18.72 8.38
C LYS A 172 -2.74 18.50 7.66
N ARG A 173 -2.83 17.96 6.46
CA ARG A 173 -1.68 17.68 5.58
C ARG A 173 -0.62 18.78 5.55
N LEU A 174 0.62 18.35 5.28
CA LEU A 174 1.76 19.25 5.19
C LEU A 174 1.88 20.12 6.44
N MET A 1 -15.24 10.57 -13.30
CA MET A 1 -14.45 9.83 -12.29
C MET A 1 -15.38 8.99 -11.42
N LEU A 2 -14.85 8.51 -10.30
CA LEU A 2 -15.61 7.67 -9.39
C LEU A 2 -15.68 8.32 -8.00
N THR A 3 -16.72 7.98 -7.26
CA THR A 3 -16.92 8.51 -5.93
C THR A 3 -16.28 7.63 -4.86
N LEU A 4 -16.24 8.13 -3.62
CA LEU A 4 -15.63 7.39 -2.50
C LEU A 4 -16.37 6.09 -2.25
N ILE A 5 -17.68 6.13 -2.46
CA ILE A 5 -18.51 4.97 -2.26
C ILE A 5 -18.21 3.87 -3.26
N GLN A 6 -17.92 4.24 -4.51
CA GLN A 6 -17.62 3.26 -5.54
C GLN A 6 -16.41 2.44 -5.17
N GLY A 7 -15.29 3.12 -5.01
CA GLY A 7 -14.03 2.48 -4.62
C GLY A 7 -14.13 1.62 -3.37
N LYS A 8 -15.12 1.88 -2.56
CA LYS A 8 -15.31 1.12 -1.34
C LYS A 8 -16.16 -0.09 -1.66
N LYS A 9 -17.14 0.11 -2.52
CA LYS A 9 -18.03 -0.96 -2.92
C LYS A 9 -17.28 -2.02 -3.70
N ILE A 10 -16.57 -1.59 -4.71
CA ILE A 10 -15.80 -2.52 -5.52
C ILE A 10 -14.76 -3.22 -4.69
N VAL A 11 -13.85 -2.47 -4.08
CA VAL A 11 -12.82 -3.07 -3.24
C VAL A 11 -13.39 -4.08 -2.25
N ASN A 12 -14.60 -3.82 -1.75
CA ASN A 12 -15.23 -4.69 -0.77
C ASN A 12 -15.59 -6.03 -1.41
N HIS A 13 -16.13 -5.97 -2.61
CA HIS A 13 -16.51 -7.17 -3.36
C HIS A 13 -15.39 -7.61 -4.30
N LEU A 14 -14.29 -6.87 -4.26
CA LEU A 14 -13.12 -7.16 -5.08
C LEU A 14 -12.03 -7.84 -4.26
N ARG A 15 -12.02 -7.63 -2.96
CA ARG A 15 -11.00 -8.22 -2.11
C ARG A 15 -11.41 -9.60 -1.61
N SER A 16 -12.62 -10.02 -1.97
CA SER A 16 -13.11 -11.32 -1.55
C SER A 16 -12.90 -12.31 -2.68
N ARG A 17 -12.94 -11.79 -3.89
CA ARG A 17 -12.74 -12.59 -5.09
C ARG A 17 -11.32 -12.47 -5.59
N LEU A 18 -10.51 -11.75 -4.83
CA LEU A 18 -9.11 -11.56 -5.17
C LEU A 18 -8.35 -12.87 -5.04
N ALA A 19 -7.32 -13.00 -5.85
CA ALA A 19 -6.49 -14.20 -5.87
C ALA A 19 -5.16 -13.90 -6.53
N PHE A 20 -4.26 -14.83 -6.36
CA PHE A 20 -2.94 -14.72 -6.95
C PHE A 20 -2.53 -16.09 -7.42
N GLU A 21 -1.59 -16.16 -8.33
CA GLU A 21 -1.16 -17.46 -8.81
C GLU A 21 -0.01 -17.98 -7.99
N TYR A 22 0.31 -19.20 -8.26
CA TYR A 22 1.38 -19.87 -7.57
C TYR A 22 1.82 -21.10 -8.32
N ASN A 23 2.89 -20.95 -9.10
CA ASN A 23 3.45 -22.05 -9.88
C ASN A 23 2.42 -22.66 -10.82
N GLY A 24 1.53 -21.84 -11.30
CA GLY A 24 0.49 -22.34 -12.19
C GLY A 24 -0.81 -22.56 -11.45
N GLN A 25 -0.74 -22.66 -10.13
CA GLN A 25 -1.94 -22.87 -9.34
C GLN A 25 -2.58 -21.54 -8.98
N LEU A 26 -3.71 -21.61 -8.29
CA LEU A 26 -4.43 -20.43 -7.90
C LEU A 26 -4.65 -20.40 -6.40
N ILE A 27 -4.17 -19.33 -5.82
CA ILE A 27 -4.28 -19.12 -4.37
C ILE A 27 -4.94 -17.78 -4.11
N LYS A 28 -6.02 -17.79 -3.38
CA LYS A 28 -6.72 -16.55 -3.10
C LYS A 28 -6.14 -15.85 -1.89
N ILE A 29 -6.56 -14.62 -1.68
CA ILE A 29 -6.08 -13.82 -0.55
C ILE A 29 -7.28 -13.30 0.24
N LEU A 30 -7.11 -13.05 1.53
CA LEU A 30 -8.20 -12.58 2.36
C LEU A 30 -8.13 -11.08 2.47
N SER A 31 -9.29 -10.45 2.60
CA SER A 31 -9.39 -8.99 2.68
C SER A 31 -8.52 -8.41 3.80
N LYS A 32 -8.25 -9.20 4.85
CA LYS A 32 -7.42 -8.73 5.98
C LYS A 32 -6.03 -8.29 5.54
N ASN A 33 -5.54 -8.89 4.47
CA ASN A 33 -4.22 -8.56 3.94
C ASN A 33 -4.32 -7.36 3.00
N ILE A 34 -5.35 -6.54 3.19
CA ILE A 34 -5.54 -5.39 2.32
C ILE A 34 -6.08 -4.16 3.06
N VAL A 35 -5.45 -3.00 2.80
CA VAL A 35 -5.84 -1.74 3.39
C VAL A 35 -6.13 -0.71 2.28
N ALA A 36 -7.27 -0.03 2.39
CA ALA A 36 -7.68 0.98 1.42
C ALA A 36 -7.09 2.33 1.78
N VAL A 37 -6.05 2.70 1.06
CA VAL A 37 -5.37 3.96 1.31
C VAL A 37 -5.68 4.99 0.24
N GLY A 38 -5.10 6.17 0.38
CA GLY A 38 -5.31 7.21 -0.59
C GLY A 38 -6.51 8.05 -0.25
N SER A 39 -7.30 8.38 -1.26
CA SER A 39 -8.50 9.18 -1.09
C SER A 39 -9.49 8.44 -0.17
N LEU A 40 -9.38 7.11 -0.17
CA LEU A 40 -10.21 6.24 0.68
C LEU A 40 -9.99 6.59 2.15
N ARG A 41 -8.79 7.05 2.44
CA ARG A 41 -8.42 7.43 3.79
C ARG A 41 -8.44 8.96 3.97
N ARG A 42 -8.38 9.68 2.86
CA ARG A 42 -8.41 11.14 2.91
C ARG A 42 -9.85 11.64 3.02
N GLU A 43 -10.80 10.70 2.90
CA GLU A 43 -12.23 11.00 2.99
C GLU A 43 -12.64 11.96 1.88
N GLU A 44 -12.12 11.71 0.69
CA GLU A 44 -12.43 12.52 -0.47
C GLU A 44 -13.84 12.23 -0.98
N LYS A 45 -14.33 13.13 -1.83
CA LYS A 45 -15.67 13.03 -2.37
C LYS A 45 -15.69 12.33 -3.73
N MET A 46 -14.76 12.69 -4.58
CA MET A 46 -14.65 12.11 -5.91
C MET A 46 -13.19 11.92 -6.24
N LEU A 47 -12.81 10.66 -6.36
CA LEU A 47 -11.43 10.30 -6.64
C LEU A 47 -11.26 9.94 -8.12
N ASN A 48 -10.01 9.74 -8.50
CA ASN A 48 -9.65 9.40 -9.88
C ASN A 48 -9.21 7.94 -9.97
N ASP A 49 -8.39 7.52 -9.02
CA ASP A 49 -7.88 6.16 -8.96
C ASP A 49 -7.96 5.65 -7.54
N VAL A 50 -7.83 4.34 -7.36
CA VAL A 50 -7.91 3.76 -6.02
C VAL A 50 -6.56 3.20 -5.60
N ASP A 51 -6.17 3.52 -4.35
CA ASP A 51 -4.91 3.07 -3.78
C ASP A 51 -5.21 1.94 -2.82
N LEU A 52 -4.43 0.87 -2.88
CA LEU A 52 -4.66 -0.31 -2.05
C LEU A 52 -3.35 -0.93 -1.61
N LEU A 53 -3.21 -1.16 -0.32
CA LEU A 53 -2.01 -1.75 0.23
C LEU A 53 -2.31 -3.18 0.65
N ILE A 54 -1.55 -4.12 0.13
CA ILE A 54 -1.72 -5.54 0.43
C ILE A 54 -0.44 -6.02 1.11
N ILE A 55 -0.49 -6.48 2.36
CA ILE A 55 0.71 -6.92 3.05
C ILE A 55 0.76 -8.45 3.08
N VAL A 56 1.94 -9.02 2.95
CA VAL A 56 2.09 -10.47 2.96
C VAL A 56 2.80 -10.93 4.23
N PRO A 57 2.28 -11.97 4.90
CA PRO A 57 2.86 -12.51 6.13
C PRO A 57 4.18 -13.29 5.97
N GLU A 58 4.46 -13.84 4.78
CA GLU A 58 5.70 -14.58 4.60
C GLU A 58 6.67 -13.80 3.77
N LYS A 59 7.93 -14.18 3.87
CA LYS A 59 9.00 -13.52 3.13
C LYS A 59 9.23 -14.28 1.84
N LYS A 60 8.26 -15.12 1.56
CA LYS A 60 8.24 -15.95 0.38
C LYS A 60 6.95 -15.59 -0.32
N LEU A 61 5.83 -16.06 0.24
CA LEU A 61 4.51 -15.67 -0.25
C LEU A 61 4.45 -14.19 -0.63
N LEU A 62 5.35 -13.37 -0.05
CA LEU A 62 5.41 -11.96 -0.38
C LEU A 62 5.77 -11.80 -1.85
N LYS A 63 6.73 -12.58 -2.30
CA LYS A 63 7.22 -12.51 -3.66
C LYS A 63 6.54 -13.55 -4.52
N HIS A 64 5.64 -14.32 -3.93
CA HIS A 64 4.91 -15.33 -4.70
C HIS A 64 3.60 -14.76 -5.20
N VAL A 65 3.20 -13.64 -4.63
CA VAL A 65 2.00 -12.95 -5.07
C VAL A 65 2.39 -11.99 -6.17
N LEU A 66 3.69 -11.83 -6.34
CA LEU A 66 4.25 -10.94 -7.34
C LEU A 66 4.15 -11.50 -8.76
N PRO A 67 4.46 -12.81 -8.99
CA PRO A 67 4.32 -13.39 -10.32
C PRO A 67 2.96 -13.04 -10.90
N ASN A 68 1.90 -13.59 -10.33
CA ASN A 68 0.57 -13.25 -10.82
C ASN A 68 -0.43 -12.99 -9.71
N ILE A 69 -1.13 -11.88 -9.85
CA ILE A 69 -2.17 -11.45 -8.93
C ILE A 69 -3.30 -10.87 -9.77
N ARG A 70 -4.53 -11.32 -9.53
CA ARG A 70 -5.65 -10.85 -10.33
C ARG A 70 -6.97 -11.44 -9.82
N ILE A 71 -8.04 -11.14 -10.54
CA ILE A 71 -9.39 -11.62 -10.23
C ILE A 71 -9.85 -12.57 -11.32
N LYS A 72 -10.70 -13.53 -10.98
CA LYS A 72 -11.19 -14.51 -11.94
C LYS A 72 -12.40 -13.99 -12.70
N GLY A 73 -12.19 -13.68 -13.97
CA GLY A 73 -13.26 -13.23 -14.83
C GLY A 73 -13.46 -11.74 -14.87
N LEU A 74 -12.39 -10.96 -14.70
CA LEU A 74 -12.53 -9.52 -14.75
C LEU A 74 -11.74 -8.92 -15.92
N SER A 75 -11.67 -7.60 -15.91
CA SER A 75 -10.99 -6.86 -16.94
C SER A 75 -9.84 -6.06 -16.33
N PHE A 76 -8.62 -6.44 -16.65
CA PHE A 76 -7.46 -5.78 -16.11
C PHE A 76 -6.23 -5.96 -16.99
N SER A 77 -5.31 -4.99 -16.93
CA SER A 77 -4.08 -5.05 -17.70
C SER A 77 -2.88 -4.76 -16.80
N VAL A 78 -2.47 -5.79 -16.06
CA VAL A 78 -1.34 -5.70 -15.12
C VAL A 78 -0.09 -5.07 -15.73
N LYS A 79 0.35 -3.96 -15.16
CA LYS A 79 1.55 -3.27 -15.58
C LYS A 79 2.39 -2.95 -14.36
N VAL A 80 3.64 -3.40 -14.35
CA VAL A 80 4.53 -3.19 -13.22
C VAL A 80 5.07 -1.75 -13.20
N CYS A 81 5.12 -1.16 -12.02
CA CYS A 81 5.61 0.21 -11.86
C CYS A 81 6.60 0.29 -10.72
N GLY A 82 7.74 0.94 -10.96
CA GLY A 82 8.74 1.04 -9.94
C GLY A 82 9.40 -0.28 -9.65
N GLU A 83 9.64 -0.54 -8.38
CA GLU A 83 10.27 -1.78 -7.96
C GLU A 83 9.24 -2.72 -7.35
N ARG A 84 8.49 -2.23 -6.36
CA ARG A 84 7.49 -3.05 -5.68
C ARG A 84 6.05 -2.62 -5.96
N LYS A 85 5.87 -1.61 -6.78
CA LYS A 85 4.52 -1.13 -7.07
C LYS A 85 3.95 -1.79 -8.33
N CYS A 86 2.63 -1.83 -8.43
CA CYS A 86 1.97 -2.43 -9.57
C CYS A 86 0.68 -1.68 -9.91
N VAL A 87 0.48 -1.45 -11.20
CA VAL A 87 -0.68 -0.71 -11.69
C VAL A 87 -1.53 -1.62 -12.55
N LEU A 88 -2.84 -1.57 -12.36
CA LEU A 88 -3.73 -2.39 -13.15
C LEU A 88 -4.80 -1.53 -13.78
N PHE A 89 -5.08 -1.77 -15.04
CA PHE A 89 -6.12 -1.01 -15.73
C PHE A 89 -7.39 -1.83 -15.71
N ILE A 90 -8.29 -1.47 -14.80
CA ILE A 90 -9.54 -2.19 -14.65
C ILE A 90 -10.63 -1.57 -15.53
N GLU A 91 -11.49 -2.40 -16.08
CA GLU A 91 -12.56 -1.91 -16.93
C GLU A 91 -13.85 -2.65 -16.65
N TRP A 92 -14.92 -1.88 -16.49
CA TRP A 92 -16.24 -2.45 -16.25
C TRP A 92 -17.31 -1.39 -16.44
N GLU A 93 -18.49 -1.85 -16.79
CA GLU A 93 -19.63 -0.99 -17.04
C GLU A 93 -19.31 -0.04 -18.19
N LYS A 94 -18.57 -0.57 -19.16
CA LYS A 94 -18.14 0.16 -20.34
C LYS A 94 -17.23 1.34 -19.97
N LYS A 95 -16.54 1.20 -18.85
CA LYS A 95 -15.61 2.23 -18.40
C LYS A 95 -14.27 1.59 -18.10
N THR A 96 -13.23 2.40 -18.09
CA THR A 96 -11.87 1.94 -17.85
C THR A 96 -11.14 2.83 -16.83
N TYR A 97 -10.84 2.28 -15.65
CA TYR A 97 -10.15 3.03 -14.61
C TYR A 97 -8.75 2.46 -14.36
N GLN A 98 -8.00 3.11 -13.47
CA GLN A 98 -6.65 2.67 -13.13
C GLN A 98 -6.58 2.31 -11.64
N LEU A 99 -6.04 1.13 -11.33
CA LEU A 99 -5.92 0.68 -9.94
C LEU A 99 -4.46 0.59 -9.50
N ASP A 100 -4.15 1.12 -8.33
CA ASP A 100 -2.79 1.12 -7.81
C ASP A 100 -2.71 0.35 -6.50
N LEU A 101 -2.17 -0.85 -6.56
CA LEU A 101 -2.00 -1.65 -5.36
C LEU A 101 -0.52 -1.79 -5.04
N PHE A 102 -0.21 -2.01 -3.76
CA PHE A 102 1.16 -2.14 -3.32
C PHE A 102 1.31 -3.28 -2.33
N THR A 103 2.11 -4.25 -2.70
CA THR A 103 2.38 -5.39 -1.82
C THR A 103 3.60 -5.10 -0.97
N ALA A 104 3.48 -5.24 0.36
CA ALA A 104 4.58 -4.98 1.28
C ALA A 104 4.65 -6.11 2.32
N LEU A 105 5.76 -6.20 3.06
CA LEU A 105 5.95 -7.25 4.08
C LEU A 105 5.28 -6.90 5.39
N ALA A 106 5.06 -7.93 6.21
CA ALA A 106 4.45 -7.74 7.52
C ALA A 106 5.34 -6.93 8.44
N GLU A 107 6.62 -6.82 8.07
CA GLU A 107 7.59 -6.08 8.86
C GLU A 107 7.51 -4.58 8.56
N GLU A 108 7.08 -4.22 7.36
CA GLU A 108 6.98 -2.82 6.97
C GLU A 108 5.56 -2.28 7.18
N LYS A 109 4.72 -3.08 7.84
CA LYS A 109 3.32 -2.69 8.13
C LYS A 109 3.15 -1.24 8.61
N PRO A 110 3.63 -0.86 9.83
CA PRO A 110 3.48 0.52 10.33
C PRO A 110 4.12 1.54 9.40
N TYR A 111 5.31 1.20 8.89
CA TYR A 111 6.06 2.09 8.01
C TYR A 111 5.25 2.46 6.78
N ALA A 112 4.48 1.50 6.29
CA ALA A 112 3.69 1.72 5.08
C ALA A 112 2.32 2.30 5.38
N ILE A 113 1.67 1.83 6.43
CA ILE A 113 0.35 2.31 6.78
C ILE A 113 0.40 3.82 7.10
N PHE A 114 1.33 4.24 7.95
CA PHE A 114 1.45 5.66 8.29
C PHE A 114 1.71 6.47 7.03
N HIS A 115 2.71 6.01 6.30
CA HIS A 115 3.13 6.66 5.07
C HIS A 115 1.94 6.94 4.15
N PHE A 116 1.05 5.97 4.01
CA PHE A 116 -0.08 6.14 3.10
C PHE A 116 -1.29 6.77 3.78
N THR A 117 -1.29 6.86 5.11
CA THR A 117 -2.40 7.49 5.81
C THR A 117 -2.16 9.00 5.91
N GLY A 118 -0.90 9.38 5.75
CA GLY A 118 -0.53 10.78 5.82
C GLY A 118 -0.08 11.31 4.49
N PRO A 119 0.45 12.54 4.45
CA PRO A 119 0.90 13.15 3.22
C PRO A 119 2.31 12.75 2.82
N VAL A 120 2.44 12.23 1.60
CA VAL A 120 3.73 11.80 1.08
C VAL A 120 4.77 12.90 1.24
N SER A 121 4.39 14.12 0.86
CA SER A 121 5.26 15.29 0.99
C SER A 121 5.93 15.39 2.34
N TYR A 122 5.14 15.17 3.38
CA TYR A 122 5.64 15.23 4.72
C TYR A 122 6.63 14.09 4.96
N LEU A 123 6.31 12.93 4.40
CA LEU A 123 7.15 11.74 4.54
C LEU A 123 8.57 11.97 4.04
N ILE A 124 8.73 12.50 2.83
CA ILE A 124 10.07 12.78 2.32
C ILE A 124 10.80 13.80 3.19
N ARG A 125 10.11 14.90 3.46
CA ARG A 125 10.61 15.95 4.36
C ARG A 125 11.22 15.32 5.60
N ILE A 126 10.58 14.24 6.01
CA ILE A 126 11.01 13.47 7.17
C ILE A 126 12.26 12.66 6.83
N ARG A 127 12.32 12.17 5.61
CA ARG A 127 13.48 11.42 5.15
C ARG A 127 14.74 12.24 5.30
N ALA A 128 14.79 13.40 4.64
CA ALA A 128 15.94 14.27 4.78
C ALA A 128 16.14 14.64 6.24
N ALA A 129 15.02 14.97 6.89
CA ALA A 129 15.02 15.28 8.32
C ALA A 129 15.82 14.25 9.10
N LEU A 130 15.55 12.98 8.82
CA LEU A 130 16.26 11.89 9.45
C LEU A 130 17.70 11.81 8.98
N LYS A 131 17.96 12.14 7.72
CA LYS A 131 19.32 12.14 7.21
C LYS A 131 20.17 13.08 8.06
N LYS A 132 19.65 14.28 8.28
CA LYS A 132 20.30 15.25 9.18
C LYS A 132 20.83 14.58 10.47
N LYS A 133 20.18 13.50 10.88
CA LYS A 133 20.57 12.74 12.07
C LYS A 133 21.32 11.47 11.69
N ASN A 134 21.65 11.36 10.41
CA ASN A 134 22.36 10.21 9.86
C ASN A 134 21.46 8.97 9.96
N TYR A 135 20.25 9.13 9.44
CA TYR A 135 19.24 8.08 9.44
C TYR A 135 18.49 8.08 8.10
N LYS A 136 18.13 6.91 7.61
CA LYS A 136 17.37 6.80 6.38
C LYS A 136 16.19 5.87 6.61
N LEU A 137 14.98 6.37 6.38
CA LEU A 137 13.78 5.59 6.61
C LEU A 137 13.13 5.15 5.31
N ASN A 138 13.08 3.85 5.11
CA ASN A 138 12.45 3.29 3.92
C ASN A 138 11.62 2.08 4.32
N GLN A 139 10.88 1.54 3.38
CA GLN A 139 10.04 0.38 3.64
C GLN A 139 10.86 -0.82 4.10
N TYR A 140 12.18 -0.79 3.89
CA TYR A 140 13.05 -1.90 4.29
C TYR A 140 13.47 -1.77 5.74
N GLY A 141 13.24 -0.60 6.32
CA GLY A 141 13.59 -0.38 7.70
C GLY A 141 14.32 0.94 7.95
N LEU A 142 15.16 0.93 8.98
CA LEU A 142 15.90 2.12 9.37
C LEU A 142 17.37 1.97 8.97
N PHE A 143 17.79 2.71 7.96
CA PHE A 143 19.16 2.63 7.48
C PHE A 143 20.07 3.62 8.19
N LYS A 144 20.88 3.11 9.10
CA LYS A 144 21.83 3.94 9.83
C LYS A 144 23.22 3.65 9.28
N ASN A 145 23.75 4.58 8.49
CA ASN A 145 25.09 4.45 7.90
C ASN A 145 25.22 3.14 7.12
N GLN A 146 24.35 2.99 6.13
CA GLN A 146 24.31 1.81 5.25
C GLN A 146 23.94 0.53 6.00
N THR A 147 23.70 0.62 7.28
CA THR A 147 23.35 -0.54 8.08
C THR A 147 21.84 -0.60 8.28
N LEU A 148 21.21 -1.62 7.74
CA LEU A 148 19.79 -1.79 7.89
C LEU A 148 19.48 -2.07 9.35
N VAL A 149 18.46 -1.42 9.85
CA VAL A 149 18.06 -1.59 11.23
C VAL A 149 16.57 -1.92 11.30
N PRO A 150 16.22 -3.11 11.83
CA PRO A 150 14.84 -3.55 11.98
C PRO A 150 14.07 -2.69 12.97
N LEU A 151 12.76 -2.65 12.80
CA LEU A 151 11.89 -1.89 13.68
C LEU A 151 11.38 -2.76 14.81
N LYS A 152 10.99 -2.13 15.92
CA LYS A 152 10.47 -2.86 17.08
C LYS A 152 9.02 -2.48 17.35
N ILE A 153 8.26 -2.24 16.30
CA ILE A 153 6.85 -1.85 16.45
C ILE A 153 5.96 -2.57 15.44
N THR A 154 4.67 -2.37 15.59
CA THR A 154 3.71 -2.98 14.69
C THR A 154 2.42 -2.15 14.63
N THR A 155 2.33 -1.11 15.45
CA THR A 155 1.14 -0.28 15.51
C THR A 155 1.39 1.15 15.01
N GLU A 156 0.34 1.78 14.45
CA GLU A 156 0.44 3.14 13.93
C GLU A 156 0.93 4.10 14.99
N LYS A 157 0.36 4.04 16.19
CA LYS A 157 0.74 4.93 17.27
C LYS A 157 2.13 4.56 17.80
N GLU A 158 2.48 3.31 17.65
CA GLU A 158 3.76 2.81 18.10
C GLU A 158 4.86 3.39 17.22
N LEU A 159 4.61 3.40 15.91
CA LEU A 159 5.55 3.90 14.93
C LEU A 159 5.85 5.38 15.14
N ILE A 160 4.81 6.15 15.42
CA ILE A 160 5.00 7.58 15.58
C ILE A 160 5.82 7.85 16.84
N LYS A 161 5.59 7.06 17.89
CA LYS A 161 6.34 7.19 19.13
C LYS A 161 7.77 6.72 18.92
N GLU A 162 7.93 5.73 18.03
CA GLU A 162 9.23 5.15 17.71
C GLU A 162 10.05 6.14 16.88
N LEU A 163 9.38 6.85 15.99
CA LEU A 163 10.04 7.83 15.13
C LEU A 163 10.21 9.15 15.87
N GLY A 164 9.31 9.43 16.80
CA GLY A 164 9.35 10.67 17.55
C GLY A 164 8.76 11.81 16.74
N PHE A 165 7.69 11.50 16.01
CA PHE A 165 7.00 12.49 15.19
C PHE A 165 5.51 12.50 15.48
N THR A 166 4.86 13.57 15.04
CA THR A 166 3.42 13.73 15.26
C THR A 166 2.60 13.04 14.19
N TYR A 167 1.39 12.62 14.55
CA TYR A 167 0.48 11.97 13.61
C TYR A 167 -0.22 13.05 12.79
N ARG A 168 -0.02 13.04 11.47
CA ARG A 168 -0.65 14.05 10.62
C ARG A 168 -1.72 13.45 9.71
N ILE A 169 -2.58 14.32 9.21
CA ILE A 169 -3.65 13.91 8.33
C ILE A 169 -3.52 14.60 6.98
N PRO A 170 -3.93 13.94 5.90
CA PRO A 170 -3.86 14.52 4.55
C PRO A 170 -4.78 15.73 4.40
N LYS A 171 -5.88 15.73 5.15
CA LYS A 171 -6.84 16.83 5.11
C LYS A 171 -6.16 18.17 5.36
N LYS A 172 -5.17 18.17 6.25
CA LYS A 172 -4.45 19.40 6.57
C LYS A 172 -3.16 19.53 5.79
N ARG A 173 -2.64 18.38 5.31
CA ARG A 173 -1.40 18.35 4.52
C ARG A 173 -0.17 18.78 5.34
N LEU A 174 0.89 17.96 5.26
CA LEU A 174 2.15 18.23 5.95
C LEU A 174 1.96 18.55 7.43
N MET A 1 -14.62 10.57 -13.14
CA MET A 1 -14.11 10.30 -11.79
C MET A 1 -15.04 9.34 -11.07
N LEU A 2 -14.72 9.00 -9.84
CA LEU A 2 -15.54 8.10 -9.06
C LEU A 2 -15.64 8.57 -7.62
N THR A 3 -16.65 8.10 -6.90
CA THR A 3 -16.84 8.50 -5.50
C THR A 3 -16.01 7.61 -4.56
N LEU A 4 -15.89 8.05 -3.30
CA LEU A 4 -15.15 7.31 -2.27
C LEU A 4 -15.79 5.96 -1.99
N ILE A 5 -17.07 5.87 -2.30
CA ILE A 5 -17.85 4.67 -2.10
C ILE A 5 -17.90 3.85 -3.39
N GLN A 6 -17.42 4.44 -4.48
CA GLN A 6 -17.43 3.78 -5.77
C GLN A 6 -16.31 2.77 -5.77
N GLY A 7 -15.24 3.15 -5.09
CA GLY A 7 -14.11 2.28 -4.95
C GLY A 7 -14.44 1.25 -3.93
N LYS A 8 -14.75 1.70 -2.72
CA LYS A 8 -15.14 0.80 -1.63
C LYS A 8 -16.21 -0.19 -2.03
N LYS A 9 -16.97 0.11 -3.07
CA LYS A 9 -17.98 -0.82 -3.54
C LYS A 9 -17.32 -1.94 -4.30
N ILE A 10 -16.38 -1.60 -5.15
CA ILE A 10 -15.70 -2.62 -5.89
C ILE A 10 -14.73 -3.35 -4.98
N VAL A 11 -13.79 -2.62 -4.37
CA VAL A 11 -12.79 -3.19 -3.46
C VAL A 11 -13.40 -4.10 -2.40
N ASN A 12 -14.64 -3.80 -2.02
CA ASN A 12 -15.33 -4.59 -1.00
C ASN A 12 -15.62 -5.98 -1.53
N HIS A 13 -16.08 -6.05 -2.78
CA HIS A 13 -16.39 -7.33 -3.43
C HIS A 13 -15.22 -7.81 -4.27
N LEU A 14 -14.24 -6.94 -4.43
CA LEU A 14 -13.05 -7.22 -5.21
C LEU A 14 -11.97 -7.87 -4.37
N ARG A 15 -11.88 -7.55 -3.09
CA ARG A 15 -10.82 -8.10 -2.25
C ARG A 15 -11.23 -9.47 -1.72
N SER A 16 -12.39 -9.93 -2.18
CA SER A 16 -12.92 -11.22 -1.78
C SER A 16 -12.76 -12.22 -2.92
N ARG A 17 -12.77 -11.72 -4.14
CA ARG A 17 -12.61 -12.54 -5.34
C ARG A 17 -11.14 -12.55 -5.75
N LEU A 18 -10.35 -11.80 -4.98
CA LEU A 18 -8.93 -11.68 -5.21
C LEU A 18 -8.24 -13.02 -5.03
N ALA A 19 -7.26 -13.26 -5.86
CA ALA A 19 -6.53 -14.52 -5.84
C ALA A 19 -5.19 -14.37 -6.53
N PHE A 20 -4.32 -15.31 -6.27
CA PHE A 20 -3.02 -15.32 -6.90
C PHE A 20 -2.67 -16.77 -7.19
N GLU A 21 -1.74 -17.01 -8.07
CA GLU A 21 -1.37 -18.36 -8.37
C GLU A 21 -0.12 -18.77 -7.61
N TYR A 22 0.13 -20.05 -7.65
CA TYR A 22 1.26 -20.65 -6.98
C TYR A 22 1.58 -21.98 -7.61
N ASN A 23 2.58 -21.98 -8.50
CA ASN A 23 3.02 -23.19 -9.18
C ASN A 23 1.86 -23.84 -9.93
N GLY A 24 0.96 -23.01 -10.45
CA GLY A 24 -0.19 -23.51 -11.20
C GLY A 24 -1.42 -23.63 -10.31
N GLN A 25 -1.19 -23.71 -9.00
CA GLN A 25 -2.28 -23.83 -8.05
C GLN A 25 -2.82 -22.47 -7.69
N LEU A 26 -4.13 -22.30 -7.81
CA LEU A 26 -4.76 -21.03 -7.48
C LEU A 26 -4.93 -20.88 -5.96
N ILE A 27 -4.37 -19.81 -5.46
CA ILE A 27 -4.43 -19.47 -4.03
C ILE A 27 -5.12 -18.14 -3.85
N LYS A 28 -6.24 -18.14 -3.17
CA LYS A 28 -6.96 -16.90 -2.96
C LYS A 28 -6.39 -16.16 -1.76
N ILE A 29 -6.83 -14.93 -1.58
CA ILE A 29 -6.37 -14.11 -0.47
C ILE A 29 -7.55 -13.65 0.38
N LEU A 30 -7.25 -13.18 1.59
CA LEU A 30 -8.25 -12.69 2.50
C LEU A 30 -8.14 -11.18 2.60
N SER A 31 -9.26 -10.53 2.87
CA SER A 31 -9.33 -9.09 3.00
C SER A 31 -8.30 -8.55 3.97
N LYS A 32 -7.96 -9.37 4.95
CA LYS A 32 -6.97 -9.00 5.96
C LYS A 32 -5.74 -8.39 5.31
N ASN A 33 -5.27 -9.07 4.27
CA ASN A 33 -4.06 -8.70 3.53
C ASN A 33 -4.33 -7.61 2.49
N ILE A 34 -5.30 -6.78 2.76
CA ILE A 34 -5.64 -5.68 1.85
C ILE A 34 -6.04 -4.43 2.63
N VAL A 35 -5.43 -3.30 2.31
CA VAL A 35 -5.74 -2.04 2.96
C VAL A 35 -6.07 -0.99 1.91
N ALA A 36 -7.02 -0.11 2.22
CA ALA A 36 -7.43 0.93 1.29
C ALA A 36 -6.81 2.26 1.67
N VAL A 37 -5.72 2.60 1.02
CA VAL A 37 -5.04 3.86 1.29
C VAL A 37 -5.42 4.93 0.28
N GLY A 38 -4.66 6.01 0.31
CA GLY A 38 -4.90 7.11 -0.61
C GLY A 38 -6.16 7.87 -0.31
N SER A 39 -7.03 7.98 -1.30
CA SER A 39 -8.28 8.71 -1.16
C SER A 39 -9.15 8.14 -0.04
N LEU A 40 -9.17 6.82 0.05
CA LEU A 40 -9.95 6.14 1.08
C LEU A 40 -9.52 6.56 2.49
N ARG A 41 -8.25 6.94 2.64
CA ARG A 41 -7.74 7.38 3.94
C ARG A 41 -7.87 8.91 4.03
N ARG A 42 -7.87 9.55 2.87
CA ARG A 42 -8.01 10.99 2.75
C ARG A 42 -9.44 11.43 3.07
N GLU A 43 -10.35 10.44 3.13
CA GLU A 43 -11.78 10.67 3.40
C GLU A 43 -12.34 11.66 2.38
N GLU A 44 -11.98 11.40 1.13
CA GLU A 44 -12.39 12.22 0.01
C GLU A 44 -13.83 11.98 -0.40
N LYS A 45 -14.33 12.84 -1.27
CA LYS A 45 -15.67 12.73 -1.78
C LYS A 45 -15.64 12.14 -3.17
N MET A 46 -14.80 12.73 -4.01
CA MET A 46 -14.64 12.26 -5.36
C MET A 46 -13.16 12.14 -5.69
N LEU A 47 -12.80 11.01 -6.26
CA LEU A 47 -11.43 10.74 -6.62
C LEU A 47 -11.36 10.30 -8.07
N ASN A 48 -10.16 9.97 -8.53
CA ASN A 48 -9.97 9.52 -9.91
C ASN A 48 -9.46 8.10 -9.97
N ASP A 49 -8.48 7.80 -9.13
CA ASP A 49 -7.91 6.48 -9.06
C ASP A 49 -8.00 6.00 -7.62
N VAL A 50 -7.77 4.72 -7.40
CA VAL A 50 -7.85 4.17 -6.05
C VAL A 50 -6.52 3.57 -5.64
N ASP A 51 -6.20 3.71 -4.36
CA ASP A 51 -4.95 3.20 -3.82
C ASP A 51 -5.22 2.08 -2.85
N LEU A 52 -4.52 0.98 -3.02
CA LEU A 52 -4.69 -0.17 -2.16
C LEU A 52 -3.36 -0.76 -1.79
N LEU A 53 -3.07 -0.90 -0.51
CA LEU A 53 -1.79 -1.47 -0.12
C LEU A 53 -2.03 -2.88 0.41
N ILE A 54 -1.36 -3.83 -0.20
CA ILE A 54 -1.49 -5.22 0.15
C ILE A 54 -0.57 -5.60 1.32
N ILE A 55 -0.62 -6.89 1.61
CA ILE A 55 0.11 -7.47 2.73
C ILE A 55 0.34 -8.96 2.55
N VAL A 56 1.53 -9.42 2.92
CA VAL A 56 1.87 -10.83 2.84
C VAL A 56 2.72 -11.25 4.05
N PRO A 57 2.26 -12.26 4.82
CA PRO A 57 2.96 -12.74 6.03
C PRO A 57 4.34 -13.38 5.78
N GLU A 58 4.44 -14.27 4.80
CA GLU A 58 5.70 -14.95 4.54
C GLU A 58 6.60 -14.16 3.65
N LYS A 59 7.86 -14.46 3.72
CA LYS A 59 8.84 -13.84 2.89
C LYS A 59 8.60 -14.39 1.50
N LYS A 60 8.44 -15.72 1.40
CA LYS A 60 8.16 -16.34 0.13
C LYS A 60 6.81 -15.89 -0.36
N LEU A 61 5.76 -16.24 0.40
CA LEU A 61 4.41 -15.77 0.09
C LEU A 61 4.41 -14.32 -0.43
N LEU A 62 5.35 -13.49 0.03
CA LEU A 62 5.42 -12.11 -0.42
C LEU A 62 5.82 -12.06 -1.88
N LYS A 63 6.82 -12.87 -2.26
CA LYS A 63 7.31 -12.88 -3.62
C LYS A 63 6.62 -13.95 -4.46
N HIS A 64 5.67 -14.65 -3.88
CA HIS A 64 4.95 -15.70 -4.59
C HIS A 64 3.62 -15.21 -5.14
N VAL A 65 3.14 -14.09 -4.62
CA VAL A 65 1.89 -13.50 -5.10
C VAL A 65 2.19 -12.63 -6.33
N LEU A 66 3.47 -12.30 -6.45
CA LEU A 66 3.97 -11.47 -7.54
C LEU A 66 3.92 -12.18 -8.89
N PRO A 67 4.41 -13.44 -9.01
CA PRO A 67 4.36 -14.17 -10.27
C PRO A 67 2.97 -14.09 -10.89
N ASN A 68 1.99 -14.70 -10.24
CA ASN A 68 0.64 -14.66 -10.76
C ASN A 68 -0.35 -14.16 -9.72
N ILE A 69 -0.99 -13.06 -10.05
CA ILE A 69 -2.00 -12.46 -9.20
C ILE A 69 -3.13 -11.97 -10.09
N ARG A 70 -4.37 -12.31 -9.75
CA ARG A 70 -5.48 -11.91 -10.61
C ARG A 70 -6.84 -12.05 -9.93
N ILE A 71 -7.80 -11.33 -10.50
CA ILE A 71 -9.18 -11.37 -10.05
C ILE A 71 -9.98 -12.20 -11.04
N LYS A 72 -10.77 -13.13 -10.54
CA LYS A 72 -11.55 -13.99 -11.42
C LYS A 72 -12.89 -13.38 -11.80
N GLY A 73 -13.06 -13.09 -13.09
CA GLY A 73 -14.30 -12.53 -13.58
C GLY A 73 -14.22 -11.04 -13.89
N LEU A 74 -13.07 -10.43 -13.64
CA LEU A 74 -12.91 -9.01 -13.91
C LEU A 74 -12.17 -8.77 -15.23
N SER A 75 -11.71 -7.55 -15.39
CA SER A 75 -10.99 -7.11 -16.58
C SER A 75 -9.93 -6.14 -16.14
N PHE A 76 -8.67 -6.46 -16.40
CA PHE A 76 -7.58 -5.62 -15.98
C PHE A 76 -6.28 -5.94 -16.71
N SER A 77 -5.36 -4.98 -16.68
CA SER A 77 -4.06 -5.12 -17.30
C SER A 77 -2.98 -4.76 -16.31
N VAL A 78 -2.18 -5.75 -15.94
CA VAL A 78 -1.11 -5.57 -14.98
C VAL A 78 0.13 -4.93 -15.60
N LYS A 79 0.51 -3.78 -15.06
CA LYS A 79 1.68 -3.06 -15.51
C LYS A 79 2.56 -2.72 -14.32
N VAL A 80 3.82 -2.38 -14.56
CA VAL A 80 4.73 -2.03 -13.49
C VAL A 80 4.79 -0.52 -13.35
N CYS A 81 4.64 -0.02 -12.12
CA CYS A 81 4.70 1.40 -11.88
C CYS A 81 5.98 1.74 -11.13
N GLY A 82 6.70 2.73 -11.60
CA GLY A 82 7.94 3.12 -10.96
C GLY A 82 8.99 2.04 -11.00
N GLU A 83 9.66 1.85 -9.88
CA GLU A 83 10.71 0.85 -9.78
C GLU A 83 10.20 -0.48 -9.26
N ARG A 84 9.49 -0.46 -8.14
CA ARG A 84 8.99 -1.69 -7.52
C ARG A 84 7.49 -1.65 -7.29
N LYS A 85 6.83 -0.64 -7.82
CA LYS A 85 5.39 -0.52 -7.62
C LYS A 85 4.64 -1.28 -8.71
N CYS A 86 3.34 -1.41 -8.53
CA CYS A 86 2.51 -2.13 -9.49
C CYS A 86 1.19 -1.42 -9.69
N VAL A 87 0.81 -1.31 -10.95
CA VAL A 87 -0.43 -0.64 -11.30
C VAL A 87 -1.26 -1.54 -12.21
N LEU A 88 -2.56 -1.48 -12.04
CA LEU A 88 -3.46 -2.30 -12.82
C LEU A 88 -4.54 -1.44 -13.47
N PHE A 89 -4.80 -1.69 -14.73
CA PHE A 89 -5.84 -0.96 -15.44
C PHE A 89 -7.08 -1.79 -15.44
N ILE A 90 -8.12 -1.30 -14.80
CA ILE A 90 -9.37 -2.02 -14.68
C ILE A 90 -10.42 -1.50 -15.64
N GLU A 91 -11.25 -2.39 -16.15
CA GLU A 91 -12.27 -2.00 -17.11
C GLU A 91 -13.61 -2.63 -16.78
N TRP A 92 -14.60 -1.79 -16.51
CA TRP A 92 -15.95 -2.27 -16.21
C TRP A 92 -16.92 -1.11 -16.28
N GLU A 93 -18.20 -1.44 -16.47
CA GLU A 93 -19.25 -0.44 -16.58
C GLU A 93 -19.00 0.46 -17.79
N LYS A 94 -18.46 -0.14 -18.85
CA LYS A 94 -18.15 0.58 -20.08
C LYS A 94 -17.04 1.62 -19.84
N LYS A 95 -16.25 1.43 -18.79
CA LYS A 95 -15.19 2.36 -18.48
C LYS A 95 -13.89 1.67 -18.09
N THR A 96 -12.81 2.40 -18.25
CA THR A 96 -11.46 1.93 -17.96
C THR A 96 -10.73 2.89 -16.99
N TYR A 97 -10.49 2.44 -15.77
CA TYR A 97 -9.83 3.26 -14.76
C TYR A 97 -8.41 2.75 -14.46
N GLN A 98 -7.74 3.45 -13.56
CA GLN A 98 -6.38 3.10 -13.14
C GLN A 98 -6.35 2.72 -11.65
N LEU A 99 -5.83 1.54 -11.33
CA LEU A 99 -5.74 1.09 -9.95
C LEU A 99 -4.27 0.93 -9.56
N ASP A 100 -3.92 1.35 -8.36
CA ASP A 100 -2.54 1.24 -7.88
C ASP A 100 -2.52 0.42 -6.59
N LEU A 101 -1.88 -0.75 -6.60
CA LEU A 101 -1.79 -1.60 -5.41
C LEU A 101 -0.34 -1.78 -5.06
N PHE A 102 -0.03 -1.94 -3.78
CA PHE A 102 1.35 -2.06 -3.36
C PHE A 102 1.49 -3.17 -2.33
N THR A 103 1.99 -4.29 -2.77
CA THR A 103 2.22 -5.43 -1.88
C THR A 103 3.32 -5.12 -0.88
N ALA A 104 3.11 -5.38 0.41
CA ALA A 104 4.13 -5.10 1.41
C ALA A 104 4.14 -6.24 2.43
N LEU A 105 5.17 -6.28 3.25
CA LEU A 105 5.28 -7.30 4.27
C LEU A 105 4.62 -6.86 5.55
N ALA A 106 4.32 -7.83 6.39
CA ALA A 106 3.68 -7.58 7.66
C ALA A 106 4.56 -6.71 8.56
N GLU A 107 5.87 -6.78 8.33
CA GLU A 107 6.81 -6.00 9.14
C GLU A 107 6.87 -4.54 8.69
N GLU A 108 6.53 -4.27 7.45
CA GLU A 108 6.55 -2.90 6.96
C GLU A 108 5.16 -2.28 6.98
N LYS A 109 4.22 -3.01 7.57
CA LYS A 109 2.82 -2.57 7.66
C LYS A 109 2.71 -1.15 8.24
N PRO A 110 3.32 -0.87 9.41
CA PRO A 110 3.26 0.47 10.02
C PRO A 110 3.92 1.54 9.13
N TYR A 111 5.08 1.20 8.58
CA TYR A 111 5.85 2.10 7.72
C TYR A 111 5.09 2.37 6.43
N ALA A 112 4.26 1.43 6.03
CA ALA A 112 3.51 1.54 4.80
C ALA A 112 2.31 2.46 4.95
N ILE A 113 1.51 2.24 5.98
CA ILE A 113 0.34 3.08 6.18
C ILE A 113 0.79 4.52 6.40
N PHE A 114 1.77 4.72 7.28
CA PHE A 114 2.34 6.05 7.59
C PHE A 114 3.10 6.65 6.39
N HIS A 115 2.98 5.99 5.27
CA HIS A 115 3.63 6.41 4.03
C HIS A 115 2.58 6.81 3.01
N PHE A 116 1.54 6.00 2.91
CA PHE A 116 0.47 6.23 1.96
C PHE A 116 -0.76 6.87 2.56
N THR A 117 -0.65 7.34 3.80
CA THR A 117 -1.75 8.02 4.47
C THR A 117 -2.33 9.14 3.62
N GLY A 118 -1.50 10.11 3.25
CA GLY A 118 -1.96 11.21 2.42
C GLY A 118 -0.85 11.88 1.64
N PRO A 119 -0.63 13.18 1.84
CA PRO A 119 0.42 13.91 1.13
C PRO A 119 1.81 13.58 1.64
N VAL A 120 2.30 12.43 1.20
CA VAL A 120 3.63 11.94 1.51
C VAL A 120 4.71 13.03 1.35
N SER A 121 4.38 14.03 0.54
CA SER A 121 5.24 15.18 0.30
C SER A 121 5.88 15.70 1.58
N TYR A 122 5.15 15.65 2.69
CA TYR A 122 5.74 16.15 3.94
C TYR A 122 6.69 15.12 4.53
N LEU A 123 6.33 13.85 4.42
CA LEU A 123 7.16 12.76 4.92
C LEU A 123 8.58 12.81 4.35
N ILE A 124 8.69 13.04 3.06
CA ILE A 124 10.01 13.13 2.41
C ILE A 124 10.86 14.20 3.13
N ARG A 125 10.24 15.35 3.30
CA ARG A 125 10.83 16.49 4.03
C ARG A 125 11.39 16.02 5.37
N ILE A 126 10.78 14.98 5.88
CA ILE A 126 11.19 14.36 7.15
C ILE A 126 12.31 13.34 6.91
N ARG A 127 12.21 12.64 5.78
CA ARG A 127 13.19 11.66 5.35
C ARG A 127 14.58 12.30 5.38
N ALA A 128 14.74 13.34 4.59
CA ALA A 128 15.99 14.10 4.52
C ALA A 128 16.38 14.64 5.90
N ALA A 129 15.35 15.12 6.60
CA ALA A 129 15.51 15.64 7.96
C ALA A 129 16.29 14.63 8.79
N LEU A 130 15.83 13.37 8.77
CA LEU A 130 16.50 12.28 9.47
C LEU A 130 17.94 12.12 8.98
N LYS A 131 18.14 12.17 7.66
CA LYS A 131 19.48 12.04 7.09
C LYS A 131 20.39 13.07 7.73
N LYS A 132 19.92 14.30 7.76
CA LYS A 132 20.63 15.39 8.44
C LYS A 132 21.08 14.98 9.87
N LYS A 133 20.46 13.93 10.41
CA LYS A 133 20.80 13.40 11.74
C LYS A 133 21.55 12.07 11.58
N ASN A 134 21.72 11.64 10.33
CA ASN A 134 22.38 10.40 9.95
C ASN A 134 21.45 9.21 10.17
N TYR A 135 20.28 9.29 9.58
CA TYR A 135 19.28 8.23 9.67
C TYR A 135 18.47 8.21 8.38
N LYS A 136 17.97 7.04 7.99
CA LYS A 136 17.17 6.95 6.79
C LYS A 136 15.95 6.08 7.04
N LEU A 137 14.81 6.55 6.57
CA LEU A 137 13.57 5.83 6.77
C LEU A 137 13.09 5.28 5.43
N ASN A 138 12.96 3.97 5.33
CA ASN A 138 12.53 3.34 4.10
C ASN A 138 11.52 2.24 4.41
N GLN A 139 10.84 1.74 3.39
CA GLN A 139 9.83 0.70 3.57
C GLN A 139 10.42 -0.58 4.13
N TYR A 140 11.73 -0.73 3.97
CA TYR A 140 12.43 -1.92 4.47
C TYR A 140 12.93 -1.70 5.90
N GLY A 141 12.94 -0.46 6.35
CA GLY A 141 13.38 -0.17 7.70
C GLY A 141 14.12 1.14 7.84
N LEU A 142 14.93 1.23 8.88
CA LEU A 142 15.71 2.42 9.17
C LEU A 142 17.17 2.19 8.84
N PHE A 143 17.71 2.88 7.85
CA PHE A 143 19.11 2.70 7.51
C PHE A 143 20.00 3.68 8.27
N LYS A 144 20.94 3.13 9.02
CA LYS A 144 21.91 3.92 9.77
C LYS A 144 23.33 3.53 9.35
N ASN A 145 24.02 4.45 8.69
CA ASN A 145 25.39 4.23 8.22
C ASN A 145 25.51 2.96 7.42
N GLN A 146 24.70 2.86 6.38
CA GLN A 146 24.70 1.72 5.49
C GLN A 146 24.35 0.43 6.23
N THR A 147 23.71 0.58 7.39
CA THR A 147 23.31 -0.57 8.18
C THR A 147 21.80 -0.55 8.40
N LEU A 148 21.12 -1.55 7.85
CA LEU A 148 19.69 -1.66 8.03
C LEU A 148 19.37 -1.95 9.50
N VAL A 149 18.35 -1.28 10.00
CA VAL A 149 17.89 -1.45 11.36
C VAL A 149 16.39 -1.71 11.34
N PRO A 150 15.95 -2.80 12.00
CA PRO A 150 14.55 -3.18 12.04
C PRO A 150 13.73 -2.30 12.97
N LEU A 151 12.42 -2.42 12.86
CA LEU A 151 11.51 -1.63 13.66
C LEU A 151 10.97 -2.48 14.79
N LYS A 152 10.67 -1.86 15.91
CA LYS A 152 10.15 -2.60 17.04
C LYS A 152 8.71 -2.20 17.37
N ILE A 153 7.89 -2.03 16.34
CA ILE A 153 6.49 -1.66 16.52
C ILE A 153 5.59 -2.44 15.57
N THR A 154 4.33 -2.53 15.93
CA THR A 154 3.37 -3.25 15.12
C THR A 154 2.15 -2.38 14.81
N THR A 155 2.09 -1.21 15.42
CA THR A 155 0.99 -0.30 15.20
C THR A 155 1.51 1.06 14.73
N GLU A 156 0.76 1.71 13.84
CA GLU A 156 1.16 3.02 13.31
C GLU A 156 1.33 4.02 14.44
N LYS A 157 0.38 4.01 15.37
CA LYS A 157 0.42 4.89 16.54
C LYS A 157 1.69 4.64 17.32
N GLU A 158 2.06 3.39 17.49
CA GLU A 158 3.29 3.07 18.19
C GLU A 158 4.48 3.55 17.38
N LEU A 159 4.37 3.39 16.07
CA LEU A 159 5.41 3.79 15.14
C LEU A 159 5.75 5.27 15.28
N ILE A 160 4.74 6.13 15.09
CA ILE A 160 4.96 7.57 15.19
C ILE A 160 5.70 7.93 16.48
N LYS A 161 5.32 7.29 17.58
CA LYS A 161 5.97 7.52 18.86
C LYS A 161 7.40 7.01 18.81
N GLU A 162 7.58 5.77 18.33
CA GLU A 162 8.90 5.16 18.20
C GLU A 162 9.83 6.08 17.42
N LEU A 163 9.31 6.65 16.34
CA LEU A 163 10.10 7.54 15.51
C LEU A 163 10.38 8.86 16.22
N GLY A 164 9.40 9.35 16.96
CA GLY A 164 9.55 10.61 17.68
C GLY A 164 8.77 11.71 17.00
N PHE A 165 7.68 11.34 16.36
CA PHE A 165 6.84 12.29 15.65
C PHE A 165 5.40 12.16 16.15
N THR A 166 4.61 13.19 15.98
CA THR A 166 3.23 13.17 16.43
C THR A 166 2.28 12.81 15.31
N TYR A 167 1.29 12.00 15.62
CA TYR A 167 0.31 11.56 14.65
C TYR A 167 -0.51 12.74 14.13
N ARG A 168 -0.60 12.86 12.81
CA ARG A 168 -1.35 13.95 12.18
C ARG A 168 -2.46 13.39 11.31
N ILE A 169 -3.17 14.29 10.64
CA ILE A 169 -4.24 13.90 9.75
C ILE A 169 -3.98 14.42 8.35
N PRO A 170 -4.05 13.53 7.35
CA PRO A 170 -3.82 13.86 5.94
C PRO A 170 -4.50 15.16 5.50
N LYS A 171 -5.68 15.39 6.03
CA LYS A 171 -6.45 16.59 5.72
C LYS A 171 -5.65 17.86 6.03
N LYS A 172 -4.86 17.82 7.09
CA LYS A 172 -4.04 18.96 7.50
C LYS A 172 -2.56 18.70 7.26
N ARG A 173 -2.29 17.81 6.27
CA ARG A 173 -0.93 17.42 5.82
C ARG A 173 -0.41 16.19 6.57
N LEU A 174 0.42 15.40 5.85
CA LEU A 174 1.02 14.17 6.36
C LEU A 174 -0.03 13.06 6.43
N MET A 1 -14.02 11.27 -11.02
CA MET A 1 -14.91 10.33 -11.75
C MET A 1 -15.66 9.43 -10.78
N LEU A 2 -14.92 8.66 -10.00
CA LEU A 2 -15.50 7.73 -9.05
C LEU A 2 -15.74 8.38 -7.70
N THR A 3 -16.79 7.93 -7.04
CA THR A 3 -17.14 8.42 -5.73
C THR A 3 -16.45 7.55 -4.68
N LEU A 4 -16.39 8.03 -3.44
CA LEU A 4 -15.75 7.30 -2.36
C LEU A 4 -16.54 6.05 -2.04
N ILE A 5 -17.85 6.11 -2.22
CA ILE A 5 -18.70 4.96 -1.95
C ILE A 5 -18.41 3.86 -2.97
N GLN A 6 -18.23 4.25 -4.23
CA GLN A 6 -17.95 3.30 -5.28
C GLN A 6 -16.66 2.55 -5.01
N GLY A 7 -15.55 3.30 -4.91
CA GLY A 7 -14.25 2.72 -4.62
C GLY A 7 -14.24 1.84 -3.38
N LYS A 8 -15.22 2.00 -2.54
CA LYS A 8 -15.31 1.19 -1.33
C LYS A 8 -16.12 -0.06 -1.61
N LYS A 9 -17.20 0.12 -2.37
CA LYS A 9 -18.08 -0.99 -2.71
C LYS A 9 -17.34 -2.01 -3.56
N ILE A 10 -16.58 -1.54 -4.53
CA ILE A 10 -15.81 -2.43 -5.37
C ILE A 10 -14.78 -3.15 -4.54
N VAL A 11 -13.90 -2.44 -3.85
CA VAL A 11 -12.87 -3.08 -2.99
C VAL A 11 -13.50 -4.13 -2.07
N ASN A 12 -14.73 -3.86 -1.63
CA ASN A 12 -15.46 -4.76 -0.74
C ASN A 12 -15.75 -6.08 -1.46
N HIS A 13 -16.20 -5.97 -2.73
CA HIS A 13 -16.52 -7.14 -3.54
C HIS A 13 -15.31 -7.56 -4.36
N LEU A 14 -14.25 -6.80 -4.25
CA LEU A 14 -13.01 -7.06 -4.99
C LEU A 14 -12.00 -7.86 -4.19
N ARG A 15 -11.95 -7.65 -2.89
CA ARG A 15 -10.97 -8.35 -2.05
C ARG A 15 -11.43 -9.77 -1.74
N SER A 16 -12.61 -10.11 -2.24
CA SER A 16 -13.18 -11.43 -1.99
C SER A 16 -13.05 -12.29 -3.25
N ARG A 17 -12.84 -11.62 -4.37
CA ARG A 17 -12.71 -12.30 -5.65
C ARG A 17 -11.25 -12.33 -6.08
N LEU A 18 -10.41 -11.69 -5.31
CA LEU A 18 -9.00 -11.62 -5.62
C LEU A 18 -8.32 -12.94 -5.36
N ALA A 19 -7.15 -13.11 -5.94
CA ALA A 19 -6.38 -14.34 -5.81
C ALA A 19 -5.05 -14.21 -6.51
N PHE A 20 -4.22 -15.21 -6.34
CA PHE A 20 -2.92 -15.22 -6.98
C PHE A 20 -2.60 -16.64 -7.45
N GLU A 21 -1.84 -16.74 -8.53
CA GLU A 21 -1.50 -18.04 -9.12
C GLU A 21 -0.09 -18.44 -8.74
N TYR A 22 0.01 -19.40 -7.86
CA TYR A 22 1.29 -19.90 -7.39
C TYR A 22 1.61 -21.22 -8.10
N ASN A 23 2.66 -21.21 -8.90
CA ASN A 23 3.09 -22.42 -9.62
C ASN A 23 2.00 -22.96 -10.52
N GLY A 24 1.01 -22.13 -10.81
CA GLY A 24 -0.09 -22.53 -11.65
C GLY A 24 -1.39 -22.70 -10.87
N GLN A 25 -1.29 -22.90 -9.56
CA GLN A 25 -2.46 -23.09 -8.71
C GLN A 25 -3.12 -21.76 -8.41
N LEU A 26 -4.32 -21.79 -7.89
CA LEU A 26 -5.04 -20.58 -7.56
C LEU A 26 -5.16 -20.50 -6.05
N ILE A 27 -4.77 -19.37 -5.50
CA ILE A 27 -4.83 -19.13 -4.06
C ILE A 27 -5.44 -17.76 -3.80
N LYS A 28 -6.59 -17.74 -3.16
CA LYS A 28 -7.27 -16.49 -2.86
C LYS A 28 -6.63 -15.79 -1.67
N ILE A 29 -6.91 -14.51 -1.55
CA ILE A 29 -6.38 -13.70 -0.46
C ILE A 29 -7.53 -13.28 0.47
N LEU A 30 -7.21 -12.96 1.72
CA LEU A 30 -8.21 -12.58 2.68
C LEU A 30 -8.08 -11.10 3.03
N SER A 31 -9.13 -10.54 3.62
CA SER A 31 -9.15 -9.14 4.02
C SER A 31 -7.96 -8.78 4.87
N LYS A 32 -7.47 -9.74 5.66
CA LYS A 32 -6.28 -9.55 6.51
C LYS A 32 -5.02 -9.51 5.67
N ASN A 33 -5.18 -8.94 4.51
CA ASN A 33 -4.12 -8.81 3.51
C ASN A 33 -4.38 -7.61 2.62
N ILE A 34 -5.57 -7.03 2.74
CA ILE A 34 -5.95 -5.89 1.90
C ILE A 34 -6.34 -4.68 2.74
N VAL A 35 -5.73 -3.55 2.44
CA VAL A 35 -6.01 -2.32 3.15
C VAL A 35 -6.33 -1.22 2.13
N ALA A 36 -7.42 -0.48 2.37
CA ALA A 36 -7.85 0.59 1.47
C ALA A 36 -7.12 1.89 1.80
N VAL A 37 -6.14 2.24 0.97
CA VAL A 37 -5.39 3.48 1.20
C VAL A 37 -5.69 4.53 0.15
N GLY A 38 -4.97 5.63 0.29
CA GLY A 38 -5.12 6.74 -0.61
C GLY A 38 -6.35 7.54 -0.31
N SER A 39 -7.12 7.81 -1.33
CA SER A 39 -8.33 8.58 -1.19
C SER A 39 -9.30 7.94 -0.18
N LEU A 40 -9.25 6.61 -0.13
CA LEU A 40 -10.09 5.82 0.76
C LEU A 40 -9.89 6.20 2.23
N ARG A 41 -8.69 6.65 2.58
CA ARG A 41 -8.40 7.07 3.95
C ARG A 41 -8.47 8.59 4.06
N ARG A 42 -8.32 9.24 2.91
CA ARG A 42 -8.35 10.70 2.80
C ARG A 42 -9.76 11.24 3.06
N GLU A 43 -10.73 10.37 2.82
CA GLU A 43 -12.16 10.68 2.98
C GLU A 43 -12.57 11.72 1.95
N GLU A 44 -12.06 11.56 0.73
CA GLU A 44 -12.38 12.46 -0.35
C GLU A 44 -13.82 12.33 -0.83
N LYS A 45 -14.22 13.24 -1.69
CA LYS A 45 -15.58 13.26 -2.20
C LYS A 45 -15.67 12.50 -3.52
N MET A 46 -14.71 12.75 -4.39
CA MET A 46 -14.65 12.10 -5.68
C MET A 46 -13.20 12.00 -6.12
N LEU A 47 -12.71 10.78 -6.30
CA LEU A 47 -11.33 10.59 -6.71
C LEU A 47 -11.23 10.26 -8.19
N ASN A 48 -10.03 9.93 -8.63
CA ASN A 48 -9.79 9.58 -10.02
C ASN A 48 -8.88 8.36 -10.11
N ASP A 49 -8.68 7.73 -8.96
CA ASP A 49 -7.85 6.51 -8.83
C ASP A 49 -8.04 5.92 -7.45
N VAL A 50 -7.86 4.62 -7.33
CA VAL A 50 -8.00 3.95 -6.05
C VAL A 50 -6.71 3.24 -5.67
N ASP A 51 -6.30 3.39 -4.41
CA ASP A 51 -5.08 2.77 -3.90
C ASP A 51 -5.42 1.57 -3.01
N LEU A 52 -4.64 0.51 -3.09
CA LEU A 52 -4.91 -0.68 -2.30
C LEU A 52 -3.60 -1.31 -1.81
N LEU A 53 -3.51 -1.57 -0.51
CA LEU A 53 -2.31 -2.14 0.05
C LEU A 53 -2.53 -3.59 0.42
N ILE A 54 -1.63 -4.44 0.01
CA ILE A 54 -1.71 -5.85 0.30
C ILE A 54 -0.43 -6.28 0.98
N ILE A 55 -0.47 -6.71 2.22
CA ILE A 55 0.75 -7.14 2.89
C ILE A 55 0.78 -8.66 2.92
N VAL A 56 1.96 -9.25 2.85
CA VAL A 56 2.07 -10.71 2.88
C VAL A 56 2.88 -11.19 4.08
N PRO A 57 2.32 -12.14 4.85
CA PRO A 57 2.98 -12.71 6.03
C PRO A 57 4.28 -13.50 5.74
N GLU A 58 4.40 -14.17 4.58
CA GLU A 58 5.62 -14.95 4.33
C GLU A 58 6.62 -14.19 3.46
N LYS A 59 7.87 -14.65 3.49
CA LYS A 59 8.97 -14.08 2.72
C LYS A 59 9.04 -14.86 1.42
N LYS A 60 8.02 -15.66 1.27
CA LYS A 60 7.86 -16.53 0.14
C LYS A 60 6.61 -16.06 -0.56
N LEU A 61 5.46 -16.50 -0.06
CA LEU A 61 4.17 -16.03 -0.52
C LEU A 61 4.19 -14.55 -0.88
N LEU A 62 5.11 -13.79 -0.28
CA LEU A 62 5.23 -12.38 -0.58
C LEU A 62 5.64 -12.17 -2.03
N LYS A 63 6.63 -12.93 -2.46
CA LYS A 63 7.15 -12.78 -3.80
C LYS A 63 6.50 -13.76 -4.76
N HIS A 64 5.59 -14.57 -4.26
CA HIS A 64 4.89 -15.52 -5.11
C HIS A 64 3.55 -14.93 -5.55
N VAL A 65 3.14 -13.87 -4.85
CA VAL A 65 1.92 -13.14 -5.18
C VAL A 65 2.20 -12.22 -6.36
N LEU A 66 3.45 -11.78 -6.45
CA LEU A 66 3.87 -10.86 -7.50
C LEU A 66 3.79 -11.45 -8.92
N PRO A 67 4.34 -12.67 -9.16
CA PRO A 67 4.26 -13.30 -10.49
C PRO A 67 2.84 -13.28 -11.07
N ASN A 68 1.91 -14.00 -10.42
CA ASN A 68 0.55 -14.05 -10.92
C ASN A 68 -0.45 -13.69 -9.85
N ILE A 69 -1.11 -12.60 -10.08
CA ILE A 69 -2.15 -12.09 -9.22
C ILE A 69 -3.26 -11.55 -10.11
N ARG A 70 -4.51 -11.88 -9.81
CA ARG A 70 -5.60 -11.42 -10.67
C ARG A 70 -6.96 -11.66 -10.03
N ILE A 71 -8.00 -11.29 -10.78
CA ILE A 71 -9.38 -11.47 -10.36
C ILE A 71 -10.01 -12.60 -11.19
N LYS A 72 -11.13 -13.15 -10.74
CA LYS A 72 -11.80 -14.23 -11.44
C LYS A 72 -12.80 -13.74 -12.49
N GLY A 73 -12.39 -13.79 -13.75
CA GLY A 73 -13.25 -13.40 -14.85
C GLY A 73 -13.63 -11.93 -14.87
N LEU A 74 -12.65 -11.06 -14.87
CA LEU A 74 -12.91 -9.63 -14.92
C LEU A 74 -12.11 -8.97 -16.05
N SER A 75 -11.99 -7.67 -15.99
CA SER A 75 -11.25 -6.91 -16.98
C SER A 75 -10.14 -6.11 -16.32
N PHE A 76 -8.90 -6.39 -16.70
CA PHE A 76 -7.76 -5.70 -16.10
C PHE A 76 -6.47 -5.92 -16.87
N SER A 77 -5.54 -4.98 -16.73
CA SER A 77 -4.24 -5.05 -17.38
C SER A 77 -3.17 -4.92 -16.30
N VAL A 78 -2.32 -5.94 -16.16
CA VAL A 78 -1.29 -5.95 -15.14
C VAL A 78 0.03 -5.41 -15.64
N LYS A 79 0.46 -4.28 -15.08
CA LYS A 79 1.72 -3.66 -15.46
C LYS A 79 2.57 -3.46 -14.20
N VAL A 80 3.89 -3.44 -14.38
CA VAL A 80 4.80 -3.26 -13.25
C VAL A 80 5.21 -1.79 -13.10
N CYS A 81 5.21 -1.31 -11.87
CA CYS A 81 5.60 0.08 -11.61
C CYS A 81 6.59 0.17 -10.45
N GLY A 82 7.75 0.75 -10.70
CA GLY A 82 8.74 0.86 -9.64
C GLY A 82 9.33 -0.48 -9.26
N GLU A 83 9.36 -0.74 -7.96
CA GLU A 83 9.87 -1.98 -7.43
C GLU A 83 8.72 -2.87 -6.96
N ARG A 84 7.95 -2.38 -6.02
CA ARG A 84 6.83 -3.17 -5.49
C ARG A 84 5.49 -2.64 -5.92
N LYS A 85 5.47 -1.58 -6.71
CA LYS A 85 4.20 -1.04 -7.15
C LYS A 85 3.72 -1.79 -8.39
N CYS A 86 2.42 -1.92 -8.51
CA CYS A 86 1.82 -2.59 -9.66
C CYS A 86 0.61 -1.78 -10.12
N VAL A 87 0.58 -1.51 -11.41
CA VAL A 87 -0.48 -0.73 -12.01
C VAL A 87 -1.40 -1.63 -12.82
N LEU A 88 -2.67 -1.63 -12.46
CA LEU A 88 -3.64 -2.45 -13.15
C LEU A 88 -4.74 -1.59 -13.73
N PHE A 89 -5.14 -1.89 -14.93
CA PHE A 89 -6.20 -1.15 -15.60
C PHE A 89 -7.50 -1.96 -15.56
N ILE A 90 -8.39 -1.61 -14.61
CA ILE A 90 -9.65 -2.32 -14.45
C ILE A 90 -10.74 -1.70 -15.30
N GLU A 91 -11.56 -2.55 -15.93
CA GLU A 91 -12.62 -2.07 -16.79
C GLU A 91 -13.97 -2.72 -16.47
N TRP A 92 -14.98 -1.89 -16.29
CA TRP A 92 -16.33 -2.37 -16.05
C TRP A 92 -17.34 -1.27 -16.35
N GLU A 93 -18.57 -1.67 -16.70
CA GLU A 93 -19.65 -0.73 -17.04
C GLU A 93 -19.24 0.13 -18.23
N LYS A 94 -18.58 -0.53 -19.17
CA LYS A 94 -18.09 0.09 -20.40
C LYS A 94 -17.06 1.17 -20.07
N LYS A 95 -16.47 1.10 -18.89
CA LYS A 95 -15.46 2.08 -18.50
C LYS A 95 -14.15 1.40 -18.16
N THR A 96 -13.08 2.19 -18.10
CA THR A 96 -11.74 1.69 -17.81
C THR A 96 -11.04 2.61 -16.81
N TYR A 97 -10.75 2.10 -15.62
CA TYR A 97 -10.09 2.88 -14.58
C TYR A 97 -8.68 2.34 -14.28
N GLN A 98 -7.98 3.06 -13.42
CA GLN A 98 -6.64 2.70 -13.00
C GLN A 98 -6.61 2.30 -11.53
N LEU A 99 -6.14 1.10 -11.26
CA LEU A 99 -6.02 0.59 -9.91
C LEU A 99 -4.55 0.46 -9.53
N ASP A 100 -4.18 0.95 -8.36
CA ASP A 100 -2.79 0.86 -7.92
C ASP A 100 -2.67 0.02 -6.66
N LEU A 101 -2.15 -1.19 -6.77
CA LEU A 101 -2.01 -2.05 -5.61
C LEU A 101 -0.57 -2.11 -5.16
N PHE A 102 -0.34 -2.29 -3.86
CA PHE A 102 1.00 -2.35 -3.34
C PHE A 102 1.19 -3.51 -2.38
N THR A 103 1.98 -4.46 -2.82
CA THR A 103 2.29 -5.62 -2.04
C THR A 103 3.57 -5.38 -1.25
N ALA A 104 3.54 -5.56 0.06
CA ALA A 104 4.73 -5.36 0.89
C ALA A 104 4.75 -6.37 2.03
N LEU A 105 5.78 -6.31 2.85
CA LEU A 105 5.92 -7.24 3.96
C LEU A 105 5.25 -6.75 5.23
N ALA A 106 5.04 -7.70 6.14
CA ALA A 106 4.39 -7.43 7.42
C ALA A 106 5.13 -6.39 8.24
N GLU A 107 6.44 -6.30 8.04
CA GLU A 107 7.25 -5.33 8.78
C GLU A 107 7.17 -3.96 8.15
N GLU A 108 6.81 -3.91 6.88
CA GLU A 108 6.70 -2.65 6.18
C GLU A 108 5.33 -2.03 6.43
N LYS A 109 4.43 -2.83 7.00
CA LYS A 109 3.07 -2.43 7.31
C LYS A 109 2.98 -1.04 7.97
N PRO A 110 3.54 -0.81 9.18
CA PRO A 110 3.48 0.50 9.84
C PRO A 110 4.10 1.59 8.96
N TYR A 111 5.24 1.26 8.36
CA TYR A 111 5.95 2.18 7.49
C TYR A 111 5.11 2.58 6.28
N ALA A 112 4.36 1.63 5.75
CA ALA A 112 3.55 1.88 4.59
C ALA A 112 2.31 2.68 4.92
N ILE A 113 1.66 2.34 6.03
CA ILE A 113 0.46 3.05 6.44
C ILE A 113 0.79 4.53 6.66
N PHE A 114 1.82 4.78 7.47
CA PHE A 114 2.27 6.14 7.80
C PHE A 114 2.87 6.88 6.59
N HIS A 115 2.54 6.38 5.44
CA HIS A 115 3.03 6.94 4.20
C HIS A 115 1.89 7.02 3.20
N PHE A 116 1.06 6.01 3.17
CA PHE A 116 -0.08 6.02 2.28
C PHE A 116 -1.26 6.78 2.87
N THR A 117 -1.26 7.02 4.18
CA THR A 117 -2.36 7.72 4.82
C THR A 117 -2.02 9.18 5.08
N GLY A 118 -0.74 9.53 4.99
CA GLY A 118 -0.33 10.89 5.24
C GLY A 118 0.13 11.59 3.99
N PRO A 119 0.73 12.77 4.14
CA PRO A 119 1.22 13.57 3.04
C PRO A 119 2.67 13.28 2.68
N VAL A 120 2.91 13.00 1.41
CA VAL A 120 4.24 12.73 0.88
C VAL A 120 5.25 13.79 1.41
N SER A 121 4.82 15.06 1.39
CA SER A 121 5.62 16.15 1.95
C SER A 121 6.20 15.75 3.30
N TYR A 122 5.30 15.36 4.20
CA TYR A 122 5.65 14.93 5.55
C TYR A 122 6.77 13.90 5.53
N LEU A 123 6.64 12.91 4.67
CA LEU A 123 7.61 11.85 4.53
C LEU A 123 9.02 12.40 4.33
N ILE A 124 9.21 13.27 3.33
CA ILE A 124 10.53 13.87 3.10
C ILE A 124 10.95 14.71 4.31
N ARG A 125 10.02 15.54 4.74
CA ARG A 125 10.17 16.41 5.94
C ARG A 125 10.65 15.59 7.13
N ILE A 126 10.51 14.28 7.01
CA ILE A 126 10.95 13.37 8.02
C ILE A 126 12.28 12.73 7.62
N ARG A 127 12.46 12.54 6.32
CA ARG A 127 13.70 12.00 5.78
C ARG A 127 14.88 12.86 6.22
N ALA A 128 14.89 14.12 5.76
CA ALA A 128 15.96 15.05 6.13
C ALA A 128 16.06 15.15 7.65
N ALA A 129 14.88 15.22 8.27
CA ALA A 129 14.75 15.27 9.71
C ALA A 129 15.60 14.19 10.35
N LEU A 130 15.46 12.98 9.84
CA LEU A 130 16.23 11.85 10.32
C LEU A 130 17.70 11.96 9.94
N LYS A 131 17.97 12.41 8.72
CA LYS A 131 19.35 12.57 8.25
C LYS A 131 20.13 13.39 9.26
N LYS A 132 19.56 14.55 9.59
CA LYS A 132 20.14 15.42 10.63
C LYS A 132 20.55 14.62 11.88
N LYS A 133 19.97 13.44 12.08
CA LYS A 133 20.28 12.58 13.24
C LYS A 133 21.02 11.33 12.77
N ASN A 134 21.47 11.38 11.52
CA ASN A 134 22.19 10.29 10.87
C ASN A 134 21.30 9.06 10.77
N TYR A 135 20.20 9.21 10.08
CA TYR A 135 19.26 8.13 9.89
C TYR A 135 18.49 8.34 8.61
N LYS A 136 18.05 7.26 8.00
CA LYS A 136 17.28 7.36 6.80
C LYS A 136 16.10 6.40 6.88
N LEU A 137 14.96 6.87 6.48
CA LEU A 137 13.76 6.07 6.56
C LEU A 137 13.28 5.63 5.19
N ASN A 138 13.22 4.32 5.00
CA ASN A 138 12.74 3.71 3.77
C ASN A 138 11.82 2.56 4.15
N GLN A 139 11.11 1.97 3.18
CA GLN A 139 10.22 0.84 3.49
C GLN A 139 11.05 -0.40 3.90
N TYR A 140 12.31 -0.40 3.49
CA TYR A 140 13.23 -1.50 3.79
C TYR A 140 13.71 -1.41 5.23
N GLY A 141 13.43 -0.26 5.84
CA GLY A 141 13.81 -0.07 7.21
C GLY A 141 14.46 1.27 7.47
N LEU A 142 15.30 1.28 8.49
CA LEU A 142 15.97 2.50 8.90
C LEU A 142 17.45 2.36 8.65
N PHE A 143 17.95 3.18 7.75
CA PHE A 143 19.35 3.13 7.38
C PHE A 143 20.20 4.07 8.24
N LYS A 144 21.12 3.49 8.98
CA LYS A 144 22.03 4.26 9.81
C LYS A 144 23.46 3.95 9.40
N ASN A 145 24.17 4.97 8.95
CA ASN A 145 25.56 4.81 8.52
C ASN A 145 25.65 3.72 7.44
N GLN A 146 24.75 3.80 6.45
CA GLN A 146 24.70 2.83 5.33
C GLN A 146 24.37 1.40 5.81
N THR A 147 23.99 1.28 7.07
CA THR A 147 23.66 0.00 7.66
C THR A 147 22.16 -0.09 7.90
N LEU A 148 21.52 -1.13 7.36
CA LEU A 148 20.10 -1.33 7.53
C LEU A 148 19.77 -1.75 8.94
N VAL A 149 18.77 -1.10 9.51
CA VAL A 149 18.32 -1.36 10.88
C VAL A 149 16.81 -1.59 10.88
N PRO A 150 16.36 -2.70 11.48
CA PRO A 150 14.94 -3.04 11.55
C PRO A 150 14.16 -2.21 12.56
N LEU A 151 12.84 -2.31 12.47
CA LEU A 151 11.94 -1.59 13.35
C LEU A 151 11.58 -2.42 14.58
N LYS A 152 10.93 -1.77 15.54
CA LYS A 152 10.51 -2.45 16.76
C LYS A 152 9.05 -2.12 17.08
N ILE A 153 8.23 -2.03 16.04
CA ILE A 153 6.83 -1.70 16.20
C ILE A 153 5.98 -2.42 15.19
N THR A 154 4.66 -2.30 15.34
CA THR A 154 3.75 -2.93 14.40
C THR A 154 2.44 -2.15 14.29
N THR A 155 2.33 -1.05 15.02
CA THR A 155 1.11 -0.25 15.00
C THR A 155 1.40 1.16 14.52
N GLU A 156 0.36 1.78 13.95
CA GLU A 156 0.44 3.14 13.41
C GLU A 156 0.89 4.15 14.45
N LYS A 157 0.32 4.07 15.64
CA LYS A 157 0.66 4.97 16.71
C LYS A 157 1.97 4.56 17.36
N GLU A 158 2.34 3.31 17.19
CA GLU A 158 3.59 2.80 17.74
C GLU A 158 4.76 3.40 16.98
N LEU A 159 4.64 3.35 15.65
CA LEU A 159 5.67 3.84 14.75
C LEU A 159 5.94 5.33 14.92
N ILE A 160 4.88 6.13 15.08
CA ILE A 160 5.05 7.57 15.21
C ILE A 160 5.74 7.88 16.52
N LYS A 161 5.44 7.10 17.57
CA LYS A 161 6.06 7.28 18.87
C LYS A 161 7.51 6.74 18.85
N GLU A 162 7.72 5.68 18.06
CA GLU A 162 9.05 5.11 17.90
C GLU A 162 9.95 6.09 17.15
N LEU A 163 9.37 6.77 16.17
CA LEU A 163 10.12 7.73 15.36
C LEU A 163 10.32 9.01 16.16
N GLY A 164 9.37 9.31 17.03
CA GLY A 164 9.45 10.50 17.84
C GLY A 164 8.85 11.69 17.14
N PHE A 165 7.72 11.46 16.47
CA PHE A 165 7.04 12.51 15.75
C PHE A 165 5.53 12.48 16.07
N THR A 166 4.73 13.21 15.32
CA THR A 166 3.30 13.24 15.54
C THR A 166 2.54 12.77 14.31
N TYR A 167 1.29 12.34 14.52
CA TYR A 167 0.45 11.84 13.44
C TYR A 167 -0.12 12.99 12.62
N ARG A 168 0.17 13.00 11.32
CA ARG A 168 -0.31 14.05 10.44
C ARG A 168 -1.30 13.51 9.42
N ILE A 169 -2.17 14.38 8.95
CA ILE A 169 -3.20 14.02 8.00
C ILE A 169 -2.92 14.60 6.62
N PRO A 170 -3.37 13.94 5.55
CA PRO A 170 -3.15 14.41 4.19
C PRO A 170 -3.97 15.67 3.89
N LYS A 171 -5.17 15.74 4.48
CA LYS A 171 -6.07 16.90 4.31
C LYS A 171 -5.36 18.21 4.55
N LYS A 172 -4.42 18.20 5.46
CA LYS A 172 -3.67 19.40 5.82
C LYS A 172 -2.38 19.53 5.04
N ARG A 173 -1.92 18.43 4.45
CA ARG A 173 -0.70 18.39 3.63
C ARG A 173 0.50 19.05 4.32
N LEU A 174 1.16 18.33 5.23
CA LEU A 174 2.33 18.85 5.91
C LEU A 174 3.36 17.79 6.16
N MET A 1 -14.33 10.12 -13.64
CA MET A 1 -13.77 9.69 -12.35
C MET A 1 -14.73 8.73 -11.65
N LEU A 2 -14.49 8.46 -10.38
CA LEU A 2 -15.32 7.56 -9.61
C LEU A 2 -15.61 8.15 -8.23
N THR A 3 -16.73 7.74 -7.64
CA THR A 3 -17.12 8.23 -6.33
C THR A 3 -16.52 7.38 -5.22
N LEU A 4 -16.63 7.89 -3.99
CA LEU A 4 -16.14 7.20 -2.82
C LEU A 4 -16.90 5.89 -2.64
N ILE A 5 -18.21 5.94 -2.92
CA ILE A 5 -19.05 4.77 -2.80
C ILE A 5 -18.62 3.67 -3.77
N GLN A 6 -18.39 4.04 -5.03
CA GLN A 6 -17.98 3.08 -6.05
C GLN A 6 -16.71 2.36 -5.62
N GLY A 7 -15.66 3.15 -5.41
CA GLY A 7 -14.38 2.62 -4.99
C GLY A 7 -14.44 1.75 -3.74
N LYS A 8 -15.42 1.97 -2.88
CA LYS A 8 -15.54 1.17 -1.67
C LYS A 8 -16.28 -0.11 -2.00
N LYS A 9 -17.25 0.02 -2.89
CA LYS A 9 -18.07 -1.11 -3.31
C LYS A 9 -17.23 -2.14 -4.03
N ILE A 10 -16.44 -1.70 -5.00
CA ILE A 10 -15.60 -2.62 -5.75
C ILE A 10 -14.61 -3.31 -4.82
N VAL A 11 -13.78 -2.51 -4.12
CA VAL A 11 -12.81 -3.03 -3.18
C VAL A 11 -13.42 -4.02 -2.18
N ASN A 12 -14.65 -3.73 -1.74
CA ASN A 12 -15.33 -4.60 -0.78
C ASN A 12 -15.50 -5.99 -1.40
N HIS A 13 -15.95 -5.98 -2.65
CA HIS A 13 -16.16 -7.21 -3.40
C HIS A 13 -14.80 -7.83 -3.76
N LEU A 14 -13.93 -6.99 -4.30
CA LEU A 14 -12.58 -7.37 -4.70
C LEU A 14 -11.81 -8.04 -3.58
N ARG A 15 -12.10 -7.64 -2.35
CA ARG A 15 -11.41 -8.17 -1.19
C ARG A 15 -11.67 -9.66 -0.98
N SER A 16 -12.76 -10.16 -1.54
CA SER A 16 -13.12 -11.57 -1.38
C SER A 16 -13.01 -12.32 -2.71
N ARG A 17 -12.96 -11.57 -3.81
CA ARG A 17 -12.85 -12.19 -5.13
C ARG A 17 -11.41 -12.23 -5.61
N LEU A 18 -10.54 -11.55 -4.88
CA LEU A 18 -9.14 -11.50 -5.25
C LEU A 18 -8.48 -12.85 -5.11
N ALA A 19 -7.41 -13.02 -5.84
CA ALA A 19 -6.64 -14.23 -5.83
C ALA A 19 -5.26 -13.98 -6.42
N PHE A 20 -4.37 -14.88 -6.15
CA PHE A 20 -3.01 -14.83 -6.68
C PHE A 20 -2.61 -16.24 -7.04
N GLU A 21 -1.63 -16.39 -7.87
CA GLU A 21 -1.22 -17.73 -8.23
C GLU A 21 -0.06 -18.23 -7.40
N TYR A 22 0.30 -19.42 -7.72
CA TYR A 22 1.40 -20.09 -7.08
C TYR A 22 1.82 -21.29 -7.91
N ASN A 23 2.83 -21.11 -8.75
CA ASN A 23 3.35 -22.17 -9.62
C ASN A 23 2.27 -22.70 -10.55
N GLY A 24 1.28 -21.87 -10.82
CA GLY A 24 0.20 -22.28 -11.68
C GLY A 24 -1.05 -22.60 -10.90
N GLN A 25 -0.89 -22.76 -9.59
CA GLN A 25 -2.01 -23.05 -8.70
C GLN A 25 -2.58 -21.79 -8.12
N LEU A 26 -3.85 -21.56 -8.37
CA LEU A 26 -4.53 -20.40 -7.83
C LEU A 26 -4.74 -20.45 -6.33
N ILE A 27 -4.26 -19.40 -5.70
CA ILE A 27 -4.37 -19.20 -4.25
C ILE A 27 -5.06 -17.86 -3.97
N LYS A 28 -6.19 -17.87 -3.32
CA LYS A 28 -6.90 -16.62 -3.05
C LYS A 28 -6.36 -15.90 -1.81
N ILE A 29 -6.86 -14.70 -1.58
CA ILE A 29 -6.48 -13.88 -0.45
C ILE A 29 -7.74 -13.27 0.17
N LEU A 30 -7.66 -12.81 1.42
CA LEU A 30 -8.83 -12.22 2.08
C LEU A 30 -8.59 -10.78 2.49
N SER A 31 -9.55 -10.24 3.25
CA SER A 31 -9.50 -8.87 3.75
C SER A 31 -8.23 -8.63 4.54
N LYS A 32 -7.83 -9.63 5.32
CA LYS A 32 -6.62 -9.56 6.14
C LYS A 32 -5.39 -9.74 5.27
N ASN A 33 -5.49 -9.13 4.11
CA ASN A 33 -4.47 -9.16 3.08
C ASN A 33 -4.58 -7.90 2.22
N ILE A 34 -5.58 -7.07 2.48
CA ILE A 34 -5.80 -5.90 1.64
C ILE A 34 -6.23 -4.67 2.44
N VAL A 35 -5.47 -3.60 2.29
CA VAL A 35 -5.75 -2.32 2.93
C VAL A 35 -6.09 -1.30 1.85
N ALA A 36 -7.24 -0.67 1.96
CA ALA A 36 -7.66 0.31 0.95
C ALA A 36 -7.26 1.73 1.32
N VAL A 37 -6.16 2.21 0.70
CA VAL A 37 -5.63 3.54 0.96
C VAL A 37 -5.92 4.47 -0.22
N GLY A 38 -5.57 5.73 -0.09
CA GLY A 38 -5.80 6.67 -1.17
C GLY A 38 -6.77 7.76 -0.77
N SER A 39 -7.44 8.33 -1.76
CA SER A 39 -8.41 9.40 -1.55
C SER A 39 -9.54 8.96 -0.62
N LEU A 40 -9.93 7.70 -0.74
CA LEU A 40 -10.98 7.14 0.10
C LEU A 40 -10.58 7.20 1.58
N ARG A 41 -9.28 7.17 1.85
CA ARG A 41 -8.79 7.26 3.22
C ARG A 41 -8.46 8.71 3.56
N ARG A 42 -8.65 9.56 2.58
CA ARG A 42 -8.41 10.99 2.74
C ARG A 42 -9.72 11.73 2.89
N GLU A 43 -10.81 10.96 2.93
CA GLU A 43 -12.16 11.48 3.08
C GLU A 43 -12.59 12.34 1.89
N GLU A 44 -12.16 11.96 0.70
CA GLU A 44 -12.51 12.70 -0.50
C GLU A 44 -13.84 12.20 -1.07
N LYS A 45 -14.47 13.00 -1.91
CA LYS A 45 -15.78 12.64 -2.47
C LYS A 45 -15.70 11.98 -3.84
N MET A 46 -14.74 12.38 -4.64
CA MET A 46 -14.58 11.83 -5.98
C MET A 46 -13.12 11.53 -6.25
N LEU A 47 -12.80 10.26 -6.25
CA LEU A 47 -11.43 9.81 -6.47
C LEU A 47 -11.09 9.74 -7.95
N ASN A 48 -9.81 9.78 -8.25
CA ASN A 48 -9.31 9.71 -9.62
C ASN A 48 -8.70 8.33 -9.86
N ASP A 49 -8.24 7.72 -8.78
CA ASP A 49 -7.63 6.40 -8.80
C ASP A 49 -7.70 5.81 -7.39
N VAL A 50 -7.59 4.49 -7.28
CA VAL A 50 -7.66 3.84 -5.97
C VAL A 50 -6.37 3.09 -5.65
N ASP A 51 -5.93 3.23 -4.40
CA ASP A 51 -4.72 2.61 -3.92
C ASP A 51 -5.08 1.41 -3.04
N LEU A 52 -4.29 0.35 -3.12
CA LEU A 52 -4.54 -0.86 -2.33
C LEU A 52 -3.22 -1.43 -1.84
N LEU A 53 -3.13 -1.69 -0.55
CA LEU A 53 -1.90 -2.25 0.02
C LEU A 53 -2.16 -3.67 0.50
N ILE A 54 -1.37 -4.60 0.03
CA ILE A 54 -1.49 -5.99 0.40
C ILE A 54 -0.25 -6.42 1.14
N ILE A 55 -0.33 -6.78 2.42
CA ILE A 55 0.85 -7.18 3.13
C ILE A 55 0.86 -8.70 3.19
N VAL A 56 2.03 -9.30 3.06
CA VAL A 56 2.14 -10.75 3.08
C VAL A 56 2.91 -11.21 4.32
N PRO A 57 2.40 -12.23 5.02
CA PRO A 57 3.03 -12.75 6.24
C PRO A 57 4.34 -13.51 6.00
N GLU A 58 4.52 -14.14 4.83
CA GLU A 58 5.72 -14.91 4.56
C GLU A 58 6.73 -14.10 3.76
N LYS A 59 7.99 -14.52 3.87
CA LYS A 59 9.09 -13.87 3.14
C LYS A 59 9.24 -14.61 1.82
N LYS A 60 8.26 -15.45 1.60
CA LYS A 60 8.17 -16.30 0.45
C LYS A 60 6.90 -15.91 -0.27
N LEU A 61 5.75 -16.37 0.27
CA LEU A 61 4.45 -15.95 -0.24
C LEU A 61 4.40 -14.46 -0.62
N LEU A 62 5.29 -13.66 -0.05
CA LEU A 62 5.34 -12.23 -0.36
C LEU A 62 5.73 -12.05 -1.82
N LYS A 63 6.64 -12.90 -2.30
CA LYS A 63 7.13 -12.79 -3.65
C LYS A 63 6.40 -13.78 -4.57
N HIS A 64 5.56 -14.64 -4.00
CA HIS A 64 4.79 -15.60 -4.81
C HIS A 64 3.51 -14.95 -5.31
N VAL A 65 3.11 -13.88 -4.64
CA VAL A 65 1.93 -13.12 -5.04
C VAL A 65 2.28 -12.27 -6.25
N LEU A 66 3.58 -12.01 -6.40
CA LEU A 66 4.07 -11.20 -7.51
C LEU A 66 3.83 -11.86 -8.87
N PRO A 67 4.20 -13.16 -9.06
CA PRO A 67 3.95 -13.86 -10.31
C PRO A 67 2.56 -13.56 -10.84
N ASN A 68 1.51 -14.05 -10.17
CA ASN A 68 0.17 -13.73 -10.65
C ASN A 68 -0.76 -13.31 -9.55
N ILE A 69 -1.41 -12.18 -9.78
CA ILE A 69 -2.40 -11.63 -8.87
C ILE A 69 -3.56 -11.11 -9.72
N ARG A 70 -4.77 -11.62 -9.50
CA ARG A 70 -5.91 -11.19 -10.31
C ARG A 70 -7.25 -11.68 -9.73
N ILE A 71 -8.33 -11.26 -10.38
CA ILE A 71 -9.67 -11.65 -9.99
C ILE A 71 -10.41 -12.23 -11.21
N LYS A 72 -11.04 -13.39 -11.02
CA LYS A 72 -11.74 -14.05 -12.10
C LYS A 72 -13.09 -13.43 -12.39
N GLY A 73 -13.42 -13.34 -13.67
CA GLY A 73 -14.70 -12.80 -14.07
C GLY A 73 -14.70 -11.29 -14.19
N LEU A 74 -13.52 -10.70 -14.32
CA LEU A 74 -13.44 -9.25 -14.44
C LEU A 74 -12.74 -8.82 -15.72
N SER A 75 -12.19 -7.61 -15.68
CA SER A 75 -11.48 -7.02 -16.80
C SER A 75 -10.32 -6.21 -16.27
N PHE A 76 -9.10 -6.65 -16.53
CA PHE A 76 -7.92 -5.97 -16.04
C PHE A 76 -6.68 -6.29 -16.86
N SER A 77 -5.72 -5.40 -16.77
CA SER A 77 -4.43 -5.54 -17.44
C SER A 77 -3.34 -5.36 -16.39
N VAL A 78 -2.46 -6.35 -16.22
CA VAL A 78 -1.42 -6.24 -15.21
C VAL A 78 -0.15 -5.66 -15.82
N LYS A 79 0.24 -4.49 -15.36
CA LYS A 79 1.43 -3.82 -15.83
C LYS A 79 2.32 -3.46 -14.63
N VAL A 80 3.61 -3.34 -14.87
CA VAL A 80 4.55 -2.99 -13.82
C VAL A 80 4.45 -1.48 -13.56
N CYS A 81 4.31 -1.10 -12.31
CA CYS A 81 4.20 0.30 -11.96
C CYS A 81 5.53 0.80 -11.39
N GLY A 82 6.02 1.90 -11.95
CA GLY A 82 7.25 2.46 -11.48
C GLY A 82 8.40 1.49 -11.53
N GLU A 83 9.06 1.37 -10.40
CA GLU A 83 10.22 0.50 -10.25
C GLU A 83 9.81 -0.93 -9.93
N ARG A 84 9.16 -1.11 -8.79
CA ARG A 84 8.73 -2.44 -8.33
C ARG A 84 7.25 -2.45 -7.95
N LYS A 85 6.55 -1.39 -8.26
CA LYS A 85 5.13 -1.31 -7.91
C LYS A 85 4.29 -2.09 -8.91
N CYS A 86 3.01 -2.22 -8.64
CA CYS A 86 2.11 -2.99 -9.51
C CYS A 86 0.88 -2.17 -9.91
N VAL A 87 0.69 -2.01 -11.21
CA VAL A 87 -0.44 -1.24 -11.74
C VAL A 87 -1.37 -2.14 -12.55
N LEU A 88 -2.66 -1.98 -12.33
CA LEU A 88 -3.64 -2.77 -13.04
C LEU A 88 -4.74 -1.87 -13.60
N PHE A 89 -5.16 -2.15 -14.83
CA PHE A 89 -6.21 -1.38 -15.46
C PHE A 89 -7.52 -2.14 -15.40
N ILE A 90 -8.43 -1.73 -14.55
CA ILE A 90 -9.70 -2.43 -14.43
C ILE A 90 -10.74 -1.78 -15.32
N GLU A 91 -11.54 -2.60 -15.98
CA GLU A 91 -12.55 -2.11 -16.91
C GLU A 91 -13.93 -2.64 -16.54
N TRP A 92 -14.86 -1.73 -16.27
CA TRP A 92 -16.21 -2.13 -15.95
C TRP A 92 -17.17 -0.99 -16.20
N GLU A 93 -18.43 -1.33 -16.50
CA GLU A 93 -19.47 -0.35 -16.78
C GLU A 93 -19.07 0.49 -17.99
N LYS A 94 -18.48 -0.19 -18.97
CA LYS A 94 -18.03 0.40 -20.22
C LYS A 94 -16.98 1.48 -19.96
N LYS A 95 -16.26 1.35 -18.85
CA LYS A 95 -15.21 2.30 -18.50
C LYS A 95 -13.93 1.56 -18.14
N THR A 96 -12.82 2.28 -18.14
CA THR A 96 -11.50 1.73 -17.84
C THR A 96 -10.76 2.62 -16.83
N TYR A 97 -10.57 2.14 -15.61
CA TYR A 97 -9.86 2.91 -14.59
C TYR A 97 -8.52 2.29 -14.26
N GLN A 98 -7.74 2.98 -13.43
CA GLN A 98 -6.42 2.51 -13.04
C GLN A 98 -6.37 2.18 -11.55
N LEU A 99 -5.87 0.98 -11.25
CA LEU A 99 -5.74 0.53 -9.88
C LEU A 99 -4.25 0.38 -9.54
N ASP A 100 -3.82 0.93 -8.39
CA ASP A 100 -2.44 0.84 -7.97
C ASP A 100 -2.34 0.06 -6.66
N LEU A 101 -1.96 -1.21 -6.74
CA LEU A 101 -1.84 -2.04 -5.55
C LEU A 101 -0.38 -2.22 -5.19
N PHE A 102 -0.10 -2.39 -3.89
CA PHE A 102 1.26 -2.54 -3.44
C PHE A 102 1.40 -3.66 -2.42
N THR A 103 2.13 -4.67 -2.80
CA THR A 103 2.40 -5.81 -1.94
C THR A 103 3.67 -5.56 -1.15
N ALA A 104 3.66 -5.76 0.16
CA ALA A 104 4.86 -5.55 0.97
C ALA A 104 4.88 -6.56 2.13
N LEU A 105 5.97 -6.57 2.89
CA LEU A 105 6.12 -7.50 4.00
C LEU A 105 5.43 -7.03 5.26
N ALA A 106 5.24 -7.97 6.18
CA ALA A 106 4.57 -7.71 7.46
C ALA A 106 5.35 -6.72 8.29
N GLU A 107 6.64 -6.61 8.06
CA GLU A 107 7.47 -5.67 8.80
C GLU A 107 7.31 -4.27 8.22
N GLU A 108 6.90 -4.20 6.96
CA GLU A 108 6.71 -2.92 6.29
C GLU A 108 5.32 -2.35 6.60
N LYS A 109 4.48 -3.18 7.20
CA LYS A 109 3.10 -2.81 7.54
C LYS A 109 2.99 -1.43 8.20
N PRO A 110 3.60 -1.20 9.40
CA PRO A 110 3.52 0.11 10.06
C PRO A 110 4.11 1.25 9.23
N TYR A 111 5.26 0.97 8.63
CA TYR A 111 6.02 1.93 7.83
C TYR A 111 5.24 2.32 6.56
N ALA A 112 4.45 1.39 6.05
CA ALA A 112 3.69 1.62 4.83
C ALA A 112 2.36 2.29 5.11
N ILE A 113 1.64 1.83 6.12
CA ILE A 113 0.34 2.40 6.44
C ILE A 113 0.48 3.87 6.77
N PHE A 114 1.44 4.21 7.61
CA PHE A 114 1.66 5.60 7.97
C PHE A 114 1.89 6.46 6.74
N HIS A 115 2.91 6.09 5.96
CA HIS A 115 3.25 6.88 4.78
C HIS A 115 2.09 7.02 3.79
N PHE A 116 1.21 6.04 3.71
CA PHE A 116 0.07 6.13 2.79
C PHE A 116 -1.10 6.91 3.38
N THR A 117 -1.17 7.02 4.69
CA THR A 117 -2.27 7.74 5.34
C THR A 117 -1.80 9.11 5.81
N GLY A 118 -0.53 9.37 5.60
CA GLY A 118 0.06 10.62 6.00
C GLY A 118 0.41 11.48 4.80
N PRO A 119 0.97 12.66 5.03
CA PRO A 119 1.35 13.57 3.98
C PRO A 119 2.76 13.32 3.45
N VAL A 120 2.83 13.10 2.14
CA VAL A 120 4.12 12.90 1.48
C VAL A 120 5.11 13.98 1.90
N SER A 121 4.65 15.22 1.84
CA SER A 121 5.40 16.38 2.27
C SER A 121 6.09 16.12 3.61
N TYR A 122 5.28 15.74 4.58
CA TYR A 122 5.75 15.41 5.92
C TYR A 122 6.78 14.27 5.87
N LEU A 123 6.46 13.25 5.10
CA LEU A 123 7.32 12.09 4.94
C LEU A 123 8.74 12.51 4.57
N ILE A 124 8.88 13.28 3.50
CA ILE A 124 10.19 13.76 3.07
C ILE A 124 10.82 14.66 4.14
N ARG A 125 10.06 15.66 4.56
CA ARG A 125 10.47 16.59 5.62
C ARG A 125 11.11 15.83 6.79
N ILE A 126 10.59 14.64 6.99
CA ILE A 126 11.05 13.77 8.05
C ILE A 126 12.32 13.05 7.64
N ARG A 127 12.42 12.72 6.35
CA ARG A 127 13.61 12.07 5.82
C ARG A 127 14.83 12.92 6.11
N ALA A 128 14.84 14.14 5.59
CA ALA A 128 15.92 15.08 5.83
C ALA A 128 16.16 15.24 7.33
N ALA A 129 15.05 15.40 8.03
CA ALA A 129 15.04 15.51 9.48
C ALA A 129 15.90 14.42 10.10
N LEU A 130 15.63 13.19 9.71
CA LEU A 130 16.38 12.03 10.18
C LEU A 130 17.85 12.12 9.80
N LYS A 131 18.13 12.52 8.57
CA LYS A 131 19.51 12.67 8.11
C LYS A 131 20.25 13.59 9.07
N LYS A 132 19.61 14.72 9.38
CA LYS A 132 20.13 15.66 10.37
C LYS A 132 20.66 14.96 11.63
N LYS A 133 20.21 13.74 11.88
CA LYS A 133 20.67 12.97 13.04
C LYS A 133 21.34 11.67 12.56
N ASN A 134 21.65 11.67 11.28
CA ASN A 134 22.31 10.55 10.61
C ASN A 134 21.43 9.29 10.61
N TYR A 135 20.31 9.39 9.91
CA TYR A 135 19.36 8.29 9.78
C TYR A 135 18.55 8.43 8.49
N LYS A 136 18.05 7.32 7.98
CA LYS A 136 17.23 7.35 6.79
C LYS A 136 16.06 6.39 6.98
N LEU A 137 14.86 6.87 6.71
CA LEU A 137 13.68 6.06 6.88
C LEU A 137 13.09 5.69 5.53
N ASN A 138 12.90 4.40 5.33
CA ASN A 138 12.33 3.89 4.10
C ASN A 138 11.32 2.82 4.44
N GLN A 139 10.53 2.41 3.47
CA GLN A 139 9.51 1.38 3.71
C GLN A 139 10.13 0.06 4.14
N TYR A 140 11.40 -0.13 3.79
CA TYR A 140 12.11 -1.36 4.11
C TYR A 140 12.63 -1.35 5.54
N GLY A 141 12.78 -0.15 6.10
CA GLY A 141 13.29 -0.04 7.45
C GLY A 141 14.05 1.25 7.68
N LEU A 142 14.96 1.25 8.67
CA LEU A 142 15.75 2.42 9.00
C LEU A 142 17.22 2.20 8.62
N PHE A 143 17.75 3.03 7.74
CA PHE A 143 19.14 2.90 7.33
C PHE A 143 20.06 3.86 8.07
N LYS A 144 21.09 3.29 8.69
CA LYS A 144 22.07 4.08 9.41
C LYS A 144 23.47 3.85 8.84
N ASN A 145 23.84 4.66 7.85
CA ASN A 145 25.15 4.57 7.20
C ASN A 145 25.49 3.14 6.81
N GLN A 146 24.83 2.66 5.76
CA GLN A 146 25.00 1.31 5.25
C GLN A 146 24.56 0.24 6.24
N THR A 147 23.97 0.65 7.37
CA THR A 147 23.49 -0.30 8.36
C THR A 147 21.96 -0.31 8.44
N LEU A 148 21.34 -1.32 7.83
CA LEU A 148 19.89 -1.43 7.88
C LEU A 148 19.45 -1.85 9.27
N VAL A 149 18.41 -1.20 9.76
CA VAL A 149 17.87 -1.49 11.06
C VAL A 149 16.38 -1.75 10.97
N PRO A 150 15.93 -2.91 11.48
CA PRO A 150 14.53 -3.28 11.46
C PRO A 150 13.70 -2.43 12.43
N LEU A 151 12.43 -2.77 12.55
CA LEU A 151 11.52 -2.04 13.42
C LEU A 151 11.20 -2.83 14.67
N LYS A 152 10.69 -2.14 15.68
CA LYS A 152 10.34 -2.78 16.93
C LYS A 152 8.90 -2.44 17.32
N ILE A 153 8.05 -2.27 16.32
CA ILE A 153 6.65 -1.92 16.55
C ILE A 153 5.72 -2.58 15.56
N THR A 154 4.42 -2.42 15.79
CA THR A 154 3.42 -3.00 14.90
C THR A 154 2.21 -2.07 14.74
N THR A 155 2.18 -1.00 15.51
CA THR A 155 1.07 -0.05 15.44
C THR A 155 1.52 1.28 14.83
N GLU A 156 0.60 1.92 14.11
CA GLU A 156 0.86 3.19 13.46
C GLU A 156 1.22 4.27 14.46
N LYS A 157 0.60 4.26 15.64
CA LYS A 157 0.88 5.27 16.65
C LYS A 157 2.15 4.90 17.41
N GLU A 158 2.48 3.62 17.36
CA GLU A 158 3.68 3.12 18.01
C GLU A 158 4.89 3.56 17.20
N LEU A 159 4.76 3.44 15.89
CA LEU A 159 5.81 3.81 14.96
C LEU A 159 6.21 5.28 15.11
N ILE A 160 5.22 6.16 15.22
CA ILE A 160 5.52 7.58 15.31
C ILE A 160 6.22 7.90 16.63
N LYS A 161 5.77 7.25 17.70
CA LYS A 161 6.38 7.43 19.00
C LYS A 161 7.78 6.82 19.05
N GLU A 162 7.95 5.70 18.36
CA GLU A 162 9.23 5.03 18.30
C GLU A 162 10.24 5.88 17.54
N LEU A 163 9.76 6.57 16.50
CA LEU A 163 10.62 7.44 15.71
C LEU A 163 10.84 8.76 16.45
N GLY A 164 9.85 9.15 17.23
CA GLY A 164 9.94 10.39 17.99
C GLY A 164 9.39 11.55 17.20
N PHE A 165 8.18 11.38 16.68
CA PHE A 165 7.51 12.41 15.90
C PHE A 165 6.03 12.43 16.24
N THR A 166 5.26 13.22 15.49
CA THR A 166 3.83 13.32 15.73
C THR A 166 3.07 12.69 14.56
N TYR A 167 1.75 12.65 14.66
CA TYR A 167 0.93 12.09 13.61
C TYR A 167 0.34 13.21 12.75
N ARG A 168 0.47 13.07 11.43
CA ARG A 168 -0.04 14.06 10.51
C ARG A 168 -1.11 13.45 9.61
N ILE A 169 -2.02 14.29 9.14
CA ILE A 169 -3.10 13.84 8.27
C ILE A 169 -2.96 14.43 6.88
N PRO A 170 -3.47 13.73 5.84
CA PRO A 170 -3.40 14.19 4.46
C PRO A 170 -4.32 15.38 4.22
N LYS A 171 -5.46 15.39 4.93
CA LYS A 171 -6.45 16.46 4.84
C LYS A 171 -5.79 17.83 5.01
N LYS A 172 -4.80 17.90 5.87
CA LYS A 172 -4.12 19.15 6.14
C LYS A 172 -2.88 19.25 5.26
N ARG A 173 -2.22 18.10 5.05
CA ARG A 173 -1.05 18.01 4.18
C ARG A 173 0.08 18.91 4.66
N LEU A 174 0.89 18.39 5.56
CA LEU A 174 2.00 19.14 6.11
C LEU A 174 3.11 18.20 6.54
N MET A 1 -15.09 10.68 -13.28
CA MET A 1 -14.37 10.06 -12.15
C MET A 1 -15.35 9.24 -11.33
N LEU A 2 -14.85 8.60 -10.29
CA LEU A 2 -15.69 7.77 -9.45
C LEU A 2 -15.90 8.42 -8.10
N THR A 3 -16.85 7.91 -7.34
CA THR A 3 -17.15 8.46 -6.03
C THR A 3 -16.56 7.59 -4.93
N LEU A 4 -16.64 8.08 -3.68
CA LEU A 4 -16.12 7.35 -2.53
C LEU A 4 -16.87 6.04 -2.34
N ILE A 5 -18.14 6.06 -2.69
CA ILE A 5 -18.98 4.89 -2.58
C ILE A 5 -18.54 3.76 -3.52
N GLN A 6 -18.30 4.10 -4.79
CA GLN A 6 -17.88 3.14 -5.81
C GLN A 6 -16.58 2.42 -5.42
N GLY A 7 -15.54 3.21 -5.22
CA GLY A 7 -14.25 2.68 -4.84
C GLY A 7 -14.30 1.80 -3.60
N LYS A 8 -15.28 2.03 -2.73
CA LYS A 8 -15.39 1.25 -1.51
C LYS A 8 -16.12 -0.04 -1.82
N LYS A 9 -17.09 0.06 -2.70
CA LYS A 9 -17.87 -1.07 -3.12
C LYS A 9 -16.98 -2.12 -3.76
N ILE A 10 -16.17 -1.69 -4.70
CA ILE A 10 -15.28 -2.62 -5.38
C ILE A 10 -14.30 -3.22 -4.41
N VAL A 11 -13.55 -2.39 -3.68
CA VAL A 11 -12.58 -2.92 -2.70
C VAL A 11 -13.24 -3.98 -1.82
N ASN A 12 -14.55 -3.77 -1.52
CA ASN A 12 -15.32 -4.72 -0.69
C ASN A 12 -15.53 -6.03 -1.43
N HIS A 13 -15.86 -5.93 -2.72
CA HIS A 13 -16.07 -7.09 -3.55
C HIS A 13 -14.75 -7.56 -4.16
N LEU A 14 -13.72 -6.79 -3.92
CA LEU A 14 -12.42 -7.05 -4.49
C LEU A 14 -11.46 -7.69 -3.52
N ARG A 15 -11.69 -7.50 -2.25
CA ARG A 15 -10.79 -8.04 -1.25
C ARG A 15 -11.13 -9.51 -0.94
N SER A 16 -12.26 -9.99 -1.49
CA SER A 16 -12.69 -11.37 -1.29
C SER A 16 -12.70 -12.10 -2.64
N ARG A 17 -12.59 -11.34 -3.72
CA ARG A 17 -12.57 -11.91 -5.05
C ARG A 17 -11.15 -11.95 -5.59
N LEU A 18 -10.25 -11.33 -4.84
CA LEU A 18 -8.85 -11.29 -5.21
C LEU A 18 -8.23 -12.65 -5.05
N ALA A 19 -7.13 -12.84 -5.73
CA ALA A 19 -6.41 -14.10 -5.70
C ALA A 19 -5.06 -13.89 -6.31
N PHE A 20 -4.19 -14.84 -6.08
CA PHE A 20 -2.85 -14.77 -6.62
C PHE A 20 -2.42 -16.16 -7.03
N GLU A 21 -1.50 -16.27 -7.97
CA GLU A 21 -1.05 -17.58 -8.38
C GLU A 21 0.00 -18.12 -7.43
N TYR A 22 0.32 -19.34 -7.64
CA TYR A 22 1.30 -20.04 -6.86
C TYR A 22 1.75 -21.28 -7.59
N ASN A 23 2.84 -21.15 -8.33
CA ASN A 23 3.41 -22.28 -9.05
C ASN A 23 2.46 -22.91 -10.06
N GLY A 24 1.54 -22.12 -10.58
CA GLY A 24 0.57 -22.61 -11.53
C GLY A 24 -0.80 -22.75 -10.91
N GLN A 25 -0.82 -22.84 -9.61
CA GLN A 25 -2.06 -22.97 -8.88
C GLN A 25 -2.59 -21.59 -8.53
N LEU A 26 -3.77 -21.55 -7.92
CA LEU A 26 -4.35 -20.29 -7.53
C LEU A 26 -4.63 -20.25 -6.04
N ILE A 27 -4.10 -19.23 -5.41
CA ILE A 27 -4.26 -19.01 -3.99
C ILE A 27 -4.93 -17.67 -3.77
N LYS A 28 -6.03 -17.68 -3.05
CA LYS A 28 -6.78 -16.46 -2.80
C LYS A 28 -6.22 -15.66 -1.64
N ILE A 29 -6.72 -14.44 -1.50
CA ILE A 29 -6.34 -13.53 -0.43
C ILE A 29 -7.61 -12.95 0.17
N LEU A 30 -7.58 -12.51 1.42
CA LEU A 30 -8.78 -11.95 2.05
C LEU A 30 -8.53 -10.52 2.55
N SER A 31 -9.51 -9.99 3.26
CA SER A 31 -9.44 -8.66 3.83
C SER A 31 -8.22 -8.54 4.72
N LYS A 32 -7.92 -9.62 5.42
CA LYS A 32 -6.76 -9.73 6.31
C LYS A 32 -5.45 -9.75 5.52
N ASN A 33 -5.47 -9.08 4.42
CA ASN A 33 -4.33 -9.01 3.50
C ASN A 33 -4.44 -7.77 2.63
N ILE A 34 -5.47 -6.96 2.85
CA ILE A 34 -5.69 -5.78 2.02
C ILE A 34 -6.06 -4.56 2.85
N VAL A 35 -5.51 -3.41 2.49
CA VAL A 35 -5.81 -2.16 3.14
C VAL A 35 -6.15 -1.11 2.09
N ALA A 36 -7.34 -0.55 2.17
CA ALA A 36 -7.82 0.46 1.21
C ALA A 36 -7.19 1.83 1.44
N VAL A 37 -6.29 2.25 0.53
CA VAL A 37 -5.65 3.56 0.68
C VAL A 37 -5.90 4.48 -0.50
N GLY A 38 -5.51 5.75 -0.36
CA GLY A 38 -5.69 6.71 -1.42
C GLY A 38 -6.78 7.70 -1.14
N SER A 39 -7.42 8.20 -2.19
CA SER A 39 -8.48 9.18 -2.07
C SER A 39 -9.60 8.67 -1.12
N LEU A 40 -9.92 7.40 -1.25
CA LEU A 40 -10.96 6.78 -0.43
C LEU A 40 -10.66 6.87 1.09
N ARG A 41 -9.40 6.85 1.45
CA ARG A 41 -8.98 6.95 2.87
C ARG A 41 -8.61 8.39 3.19
N ARG A 42 -8.60 9.20 2.15
CA ARG A 42 -8.27 10.60 2.28
C ARG A 42 -9.56 11.40 2.42
N GLU A 43 -10.69 10.68 2.56
CA GLU A 43 -12.03 11.27 2.72
C GLU A 43 -12.41 12.20 1.57
N GLU A 44 -12.09 11.79 0.36
CA GLU A 44 -12.40 12.58 -0.82
C GLU A 44 -13.88 12.49 -1.16
N LYS A 45 -14.34 13.40 -1.99
CA LYS A 45 -15.73 13.45 -2.40
C LYS A 45 -15.86 12.81 -3.76
N MET A 46 -14.78 12.93 -4.51
CA MET A 46 -14.70 12.37 -5.84
C MET A 46 -13.32 11.74 -6.01
N LEU A 47 -13.28 10.43 -6.20
CA LEU A 47 -12.01 9.76 -6.34
C LEU A 47 -11.52 9.81 -7.77
N ASN A 48 -10.23 9.97 -7.92
CA ASN A 48 -9.59 10.02 -9.24
C ASN A 48 -9.00 8.65 -9.52
N ASP A 49 -8.62 7.98 -8.46
CA ASP A 49 -8.04 6.64 -8.52
C ASP A 49 -7.98 6.03 -7.14
N VAL A 50 -7.85 4.72 -7.07
CA VAL A 50 -7.81 4.02 -5.81
C VAL A 50 -6.51 3.23 -5.64
N ASP A 51 -5.96 3.30 -4.44
CA ASP A 51 -4.74 2.59 -4.11
C ASP A 51 -5.09 1.43 -3.19
N LEU A 52 -4.28 0.38 -3.23
CA LEU A 52 -4.52 -0.77 -2.38
C LEU A 52 -3.21 -1.32 -1.83
N LEU A 53 -3.18 -1.63 -0.56
CA LEU A 53 -1.99 -2.16 0.07
C LEU A 53 -2.23 -3.59 0.52
N ILE A 54 -1.39 -4.48 0.05
CA ILE A 54 -1.48 -5.89 0.38
C ILE A 54 -0.19 -6.31 1.05
N ILE A 55 -0.23 -6.72 2.32
CA ILE A 55 0.97 -7.11 3.00
C ILE A 55 1.03 -8.63 3.09
N VAL A 56 2.21 -9.19 3.05
CA VAL A 56 2.33 -10.65 3.12
C VAL A 56 3.16 -11.08 4.31
N PRO A 57 2.65 -12.08 5.08
CA PRO A 57 3.32 -12.59 6.28
C PRO A 57 4.72 -13.17 6.06
N GLU A 58 4.87 -14.08 5.08
CA GLU A 58 6.16 -14.72 4.84
C GLU A 58 7.03 -13.93 3.89
N LYS A 59 8.31 -14.31 3.87
CA LYS A 59 9.33 -13.67 3.06
C LYS A 59 9.53 -14.50 1.81
N LYS A 60 8.54 -15.31 1.59
CA LYS A 60 8.45 -16.20 0.48
C LYS A 60 7.10 -15.93 -0.12
N LEU A 61 6.05 -16.42 0.54
CA LEU A 61 4.68 -16.07 0.17
C LEU A 61 4.57 -14.62 -0.31
N LEU A 62 5.47 -13.76 0.18
CA LEU A 62 5.48 -12.36 -0.24
C LEU A 62 5.83 -12.25 -1.72
N LYS A 63 6.80 -13.03 -2.18
CA LYS A 63 7.21 -12.99 -3.57
C LYS A 63 6.51 -14.08 -4.37
N HIS A 64 5.53 -14.74 -3.74
CA HIS A 64 4.74 -15.75 -4.42
C HIS A 64 3.44 -15.13 -4.85
N VAL A 65 3.12 -13.98 -4.24
CA VAL A 65 1.94 -13.21 -4.60
C VAL A 65 2.33 -12.33 -5.79
N LEU A 66 3.62 -12.07 -5.87
CA LEU A 66 4.19 -11.24 -6.91
C LEU A 66 4.11 -11.85 -8.31
N PRO A 67 4.42 -13.17 -8.52
CA PRO A 67 4.33 -13.80 -9.83
C PRO A 67 3.02 -13.44 -10.50
N ASN A 68 1.90 -13.97 -9.99
CA ASN A 68 0.63 -13.61 -10.57
C ASN A 68 -0.39 -13.25 -9.51
N ILE A 69 -1.04 -12.14 -9.73
CA ILE A 69 -2.10 -11.64 -8.86
C ILE A 69 -3.25 -11.22 -9.77
N ARG A 70 -4.43 -11.75 -9.50
CA ARG A 70 -5.57 -11.43 -10.36
C ARG A 70 -6.91 -11.64 -9.69
N ILE A 71 -7.94 -11.33 -10.46
CA ILE A 71 -9.31 -11.47 -10.02
C ILE A 71 -10.00 -12.47 -10.93
N LYS A 72 -11.15 -12.98 -10.49
CA LYS A 72 -11.90 -13.95 -11.28
C LYS A 72 -13.18 -13.33 -11.81
N GLY A 73 -13.31 -13.32 -13.11
CA GLY A 73 -14.50 -12.78 -13.72
C GLY A 73 -14.54 -11.26 -13.75
N LEU A 74 -13.41 -10.67 -14.11
CA LEU A 74 -13.33 -9.23 -14.21
C LEU A 74 -12.57 -8.78 -15.47
N SER A 75 -12.02 -7.59 -15.39
CA SER A 75 -11.27 -6.99 -16.49
C SER A 75 -10.18 -6.09 -15.95
N PHE A 76 -8.94 -6.42 -16.29
CA PHE A 76 -7.79 -5.69 -15.81
C PHE A 76 -6.54 -5.93 -16.69
N SER A 77 -5.61 -5.00 -16.65
CA SER A 77 -4.36 -5.09 -17.38
C SER A 77 -3.21 -4.90 -16.39
N VAL A 78 -2.33 -5.88 -16.30
CA VAL A 78 -1.22 -5.81 -15.35
C VAL A 78 -0.01 -5.09 -15.92
N LYS A 79 0.26 -3.90 -15.41
CA LYS A 79 1.41 -3.14 -15.85
C LYS A 79 2.33 -2.87 -14.67
N VAL A 80 3.52 -2.39 -14.92
CA VAL A 80 4.46 -2.14 -13.86
C VAL A 80 4.58 -0.64 -13.58
N CYS A 81 4.53 -0.26 -12.32
CA CYS A 81 4.65 1.13 -11.93
C CYS A 81 6.00 1.32 -11.26
N GLY A 82 6.79 2.25 -11.72
CA GLY A 82 8.09 2.47 -11.12
C GLY A 82 8.97 1.26 -11.21
N GLU A 83 9.71 1.01 -10.15
CA GLU A 83 10.59 -0.12 -10.10
C GLU A 83 9.89 -1.33 -9.50
N ARG A 84 9.44 -1.20 -8.27
CA ARG A 84 8.77 -2.31 -7.58
C ARG A 84 7.28 -2.12 -7.41
N LYS A 85 6.74 -1.02 -7.86
CA LYS A 85 5.30 -0.82 -7.71
C LYS A 85 4.54 -1.57 -8.79
N CYS A 86 3.24 -1.71 -8.60
CA CYS A 86 2.40 -2.37 -9.57
C CYS A 86 1.10 -1.59 -9.78
N VAL A 87 0.66 -1.56 -11.02
CA VAL A 87 -0.57 -0.89 -11.39
C VAL A 87 -1.36 -1.77 -12.34
N LEU A 88 -2.66 -1.80 -12.11
CA LEU A 88 -3.57 -2.59 -12.92
C LEU A 88 -4.66 -1.71 -13.46
N PHE A 89 -5.10 -2.01 -14.65
CA PHE A 89 -6.14 -1.23 -15.28
C PHE A 89 -7.44 -1.99 -15.22
N ILE A 90 -8.29 -1.62 -14.29
CA ILE A 90 -9.59 -2.24 -14.10
C ILE A 90 -10.62 -1.62 -15.00
N GLU A 91 -11.46 -2.45 -15.57
CA GLU A 91 -12.49 -1.96 -16.46
C GLU A 91 -13.83 -2.57 -16.13
N TRP A 92 -14.81 -1.72 -15.94
CA TRP A 92 -16.16 -2.16 -15.66
C TRP A 92 -17.15 -1.08 -16.03
N GLU A 93 -18.37 -1.48 -16.33
CA GLU A 93 -19.45 -0.56 -16.71
C GLU A 93 -19.05 0.29 -17.91
N LYS A 94 -18.42 -0.38 -18.88
CA LYS A 94 -17.96 0.24 -20.13
C LYS A 94 -16.95 1.35 -19.86
N LYS A 95 -16.22 1.21 -18.76
CA LYS A 95 -15.21 2.18 -18.37
C LYS A 95 -13.92 1.48 -17.96
N THR A 96 -12.85 2.25 -17.86
CA THR A 96 -11.53 1.73 -17.52
C THR A 96 -10.80 2.71 -16.60
N TYR A 97 -10.30 2.24 -15.46
CA TYR A 97 -9.58 3.12 -14.54
C TYR A 97 -8.22 2.53 -14.22
N GLN A 98 -7.51 3.19 -13.33
CA GLN A 98 -6.17 2.76 -12.92
C GLN A 98 -6.15 2.46 -11.43
N LEU A 99 -5.65 1.28 -11.09
CA LEU A 99 -5.54 0.86 -9.69
C LEU A 99 -4.08 0.64 -9.38
N ASP A 100 -3.63 1.18 -8.25
CA ASP A 100 -2.24 1.02 -7.86
C ASP A 100 -2.16 0.17 -6.61
N LEU A 101 -1.81 -1.10 -6.78
CA LEU A 101 -1.72 -2.00 -5.64
C LEU A 101 -0.27 -2.10 -5.21
N PHE A 102 -0.04 -2.25 -3.91
CA PHE A 102 1.32 -2.32 -3.38
C PHE A 102 1.46 -3.48 -2.40
N THR A 103 2.24 -4.44 -2.79
CA THR A 103 2.51 -5.59 -1.94
C THR A 103 3.78 -5.39 -1.13
N ALA A 104 3.75 -5.57 0.19
CA ALA A 104 4.92 -5.39 1.03
C ALA A 104 4.97 -6.45 2.14
N LEU A 105 6.01 -6.42 2.96
CA LEU A 105 6.16 -7.37 4.06
C LEU A 105 5.45 -6.92 5.32
N ALA A 106 5.18 -7.89 6.18
CA ALA A 106 4.49 -7.66 7.44
C ALA A 106 5.20 -6.62 8.28
N GLU A 107 6.50 -6.53 8.12
CA GLU A 107 7.30 -5.57 8.86
C GLU A 107 7.17 -4.17 8.27
N GLU A 108 6.85 -4.09 6.99
CA GLU A 108 6.73 -2.78 6.35
C GLU A 108 5.34 -2.21 6.55
N LYS A 109 4.45 -3.03 7.11
CA LYS A 109 3.07 -2.66 7.36
C LYS A 109 2.93 -1.26 7.98
N PRO A 110 3.48 -1.01 9.19
CA PRO A 110 3.38 0.32 9.81
C PRO A 110 4.00 1.43 8.94
N TYR A 111 5.20 1.15 8.42
CA TYR A 111 5.97 2.08 7.61
C TYR A 111 5.24 2.48 6.33
N ALA A 112 4.50 1.55 5.76
CA ALA A 112 3.79 1.79 4.53
C ALA A 112 2.44 2.45 4.80
N ILE A 113 1.76 2.00 5.85
CA ILE A 113 0.47 2.57 6.19
C ILE A 113 0.59 4.07 6.39
N PHE A 114 1.49 4.48 7.28
CA PHE A 114 1.72 5.88 7.57
C PHE A 114 1.96 6.65 6.27
N HIS A 115 2.89 6.13 5.50
CA HIS A 115 3.27 6.70 4.21
C HIS A 115 2.06 6.90 3.29
N PHE A 116 1.17 5.94 3.22
CA PHE A 116 0.00 6.07 2.36
C PHE A 116 -1.20 6.75 3.03
N THR A 117 -1.17 6.96 4.33
CA THR A 117 -2.28 7.62 4.98
C THR A 117 -2.08 9.14 5.01
N GLY A 118 -0.83 9.55 5.24
CA GLY A 118 -0.52 10.96 5.32
C GLY A 118 -0.02 11.47 3.99
N PRO A 119 0.47 12.71 3.95
CA PRO A 119 0.99 13.31 2.73
C PRO A 119 2.42 12.91 2.45
N VAL A 120 2.64 12.39 1.26
CA VAL A 120 3.96 11.96 0.82
C VAL A 120 5.01 13.02 1.11
N SER A 121 4.68 14.28 0.77
CA SER A 121 5.57 15.41 1.01
C SER A 121 6.03 15.51 2.46
N TYR A 122 5.12 15.26 3.40
CA TYR A 122 5.47 15.27 4.81
C TYR A 122 6.53 14.20 5.09
N LEU A 123 6.37 13.04 4.44
CA LEU A 123 7.32 11.94 4.59
C LEU A 123 8.74 12.37 4.24
N ILE A 124 8.94 13.01 3.09
CA ILE A 124 10.28 13.48 2.69
C ILE A 124 10.86 14.41 3.75
N ARG A 125 10.07 15.40 4.09
CA ARG A 125 10.38 16.38 5.14
C ARG A 125 10.93 15.70 6.39
N ILE A 126 10.55 14.44 6.52
CA ILE A 126 10.97 13.62 7.63
C ILE A 126 12.20 12.78 7.25
N ARG A 127 12.27 12.43 5.98
CA ARG A 127 13.38 11.67 5.44
C ARG A 127 14.70 12.38 5.70
N ALA A 128 14.84 13.59 5.17
CA ALA A 128 16.05 14.38 5.41
C ALA A 128 16.21 14.66 6.90
N ALA A 129 15.09 14.95 7.54
CA ALA A 129 15.05 15.20 8.98
C ALA A 129 15.87 14.14 9.71
N LEU A 130 15.62 12.89 9.37
CA LEU A 130 16.33 11.76 9.94
C LEU A 130 17.77 11.70 9.45
N LYS A 131 18.01 12.02 8.18
CA LYS A 131 19.36 12.04 7.64
C LYS A 131 20.22 12.92 8.53
N LYS A 132 19.77 14.16 8.72
CA LYS A 132 20.45 15.10 9.63
C LYS A 132 20.82 14.42 10.96
N LYS A 133 20.03 13.40 11.35
CA LYS A 133 20.27 12.66 12.59
C LYS A 133 21.10 11.41 12.32
N ASN A 134 21.61 11.32 11.08
CA ASN A 134 22.43 10.19 10.64
C ASN A 134 21.57 8.93 10.56
N TYR A 135 20.41 9.06 9.95
CA TYR A 135 19.49 7.94 9.82
C TYR A 135 18.72 8.05 8.52
N LYS A 136 18.34 6.93 7.96
CA LYS A 136 17.60 6.93 6.73
C LYS A 136 16.34 6.11 6.91
N LEU A 137 15.20 6.70 6.65
CA LEU A 137 13.95 6.00 6.82
C LEU A 137 13.38 5.66 5.46
N ASN A 138 13.12 4.39 5.24
CA ASN A 138 12.56 3.94 4.00
C ASN A 138 11.45 2.94 4.27
N GLN A 139 10.76 2.56 3.23
CA GLN A 139 9.65 1.63 3.35
C GLN A 139 10.10 0.27 3.88
N TYR A 140 11.38 -0.04 3.69
CA TYR A 140 11.94 -1.32 4.14
C TYR A 140 12.46 -1.24 5.57
N GLY A 141 12.63 -0.04 6.11
CA GLY A 141 13.15 0.06 7.46
C GLY A 141 13.98 1.30 7.70
N LEU A 142 14.90 1.21 8.66
CA LEU A 142 15.76 2.33 9.00
C LEU A 142 17.22 2.00 8.71
N PHE A 143 17.84 2.72 7.80
CA PHE A 143 19.23 2.46 7.47
C PHE A 143 20.14 3.38 8.26
N LYS A 144 21.07 2.80 9.00
CA LYS A 144 22.02 3.58 9.76
C LYS A 144 23.42 3.27 9.29
N ASN A 145 24.06 4.23 8.61
CA ASN A 145 25.42 4.04 8.12
C ASN A 145 25.51 2.80 7.24
N GLN A 146 24.64 2.73 6.23
CA GLN A 146 24.60 1.61 5.28
C GLN A 146 24.19 0.32 5.96
N THR A 147 23.64 0.43 7.16
CA THR A 147 23.22 -0.74 7.90
C THR A 147 21.71 -0.73 8.11
N LEU A 148 21.01 -1.69 7.52
CA LEU A 148 19.58 -1.80 7.66
C LEU A 148 19.22 -2.21 9.08
N VAL A 149 18.18 -1.58 9.61
CA VAL A 149 17.68 -1.84 10.95
C VAL A 149 16.17 -2.02 10.88
N PRO A 150 15.63 -3.13 11.43
CA PRO A 150 14.20 -3.39 11.40
C PRO A 150 13.43 -2.52 12.40
N LEU A 151 12.11 -2.66 12.39
CA LEU A 151 11.26 -1.88 13.28
C LEU A 151 10.87 -2.73 14.48
N LYS A 152 10.63 -2.06 15.60
CA LYS A 152 10.23 -2.74 16.84
C LYS A 152 8.77 -2.42 17.13
N ILE A 153 7.99 -2.22 16.10
CA ILE A 153 6.56 -1.90 16.26
C ILE A 153 5.70 -2.67 15.26
N THR A 154 4.39 -2.56 15.45
CA THR A 154 3.42 -3.22 14.57
C THR A 154 2.16 -2.37 14.39
N THR A 155 2.07 -1.27 15.14
CA THR A 155 0.90 -0.40 15.07
C THR A 155 1.25 0.98 14.52
N GLU A 156 0.25 1.58 13.86
CA GLU A 156 0.35 2.90 13.25
C GLU A 156 0.85 3.95 14.24
N LYS A 157 0.29 3.95 15.45
CA LYS A 157 0.69 4.91 16.48
C LYS A 157 1.97 4.47 17.14
N GLU A 158 2.19 3.17 17.16
CA GLU A 158 3.39 2.60 17.76
C GLU A 158 4.59 3.09 16.96
N LEU A 159 4.40 3.14 15.65
CA LEU A 159 5.42 3.59 14.73
C LEU A 159 5.84 5.05 14.97
N ILE A 160 4.88 5.94 15.16
CA ILE A 160 5.19 7.35 15.35
C ILE A 160 5.83 7.58 16.71
N LYS A 161 5.36 6.85 17.73
CA LYS A 161 5.94 6.96 19.06
C LYS A 161 7.35 6.34 19.06
N GLU A 162 7.56 5.31 18.24
CA GLU A 162 8.89 4.68 18.14
C GLU A 162 9.84 5.63 17.45
N LEU A 163 9.35 6.26 16.38
CA LEU A 163 10.16 7.19 15.63
C LEU A 163 10.41 8.49 16.39
N GLY A 164 9.40 8.95 17.10
CA GLY A 164 9.52 10.19 17.85
C GLY A 164 8.90 11.35 17.11
N PHE A 165 7.94 11.05 16.23
CA PHE A 165 7.27 12.09 15.44
C PHE A 165 5.78 12.15 15.80
N THR A 166 5.06 13.12 15.24
CA THR A 166 3.64 13.26 15.48
C THR A 166 2.87 12.72 14.28
N TYR A 167 1.64 12.29 14.52
CA TYR A 167 0.80 11.77 13.46
C TYR A 167 0.14 12.92 12.72
N ARG A 168 0.07 12.84 11.40
CA ARG A 168 -0.51 13.92 10.62
C ARG A 168 -1.56 13.38 9.68
N ILE A 169 -2.64 14.14 9.55
CA ILE A 169 -3.73 13.78 8.69
C ILE A 169 -3.58 14.46 7.33
N PRO A 170 -4.00 13.80 6.24
CA PRO A 170 -3.89 14.37 4.88
C PRO A 170 -4.82 15.57 4.68
N LYS A 171 -5.96 15.53 5.38
CA LYS A 171 -6.98 16.59 5.33
C LYS A 171 -6.37 17.99 5.52
N LYS A 172 -5.36 18.06 6.38
CA LYS A 172 -4.71 19.33 6.69
C LYS A 172 -3.38 19.48 5.94
N ARG A 173 -2.80 18.34 5.52
CA ARG A 173 -1.53 18.28 4.77
C ARG A 173 -0.33 18.70 5.63
N LEU A 174 0.83 18.06 5.39
CA LEU A 174 2.06 18.35 6.11
C LEU A 174 1.82 18.54 7.60
N MET A 1 -13.24 11.54 -10.84
CA MET A 1 -13.56 10.43 -11.76
C MET A 1 -14.64 9.55 -11.16
N LEU A 2 -14.31 8.85 -10.08
CA LEU A 2 -15.26 7.99 -9.43
C LEU A 2 -15.54 8.51 -8.02
N THR A 3 -16.53 7.91 -7.38
CA THR A 3 -16.92 8.31 -6.05
C THR A 3 -16.36 7.36 -5.00
N LEU A 4 -16.28 7.86 -3.77
CA LEU A 4 -15.76 7.07 -2.65
C LEU A 4 -16.53 5.78 -2.47
N ILE A 5 -17.84 5.83 -2.68
CA ILE A 5 -18.69 4.66 -2.52
C ILE A 5 -18.34 3.55 -3.50
N GLN A 6 -18.05 3.92 -4.75
CA GLN A 6 -17.68 2.97 -5.79
C GLN A 6 -16.44 2.20 -5.39
N GLY A 7 -15.35 2.94 -5.16
CA GLY A 7 -14.09 2.33 -4.74
C GLY A 7 -14.21 1.46 -3.50
N LYS A 8 -15.23 1.69 -2.71
CA LYS A 8 -15.44 0.90 -1.51
C LYS A 8 -16.17 -0.37 -1.88
N LYS A 9 -17.16 -0.22 -2.76
CA LYS A 9 -17.97 -1.33 -3.21
C LYS A 9 -17.12 -2.35 -3.95
N ILE A 10 -16.30 -1.88 -4.86
CA ILE A 10 -15.43 -2.77 -5.60
C ILE A 10 -14.43 -3.44 -4.69
N VAL A 11 -13.63 -2.68 -3.97
CA VAL A 11 -12.65 -3.24 -3.03
C VAL A 11 -13.28 -4.29 -2.12
N ASN A 12 -14.52 -4.07 -1.73
CA ASN A 12 -15.21 -4.98 -0.84
C ASN A 12 -15.42 -6.33 -1.54
N HIS A 13 -15.85 -6.28 -2.78
CA HIS A 13 -16.07 -7.49 -3.59
C HIS A 13 -14.83 -7.88 -4.39
N LEU A 14 -13.81 -7.05 -4.29
CA LEU A 14 -12.55 -7.28 -5.01
C LEU A 14 -11.55 -7.98 -4.11
N ARG A 15 -11.71 -7.84 -2.81
CA ARG A 15 -10.79 -8.46 -1.87
C ARG A 15 -11.25 -9.87 -1.51
N SER A 16 -12.40 -10.26 -2.02
CA SER A 16 -12.95 -11.59 -1.76
C SER A 16 -12.97 -12.41 -3.05
N ARG A 17 -12.69 -11.75 -4.16
CA ARG A 17 -12.65 -12.39 -5.47
C ARG A 17 -11.21 -12.46 -5.97
N LEU A 18 -10.30 -11.92 -5.16
CA LEU A 18 -8.89 -11.92 -5.50
C LEU A 18 -8.31 -13.32 -5.35
N ALA A 19 -7.25 -13.55 -6.09
CA ALA A 19 -6.57 -14.83 -6.11
C ALA A 19 -5.21 -14.68 -6.77
N PHE A 20 -4.38 -15.67 -6.61
CA PHE A 20 -3.05 -15.65 -7.23
C PHE A 20 -2.64 -17.08 -7.59
N GLU A 21 -1.71 -17.21 -8.53
CA GLU A 21 -1.28 -18.53 -8.98
C GLU A 21 0.16 -18.83 -8.54
N TYR A 22 0.30 -19.79 -7.64
CA TYR A 22 1.61 -20.18 -7.17
C TYR A 22 1.92 -21.59 -7.64
N ASN A 23 3.05 -21.76 -8.30
CA ASN A 23 3.48 -23.08 -8.80
C ASN A 23 2.46 -23.69 -9.72
N GLY A 24 1.66 -22.85 -10.35
CA GLY A 24 0.65 -23.33 -11.25
C GLY A 24 -0.69 -23.53 -10.57
N GLN A 25 -0.70 -23.58 -9.24
CA GLN A 25 -1.93 -23.78 -8.50
C GLN A 25 -2.58 -22.45 -8.24
N LEU A 26 -3.80 -22.48 -7.72
CA LEU A 26 -4.52 -21.26 -7.42
C LEU A 26 -4.68 -21.08 -5.92
N ILE A 27 -4.40 -19.89 -5.45
CA ILE A 27 -4.50 -19.56 -4.04
C ILE A 27 -5.29 -18.27 -3.89
N LYS A 28 -6.45 -18.35 -3.28
CA LYS A 28 -7.29 -17.19 -3.11
C LYS A 28 -6.74 -16.26 -2.05
N ILE A 29 -7.20 -15.03 -2.09
CA ILE A 29 -6.80 -14.02 -1.12
C ILE A 29 -8.05 -13.49 -0.39
N LEU A 30 -7.88 -12.98 0.83
CA LEU A 30 -9.00 -12.48 1.61
C LEU A 30 -8.72 -11.07 2.13
N SER A 31 -9.74 -10.43 2.72
CA SER A 31 -9.61 -9.08 3.26
C SER A 31 -8.44 -9.00 4.26
N LYS A 32 -8.21 -10.09 4.97
CA LYS A 32 -7.10 -10.21 5.93
C LYS A 32 -5.75 -10.22 5.22
N ASN A 33 -5.72 -9.48 4.12
CA ASN A 33 -4.53 -9.33 3.28
C ASN A 33 -4.62 -8.02 2.50
N ILE A 34 -5.69 -7.25 2.71
CA ILE A 34 -5.91 -6.03 1.93
C ILE A 34 -6.25 -4.82 2.81
N VAL A 35 -5.71 -3.66 2.44
CA VAL A 35 -5.95 -2.41 3.14
C VAL A 35 -6.19 -1.30 2.11
N ALA A 36 -7.28 -0.56 2.24
CA ALA A 36 -7.59 0.51 1.30
C ALA A 36 -6.90 1.82 1.68
N VAL A 37 -5.94 2.24 0.87
CA VAL A 37 -5.22 3.48 1.15
C VAL A 37 -5.52 4.58 0.14
N GLY A 38 -4.92 5.74 0.37
CA GLY A 38 -5.12 6.86 -0.50
C GLY A 38 -6.35 7.64 -0.13
N SER A 39 -7.23 7.85 -1.11
CA SER A 39 -8.47 8.56 -0.91
C SER A 39 -9.33 7.95 0.20
N LEU A 40 -9.38 6.62 0.22
CA LEU A 40 -10.17 5.90 1.23
C LEU A 40 -9.75 6.30 2.65
N ARG A 41 -8.53 6.81 2.78
CA ARG A 41 -8.02 7.24 4.08
C ARG A 41 -8.26 8.74 4.26
N ARG A 42 -8.27 9.45 3.14
CA ARG A 42 -8.48 10.89 3.14
C ARG A 42 -9.96 11.22 3.31
N GLU A 43 -10.79 10.25 2.94
CA GLU A 43 -12.25 10.35 3.03
C GLU A 43 -12.81 11.42 2.12
N GLU A 44 -12.34 11.43 0.87
CA GLU A 44 -12.82 12.40 -0.11
C GLU A 44 -14.00 11.80 -0.85
N LYS A 45 -14.98 12.63 -1.19
CA LYS A 45 -16.17 12.15 -1.88
C LYS A 45 -15.92 11.87 -3.37
N MET A 46 -14.98 12.55 -3.97
CA MET A 46 -14.71 12.36 -5.39
C MET A 46 -13.23 12.19 -5.68
N LEU A 47 -12.85 10.96 -5.95
CA LEU A 47 -11.46 10.64 -6.26
C LEU A 47 -11.24 10.40 -7.75
N ASN A 48 -9.99 10.14 -8.13
CA ASN A 48 -9.64 9.88 -9.52
C ASN A 48 -9.14 8.45 -9.66
N ASP A 49 -8.27 8.06 -8.76
CA ASP A 49 -7.69 6.74 -8.75
C ASP A 49 -7.72 6.18 -7.34
N VAL A 50 -7.64 4.87 -7.23
CA VAL A 50 -7.69 4.20 -5.92
C VAL A 50 -6.38 3.46 -5.63
N ASP A 51 -5.93 3.56 -4.39
CA ASP A 51 -4.70 2.92 -3.92
C ASP A 51 -5.06 1.78 -2.99
N LEU A 52 -4.32 0.66 -3.04
CA LEU A 52 -4.63 -0.48 -2.20
C LEU A 52 -3.35 -1.15 -1.75
N LEU A 53 -3.37 -1.68 -0.53
CA LEU A 53 -2.22 -2.35 0.04
C LEU A 53 -2.54 -3.78 0.42
N ILE A 54 -1.68 -4.68 0.00
CA ILE A 54 -1.80 -6.09 0.30
C ILE A 54 -0.56 -6.52 1.05
N ILE A 55 -0.66 -6.87 2.32
CA ILE A 55 0.51 -7.25 3.05
C ILE A 55 0.56 -8.76 3.15
N VAL A 56 1.77 -9.31 3.14
CA VAL A 56 1.93 -10.76 3.20
C VAL A 56 2.79 -11.16 4.41
N PRO A 57 2.36 -12.18 5.17
CA PRO A 57 3.09 -12.63 6.37
C PRO A 57 4.50 -13.18 6.12
N GLU A 58 4.72 -13.89 5.01
CA GLU A 58 6.04 -14.48 4.74
C GLU A 58 6.87 -13.68 3.76
N LYS A 59 8.16 -14.00 3.73
CA LYS A 59 9.13 -13.35 2.85
C LYS A 59 9.26 -14.19 1.60
N LYS A 60 8.26 -15.01 1.46
CA LYS A 60 8.14 -15.93 0.36
C LYS A 60 6.79 -15.66 -0.26
N LEU A 61 5.73 -16.20 0.37
CA LEU A 61 4.35 -15.88 -0.06
C LEU A 61 4.24 -14.45 -0.58
N LEU A 62 5.05 -13.56 -0.03
CA LEU A 62 5.05 -12.17 -0.44
C LEU A 62 5.42 -12.03 -1.91
N LYS A 63 6.45 -12.73 -2.34
CA LYS A 63 6.87 -12.63 -3.72
C LYS A 63 6.30 -13.77 -4.56
N HIS A 64 5.46 -14.59 -3.92
CA HIS A 64 4.82 -15.70 -4.62
C HIS A 64 3.59 -15.21 -5.37
N VAL A 65 3.06 -14.08 -4.91
CA VAL A 65 1.88 -13.48 -5.55
C VAL A 65 2.32 -12.61 -6.72
N LEU A 66 3.58 -12.27 -6.73
CA LEU A 66 4.17 -11.40 -7.76
C LEU A 66 4.01 -11.95 -9.17
N PRO A 67 4.39 -13.21 -9.44
CA PRO A 67 4.24 -13.78 -10.77
C PRO A 67 2.80 -13.67 -11.28
N ASN A 68 1.88 -14.36 -10.61
CA ASN A 68 0.50 -14.32 -11.04
C ASN A 68 -0.46 -14.03 -9.91
N ILE A 69 -1.08 -12.87 -9.99
CA ILE A 69 -2.06 -12.42 -9.02
C ILE A 69 -3.12 -11.60 -9.77
N ARG A 70 -4.38 -12.04 -9.71
CA ARG A 70 -5.46 -11.35 -10.43
C ARG A 70 -6.81 -11.71 -9.86
N ILE A 71 -7.83 -11.20 -10.52
CA ILE A 71 -9.21 -11.45 -10.15
C ILE A 71 -9.82 -12.36 -11.21
N LYS A 72 -10.90 -13.03 -10.87
CA LYS A 72 -11.51 -13.96 -11.80
C LYS A 72 -12.88 -13.46 -12.23
N GLY A 73 -13.05 -13.29 -13.53
CA GLY A 73 -14.32 -12.86 -14.06
C GLY A 73 -14.45 -11.35 -14.15
N LEU A 74 -13.36 -10.68 -14.49
CA LEU A 74 -13.40 -9.23 -14.63
C LEU A 74 -12.70 -8.76 -15.91
N SER A 75 -12.30 -7.50 -15.87
CA SER A 75 -11.62 -6.84 -16.98
C SER A 75 -10.48 -6.02 -16.39
N PHE A 76 -9.25 -6.40 -16.70
CA PHE A 76 -8.09 -5.71 -16.14
C PHE A 76 -6.83 -5.89 -16.98
N SER A 77 -5.90 -4.97 -16.83
CA SER A 77 -4.61 -5.05 -17.51
C SER A 77 -3.51 -4.94 -16.46
N VAL A 78 -2.68 -5.98 -16.35
CA VAL A 78 -1.62 -6.00 -15.37
C VAL A 78 -0.35 -5.35 -15.91
N LYS A 79 0.01 -4.22 -15.32
CA LYS A 79 1.20 -3.49 -15.71
C LYS A 79 2.09 -3.25 -14.50
N VAL A 80 3.09 -2.42 -14.66
CA VAL A 80 4.00 -2.09 -13.58
C VAL A 80 4.03 -0.59 -13.36
N CYS A 81 3.98 -0.17 -12.12
CA CYS A 81 3.99 1.25 -11.79
C CYS A 81 5.32 1.64 -11.14
N GLY A 82 5.90 2.73 -11.59
CA GLY A 82 7.12 3.20 -11.01
C GLY A 82 8.28 2.26 -11.22
N GLU A 83 8.94 1.95 -10.12
CA GLU A 83 10.10 1.10 -10.10
C GLU A 83 9.75 -0.32 -9.66
N ARG A 84 9.27 -0.44 -8.44
CA ARG A 84 8.92 -1.74 -7.88
C ARG A 84 7.44 -1.85 -7.59
N LYS A 85 6.66 -0.87 -8.00
CA LYS A 85 5.22 -0.89 -7.74
C LYS A 85 4.48 -1.65 -8.84
N CYS A 86 3.19 -1.82 -8.63
CA CYS A 86 2.36 -2.55 -9.59
C CYS A 86 1.02 -1.83 -9.79
N VAL A 87 0.58 -1.73 -11.04
CA VAL A 87 -0.67 -1.05 -11.35
C VAL A 87 -1.52 -1.89 -12.30
N LEU A 88 -2.82 -1.88 -12.06
CA LEU A 88 -3.75 -2.64 -12.86
C LEU A 88 -4.84 -1.72 -13.40
N PHE A 89 -5.18 -1.90 -14.64
CA PHE A 89 -6.20 -1.09 -15.27
C PHE A 89 -7.49 -1.88 -15.28
N ILE A 90 -8.41 -1.53 -14.39
CA ILE A 90 -9.68 -2.25 -14.32
C ILE A 90 -10.70 -1.59 -15.22
N GLU A 91 -11.53 -2.40 -15.85
CA GLU A 91 -12.53 -1.89 -16.76
C GLU A 91 -13.91 -2.44 -16.49
N TRP A 92 -14.88 -1.54 -16.36
CA TRP A 92 -16.26 -1.95 -16.15
C TRP A 92 -17.16 -0.75 -16.37
N GLU A 93 -18.42 -1.01 -16.66
CA GLU A 93 -19.41 0.03 -16.93
C GLU A 93 -18.96 0.84 -18.13
N LYS A 94 -18.34 0.13 -19.07
CA LYS A 94 -17.83 0.69 -20.31
C LYS A 94 -16.75 1.74 -20.03
N LYS A 95 -16.07 1.59 -18.91
CA LYS A 95 -15.02 2.53 -18.54
C LYS A 95 -13.76 1.78 -18.10
N THR A 96 -12.65 2.49 -17.97
CA THR A 96 -11.37 1.93 -17.57
C THR A 96 -10.67 2.83 -16.56
N TYR A 97 -10.40 2.32 -15.36
CA TYR A 97 -9.75 3.13 -14.33
C TYR A 97 -8.34 2.62 -14.03
N GLN A 98 -7.64 3.35 -13.18
CA GLN A 98 -6.28 3.01 -12.79
C GLN A 98 -6.22 2.58 -11.33
N LEU A 99 -5.81 1.34 -11.09
CA LEU A 99 -5.70 0.84 -9.73
C LEU A 99 -4.24 0.61 -9.38
N ASP A 100 -3.78 1.21 -8.29
CA ASP A 100 -2.38 1.08 -7.88
C ASP A 100 -2.33 0.24 -6.60
N LEU A 101 -1.89 -1.01 -6.72
CA LEU A 101 -1.81 -1.90 -5.57
C LEU A 101 -0.35 -2.06 -5.09
N PHE A 102 -0.16 -2.27 -3.78
CA PHE A 102 1.19 -2.40 -3.21
C PHE A 102 1.29 -3.60 -2.27
N THR A 103 2.12 -4.56 -2.67
CA THR A 103 2.38 -5.76 -1.85
C THR A 103 3.63 -5.55 -1.03
N ALA A 104 3.51 -5.67 0.29
CA ALA A 104 4.66 -5.50 1.17
C ALA A 104 4.65 -6.54 2.28
N LEU A 105 5.65 -6.48 3.15
CA LEU A 105 5.78 -7.41 4.26
C LEU A 105 5.06 -6.91 5.50
N ALA A 106 4.80 -7.84 6.42
CA ALA A 106 4.09 -7.56 7.66
C ALA A 106 4.87 -6.59 8.53
N GLU A 107 6.17 -6.61 8.39
CA GLU A 107 7.04 -5.72 9.16
C GLU A 107 6.96 -4.28 8.65
N GLU A 108 6.50 -4.11 7.42
CA GLU A 108 6.39 -2.79 6.81
C GLU A 108 5.03 -2.16 7.10
N LYS A 109 4.14 -2.92 7.74
CA LYS A 109 2.78 -2.47 8.06
C LYS A 109 2.70 -1.00 8.55
N PRO A 110 3.32 -0.62 9.70
CA PRO A 110 3.25 0.76 10.19
C PRO A 110 3.88 1.76 9.24
N TYR A 111 5.01 1.40 8.68
CA TYR A 111 5.75 2.28 7.76
C TYR A 111 4.95 2.56 6.51
N ALA A 112 4.40 1.51 5.94
CA ALA A 112 3.63 1.61 4.71
C ALA A 112 2.33 2.37 4.94
N ILE A 113 1.58 1.97 5.95
CA ILE A 113 0.31 2.62 6.25
C ILE A 113 0.51 4.12 6.41
N PHE A 114 1.42 4.51 7.29
CA PHE A 114 1.68 5.92 7.54
C PHE A 114 2.06 6.64 6.25
N HIS A 115 2.97 6.03 5.50
CA HIS A 115 3.40 6.59 4.23
C HIS A 115 2.21 6.80 3.29
N PHE A 116 1.36 5.79 3.18
CA PHE A 116 0.21 5.85 2.28
C PHE A 116 -0.98 6.64 2.85
N THR A 117 -0.96 6.98 4.14
CA THR A 117 -2.06 7.75 4.72
C THR A 117 -1.81 9.26 4.59
N GLY A 118 -0.54 9.65 4.53
CA GLY A 118 -0.19 11.05 4.41
C GLY A 118 0.41 11.38 3.07
N PRO A 119 0.84 12.63 2.87
CA PRO A 119 1.42 13.08 1.62
C PRO A 119 2.92 12.75 1.52
N VAL A 120 3.32 12.17 0.38
CA VAL A 120 4.72 11.81 0.16
C VAL A 120 5.66 12.97 0.50
N SER A 121 5.28 14.18 0.11
CA SER A 121 6.05 15.40 0.40
C SER A 121 6.55 15.43 1.83
N TYR A 122 5.68 15.05 2.76
CA TYR A 122 6.03 15.02 4.16
C TYR A 122 7.08 13.95 4.43
N LEU A 123 6.94 12.80 3.79
CA LEU A 123 7.88 11.70 3.96
C LEU A 123 9.32 12.14 3.72
N ILE A 124 9.58 12.77 2.59
CA ILE A 124 10.96 13.20 2.29
C ILE A 124 11.41 14.26 3.32
N ARG A 125 10.54 15.23 3.53
CA ARG A 125 10.77 16.28 4.54
C ARG A 125 11.26 15.66 5.83
N ILE A 126 10.82 14.44 6.04
CA ILE A 126 11.17 13.67 7.21
C ILE A 126 12.46 12.89 6.96
N ARG A 127 12.64 12.43 5.73
CA ARG A 127 13.84 11.71 5.35
C ARG A 127 15.08 12.51 5.69
N ALA A 128 15.19 13.68 5.09
CA ALA A 128 16.32 14.56 5.34
C ALA A 128 16.43 14.87 6.83
N ALA A 129 15.28 15.18 7.40
CA ALA A 129 15.16 15.46 8.82
C ALA A 129 15.93 14.41 9.61
N LEU A 130 15.68 13.14 9.28
CA LEU A 130 16.35 12.03 9.91
C LEU A 130 17.81 11.94 9.54
N LYS A 131 18.17 12.31 8.31
CA LYS A 131 19.56 12.30 7.91
C LYS A 131 20.36 13.11 8.91
N LYS A 132 19.89 14.32 9.17
CA LYS A 132 20.48 15.22 10.18
C LYS A 132 20.80 14.48 11.50
N LYS A 133 20.09 13.39 11.77
CA LYS A 133 20.33 12.61 12.99
C LYS A 133 20.93 11.24 12.63
N ASN A 134 21.42 11.12 11.38
CA ASN A 134 22.05 9.90 10.86
C ASN A 134 21.03 8.77 10.70
N TYR A 135 19.99 9.04 9.92
CA TYR A 135 18.94 8.06 9.65
C TYR A 135 18.34 8.29 8.27
N LYS A 136 17.91 7.21 7.62
CA LYS A 136 17.30 7.34 6.29
C LYS A 136 16.06 6.46 6.13
N LEU A 137 15.13 6.62 7.08
CA LEU A 137 13.84 5.89 7.09
C LEU A 137 13.26 5.63 5.71
N ASN A 138 12.99 4.37 5.45
CA ASN A 138 12.41 3.93 4.19
C ASN A 138 11.34 2.91 4.52
N GLN A 139 10.53 2.53 3.54
CA GLN A 139 9.46 1.57 3.77
C GLN A 139 10.02 0.23 4.26
N TYR A 140 11.28 -0.04 3.92
CA TYR A 140 11.93 -1.30 4.30
C TYR A 140 12.54 -1.24 5.69
N GLY A 141 12.72 -0.04 6.24
CA GLY A 141 13.28 0.07 7.57
C GLY A 141 14.02 1.36 7.79
N LEU A 142 14.92 1.35 8.76
CA LEU A 142 15.70 2.53 9.11
C LEU A 142 17.15 2.35 8.70
N PHE A 143 17.58 3.09 7.69
CA PHE A 143 18.95 3.01 7.24
C PHE A 143 19.85 3.90 8.11
N LYS A 144 20.68 3.25 8.91
CA LYS A 144 21.60 3.92 9.81
C LYS A 144 23.03 3.72 9.32
N ASN A 145 23.56 4.69 8.59
CA ASN A 145 24.92 4.64 8.08
C ASN A 145 25.23 3.32 7.37
N GLN A 146 24.54 3.11 6.23
CA GLN A 146 24.69 1.91 5.40
C GLN A 146 24.21 0.64 6.10
N THR A 147 23.61 0.79 7.27
CA THR A 147 23.13 -0.37 8.01
C THR A 147 21.62 -0.35 8.21
N LEU A 148 20.95 -1.33 7.64
CA LEU A 148 19.51 -1.45 7.79
C LEU A 148 19.14 -1.85 9.21
N VAL A 149 18.13 -1.19 9.73
CA VAL A 149 17.65 -1.44 11.08
C VAL A 149 16.14 -1.72 11.04
N PRO A 150 15.71 -2.80 11.74
CA PRO A 150 14.30 -3.21 11.80
C PRO A 150 13.47 -2.32 12.71
N LEU A 151 12.17 -2.51 12.65
CA LEU A 151 11.24 -1.73 13.43
C LEU A 151 10.81 -2.47 14.70
N LYS A 152 10.66 -1.71 15.78
CA LYS A 152 10.23 -2.26 17.06
C LYS A 152 8.77 -1.90 17.30
N ILE A 153 8.05 -1.78 16.21
CA ILE A 153 6.65 -1.41 16.25
C ILE A 153 5.83 -2.16 15.24
N THR A 154 4.54 -2.17 15.49
CA THR A 154 3.59 -2.80 14.62
C THR A 154 2.32 -1.95 14.55
N THR A 155 2.24 -0.93 15.42
CA THR A 155 1.07 -0.06 15.43
C THR A 155 1.43 1.33 14.92
N GLU A 156 0.52 1.89 14.15
CA GLU A 156 0.68 3.20 13.54
C GLU A 156 0.91 4.29 14.57
N LYS A 157 0.31 4.17 15.75
CA LYS A 157 0.48 5.17 16.77
C LYS A 157 1.75 4.87 17.56
N GLU A 158 2.27 3.67 17.39
CA GLU A 158 3.50 3.31 18.05
C GLU A 158 4.65 3.87 17.22
N LEU A 159 4.47 3.82 15.91
CA LEU A 159 5.47 4.32 14.98
C LEU A 159 5.75 5.81 15.19
N ILE A 160 4.71 6.61 15.41
CA ILE A 160 4.87 8.05 15.58
C ILE A 160 5.73 8.39 16.80
N LYS A 161 5.60 7.59 17.86
CA LYS A 161 6.39 7.83 19.07
C LYS A 161 7.76 7.20 18.92
N GLU A 162 7.82 6.09 18.17
CA GLU A 162 9.07 5.42 17.91
C GLU A 162 9.97 6.36 17.10
N LEU A 163 9.32 7.15 16.24
CA LEU A 163 10.01 8.11 15.40
C LEU A 163 10.29 9.39 16.20
N GLY A 164 9.32 9.75 17.04
CA GLY A 164 9.44 10.94 17.87
C GLY A 164 8.72 12.12 17.27
N PHE A 165 7.57 11.88 16.65
CA PHE A 165 6.80 12.95 16.02
C PHE A 165 5.36 12.96 16.53
N THR A 166 4.56 13.88 16.00
CA THR A 166 3.15 14.03 16.39
C THR A 166 2.24 13.39 15.32
N TYR A 167 0.94 13.33 15.61
CA TYR A 167 -0.03 12.74 14.69
C TYR A 167 -0.20 13.56 13.43
N ARG A 168 0.21 12.97 12.31
CA ARG A 168 0.11 13.62 11.00
C ARG A 168 -1.09 13.11 10.21
N ILE A 169 -1.80 14.03 9.57
CA ILE A 169 -2.96 13.68 8.76
C ILE A 169 -2.85 14.31 7.38
N PRO A 170 -3.43 13.66 6.36
CA PRO A 170 -3.40 14.17 4.98
C PRO A 170 -4.14 15.49 4.88
N LYS A 171 -5.23 15.57 5.65
CA LYS A 171 -6.09 16.75 5.69
C LYS A 171 -5.31 18.04 5.89
N LYS A 172 -4.30 17.98 6.75
CA LYS A 172 -3.50 19.16 7.06
C LYS A 172 -2.21 19.22 6.22
N ARG A 173 -1.68 18.04 5.86
CA ARG A 173 -0.45 17.92 5.05
C ARG A 173 0.79 18.31 5.88
N LEU A 174 1.92 17.67 5.57
CA LEU A 174 3.20 17.91 6.26
C LEU A 174 3.02 18.09 7.77
N MET A 1 -14.34 10.63 -11.39
CA MET A 1 -14.84 9.35 -11.95
C MET A 1 -15.69 8.61 -10.93
N LEU A 2 -15.01 7.91 -10.03
CA LEU A 2 -15.65 7.13 -8.99
C LEU A 2 -15.95 8.00 -7.77
N THR A 3 -16.55 7.37 -6.78
CA THR A 3 -16.90 8.03 -5.53
C THR A 3 -16.38 7.21 -4.37
N LEU A 4 -16.43 7.77 -3.17
CA LEU A 4 -15.95 7.07 -1.98
C LEU A 4 -16.66 5.72 -1.86
N ILE A 5 -17.94 5.72 -2.22
CA ILE A 5 -18.75 4.51 -2.16
C ILE A 5 -18.33 3.50 -3.23
N GLN A 6 -18.07 3.96 -4.45
CA GLN A 6 -17.65 3.09 -5.55
C GLN A 6 -16.29 2.44 -5.30
N GLY A 7 -15.51 3.06 -4.43
CA GLY A 7 -14.19 2.55 -4.12
C GLY A 7 -14.23 1.60 -2.95
N LYS A 8 -15.30 1.72 -2.16
CA LYS A 8 -15.49 0.88 -0.99
C LYS A 8 -16.26 -0.35 -1.41
N LYS A 9 -17.11 -0.17 -2.42
CA LYS A 9 -17.90 -1.25 -2.95
C LYS A 9 -17.01 -2.26 -3.65
N ILE A 10 -16.23 -1.79 -4.61
CA ILE A 10 -15.33 -2.66 -5.33
C ILE A 10 -14.45 -3.41 -4.34
N VAL A 11 -13.64 -2.68 -3.58
CA VAL A 11 -12.75 -3.29 -2.58
C VAL A 11 -13.44 -4.36 -1.74
N ASN A 12 -14.70 -4.12 -1.39
CA ASN A 12 -15.47 -5.05 -0.56
C ASN A 12 -15.63 -6.39 -1.28
N HIS A 13 -15.92 -6.33 -2.57
CA HIS A 13 -16.10 -7.54 -3.39
C HIS A 13 -14.82 -7.92 -4.16
N LEU A 14 -13.85 -7.03 -4.11
CA LEU A 14 -12.58 -7.23 -4.80
C LEU A 14 -11.61 -7.97 -3.91
N ARG A 15 -11.79 -7.84 -2.61
CA ARG A 15 -10.92 -8.52 -1.65
C ARG A 15 -11.43 -9.94 -1.42
N SER A 16 -12.53 -10.28 -2.08
CA SER A 16 -13.14 -11.60 -1.96
C SER A 16 -12.91 -12.42 -3.23
N ARG A 17 -12.68 -11.74 -4.34
CA ARG A 17 -12.43 -12.40 -5.63
C ARG A 17 -10.95 -12.29 -5.98
N LEU A 18 -10.21 -11.62 -5.11
CA LEU A 18 -8.77 -11.48 -5.29
C LEU A 18 -8.10 -12.82 -5.07
N ALA A 19 -6.99 -12.99 -5.74
CA ALA A 19 -6.25 -14.23 -5.66
C ALA A 19 -4.89 -14.02 -6.30
N PHE A 20 -4.06 -15.00 -6.10
CA PHE A 20 -2.74 -14.99 -6.67
C PHE A 20 -2.40 -16.41 -7.02
N GLU A 21 -1.43 -16.62 -7.87
CA GLU A 21 -1.06 -17.95 -8.22
C GLU A 21 0.12 -18.42 -7.38
N TYR A 22 0.44 -19.65 -7.61
CA TYR A 22 1.51 -20.29 -6.89
C TYR A 22 1.94 -21.57 -7.61
N ASN A 23 3.02 -21.46 -8.37
CA ASN A 23 3.57 -22.59 -9.12
C ASN A 23 2.53 -23.23 -10.01
N GLY A 24 1.64 -22.42 -10.57
CA GLY A 24 0.62 -22.94 -11.44
C GLY A 24 -0.69 -23.10 -10.74
N GLN A 25 -0.65 -23.20 -9.42
CA GLN A 25 -1.87 -23.33 -8.65
C GLN A 25 -2.45 -21.97 -8.37
N LEU A 26 -3.59 -21.96 -7.73
CA LEU A 26 -4.25 -20.73 -7.40
C LEU A 26 -4.49 -20.59 -5.91
N ILE A 27 -3.99 -19.51 -5.36
CA ILE A 27 -4.15 -19.24 -3.94
C ILE A 27 -4.85 -17.89 -3.75
N LYS A 28 -5.99 -17.89 -3.11
CA LYS A 28 -6.76 -16.67 -2.90
C LYS A 28 -6.22 -15.86 -1.73
N ILE A 29 -6.76 -14.66 -1.58
CA ILE A 29 -6.40 -13.74 -0.50
C ILE A 29 -7.67 -13.29 0.23
N LEU A 30 -7.52 -12.75 1.45
CA LEU A 30 -8.65 -12.31 2.25
C LEU A 30 -8.52 -10.84 2.64
N SER A 31 -9.55 -10.33 3.31
CA SER A 31 -9.58 -8.95 3.78
C SER A 31 -8.37 -8.67 4.67
N LYS A 32 -8.00 -9.68 5.45
CA LYS A 32 -6.85 -9.61 6.35
C LYS A 32 -5.55 -9.67 5.56
N ASN A 33 -5.58 -9.01 4.42
CA ASN A 33 -4.44 -8.96 3.50
C ASN A 33 -4.50 -7.71 2.61
N ILE A 34 -5.47 -6.83 2.84
CA ILE A 34 -5.61 -5.65 1.99
C ILE A 34 -6.02 -4.41 2.79
N VAL A 35 -5.37 -3.29 2.49
CA VAL A 35 -5.67 -2.02 3.12
C VAL A 35 -5.95 -0.98 2.03
N ALA A 36 -7.11 -0.34 2.12
CA ALA A 36 -7.51 0.66 1.12
C ALA A 36 -7.01 2.05 1.46
N VAL A 37 -6.05 2.50 0.67
CA VAL A 37 -5.46 3.82 0.84
C VAL A 37 -5.82 4.76 -0.29
N GLY A 38 -5.30 5.96 -0.23
CA GLY A 38 -5.56 6.90 -1.29
C GLY A 38 -6.44 8.04 -0.82
N SER A 39 -7.18 8.63 -1.74
CA SER A 39 -8.06 9.73 -1.41
C SER A 39 -9.20 9.25 -0.52
N LEU A 40 -9.61 7.99 -0.70
CA LEU A 40 -10.68 7.43 0.11
C LEU A 40 -10.34 7.50 1.61
N ARG A 41 -9.05 7.47 1.93
CA ARG A 41 -8.61 7.57 3.32
C ARG A 41 -8.38 9.04 3.68
N ARG A 42 -8.43 9.87 2.65
CA ARG A 42 -8.23 11.31 2.76
C ARG A 42 -9.59 12.01 2.90
N GLU A 43 -10.64 11.22 2.85
CA GLU A 43 -12.01 11.70 2.96
C GLU A 43 -12.35 12.70 1.87
N GLU A 44 -12.55 12.19 0.65
CA GLU A 44 -12.88 13.05 -0.48
C GLU A 44 -14.37 13.00 -0.82
N LYS A 45 -14.70 13.36 -2.05
CA LYS A 45 -16.07 13.34 -2.51
C LYS A 45 -16.14 12.72 -3.91
N MET A 46 -15.02 12.68 -4.60
CA MET A 46 -14.94 12.09 -5.92
C MET A 46 -13.53 11.54 -6.18
N LEU A 47 -13.47 10.25 -6.46
CA LEU A 47 -12.20 9.57 -6.74
C LEU A 47 -11.87 9.58 -8.21
N ASN A 48 -10.58 9.49 -8.50
CA ASN A 48 -10.08 9.41 -9.87
C ASN A 48 -9.45 8.03 -10.10
N ASP A 49 -8.88 7.50 -9.03
CA ASP A 49 -8.23 6.19 -9.03
C ASP A 49 -8.23 5.65 -7.60
N VAL A 50 -8.05 4.35 -7.44
CA VAL A 50 -8.02 3.74 -6.11
C VAL A 50 -6.67 3.10 -5.83
N ASP A 51 -6.14 3.35 -4.65
CA ASP A 51 -4.86 2.81 -4.22
C ASP A 51 -5.11 1.85 -3.08
N LEU A 52 -4.52 0.67 -3.11
CA LEU A 52 -4.71 -0.29 -2.04
C LEU A 52 -3.47 -1.13 -1.90
N LEU A 53 -3.09 -1.43 -0.67
CA LEU A 53 -1.91 -2.23 -0.42
C LEU A 53 -2.29 -3.60 0.10
N ILE A 54 -1.55 -4.60 -0.33
CA ILE A 54 -1.76 -5.98 0.07
C ILE A 54 -0.55 -6.42 0.84
N ILE A 55 -0.66 -6.76 2.13
CA ILE A 55 0.51 -7.15 2.89
C ILE A 55 0.60 -8.66 2.98
N VAL A 56 1.81 -9.18 3.01
CA VAL A 56 1.99 -10.60 3.11
C VAL A 56 2.70 -11.00 4.39
N PRO A 57 2.17 -12.00 5.12
CA PRO A 57 2.76 -12.45 6.38
C PRO A 57 4.08 -13.20 6.24
N GLU A 58 4.37 -13.80 5.08
CA GLU A 58 5.60 -14.56 4.91
C GLU A 58 6.59 -13.83 4.03
N LYS A 59 7.83 -14.29 4.07
CA LYS A 59 8.91 -13.72 3.28
C LYS A 59 9.09 -14.60 2.05
N LYS A 60 8.10 -15.46 1.91
CA LYS A 60 8.02 -16.40 0.80
C LYS A 60 6.74 -16.04 0.10
N LEU A 61 5.60 -16.42 0.68
CA LEU A 61 4.30 -15.97 0.15
C LEU A 61 4.36 -14.52 -0.33
N LEU A 62 5.28 -13.74 0.20
CA LEU A 62 5.41 -12.34 -0.20
C LEU A 62 5.92 -12.25 -1.64
N LYS A 63 6.83 -13.13 -2.00
CA LYS A 63 7.42 -13.10 -3.33
C LYS A 63 6.76 -14.15 -4.20
N HIS A 64 5.69 -14.76 -3.69
CA HIS A 64 4.93 -15.75 -4.45
C HIS A 64 3.63 -15.12 -4.92
N VAL A 65 3.23 -14.07 -4.22
CA VAL A 65 2.03 -13.31 -4.58
C VAL A 65 2.36 -12.34 -5.71
N LEU A 66 3.60 -11.88 -5.68
CA LEU A 66 4.11 -10.93 -6.67
C LEU A 66 4.09 -11.49 -8.09
N PRO A 67 4.68 -12.68 -8.34
CA PRO A 67 4.71 -13.30 -9.66
C PRO A 67 3.34 -13.31 -10.31
N ASN A 68 2.41 -14.09 -9.77
CA ASN A 68 1.11 -14.13 -10.38
C ASN A 68 0.02 -13.73 -9.40
N ILE A 69 -0.56 -12.57 -9.64
CA ILE A 69 -1.63 -12.02 -8.83
C ILE A 69 -2.70 -11.52 -9.79
N ARG A 70 -3.96 -11.83 -9.52
CA ARG A 70 -5.02 -11.42 -10.42
C ARG A 70 -6.40 -11.58 -9.79
N ILE A 71 -7.41 -11.28 -10.60
CA ILE A 71 -8.80 -11.42 -10.20
C ILE A 71 -9.40 -12.54 -11.05
N LYS A 72 -10.53 -13.07 -10.64
CA LYS A 72 -11.14 -14.17 -11.36
C LYS A 72 -12.41 -13.72 -12.08
N GLY A 73 -12.32 -13.55 -13.39
CA GLY A 73 -13.48 -13.15 -14.18
C GLY A 73 -13.71 -11.66 -14.25
N LEU A 74 -12.67 -10.89 -14.53
CA LEU A 74 -12.82 -9.45 -14.64
C LEU A 74 -12.17 -8.92 -15.93
N SER A 75 -11.90 -7.63 -15.95
CA SER A 75 -11.31 -6.96 -17.11
C SER A 75 -10.15 -6.04 -16.73
N PHE A 76 -9.04 -6.62 -16.32
CA PHE A 76 -7.85 -5.85 -15.95
C PHE A 76 -6.62 -6.19 -16.79
N SER A 77 -5.64 -5.28 -16.75
CA SER A 77 -4.38 -5.44 -17.45
C SER A 77 -3.27 -5.10 -16.46
N VAL A 78 -2.28 -5.97 -16.33
CA VAL A 78 -1.21 -5.75 -15.37
C VAL A 78 0.02 -5.10 -15.98
N LYS A 79 0.37 -3.93 -15.47
CA LYS A 79 1.54 -3.20 -15.91
C LYS A 79 2.51 -3.13 -14.73
N VAL A 80 3.52 -2.27 -14.80
CA VAL A 80 4.47 -2.17 -13.69
C VAL A 80 4.94 -0.73 -13.47
N CYS A 81 4.91 -0.31 -12.21
CA CYS A 81 5.31 1.04 -11.84
C CYS A 81 6.39 1.03 -10.77
N GLY A 82 7.58 1.46 -11.13
CA GLY A 82 8.65 1.50 -10.17
C GLY A 82 9.19 0.13 -9.85
N GLU A 83 9.63 -0.04 -8.61
CA GLU A 83 10.18 -1.30 -8.16
C GLU A 83 9.19 -2.05 -7.27
N ARG A 84 8.34 -1.31 -6.55
CA ARG A 84 7.37 -1.92 -5.63
C ARG A 84 5.91 -1.62 -6.00
N LYS A 85 5.67 -0.74 -6.95
CA LYS A 85 4.29 -0.41 -7.31
C LYS A 85 3.83 -1.19 -8.54
N CYS A 86 2.52 -1.36 -8.65
CA CYS A 86 1.95 -2.07 -9.76
C CYS A 86 0.72 -1.32 -10.24
N VAL A 87 0.67 -1.11 -11.53
CA VAL A 87 -0.45 -0.41 -12.14
C VAL A 87 -1.30 -1.38 -12.93
N LEU A 88 -2.56 -1.46 -12.58
CA LEU A 88 -3.48 -2.34 -13.27
C LEU A 88 -4.58 -1.51 -13.88
N PHE A 89 -4.94 -1.81 -15.11
CA PHE A 89 -5.96 -1.06 -15.79
C PHE A 89 -7.22 -1.91 -15.88
N ILE A 90 -8.28 -1.50 -15.19
CA ILE A 90 -9.51 -2.26 -15.19
C ILE A 90 -10.65 -1.53 -15.89
N GLU A 91 -11.66 -2.30 -16.28
CA GLU A 91 -12.84 -1.77 -16.95
C GLU A 91 -14.09 -2.05 -16.11
N TRP A 92 -14.93 -1.03 -15.91
CA TRP A 92 -16.16 -1.21 -15.14
C TRP A 92 -17.27 -0.35 -15.71
N GLU A 93 -18.45 -0.95 -15.88
CA GLU A 93 -19.64 -0.26 -16.39
C GLU A 93 -19.35 0.47 -17.70
N LYS A 94 -18.69 -0.23 -18.61
CA LYS A 94 -18.33 0.32 -19.92
C LYS A 94 -17.28 1.44 -19.82
N LYS A 95 -16.75 1.67 -18.63
CA LYS A 95 -15.74 2.69 -18.43
C LYS A 95 -14.43 2.02 -18.03
N THR A 96 -13.34 2.76 -18.05
CA THR A 96 -12.04 2.20 -17.70
C THR A 96 -11.26 3.09 -16.73
N TYR A 97 -10.90 2.51 -15.59
CA TYR A 97 -10.15 3.24 -14.58
C TYR A 97 -8.90 2.44 -14.17
N GLN A 98 -7.82 3.16 -13.85
CA GLN A 98 -6.57 2.54 -13.44
C GLN A 98 -6.54 2.27 -11.94
N LEU A 99 -5.97 1.14 -11.57
CA LEU A 99 -5.85 0.72 -10.19
C LEU A 99 -4.37 0.60 -9.78
N ASP A 100 -4.04 1.04 -8.57
CA ASP A 100 -2.66 0.96 -8.09
C ASP A 100 -2.59 0.12 -6.82
N LEU A 101 -2.05 -1.08 -6.91
CA LEU A 101 -1.93 -1.92 -5.74
C LEU A 101 -0.48 -2.03 -5.32
N PHE A 102 -0.22 -2.21 -4.02
CA PHE A 102 1.14 -2.31 -3.53
C PHE A 102 1.29 -3.46 -2.54
N THR A 103 2.02 -4.47 -2.95
CA THR A 103 2.29 -5.64 -2.12
C THR A 103 3.51 -5.38 -1.26
N ALA A 104 3.38 -5.51 0.07
CA ALA A 104 4.49 -5.24 0.98
C ALA A 104 4.53 -6.28 2.10
N LEU A 105 5.62 -6.28 2.87
CA LEU A 105 5.79 -7.23 3.96
C LEU A 105 5.09 -6.79 5.23
N ALA A 106 4.88 -7.76 6.12
CA ALA A 106 4.21 -7.49 7.38
C ALA A 106 5.08 -6.63 8.26
N GLU A 107 6.38 -6.64 7.98
CA GLU A 107 7.31 -5.83 8.74
C GLU A 107 7.37 -4.40 8.20
N GLU A 108 6.90 -4.17 6.99
CA GLU A 108 6.92 -2.81 6.43
C GLU A 108 5.52 -2.21 6.47
N LYS A 109 4.60 -3.01 6.98
CA LYS A 109 3.19 -2.64 7.13
C LYS A 109 2.98 -1.23 7.71
N PRO A 110 3.46 -0.93 8.95
CA PRO A 110 3.29 0.40 9.55
C PRO A 110 3.89 1.49 8.68
N TYR A 111 5.06 1.19 8.12
CA TYR A 111 5.81 2.11 7.26
C TYR A 111 5.05 2.45 6.00
N ALA A 112 4.33 1.46 5.47
CA ALA A 112 3.58 1.65 4.25
C ALA A 112 2.33 2.49 4.49
N ILE A 113 1.62 2.19 5.59
CA ILE A 113 0.41 2.95 5.92
C ILE A 113 0.73 4.44 6.09
N PHE A 114 1.77 4.73 6.85
CA PHE A 114 2.20 6.10 7.05
C PHE A 114 2.47 6.76 5.71
N HIS A 115 3.33 6.13 4.94
CA HIS A 115 3.69 6.61 3.62
C HIS A 115 2.46 6.93 2.77
N PHE A 116 1.59 5.95 2.64
CA PHE A 116 0.43 6.07 1.77
C PHE A 116 -0.76 6.81 2.42
N THR A 117 -0.61 7.28 3.63
CA THR A 117 -1.71 8.03 4.26
C THR A 117 -2.11 9.27 3.45
N GLY A 118 -1.15 10.12 3.10
CA GLY A 118 -1.49 11.32 2.37
C GLY A 118 -0.33 12.07 1.76
N PRO A 119 0.23 13.05 2.48
CA PRO A 119 1.31 13.89 1.97
C PRO A 119 2.62 13.17 1.77
N VAL A 120 3.41 13.73 0.88
CA VAL A 120 4.72 13.20 0.57
C VAL A 120 5.78 14.12 1.17
N SER A 121 5.51 15.43 1.08
CA SER A 121 6.36 16.48 1.63
C SER A 121 6.84 16.14 3.04
N TYR A 122 5.88 15.72 3.88
CA TYR A 122 6.17 15.33 5.24
C TYR A 122 7.24 14.25 5.29
N LEU A 123 7.07 13.21 4.47
CA LEU A 123 8.03 12.11 4.40
C LEU A 123 9.44 12.62 4.16
N ILE A 124 9.60 13.46 3.14
CA ILE A 124 10.90 14.05 2.82
C ILE A 124 11.42 14.88 4.00
N ARG A 125 10.57 15.79 4.44
CA ARG A 125 10.83 16.65 5.59
C ARG A 125 11.38 15.84 6.75
N ILE A 126 10.97 14.59 6.76
CA ILE A 126 11.39 13.63 7.77
C ILE A 126 12.66 12.91 7.33
N ARG A 127 12.77 12.63 6.03
CA ARG A 127 13.95 11.98 5.47
C ARG A 127 15.21 12.76 5.83
N ALA A 128 15.27 14.01 5.39
CA ALA A 128 16.40 14.88 5.70
C ALA A 128 16.59 14.99 7.21
N ALA A 129 15.45 15.12 7.89
CA ALA A 129 15.42 15.21 9.35
C ALA A 129 16.23 14.05 9.94
N LEU A 130 15.93 12.85 9.49
CA LEU A 130 16.63 11.65 9.94
C LEU A 130 18.10 11.70 9.57
N LYS A 131 18.40 12.09 8.33
CA LYS A 131 19.78 12.20 7.86
C LYS A 131 20.60 13.03 8.81
N LYS A 132 20.09 14.22 9.12
CA LYS A 132 20.73 15.11 10.12
C LYS A 132 21.23 14.33 11.36
N LYS A 133 20.64 13.16 11.59
CA LYS A 133 21.01 12.32 12.72
C LYS A 133 21.63 11.01 12.26
N ASN A 134 21.98 10.96 10.97
CA ASN A 134 22.60 9.78 10.35
C ASN A 134 21.62 8.63 10.29
N TYR A 135 20.45 8.87 9.73
CA TYR A 135 19.42 7.86 9.62
C TYR A 135 18.65 8.02 8.32
N LYS A 136 18.12 6.92 7.79
CA LYS A 136 17.33 6.98 6.57
C LYS A 136 16.11 6.11 6.77
N LEU A 137 14.96 6.63 6.40
CA LEU A 137 13.72 5.90 6.57
C LEU A 137 13.16 5.44 5.23
N ASN A 138 13.02 4.13 5.08
CA ASN A 138 12.47 3.55 3.87
C ASN A 138 11.51 2.45 4.27
N GLN A 139 10.69 1.99 3.34
CA GLN A 139 9.72 0.93 3.60
C GLN A 139 10.43 -0.35 4.06
N TYR A 140 11.67 -0.50 3.64
CA TYR A 140 12.46 -1.70 3.96
C TYR A 140 12.97 -1.63 5.39
N GLY A 141 12.94 -0.44 5.97
CA GLY A 141 13.40 -0.28 7.32
C GLY A 141 14.14 1.03 7.56
N LEU A 142 15.02 1.03 8.54
CA LEU A 142 15.81 2.20 8.90
C LEU A 142 17.27 1.98 8.51
N PHE A 143 17.77 2.76 7.58
CA PHE A 143 19.17 2.61 7.15
C PHE A 143 20.11 3.47 7.96
N LYS A 144 21.00 2.82 8.72
CA LYS A 144 21.99 3.51 9.51
C LYS A 144 23.38 3.24 8.96
N ASN A 145 23.88 4.17 8.16
CA ASN A 145 25.21 4.05 7.54
C ASN A 145 25.30 2.76 6.72
N GLN A 146 24.40 2.64 5.75
CA GLN A 146 24.32 1.50 4.85
C GLN A 146 23.98 0.20 5.59
N THR A 147 23.53 0.32 6.83
CA THR A 147 23.14 -0.84 7.59
C THR A 147 21.63 -0.82 7.83
N LEU A 148 20.93 -1.80 7.28
CA LEU A 148 19.50 -1.88 7.47
C LEU A 148 19.17 -2.26 8.90
N VAL A 149 18.24 -1.54 9.47
CA VAL A 149 17.81 -1.73 10.85
C VAL A 149 16.31 -1.95 10.88
N PRO A 150 15.85 -3.01 11.57
CA PRO A 150 14.43 -3.32 11.64
C PRO A 150 13.65 -2.42 12.60
N LEU A 151 12.34 -2.41 12.41
CA LEU A 151 11.44 -1.62 13.22
C LEU A 151 10.86 -2.49 14.33
N LYS A 152 10.60 -1.89 15.47
CA LYS A 152 10.06 -2.63 16.59
C LYS A 152 8.62 -2.25 16.85
N ILE A 153 7.88 -1.99 15.78
CA ILE A 153 6.46 -1.61 15.91
C ILE A 153 5.61 -2.33 14.89
N THR A 154 4.30 -2.18 15.03
CA THR A 154 3.36 -2.79 14.11
C THR A 154 2.06 -1.97 14.05
N THR A 155 1.94 -0.96 14.90
CA THR A 155 0.75 -0.12 14.92
C THR A 155 1.06 1.30 14.48
N GLU A 156 0.06 1.96 13.91
CA GLU A 156 0.20 3.33 13.44
C GLU A 156 0.66 4.27 14.57
N LYS A 157 0.03 4.17 15.75
CA LYS A 157 0.43 5.02 16.88
C LYS A 157 1.81 4.61 17.38
N GLU A 158 2.09 3.33 17.29
CA GLU A 158 3.38 2.80 17.70
C GLU A 158 4.48 3.40 16.85
N LEU A 159 4.23 3.45 15.56
CA LEU A 159 5.19 3.99 14.60
C LEU A 159 5.53 5.44 14.90
N ILE A 160 4.52 6.27 15.16
CA ILE A 160 4.74 7.68 15.39
C ILE A 160 5.56 7.87 16.66
N LYS A 161 5.31 7.01 17.64
CA LYS A 161 6.04 7.04 18.90
C LYS A 161 7.47 6.53 18.69
N GLU A 162 7.63 5.55 17.80
CA GLU A 162 8.95 4.99 17.48
C GLU A 162 9.79 6.01 16.70
N LEU A 163 9.13 6.83 15.89
CA LEU A 163 9.83 7.86 15.08
C LEU A 163 10.06 9.11 15.92
N GLY A 164 9.21 9.33 16.91
CA GLY A 164 9.34 10.50 17.78
C GLY A 164 8.55 11.69 17.25
N PHE A 165 7.48 11.40 16.51
CA PHE A 165 6.63 12.44 15.94
C PHE A 165 5.17 12.20 16.35
N THR A 166 4.29 13.12 16.00
CA THR A 166 2.89 12.99 16.36
C THR A 166 2.06 12.47 15.18
N TYR A 167 0.79 12.17 15.45
CA TYR A 167 -0.12 11.66 14.43
C TYR A 167 -0.51 12.78 13.48
N ARG A 168 -0.75 12.44 12.22
CA ARG A 168 -1.09 13.44 11.22
C ARG A 168 -2.27 13.00 10.35
N ILE A 169 -3.08 13.97 9.95
CA ILE A 169 -4.21 13.73 9.09
C ILE A 169 -3.95 14.38 7.73
N PRO A 170 -4.26 13.69 6.62
CA PRO A 170 -4.01 14.23 5.28
C PRO A 170 -4.75 15.54 5.04
N LYS A 171 -5.88 15.70 5.73
CA LYS A 171 -6.70 16.90 5.63
C LYS A 171 -5.90 18.14 5.99
N LYS A 172 -4.99 18.01 6.93
CA LYS A 172 -4.17 19.12 7.38
C LYS A 172 -2.83 19.12 6.65
N ARG A 173 -2.36 17.93 6.26
CA ARG A 173 -1.09 17.76 5.54
C ARG A 173 0.12 18.08 6.41
N LEU A 174 1.26 17.47 6.07
CA LEU A 174 2.50 17.65 6.81
C LEU A 174 2.30 17.32 8.29
N MET A 1 -13.20 11.50 -10.94
CA MET A 1 -13.54 10.30 -11.75
C MET A 1 -14.61 9.48 -11.04
N LEU A 2 -14.18 8.64 -10.12
CA LEU A 2 -15.10 7.80 -9.37
C LEU A 2 -15.23 8.32 -7.94
N THR A 3 -16.30 7.94 -7.28
CA THR A 3 -16.53 8.39 -5.92
C THR A 3 -15.89 7.45 -4.91
N LEU A 4 -15.74 7.93 -3.69
CA LEU A 4 -15.12 7.16 -2.61
C LEU A 4 -15.91 5.88 -2.34
N ILE A 5 -17.19 5.92 -2.68
CA ILE A 5 -18.09 4.81 -2.47
C ILE A 5 -18.11 3.90 -3.69
N GLN A 6 -17.67 4.44 -4.84
CA GLN A 6 -17.65 3.69 -6.09
C GLN A 6 -16.57 2.66 -6.02
N GLY A 7 -15.48 3.05 -5.39
CA GLY A 7 -14.36 2.16 -5.22
C GLY A 7 -14.66 1.22 -4.08
N LYS A 8 -14.93 1.80 -2.92
CA LYS A 8 -15.30 1.02 -1.73
C LYS A 8 -16.34 -0.05 -2.05
N LYS A 9 -17.22 0.23 -2.99
CA LYS A 9 -18.24 -0.75 -3.38
C LYS A 9 -17.61 -1.90 -4.13
N ILE A 10 -16.74 -1.60 -5.08
CA ILE A 10 -16.09 -2.65 -5.82
C ILE A 10 -15.11 -3.35 -4.91
N VAL A 11 -14.20 -2.60 -4.30
CA VAL A 11 -13.21 -3.14 -3.36
C VAL A 11 -13.86 -4.04 -2.31
N ASN A 12 -15.10 -3.72 -1.95
CA ASN A 12 -15.82 -4.48 -0.95
C ASN A 12 -16.01 -5.90 -1.43
N HIS A 13 -16.42 -6.01 -2.69
CA HIS A 13 -16.64 -7.31 -3.32
C HIS A 13 -15.40 -7.76 -4.09
N LEU A 14 -14.45 -6.84 -4.24
CA LEU A 14 -13.23 -7.07 -4.99
C LEU A 14 -12.12 -7.65 -4.13
N ARG A 15 -12.18 -7.50 -2.81
CA ARG A 15 -11.10 -8.05 -1.98
C ARG A 15 -11.44 -9.47 -1.54
N SER A 16 -12.47 -10.03 -2.15
CA SER A 16 -12.90 -11.39 -1.85
C SER A 16 -12.81 -12.26 -3.11
N ARG A 17 -12.89 -11.59 -4.25
CA ARG A 17 -12.80 -12.25 -5.54
C ARG A 17 -11.35 -12.19 -6.01
N LEU A 18 -10.55 -11.45 -5.25
CA LEU A 18 -9.14 -11.29 -5.52
C LEU A 18 -8.40 -12.61 -5.28
N ALA A 19 -7.33 -12.81 -6.02
CA ALA A 19 -6.56 -14.02 -5.93
C ALA A 19 -5.20 -13.83 -6.59
N PHE A 20 -4.33 -14.79 -6.38
CA PHE A 20 -3.02 -14.80 -6.97
C PHE A 20 -2.63 -16.22 -7.28
N GLU A 21 -1.72 -16.39 -8.20
CA GLU A 21 -1.27 -17.71 -8.53
C GLU A 21 -0.04 -18.04 -7.72
N TYR A 22 0.31 -19.28 -7.75
CA TYR A 22 1.46 -19.75 -7.02
C TYR A 22 1.96 -21.03 -7.64
N ASN A 23 3.03 -20.92 -8.44
CA ASN A 23 3.63 -22.10 -9.08
C ASN A 23 2.61 -22.85 -9.93
N GLY A 24 1.64 -22.12 -10.47
CA GLY A 24 0.62 -22.76 -11.27
C GLY A 24 -0.65 -23.00 -10.48
N GLN A 25 -0.53 -23.05 -9.15
CA GLN A 25 -1.68 -23.26 -8.28
C GLN A 25 -2.40 -21.94 -8.07
N LEU A 26 -3.59 -21.99 -7.50
CA LEU A 26 -4.35 -20.78 -7.27
C LEU A 26 -4.54 -20.52 -5.79
N ILE A 27 -4.13 -19.34 -5.36
CA ILE A 27 -4.26 -18.94 -3.98
C ILE A 27 -5.00 -17.61 -3.88
N LYS A 28 -6.15 -17.61 -3.25
CA LYS A 28 -6.94 -16.40 -3.11
C LYS A 28 -6.44 -15.58 -1.92
N ILE A 29 -6.85 -14.33 -1.84
CA ILE A 29 -6.43 -13.47 -0.74
C ILE A 29 -7.67 -12.92 -0.02
N LEU A 30 -7.56 -12.65 1.26
CA LEU A 30 -8.69 -12.14 2.03
C LEU A 30 -8.40 -10.72 2.50
N SER A 31 -9.42 -10.08 3.09
CA SER A 31 -9.34 -8.72 3.61
C SER A 31 -8.25 -8.56 4.69
N LYS A 32 -7.85 -9.67 5.31
CA LYS A 32 -6.81 -9.65 6.33
C LYS A 32 -5.43 -9.55 5.67
N ASN A 33 -5.45 -9.01 4.47
CA ASN A 33 -4.25 -8.86 3.66
C ASN A 33 -4.43 -7.67 2.72
N ILE A 34 -5.37 -6.78 3.04
CA ILE A 34 -5.64 -5.63 2.18
C ILE A 34 -6.01 -4.41 3.03
N VAL A 35 -5.47 -3.24 2.67
CA VAL A 35 -5.78 -1.99 3.37
C VAL A 35 -6.15 -0.92 2.36
N ALA A 36 -7.23 -0.20 2.63
CA ALA A 36 -7.73 0.84 1.73
C ALA A 36 -7.06 2.19 2.03
N VAL A 37 -6.03 2.51 1.28
CA VAL A 37 -5.31 3.77 1.44
C VAL A 37 -5.71 4.81 0.41
N GLY A 38 -4.97 5.91 0.38
CA GLY A 38 -5.22 6.98 -0.57
C GLY A 38 -6.44 7.81 -0.21
N SER A 39 -7.27 8.05 -1.20
CA SER A 39 -8.48 8.83 -1.03
C SER A 39 -9.42 8.19 -0.02
N LEU A 40 -9.43 6.86 0.00
CA LEU A 40 -10.25 6.10 0.93
C LEU A 40 -9.91 6.44 2.40
N ARG A 41 -8.70 6.90 2.64
CA ARG A 41 -8.28 7.29 3.98
C ARG A 41 -8.43 8.81 4.11
N ARG A 42 -8.27 9.45 2.96
CA ARG A 42 -8.39 10.89 2.83
C ARG A 42 -9.83 11.35 3.06
N GLU A 43 -10.77 10.42 2.84
CA GLU A 43 -12.19 10.67 3.01
C GLU A 43 -12.69 11.77 2.07
N GLU A 44 -12.33 11.63 0.81
CA GLU A 44 -12.75 12.58 -0.22
C GLU A 44 -14.08 12.18 -0.82
N LYS A 45 -14.70 13.13 -1.51
CA LYS A 45 -15.98 12.89 -2.15
C LYS A 45 -15.78 12.11 -3.45
N MET A 46 -14.93 12.66 -4.30
CA MET A 46 -14.62 12.03 -5.58
C MET A 46 -13.12 11.94 -5.76
N LEU A 47 -12.65 10.86 -6.36
CA LEU A 47 -11.23 10.65 -6.58
C LEU A 47 -10.94 10.29 -8.03
N ASN A 48 -9.65 10.12 -8.33
CA ASN A 48 -9.20 9.78 -9.67
C ASN A 48 -8.91 8.29 -9.76
N ASP A 49 -8.08 7.78 -8.86
CA ASP A 49 -7.72 6.37 -8.84
C ASP A 49 -7.95 5.83 -7.46
N VAL A 50 -7.65 4.55 -7.25
CA VAL A 50 -7.85 3.92 -5.97
C VAL A 50 -6.52 3.36 -5.47
N ASP A 51 -6.24 3.54 -4.19
CA ASP A 51 -4.99 3.08 -3.60
C ASP A 51 -5.24 2.03 -2.54
N LEU A 52 -4.48 0.95 -2.58
CA LEU A 52 -4.63 -0.12 -1.59
C LEU A 52 -3.27 -0.70 -1.24
N LEU A 53 -3.06 -0.95 0.05
CA LEU A 53 -1.80 -1.48 0.54
C LEU A 53 -2.02 -2.94 0.97
N ILE A 54 -1.30 -3.85 0.34
CA ILE A 54 -1.45 -5.26 0.64
C ILE A 54 -0.49 -5.70 1.76
N ILE A 55 -0.60 -6.98 2.06
CA ILE A 55 0.17 -7.58 3.14
C ILE A 55 0.28 -9.08 2.98
N VAL A 56 1.49 -9.58 3.21
CA VAL A 56 1.75 -11.01 3.16
C VAL A 56 2.57 -11.44 4.36
N PRO A 57 2.12 -12.50 5.08
CA PRO A 57 2.80 -13.02 6.27
C PRO A 57 4.20 -13.60 6.04
N GLU A 58 4.40 -14.39 4.98
CA GLU A 58 5.70 -15.00 4.74
C GLU A 58 6.50 -14.19 3.75
N LYS A 59 7.81 -14.45 3.74
CA LYS A 59 8.72 -13.76 2.83
C LYS A 59 8.46 -14.22 1.41
N LYS A 60 8.41 -15.53 1.22
CA LYS A 60 8.18 -16.10 -0.10
C LYS A 60 6.78 -15.78 -0.55
N LEU A 61 5.79 -16.25 0.22
CA LEU A 61 4.40 -15.93 -0.05
C LEU A 61 4.23 -14.48 -0.50
N LEU A 62 5.07 -13.59 0.01
CA LEU A 62 5.05 -12.18 -0.39
C LEU A 62 5.50 -12.02 -1.84
N LYS A 63 6.63 -12.63 -2.15
CA LYS A 63 7.20 -12.56 -3.49
C LYS A 63 6.54 -13.55 -4.43
N HIS A 64 5.45 -14.19 -4.00
CA HIS A 64 4.77 -15.14 -4.87
C HIS A 64 3.41 -14.58 -5.28
N VAL A 65 2.98 -13.55 -4.59
CA VAL A 65 1.74 -12.87 -4.93
C VAL A 65 2.02 -11.88 -6.05
N LEU A 66 3.25 -11.41 -6.07
CA LEU A 66 3.70 -10.44 -7.06
C LEU A 66 3.72 -11.01 -8.48
N PRO A 67 4.39 -12.16 -8.72
CA PRO A 67 4.44 -12.76 -10.05
C PRO A 67 3.06 -12.89 -10.68
N ASN A 68 2.14 -13.65 -10.06
CA ASN A 68 0.82 -13.78 -10.62
C ASN A 68 -0.27 -13.41 -9.63
N ILE A 69 -0.91 -12.31 -9.91
CA ILE A 69 -2.03 -11.81 -9.13
C ILE A 69 -3.15 -11.46 -10.09
N ARG A 70 -4.39 -11.86 -9.78
CA ARG A 70 -5.48 -11.58 -10.70
C ARG A 70 -6.84 -11.90 -10.09
N ILE A 71 -7.86 -11.41 -10.76
CA ILE A 71 -9.24 -11.63 -10.38
C ILE A 71 -9.99 -12.23 -11.57
N LYS A 72 -10.76 -13.28 -11.32
CA LYS A 72 -11.48 -13.94 -12.40
C LYS A 72 -12.83 -13.29 -12.65
N GLY A 73 -13.14 -13.10 -13.91
CA GLY A 73 -14.40 -12.51 -14.29
C GLY A 73 -14.32 -11.01 -14.49
N LEU A 74 -13.12 -10.48 -14.64
CA LEU A 74 -12.95 -9.05 -14.83
C LEU A 74 -12.15 -8.72 -16.09
N SER A 75 -11.71 -7.47 -16.18
CA SER A 75 -10.93 -6.97 -17.30
C SER A 75 -9.80 -6.11 -16.75
N PHE A 76 -8.56 -6.59 -16.84
CA PHE A 76 -7.43 -5.85 -16.30
C PHE A 76 -6.10 -6.28 -16.93
N SER A 77 -5.09 -5.44 -16.73
CA SER A 77 -3.74 -5.71 -17.22
C SER A 77 -2.75 -5.27 -16.15
N VAL A 78 -1.87 -6.18 -15.73
CA VAL A 78 -0.88 -5.89 -14.68
C VAL A 78 0.38 -5.24 -15.24
N LYS A 79 0.70 -4.07 -14.71
CA LYS A 79 1.89 -3.33 -15.11
C LYS A 79 2.71 -3.02 -13.87
N VAL A 80 3.77 -3.80 -13.65
CA VAL A 80 4.62 -3.59 -12.48
C VAL A 80 5.20 -2.19 -12.50
N CYS A 81 5.18 -1.54 -11.35
CA CYS A 81 5.69 -0.19 -11.24
C CYS A 81 6.76 -0.13 -10.16
N GLY A 82 7.98 0.13 -10.54
CA GLY A 82 9.03 0.21 -9.57
C GLY A 82 9.50 -1.15 -9.13
N GLU A 83 9.78 -1.29 -7.84
CA GLU A 83 10.25 -2.54 -7.29
C GLU A 83 9.16 -3.25 -6.50
N ARG A 84 8.45 -2.53 -5.66
CA ARG A 84 7.42 -3.12 -4.83
C ARG A 84 6.02 -2.61 -5.18
N LYS A 85 5.89 -1.73 -6.17
CA LYS A 85 4.57 -1.21 -6.53
C LYS A 85 4.01 -1.95 -7.74
N CYS A 86 2.70 -2.04 -7.82
CA CYS A 86 2.06 -2.71 -8.95
C CYS A 86 0.86 -1.90 -9.42
N VAL A 87 0.86 -1.53 -10.70
CA VAL A 87 -0.22 -0.78 -11.27
C VAL A 87 -1.06 -1.71 -12.15
N LEU A 88 -2.37 -1.61 -12.00
CA LEU A 88 -3.26 -2.45 -12.81
C LEU A 88 -4.33 -1.61 -13.47
N PHE A 89 -4.58 -1.89 -14.72
CA PHE A 89 -5.59 -1.16 -15.45
C PHE A 89 -6.85 -2.02 -15.50
N ILE A 90 -7.97 -1.45 -15.13
CA ILE A 90 -9.23 -2.19 -15.15
C ILE A 90 -10.24 -1.51 -16.05
N GLU A 91 -11.21 -2.27 -16.56
CA GLU A 91 -12.22 -1.70 -17.42
C GLU A 91 -13.55 -2.43 -17.28
N TRP A 92 -14.62 -1.68 -17.04
CA TRP A 92 -15.95 -2.25 -16.91
C TRP A 92 -17.01 -1.16 -16.95
N GLU A 93 -18.24 -1.57 -17.25
CA GLU A 93 -19.37 -0.65 -17.34
C GLU A 93 -19.07 0.49 -18.32
N LYS A 94 -18.43 0.11 -19.44
CA LYS A 94 -18.06 1.04 -20.51
C LYS A 94 -17.02 2.07 -20.04
N LYS A 95 -16.29 1.73 -18.99
CA LYS A 95 -15.28 2.63 -18.46
C LYS A 95 -13.95 1.93 -18.29
N THR A 96 -12.91 2.72 -18.08
CA THR A 96 -11.55 2.22 -17.91
C THR A 96 -10.86 2.98 -16.77
N TYR A 97 -10.63 2.30 -15.65
CA TYR A 97 -9.99 2.91 -14.50
C TYR A 97 -8.60 2.31 -14.27
N GLN A 98 -7.83 2.98 -13.44
CA GLN A 98 -6.50 2.51 -13.08
C GLN A 98 -6.47 2.20 -11.58
N LEU A 99 -5.97 1.03 -11.22
CA LEU A 99 -5.89 0.64 -9.82
C LEU A 99 -4.44 0.58 -9.35
N ASP A 100 -4.20 0.99 -8.11
CA ASP A 100 -2.85 0.97 -7.57
C ASP A 100 -2.81 0.15 -6.27
N LEU A 101 -2.03 -0.93 -6.25
CA LEU A 101 -1.90 -1.77 -5.07
C LEU A 101 -0.43 -1.99 -4.79
N PHE A 102 -0.05 -2.05 -3.52
CA PHE A 102 1.35 -2.24 -3.17
C PHE A 102 1.47 -3.36 -2.13
N THR A 103 2.02 -4.47 -2.54
CA THR A 103 2.22 -5.61 -1.64
C THR A 103 3.38 -5.34 -0.69
N ALA A 104 3.22 -5.60 0.61
CA ALA A 104 4.31 -5.38 1.55
C ALA A 104 4.29 -6.48 2.59
N LEU A 105 5.34 -6.54 3.40
CA LEU A 105 5.44 -7.53 4.45
C LEU A 105 4.77 -7.03 5.72
N ALA A 106 4.54 -7.94 6.65
CA ALA A 106 3.90 -7.61 7.93
C ALA A 106 4.75 -6.62 8.72
N GLU A 107 6.05 -6.68 8.51
CA GLU A 107 6.99 -5.80 9.19
C GLU A 107 6.98 -4.41 8.55
N GLU A 108 6.50 -4.33 7.32
CA GLU A 108 6.45 -3.05 6.62
C GLU A 108 5.08 -2.40 6.84
N LYS A 109 4.19 -3.13 7.51
CA LYS A 109 2.84 -2.67 7.77
C LYS A 109 2.79 -1.23 8.31
N PRO A 110 3.41 -0.94 9.48
CA PRO A 110 3.41 0.43 10.04
C PRO A 110 4.05 1.45 9.08
N TYR A 111 5.17 1.05 8.48
CA TYR A 111 5.91 1.90 7.55
C TYR A 111 5.09 2.18 6.29
N ALA A 112 4.21 1.26 5.96
CA ALA A 112 3.38 1.40 4.79
C ALA A 112 2.31 2.42 4.99
N ILE A 113 1.61 2.33 6.12
CA ILE A 113 0.56 3.29 6.44
C ILE A 113 1.16 4.70 6.45
N PHE A 114 2.23 4.83 7.22
CA PHE A 114 2.99 6.08 7.39
C PHE A 114 3.35 6.79 6.08
N HIS A 115 3.22 6.13 4.96
CA HIS A 115 3.59 6.76 3.72
C HIS A 115 2.41 6.83 2.77
N PHE A 116 1.48 5.90 2.92
CA PHE A 116 0.30 5.86 2.08
C PHE A 116 -0.86 6.69 2.62
N THR A 117 -0.84 7.07 3.88
CA THR A 117 -1.95 7.84 4.44
C THR A 117 -1.61 9.32 4.53
N GLY A 118 -0.33 9.60 4.39
CA GLY A 118 0.12 10.95 4.46
C GLY A 118 0.55 11.49 3.12
N PRO A 119 1.09 12.69 3.10
CA PRO A 119 1.54 13.33 1.89
C PRO A 119 2.96 12.97 1.54
N VAL A 120 3.29 13.13 0.27
CA VAL A 120 4.62 12.81 -0.18
C VAL A 120 5.53 13.95 0.25
N SER A 121 5.01 15.15 0.10
CA SER A 121 5.70 16.37 0.52
C SER A 121 6.21 16.22 1.94
N TYR A 122 5.30 15.91 2.85
CA TYR A 122 5.64 15.68 4.25
C TYR A 122 6.71 14.60 4.39
N LEU A 123 6.50 13.47 3.72
CA LEU A 123 7.46 12.36 3.74
C LEU A 123 8.88 12.87 3.51
N ILE A 124 9.07 13.61 2.43
CA ILE A 124 10.39 14.19 2.11
C ILE A 124 10.88 15.09 3.25
N ARG A 125 9.99 16.00 3.64
CA ARG A 125 10.23 16.94 4.72
C ARG A 125 10.86 16.20 5.89
N ILE A 126 10.36 15.01 6.15
CA ILE A 126 10.86 14.18 7.23
C ILE A 126 12.12 13.41 6.81
N ARG A 127 12.18 13.03 5.54
CA ARG A 127 13.35 12.34 5.00
C ARG A 127 14.60 13.15 5.28
N ALA A 128 14.64 14.35 4.71
CA ALA A 128 15.76 15.28 4.92
C ALA A 128 16.04 15.47 6.41
N ALA A 129 14.95 15.53 7.16
CA ALA A 129 15.00 15.69 8.60
C ALA A 129 15.84 14.56 9.18
N LEU A 130 15.44 13.34 8.83
CA LEU A 130 16.12 12.13 9.28
C LEU A 130 17.58 12.11 8.86
N LYS A 131 17.85 12.36 7.59
CA LYS A 131 19.21 12.42 7.07
C LYS A 131 20.05 13.33 7.94
N LYS A 132 19.56 14.55 8.09
CA LYS A 132 20.20 15.53 8.98
C LYS A 132 20.64 14.91 10.31
N LYS A 133 20.01 13.79 10.69
CA LYS A 133 20.33 13.10 11.94
C LYS A 133 20.93 11.72 11.63
N ASN A 134 21.29 11.53 10.38
CA ASN A 134 21.89 10.29 9.87
C ASN A 134 20.90 9.13 9.92
N TYR A 135 19.82 9.28 9.18
CA TYR A 135 18.78 8.27 9.08
C TYR A 135 18.18 8.31 7.70
N LYS A 136 17.71 7.18 7.22
CA LYS A 136 17.12 7.14 5.89
C LYS A 136 15.92 6.20 5.84
N LEU A 137 14.90 6.57 6.60
CA LEU A 137 13.63 5.85 6.68
C LEU A 137 13.08 5.49 5.30
N ASN A 138 12.94 4.19 5.09
CA ASN A 138 12.40 3.65 3.87
C ASN A 138 11.40 2.57 4.22
N GLN A 139 10.57 2.16 3.28
CA GLN A 139 9.58 1.12 3.55
C GLN A 139 10.25 -0.15 4.03
N TYR A 140 11.50 -0.34 3.60
CA TYR A 140 12.28 -1.52 3.95
C TYR A 140 12.76 -1.43 5.38
N GLY A 141 13.05 -0.21 5.82
CA GLY A 141 13.53 -0.03 7.17
C GLY A 141 14.26 1.29 7.37
N LEU A 142 15.05 1.37 8.42
CA LEU A 142 15.78 2.59 8.73
C LEU A 142 17.24 2.48 8.29
N PHE A 143 17.59 3.09 7.16
CA PHE A 143 18.95 3.03 6.68
C PHE A 143 19.82 3.99 7.44
N LYS A 144 20.76 3.44 8.17
CA LYS A 144 21.70 4.22 8.93
C LYS A 144 23.05 4.13 8.24
N ASN A 145 23.18 4.88 7.14
CA ASN A 145 24.41 4.90 6.35
C ASN A 145 24.78 3.50 5.91
N GLN A 146 24.02 2.95 4.98
CA GLN A 146 24.23 1.59 4.45
C GLN A 146 23.88 0.51 5.49
N THR A 147 23.68 0.91 6.73
CA THR A 147 23.34 0.00 7.81
C THR A 147 21.84 -0.06 8.01
N LEU A 148 21.21 -1.10 7.45
CA LEU A 148 19.77 -1.25 7.59
C LEU A 148 19.41 -1.55 9.03
N VAL A 149 18.30 -1.01 9.46
CA VAL A 149 17.81 -1.17 10.82
C VAL A 149 16.35 -1.58 10.78
N PRO A 150 16.02 -2.72 11.42
CA PRO A 150 14.65 -3.22 11.45
C PRO A 150 13.79 -2.44 12.42
N LEU A 151 12.52 -2.79 12.47
CA LEU A 151 11.58 -2.13 13.34
C LEU A 151 11.19 -3.02 14.51
N LYS A 152 10.83 -2.39 15.62
CA LYS A 152 10.43 -3.12 16.81
C LYS A 152 9.00 -2.79 17.16
N ILE A 153 8.22 -2.51 16.12
CA ILE A 153 6.81 -2.16 16.28
C ILE A 153 5.95 -2.91 15.29
N THR A 154 4.65 -2.84 15.50
CA THR A 154 3.68 -3.48 14.63
C THR A 154 2.45 -2.61 14.44
N THR A 155 2.33 -1.57 15.27
CA THR A 155 1.18 -0.67 15.21
C THR A 155 1.61 0.71 14.72
N GLU A 156 0.71 1.40 14.03
CA GLU A 156 1.00 2.75 13.55
C GLU A 156 1.33 3.64 14.74
N LYS A 157 0.46 3.57 15.76
CA LYS A 157 0.65 4.34 16.99
C LYS A 157 2.02 4.06 17.57
N GLU A 158 2.38 2.79 17.66
CA GLU A 158 3.67 2.39 18.18
C GLU A 158 4.77 3.01 17.34
N LEU A 159 4.61 2.95 16.03
CA LEU A 159 5.59 3.48 15.09
C LEU A 159 5.83 4.99 15.24
N ILE A 160 4.76 5.77 15.35
CA ILE A 160 4.90 7.21 15.45
C ILE A 160 5.64 7.59 16.73
N LYS A 161 5.35 6.88 17.81
CA LYS A 161 6.00 7.11 19.09
C LYS A 161 7.45 6.65 19.02
N GLU A 162 7.65 5.46 18.44
CA GLU A 162 8.97 4.86 18.26
C GLU A 162 9.88 5.81 17.49
N LEU A 163 9.35 6.37 16.41
CA LEU A 163 10.10 7.30 15.58
C LEU A 163 10.36 8.60 16.33
N GLY A 164 9.41 9.00 17.15
CA GLY A 164 9.54 10.23 17.90
C GLY A 164 8.81 11.37 17.19
N PHE A 165 7.73 11.01 16.50
CA PHE A 165 6.94 11.99 15.79
C PHE A 165 5.51 12.02 16.33
N THR A 166 4.74 12.99 15.90
CA THR A 166 3.37 13.11 16.34
C THR A 166 2.43 12.46 15.33
N TYR A 167 1.25 12.10 15.79
CA TYR A 167 0.25 11.47 14.95
C TYR A 167 -0.24 12.43 13.86
N ARG A 168 -0.10 12.02 12.60
CA ARG A 168 -0.51 12.86 11.49
C ARG A 168 -1.84 12.43 10.92
N ILE A 169 -2.59 13.42 10.46
CA ILE A 169 -3.89 13.21 9.85
C ILE A 169 -3.88 13.79 8.44
N PRO A 170 -4.53 13.13 7.47
CA PRO A 170 -4.58 13.63 6.08
C PRO A 170 -5.21 15.02 5.99
N LYS A 171 -6.08 15.32 6.93
CA LYS A 171 -6.74 16.62 6.98
C LYS A 171 -5.72 17.76 7.03
N LYS A 172 -4.67 17.58 7.84
CA LYS A 172 -3.63 18.57 7.99
C LYS A 172 -2.40 18.20 7.16
N ARG A 173 -2.63 17.46 6.09
CA ARG A 173 -1.60 17.02 5.16
C ARG A 173 -0.71 18.18 4.69
N LEU A 174 0.59 17.91 4.62
CA LEU A 174 1.58 18.89 4.19
C LEU A 174 2.89 18.20 3.88
#